data_3WC0
#
_entry.id   3WC0
#
_cell.length_a   87.430
_cell.length_b   217.560
_cell.length_c   140.910
_cell.angle_alpha   90.00
_cell.angle_beta   102.30
_cell.angle_gamma   90.00
#
_symmetry.space_group_name_H-M   'P 1 21 1'
#
loop_
_entity.id
_entity.type
_entity.pdbx_description
1 polymer 'Likely histidyl tRNA-specific guanylyltransferase'
2 non-polymer "GUANOSINE-5'-TRIPHOSPHATE"
3 non-polymer 'MAGNESIUM ION'
4 water water
#
_entity_poly.entity_id   1
_entity_poly.type   'polypeptide(L)'
_entity_poly.pdbx_seq_one_letter_code
;GGSMANSKYEYVKLFEKENYLLPDTYIIIRVDGKGFHKFSQFYEFEKPNDLKALQVMNSAAEKLMSKYSDVMLAYGDSDE
YSFLLRKNCQLYERREMKLTTLFSSLMSTYYMYFWSQYFPDKPLHIDHLPNFDARAVLYPDFKHIRNYFSWRQVDCHINN
LYNTTFWNLVLKLKMTPQQAEQRLMGTVASDKNEILFKECGVNYNNESEMYKKGTIIVREFENYETEDEAELSKRQVQRL
EKKRKKAELKIYHVDIINDDSWWKSRPWLKD
;
_entity_poly.pdbx_strand_id   A,B,C,D,E,F,G,H,I,J,K,L,M,N,O,P
#
loop_
_chem_comp.id
_chem_comp.type
_chem_comp.name
_chem_comp.formula
GTP non-polymer GUANOSINE-5'-TRIPHOSPHATE 'C10 H16 N5 O14 P3'
MG non-polymer 'MAGNESIUM ION' 'Mg 2'
#
# COMPACT_ATOMS: atom_id res chain seq x y z
N SER A 7 44.58 35.85 16.72
CA SER A 7 43.31 35.39 16.15
C SER A 7 43.11 33.89 16.30
N LYS A 8 41.89 33.50 16.67
CA LYS A 8 41.54 32.09 16.84
C LYS A 8 41.04 31.51 15.51
N TYR A 9 40.91 32.36 14.49
CA TYR A 9 40.39 31.95 13.19
C TYR A 9 41.40 31.94 12.04
N GLU A 10 42.56 32.56 12.23
CA GLU A 10 43.49 32.76 11.10
C GLU A 10 44.18 31.45 10.67
N TYR A 11 44.00 30.40 11.45
CA TYR A 11 44.53 29.08 11.12
C TYR A 11 44.03 28.55 9.77
N VAL A 12 42.86 29.02 9.34
CA VAL A 12 42.24 28.55 8.11
C VAL A 12 43.12 28.84 6.89
N LYS A 13 44.07 29.76 7.07
CA LYS A 13 45.02 30.06 6.02
C LYS A 13 45.90 28.85 5.73
N LEU A 14 46.06 27.97 6.71
CA LEU A 14 46.94 26.81 6.55
C LEU A 14 46.37 25.74 5.61
N PHE A 15 45.11 25.90 5.21
CA PHE A 15 44.49 24.95 4.29
C PHE A 15 44.80 25.29 2.84
N GLU A 16 45.37 26.47 2.60
CA GLU A 16 45.70 26.88 1.24
C GLU A 16 46.91 26.09 0.72
N LYS A 17 46.89 25.77 -0.56
CA LYS A 17 48.00 25.07 -1.20
C LYS A 17 48.51 25.78 -2.44
N GLU A 18 49.75 26.25 -2.40
CA GLU A 18 50.34 26.87 -3.59
C GLU A 18 51.01 25.82 -4.46
N ASN A 19 51.00 26.07 -5.77
CA ASN A 19 51.66 25.22 -6.73
C ASN A 19 52.74 26.01 -7.45
N TYR A 20 53.98 25.78 -7.07
CA TYR A 20 55.12 26.41 -7.69
C TYR A 20 55.61 25.64 -8.90
N LEU A 21 55.50 26.25 -10.08
CA LEU A 21 55.85 25.57 -11.32
C LEU A 21 57.35 25.31 -11.36
N LEU A 22 57.71 24.08 -11.74
CA LEU A 22 59.10 23.63 -11.85
C LEU A 22 60.03 24.68 -12.45
N PRO A 23 61.09 25.04 -11.71
CA PRO A 23 62.04 26.05 -12.17
C PRO A 23 62.71 25.66 -13.48
N ASP A 24 63.19 26.67 -14.20
CA ASP A 24 64.01 26.49 -15.39
C ASP A 24 63.29 25.71 -16.49
N THR A 25 61.97 25.83 -16.56
CA THR A 25 61.19 25.16 -17.59
C THR A 25 60.40 26.21 -18.35
N TYR A 26 60.23 26.01 -19.65
CA TYR A 26 59.43 26.92 -20.44
C TYR A 26 57.97 26.82 -19.99
N ILE A 27 57.32 27.96 -19.84
CA ILE A 27 55.90 27.98 -19.50
C ILE A 27 55.06 28.51 -20.66
N ILE A 28 54.05 27.73 -21.03
CA ILE A 28 53.03 28.20 -21.94
C ILE A 28 51.75 28.51 -21.16
N ILE A 29 51.23 29.71 -21.35
CA ILE A 29 49.92 30.02 -20.81
C ILE A 29 48.98 30.14 -21.99
N ARG A 30 47.95 29.31 -21.98
CA ARG A 30 46.98 29.33 -23.05
C ARG A 30 45.69 29.86 -22.49
N VAL A 31 45.14 30.85 -23.17
CA VAL A 31 43.84 31.39 -22.83
C VAL A 31 42.90 31.04 -23.97
N ASP A 32 41.65 30.70 -23.63
CA ASP A 32 40.66 30.35 -24.64
C ASP A 32 39.27 30.87 -24.25
N GLY A 33 38.60 31.52 -25.20
CA GLY A 33 37.29 32.11 -24.92
C GLY A 33 36.25 31.12 -24.46
N LYS A 34 35.53 31.43 -23.39
CA LYS A 34 34.46 30.54 -22.92
C LYS A 34 33.15 30.70 -23.68
N GLY A 35 32.69 29.62 -24.32
CA GLY A 35 31.43 29.68 -25.03
C GLY A 35 31.45 30.75 -26.10
N PHE A 36 32.53 30.85 -26.86
CA PHE A 36 32.60 31.89 -27.88
C PHE A 36 31.80 31.56 -29.12
N HIS A 37 31.32 30.33 -29.24
CA HIS A 37 30.36 30.04 -30.29
C HIS A 37 29.11 30.85 -30.03
N LYS A 38 28.58 30.71 -28.81
CA LYS A 38 27.42 31.50 -28.41
C LYS A 38 27.77 32.98 -28.43
N PHE A 39 28.97 33.33 -27.98
CA PHE A 39 29.39 34.73 -27.92
C PHE A 39 29.44 35.35 -29.32
N SER A 40 29.99 34.60 -30.26
CA SER A 40 30.13 35.06 -31.64
C SER A 40 28.82 35.11 -32.40
N GLN A 41 27.87 34.28 -31.99
CA GLN A 41 26.54 34.32 -32.57
C GLN A 41 25.73 35.51 -32.08
N PHE A 42 25.75 35.72 -30.76
CA PHE A 42 24.99 36.81 -30.14
C PHE A 42 25.36 38.17 -30.70
N TYR A 43 26.65 38.39 -30.92
CA TYR A 43 27.14 39.66 -31.40
C TYR A 43 27.37 39.68 -32.90
N GLU A 44 26.83 38.66 -33.58
CA GLU A 44 26.81 38.62 -35.03
C GLU A 44 28.16 38.79 -35.69
N PHE A 45 29.13 37.97 -35.28
CA PHE A 45 30.41 37.95 -35.96
C PHE A 45 30.08 37.68 -37.42
N GLU A 46 30.82 38.30 -38.34
CA GLU A 46 30.74 37.89 -39.72
C GLU A 46 31.23 36.46 -39.80
N LYS A 47 30.68 35.69 -40.73
CA LYS A 47 31.10 34.31 -40.87
C LYS A 47 31.64 34.09 -42.27
N PRO A 48 32.66 33.24 -42.41
CA PRO A 48 33.32 32.49 -41.32
C PRO A 48 34.21 33.33 -40.41
N ASN A 49 34.83 34.38 -40.93
CA ASN A 49 35.74 35.18 -40.10
C ASN A 49 35.38 36.66 -39.96
N ASP A 50 35.36 37.15 -38.72
CA ASP A 50 35.15 38.56 -38.43
C ASP A 50 36.49 39.26 -38.19
N LEU A 51 36.88 40.14 -39.11
CA LEU A 51 38.18 40.78 -39.09
C LEU A 51 38.41 41.62 -37.83
N LYS A 52 37.42 42.45 -37.50
CA LYS A 52 37.56 43.37 -36.37
C LYS A 52 37.58 42.65 -35.03
N ALA A 53 36.87 41.53 -34.96
CA ALA A 53 36.85 40.70 -33.76
C ALA A 53 38.21 40.09 -33.42
N LEU A 54 38.94 39.66 -34.44
CA LEU A 54 40.28 39.15 -34.26
C LEU A 54 41.28 40.23 -33.87
N GLN A 55 41.06 41.44 -34.36
CA GLN A 55 41.95 42.54 -34.04
C GLN A 55 41.79 42.95 -32.58
N VAL A 56 40.59 42.78 -32.05
CA VAL A 56 40.35 42.97 -30.63
C VAL A 56 41.15 41.95 -29.82
N MET A 57 41.11 40.67 -30.22
CA MET A 57 41.89 39.66 -29.53
C MET A 57 43.36 40.03 -29.57
N ASN A 58 43.82 40.41 -30.76
CA ASN A 58 45.22 40.72 -31.00
C ASN A 58 45.67 41.97 -30.24
N SER A 59 44.79 42.97 -30.17
CA SER A 59 45.06 44.19 -29.42
C SER A 59 45.17 43.87 -27.95
N ALA A 60 44.25 43.04 -27.49
CA ALA A 60 44.23 42.57 -26.12
C ALA A 60 45.55 41.87 -25.78
N ALA A 61 45.95 40.95 -26.64
CA ALA A 61 47.17 40.15 -26.44
C ALA A 61 48.44 41.00 -26.44
N GLU A 62 48.53 41.93 -27.37
CA GLU A 62 49.71 42.79 -27.45
C GLU A 62 49.83 43.68 -26.21
N LYS A 63 48.69 44.16 -25.69
CA LYS A 63 48.71 45.00 -24.49
C LYS A 63 49.21 44.22 -23.28
N LEU A 64 48.71 43.01 -23.10
CA LEU A 64 49.16 42.14 -22.03
C LEU A 64 50.66 41.90 -22.18
N MET A 65 51.07 41.56 -23.39
CA MET A 65 52.45 41.20 -23.68
C MET A 65 53.41 42.37 -23.48
N SER A 66 52.95 43.58 -23.72
CA SER A 66 53.79 44.76 -23.53
C SER A 66 53.90 45.12 -22.06
N LYS A 67 52.98 44.59 -21.26
CA LYS A 67 52.95 44.83 -19.83
C LYS A 67 53.89 43.87 -19.10
N TYR A 68 54.09 42.69 -19.68
CA TYR A 68 54.89 41.66 -19.03
C TYR A 68 56.05 41.22 -19.90
N SER A 69 57.23 41.74 -19.56
CA SER A 69 58.45 41.53 -20.33
C SER A 69 58.91 40.09 -20.37
N ASP A 70 58.36 39.24 -19.50
CA ASP A 70 58.70 37.83 -19.53
C ASP A 70 58.06 37.08 -20.71
N VAL A 71 56.99 37.65 -21.27
CA VAL A 71 56.37 37.06 -22.45
C VAL A 71 57.19 37.29 -23.71
N MET A 72 57.68 36.20 -24.30
CA MET A 72 58.60 36.29 -25.44
C MET A 72 57.88 36.12 -26.77
N LEU A 73 56.76 35.41 -26.76
CA LEU A 73 56.11 35.02 -27.99
C LEU A 73 54.62 34.76 -27.77
N ALA A 74 53.79 35.22 -28.69
CA ALA A 74 52.36 34.97 -28.60
C ALA A 74 51.77 34.50 -29.92
N TYR A 75 50.85 33.56 -29.84
CA TYR A 75 50.17 33.05 -31.02
C TYR A 75 48.67 33.00 -30.76
N GLY A 76 47.90 33.57 -31.65
CA GLY A 76 46.46 33.61 -31.47
C GLY A 76 45.74 33.28 -32.75
N ASP A 77 44.57 32.67 -32.61
CA ASP A 77 43.64 32.54 -33.73
C ASP A 77 42.29 32.21 -33.13
N SER A 78 41.22 32.51 -33.86
CA SER A 78 39.86 32.26 -33.37
C SER A 78 39.70 32.94 -32.01
N ASP A 79 39.25 32.18 -31.01
CA ASP A 79 39.06 32.72 -29.67
C ASP A 79 40.15 32.33 -28.67
N GLU A 80 41.34 32.01 -29.16
CA GLU A 80 42.41 31.54 -28.26
C GLU A 80 43.68 32.34 -28.46
N TYR A 81 44.48 32.41 -27.41
CA TYR A 81 45.83 32.95 -27.50
C TYR A 81 46.77 32.14 -26.64
N SER A 82 47.99 31.90 -27.14
CA SER A 82 48.98 31.21 -26.35
C SER A 82 50.15 32.15 -26.10
N PHE A 83 50.59 32.23 -24.85
CA PHE A 83 51.68 33.10 -24.49
C PHE A 83 52.84 32.27 -23.96
N LEU A 84 54.01 32.47 -24.55
CA LEU A 84 55.23 31.83 -24.07
C LEU A 84 55.98 32.70 -23.07
N LEU A 85 56.15 32.17 -21.86
CA LEU A 85 56.94 32.83 -20.82
C LEU A 85 58.33 32.21 -20.84
N ARG A 86 59.37 33.03 -20.74
CA ARG A 86 60.75 32.50 -20.76
C ARG A 86 60.97 31.55 -19.59
N LYS A 87 61.87 30.58 -19.78
CA LYS A 87 61.98 29.47 -18.82
C LYS A 87 62.48 29.94 -17.45
N ASN A 88 63.15 31.08 -17.42
CA ASN A 88 63.68 31.62 -16.18
C ASN A 88 62.76 32.71 -15.60
N CYS A 89 61.52 32.75 -16.10
CA CYS A 89 60.48 33.66 -15.61
C CYS A 89 60.22 33.52 -14.12
N GLN A 90 60.24 34.64 -13.40
CA GLN A 90 59.95 34.65 -11.96
C GLN A 90 58.72 35.48 -11.58
N LEU A 91 57.89 35.80 -12.57
CA LEU A 91 56.62 36.50 -12.35
C LEU A 91 55.76 35.80 -11.31
N TYR A 92 55.43 36.51 -10.23
CA TYR A 92 54.67 35.98 -9.10
C TYR A 92 55.28 34.71 -8.50
N GLU A 93 56.61 34.63 -8.53
CA GLU A 93 57.33 33.47 -8.03
C GLU A 93 56.84 32.17 -8.67
N ARG A 94 56.43 32.28 -9.93
CA ARG A 94 55.94 31.15 -10.71
C ARG A 94 54.73 30.43 -10.10
N ARG A 95 53.94 31.13 -9.29
CA ARG A 95 52.72 30.50 -8.74
C ARG A 95 51.64 30.35 -9.80
N GLU A 96 51.21 29.11 -10.02
CA GLU A 96 50.27 28.79 -11.10
C GLU A 96 48.97 29.52 -10.89
N MET A 97 48.51 29.55 -9.64
CA MET A 97 47.29 30.25 -9.32
C MET A 97 47.36 31.72 -9.72
N LYS A 98 48.46 32.38 -9.40
CA LYS A 98 48.59 33.79 -9.75
C LYS A 98 48.67 34.01 -11.25
N LEU A 99 49.53 33.23 -11.90
CA LEU A 99 49.77 33.37 -13.34
C LEU A 99 48.53 33.14 -14.18
N THR A 100 47.79 32.08 -13.88
CA THR A 100 46.65 31.71 -14.71
C THR A 100 45.50 32.66 -14.45
N THR A 101 45.24 32.98 -13.20
CA THR A 101 44.08 33.80 -12.88
C THR A 101 44.34 35.25 -13.27
N LEU A 102 45.59 35.67 -13.29
CA LEU A 102 45.90 37.00 -13.78
C LEU A 102 45.77 37.10 -15.30
N PHE A 103 46.20 36.07 -16.02
CA PHE A 103 46.07 36.07 -17.47
C PHE A 103 44.62 36.03 -17.94
N SER A 104 43.80 35.21 -17.33
CA SER A 104 42.40 35.12 -17.73
C SER A 104 41.65 36.41 -17.39
N SER A 105 42.01 37.03 -16.28
CA SER A 105 41.44 38.30 -15.86
C SER A 105 41.80 39.44 -16.83
N LEU A 106 43.08 39.54 -17.16
CA LEU A 106 43.58 40.56 -18.07
C LEU A 106 42.99 40.47 -19.47
N MET A 107 42.96 39.26 -20.03
CA MET A 107 42.42 39.10 -21.37
C MET A 107 40.96 39.47 -21.40
N SER A 108 40.24 39.12 -20.34
CA SER A 108 38.84 39.43 -20.25
C SER A 108 38.67 40.93 -20.27
N THR A 109 39.44 41.62 -19.44
CA THR A 109 39.28 43.06 -19.30
C THR A 109 39.86 43.83 -20.47
N TYR A 110 41.01 43.40 -20.99
CA TYR A 110 41.55 44.03 -22.20
C TYR A 110 40.62 43.85 -23.39
N TYR A 111 40.02 42.65 -23.50
CA TYR A 111 39.07 42.38 -24.59
C TYR A 111 37.87 43.29 -24.47
N MET A 112 37.35 43.38 -23.25
CA MET A 112 36.23 44.24 -22.95
C MET A 112 36.53 45.70 -23.26
N TYR A 113 37.73 46.17 -22.91
CA TYR A 113 38.11 47.55 -23.21
C TYR A 113 38.11 47.82 -24.70
N PHE A 114 38.85 46.99 -25.44
CA PHE A 114 39.05 47.16 -26.88
C PHE A 114 37.79 46.89 -27.70
N TRP A 115 36.89 46.08 -27.15
CA TRP A 115 35.60 45.86 -27.80
C TRP A 115 34.82 47.16 -27.87
N SER A 116 34.85 47.93 -26.79
CA SER A 116 34.12 49.19 -26.76
C SER A 116 34.73 50.20 -27.74
N GLN A 117 36.00 50.00 -28.10
CA GLN A 117 36.65 50.83 -29.10
C GLN A 117 36.28 50.45 -30.54
N TYR A 118 36.31 49.16 -30.84
CA TYR A 118 36.05 48.68 -32.20
C TYR A 118 34.57 48.52 -32.53
N PHE A 119 33.74 48.27 -31.52
CA PHE A 119 32.30 48.12 -31.75
C PHE A 119 31.47 49.02 -30.83
N PRO A 120 31.59 50.34 -31.01
CA PRO A 120 30.84 51.29 -30.18
C PRO A 120 29.32 51.16 -30.31
N ASP A 121 28.85 50.65 -31.45
CA ASP A 121 27.41 50.47 -31.69
C ASP A 121 26.87 49.11 -31.23
N LYS A 122 27.75 48.27 -30.71
CA LYS A 122 27.33 46.99 -30.11
C LYS A 122 27.70 46.92 -28.64
N PRO A 123 27.00 47.69 -27.79
CA PRO A 123 27.31 47.65 -26.36
C PRO A 123 27.10 46.25 -25.78
N LEU A 124 27.95 45.86 -24.84
CA LEU A 124 27.93 44.51 -24.29
C LEU A 124 26.73 44.26 -23.36
N HIS A 125 26.12 43.08 -23.49
CA HIS A 125 25.02 42.70 -22.64
C HIS A 125 25.59 41.98 -21.42
N ILE A 126 25.01 42.22 -20.26
CA ILE A 126 25.56 41.69 -19.01
C ILE A 126 25.59 40.17 -18.99
N ASP A 127 24.77 39.52 -19.81
CA ASP A 127 24.73 38.07 -19.82
C ASP A 127 25.64 37.54 -20.92
N HIS A 128 26.33 38.44 -21.58
CA HIS A 128 27.28 38.08 -22.64
C HIS A 128 28.55 38.92 -22.62
N LEU A 129 29.24 38.89 -21.48
CA LEU A 129 30.52 39.58 -21.38
C LEU A 129 31.58 38.60 -21.87
N PRO A 130 32.69 39.12 -22.42
CA PRO A 130 33.72 38.19 -22.91
C PRO A 130 34.59 37.60 -21.81
N ASN A 131 34.42 36.31 -21.55
CA ASN A 131 35.21 35.63 -20.53
C ASN A 131 36.17 34.60 -21.13
N PHE A 132 37.28 34.38 -20.43
CA PHE A 132 38.34 33.47 -20.86
C PHE A 132 38.78 32.55 -19.72
N ASP A 133 39.12 31.30 -20.06
CA ASP A 133 39.83 30.46 -19.10
C ASP A 133 41.35 30.63 -19.28
N ALA A 134 42.14 29.98 -18.44
CA ALA A 134 43.59 29.99 -18.62
C ALA A 134 44.22 28.78 -17.96
N ARG A 135 45.16 28.17 -18.67
CA ARG A 135 45.92 27.05 -18.14
C ARG A 135 47.41 27.23 -18.38
N ALA A 136 48.20 26.71 -17.45
CA ALA A 136 49.63 26.71 -17.59
C ALA A 136 50.12 25.31 -17.95
N VAL A 137 51.02 25.23 -18.92
CA VAL A 137 51.62 23.97 -19.29
C VAL A 137 53.14 24.14 -19.26
N LEU A 138 53.83 23.16 -18.69
CA LEU A 138 55.28 23.22 -18.61
C LEU A 138 55.96 22.45 -19.73
N TYR A 139 56.99 23.04 -20.35
CA TYR A 139 57.75 22.31 -21.35
C TYR A 139 59.25 22.38 -21.05
N PRO A 140 59.87 21.21 -20.88
CA PRO A 140 61.27 21.12 -20.43
C PRO A 140 62.31 21.31 -21.53
N ASP A 141 61.87 21.35 -22.78
CA ASP A 141 62.78 21.46 -23.90
C ASP A 141 62.16 22.33 -25.00
N PHE A 142 62.99 23.14 -25.65
CA PHE A 142 62.47 24.06 -26.65
C PHE A 142 61.89 23.33 -27.87
N LYS A 143 62.30 22.09 -28.10
CA LYS A 143 61.72 21.33 -29.19
C LYS A 143 60.24 21.10 -28.97
N HIS A 144 59.83 21.07 -27.69
CA HIS A 144 58.41 20.90 -27.37
C HIS A 144 57.65 22.21 -27.59
N ILE A 145 58.37 23.32 -27.44
CA ILE A 145 57.82 24.65 -27.70
C ILE A 145 57.54 24.81 -29.19
N ARG A 146 58.52 24.41 -30.00
CA ARG A 146 58.37 24.38 -31.44
C ARG A 146 57.16 23.52 -31.79
N ASN A 147 57.10 22.33 -31.18
CA ASN A 147 56.02 21.41 -31.48
C ASN A 147 54.68 21.94 -30.98
N TYR A 148 54.68 22.70 -29.88
CA TYR A 148 53.43 23.24 -29.36
C TYR A 148 52.82 24.24 -30.33
N PHE A 149 53.63 25.18 -30.80
CA PHE A 149 53.11 26.19 -31.70
C PHE A 149 52.79 25.64 -33.08
N SER A 150 53.57 24.66 -33.53
CA SER A 150 53.24 23.96 -34.76
C SER A 150 51.89 23.28 -34.65
N TRP A 151 51.65 22.64 -33.51
CA TRP A 151 50.38 22.00 -33.20
C TRP A 151 49.21 22.97 -33.30
N ARG A 152 49.40 24.15 -32.74
CA ARG A 152 48.34 25.15 -32.70
C ARG A 152 48.10 25.78 -34.05
N GLN A 153 49.16 25.94 -34.85
CA GLN A 153 48.97 26.54 -36.16
C GLN A 153 48.33 25.52 -37.11
N VAL A 154 48.70 24.26 -36.97
CA VAL A 154 48.09 23.21 -37.78
C VAL A 154 46.59 23.13 -37.53
N ASP A 155 46.20 23.28 -36.27
CA ASP A 155 44.80 23.26 -35.89
C ASP A 155 44.04 24.47 -36.46
N CYS A 156 44.71 25.61 -36.54
CA CYS A 156 44.13 26.82 -37.13
C CYS A 156 43.84 26.63 -38.62
N HIS A 157 44.78 26.01 -39.32
CA HIS A 157 44.61 25.72 -40.73
C HIS A 157 43.39 24.81 -40.92
N ILE A 158 43.36 23.72 -40.17
CA ILE A 158 42.28 22.73 -40.27
C ILE A 158 40.93 23.35 -39.95
N ASN A 159 40.89 24.15 -38.88
CA ASN A 159 39.63 24.76 -38.46
C ASN A 159 39.22 25.87 -39.44
N ASN A 160 40.19 26.61 -39.96
CA ASN A 160 39.86 27.70 -40.87
C ASN A 160 39.40 27.12 -42.20
N LEU A 161 40.08 26.08 -42.68
CA LEU A 161 39.69 25.43 -43.93
C LEU A 161 38.28 24.87 -43.88
N TYR A 162 37.96 24.23 -42.76
CA TYR A 162 36.63 23.66 -42.54
C TYR A 162 35.54 24.74 -42.48
N ASN A 163 35.76 25.75 -41.66
CA ASN A 163 34.74 26.78 -41.45
C ASN A 163 34.51 27.59 -42.71
N THR A 164 35.58 27.82 -43.48
CA THR A 164 35.47 28.58 -44.71
C THR A 164 34.63 27.78 -45.69
N THR A 165 34.88 26.47 -45.71
CA THR A 165 34.11 25.55 -46.54
C THR A 165 32.66 25.47 -46.08
N PHE A 166 32.48 25.26 -44.78
CA PHE A 166 31.16 25.12 -44.16
C PHE A 166 30.25 26.30 -44.47
N TRP A 167 30.73 27.51 -44.21
CA TRP A 167 29.90 28.71 -44.31
C TRP A 167 29.65 29.10 -45.75
N ASN A 168 30.55 28.70 -46.65
CA ASN A 168 30.31 28.91 -48.07
C ASN A 168 29.23 27.96 -48.59
N LEU A 169 29.18 26.74 -48.06
CA LEU A 169 28.10 25.81 -48.39
C LEU A 169 26.76 26.43 -47.98
N VAL A 170 26.73 27.07 -46.82
CA VAL A 170 25.51 27.67 -46.28
C VAL A 170 25.15 28.95 -47.04
N LEU A 171 26.15 29.80 -47.29
CA LEU A 171 25.89 31.11 -47.87
C LEU A 171 25.80 31.13 -49.39
N LYS A 172 26.69 30.39 -50.07
CA LYS A 172 26.64 30.38 -51.53
C LYS A 172 25.63 29.37 -52.08
N LEU A 173 25.66 28.14 -51.57
CA LEU A 173 24.74 27.10 -52.01
C LEU A 173 23.39 27.03 -51.27
N LYS A 174 23.13 27.98 -50.36
CA LYS A 174 21.86 28.06 -49.62
C LYS A 174 21.49 26.77 -48.88
N MET A 175 22.51 26.02 -48.47
CA MET A 175 22.34 24.86 -47.59
C MET A 175 22.00 25.23 -46.15
N THR A 176 21.28 24.33 -45.49
CA THR A 176 21.09 24.41 -44.05
C THR A 176 22.35 23.90 -43.35
N PRO A 177 22.59 24.31 -42.09
CA PRO A 177 23.74 23.81 -41.32
C PRO A 177 23.88 22.29 -41.37
N GLN A 178 22.76 21.60 -41.26
CA GLN A 178 22.75 20.13 -41.22
C GLN A 178 23.25 19.54 -42.53
N GLN A 179 22.84 20.13 -43.65
CA GLN A 179 23.26 19.57 -44.92
C GLN A 179 24.70 19.97 -45.21
N ALA A 180 25.11 21.12 -44.68
CA ALA A 180 26.50 21.53 -44.77
C ALA A 180 27.42 20.57 -44.02
N GLU A 181 27.00 20.15 -42.83
CA GLU A 181 27.78 19.23 -42.02
C GLU A 181 27.90 17.86 -42.67
N GLN A 182 26.78 17.35 -43.17
CA GLN A 182 26.76 16.05 -43.85
C GLN A 182 27.57 16.04 -45.14
N ARG A 183 27.58 17.15 -45.85
CA ARG A 183 28.34 17.26 -47.09
C ARG A 183 29.83 17.13 -46.79
N LEU A 184 30.23 17.58 -45.61
CA LEU A 184 31.64 17.59 -45.28
C LEU A 184 32.12 16.34 -44.55
N MET A 185 31.20 15.56 -43.98
CA MET A 185 31.61 14.32 -43.30
C MET A 185 32.32 13.42 -44.30
N GLY A 186 33.54 12.98 -43.98
CA GLY A 186 34.25 12.11 -44.89
C GLY A 186 35.18 12.83 -45.84
N THR A 187 35.49 14.09 -45.53
CA THR A 187 36.33 14.91 -46.41
C THR A 187 37.70 15.27 -45.82
N VAL A 188 38.72 15.25 -46.67
CA VAL A 188 40.05 15.70 -46.30
C VAL A 188 40.30 17.09 -46.87
N ALA A 189 41.47 17.65 -46.59
CA ALA A 189 41.77 19.04 -46.94
C ALA A 189 41.63 19.31 -48.43
N SER A 190 42.10 18.38 -49.26
CA SER A 190 42.00 18.55 -50.70
C SER A 190 40.56 18.54 -51.19
N ASP A 191 39.70 17.75 -50.55
CA ASP A 191 38.29 17.68 -50.91
C ASP A 191 37.55 19.00 -50.69
N LYS A 192 37.79 19.59 -49.51
CA LYS A 192 37.14 20.84 -49.11
C LYS A 192 37.55 21.97 -50.03
N ASN A 193 38.82 21.97 -50.41
CA ASN A 193 39.36 22.94 -51.34
C ASN A 193 38.64 22.84 -52.69
N GLU A 194 38.41 21.61 -53.13
CA GLU A 194 37.72 21.36 -54.40
C GLU A 194 36.27 21.83 -54.33
N ILE A 195 35.60 21.51 -53.23
CA ILE A 195 34.22 21.95 -53.00
C ILE A 195 34.11 23.47 -53.01
N LEU A 196 35.06 24.13 -52.34
CA LEU A 196 35.09 25.60 -52.30
C LEU A 196 35.30 26.23 -53.67
N PHE A 197 36.25 25.71 -54.43
CA PHE A 197 36.57 26.29 -55.72
C PHE A 197 35.48 25.97 -56.74
N LYS A 198 35.23 24.69 -56.96
CA LYS A 198 34.35 24.25 -58.03
C LYS A 198 32.87 24.58 -57.79
N GLU A 199 32.42 24.46 -56.55
CA GLU A 199 31.00 24.64 -56.24
C GLU A 199 30.65 26.01 -55.69
N CYS A 200 31.59 26.66 -55.01
CA CYS A 200 31.29 27.93 -54.36
C CYS A 200 32.03 29.10 -55.01
N GLY A 201 32.94 28.77 -55.92
CA GLY A 201 33.76 29.76 -56.59
C GLY A 201 34.73 30.50 -55.69
N VAL A 202 35.23 29.83 -54.66
CA VAL A 202 36.17 30.47 -53.74
C VAL A 202 37.53 29.76 -53.76
N ASN A 203 38.59 30.51 -54.03
CA ASN A 203 39.94 29.98 -53.94
C ASN A 203 40.49 30.16 -52.52
N TYR A 204 40.62 29.06 -51.77
CA TYR A 204 41.03 29.14 -50.36
C TYR A 204 42.42 29.74 -50.20
N ASN A 205 43.31 29.43 -51.12
CA ASN A 205 44.68 29.94 -51.07
C ASN A 205 44.71 31.45 -51.13
N ASN A 206 43.63 32.05 -51.64
CA ASN A 206 43.53 33.50 -51.74
C ASN A 206 42.96 34.18 -50.49
N GLU A 207 42.56 33.39 -49.51
CA GLU A 207 42.14 33.92 -48.22
C GLU A 207 43.24 34.69 -47.51
N SER A 208 42.82 35.64 -46.67
CA SER A 208 43.74 36.44 -45.86
C SER A 208 44.78 35.60 -45.13
N GLU A 209 46.02 36.08 -45.09
CA GLU A 209 47.09 35.39 -44.38
C GLU A 209 46.79 35.23 -42.90
N MET A 210 46.12 36.21 -42.31
CA MET A 210 45.72 36.10 -40.92
C MET A 210 44.78 34.93 -40.69
N TYR A 211 43.82 34.72 -41.59
CA TYR A 211 42.89 33.61 -41.47
C TYR A 211 43.55 32.24 -41.63
N LYS A 212 44.48 32.14 -42.56
CA LYS A 212 45.09 30.85 -42.91
C LYS A 212 46.16 30.42 -41.91
N LYS A 213 46.92 31.39 -41.42
CA LYS A 213 48.11 31.13 -40.61
C LYS A 213 47.94 31.49 -39.14
N GLY A 214 46.97 32.35 -38.83
CA GLY A 214 46.79 32.87 -37.49
C GLY A 214 47.65 34.09 -37.22
N THR A 215 47.84 34.45 -35.95
CA THR A 215 48.57 35.68 -35.65
C THR A 215 49.71 35.42 -34.67
N ILE A 216 50.91 35.81 -35.07
CA ILE A 216 52.08 35.73 -34.21
C ILE A 216 52.50 37.10 -33.72
N ILE A 217 52.57 37.29 -32.41
CA ILE A 217 53.12 38.49 -31.83
C ILE A 217 54.42 38.12 -31.14
N VAL A 218 55.53 38.69 -31.59
CA VAL A 218 56.82 38.32 -31.02
C VAL A 218 57.62 39.54 -30.55
N ARG A 219 58.32 39.37 -29.42
CA ARG A 219 59.22 40.40 -28.91
C ARG A 219 60.51 40.41 -29.71
N GLU A 220 60.85 41.57 -30.26
CA GLU A 220 62.04 41.71 -31.08
C GLU A 220 63.17 42.46 -30.36
N PHE A 221 64.36 41.86 -30.38
CA PHE A 221 65.57 42.45 -29.83
C PHE A 221 66.58 42.77 -30.93
N GLU A 222 67.30 43.88 -30.78
CA GLU A 222 68.24 44.29 -31.81
C GLU A 222 69.66 43.81 -31.51
N ASN A 223 70.19 44.16 -30.34
CA ASN A 223 71.57 43.79 -30.02
C ASN A 223 71.64 42.62 -29.04
N TYR A 224 71.10 41.48 -29.42
CA TYR A 224 71.04 40.36 -28.50
C TYR A 224 72.35 39.57 -28.54
N GLU A 225 72.90 39.28 -27.37
CA GLU A 225 73.97 38.31 -27.25
C GLU A 225 73.53 37.35 -26.16
N THR A 226 73.87 36.07 -26.28
CA THR A 226 73.37 35.07 -25.33
C THR A 226 74.02 35.22 -23.95
N GLU A 227 74.02 36.45 -23.45
CA GLU A 227 74.64 36.82 -22.19
C GLU A 227 73.84 36.31 -20.99
N ASP A 228 72.60 35.91 -21.23
CA ASP A 228 71.72 35.47 -20.15
C ASP A 228 72.23 34.14 -19.61
N GLU A 229 72.68 34.14 -18.36
CA GLU A 229 73.25 32.96 -17.74
C GLU A 229 73.00 32.98 -16.23
N ALA A 230 73.11 31.83 -15.59
CA ALA A 230 72.90 31.72 -14.14
C ALA A 230 73.99 32.45 -13.36
N GLU A 231 75.18 32.54 -13.95
CA GLU A 231 76.35 33.10 -13.27
C GLU A 231 76.18 34.55 -12.85
N LEU A 232 75.90 35.43 -13.82
CA LEU A 232 75.71 36.84 -13.56
C LEU A 232 74.33 37.10 -12.92
N SER A 233 74.25 38.05 -11.99
CA SER A 233 73.00 38.32 -11.27
C SER A 233 72.91 39.77 -10.77
N LYS A 234 71.88 40.04 -9.98
CA LYS A 234 71.63 41.35 -9.38
C LYS A 234 71.23 42.40 -10.43
N ARG A 235 72.08 43.41 -10.63
CA ARG A 235 71.77 44.48 -11.58
C ARG A 235 71.74 43.98 -13.03
N GLN A 236 72.57 42.98 -13.31
CA GLN A 236 72.62 42.39 -14.64
C GLN A 236 71.23 41.84 -14.97
N VAL A 237 70.63 41.16 -13.99
CA VAL A 237 69.29 40.63 -14.16
C VAL A 237 68.31 41.79 -14.31
N GLN A 238 68.47 42.81 -13.47
CA GLN A 238 67.58 43.97 -13.51
C GLN A 238 67.73 44.83 -14.77
N ARG A 239 68.94 44.89 -15.33
CA ARG A 239 69.15 45.63 -16.56
C ARG A 239 68.53 44.83 -17.70
N LEU A 240 68.67 43.51 -17.60
CA LEU A 240 68.08 42.60 -18.58
C LEU A 240 66.55 42.66 -18.51
N GLU A 241 66.03 42.89 -17.31
CA GLU A 241 64.59 43.07 -17.12
C GLU A 241 64.14 44.36 -17.79
N LYS A 242 64.98 45.39 -17.69
CA LYS A 242 64.70 46.70 -18.28
C LYS A 242 64.82 46.69 -19.80
N LYS A 243 65.85 46.01 -20.30
CA LYS A 243 66.06 45.87 -21.74
C LYS A 243 64.94 45.07 -22.38
N ARG A 244 64.43 44.07 -21.67
CA ARG A 244 63.32 43.26 -22.15
C ARG A 244 62.04 44.09 -22.24
N LYS A 245 61.83 44.95 -21.26
CA LYS A 245 60.69 45.87 -21.23
C LYS A 245 60.74 46.89 -22.37
N LYS A 246 61.95 47.35 -22.71
CA LYS A 246 62.13 48.35 -23.76
C LYS A 246 62.50 47.68 -25.09
N ALA A 247 61.68 46.69 -25.44
CA ALA A 247 61.79 45.90 -26.66
C ALA A 247 60.55 46.13 -27.53
N GLU A 248 60.61 45.74 -28.80
CA GLU A 248 59.50 46.09 -29.68
C GLU A 248 58.73 44.86 -30.14
N LEU A 249 57.42 45.03 -30.20
CA LEU A 249 56.47 44.00 -30.57
C LEU A 249 56.12 44.01 -32.06
N LYS A 250 56.40 42.92 -32.76
CA LYS A 250 56.06 42.87 -34.18
C LYS A 250 55.05 41.77 -34.44
N ILE A 251 54.14 42.03 -35.37
CA ILE A 251 53.07 41.11 -35.69
C ILE A 251 53.29 40.44 -37.05
N TYR A 252 53.11 39.12 -37.11
CA TYR A 252 53.31 38.38 -38.34
C TYR A 252 52.14 37.44 -38.60
N HIS A 253 51.94 37.11 -39.88
CA HIS A 253 50.97 36.10 -40.27
C HIS A 253 51.65 35.13 -41.20
N VAL A 254 52.57 34.34 -40.64
CA VAL A 254 53.44 33.50 -41.45
C VAL A 254 53.48 32.06 -40.93
N ASP A 255 53.97 31.16 -41.78
CA ASP A 255 54.23 29.79 -41.36
C ASP A 255 55.35 29.79 -40.32
N ILE A 256 55.11 29.11 -39.19
CA ILE A 256 56.15 28.89 -38.21
C ILE A 256 56.39 27.40 -38.00
N ILE A 257 55.62 26.59 -38.72
CA ILE A 257 55.74 25.14 -38.64
C ILE A 257 57.02 24.63 -39.28
N ASN A 258 57.25 25.06 -40.52
CA ASN A 258 58.34 24.53 -41.33
C ASN A 258 59.49 25.50 -41.56
N ASP A 259 59.31 26.76 -41.17
CA ASP A 259 60.36 27.76 -41.38
C ASP A 259 61.30 27.74 -40.19
N ASP A 260 62.26 26.81 -40.21
CA ASP A 260 63.23 26.67 -39.12
C ASP A 260 64.12 27.89 -38.89
N SER A 261 64.47 28.58 -39.98
CA SER A 261 65.33 29.75 -39.89
C SER A 261 64.67 30.88 -39.11
N TRP A 262 63.34 30.92 -39.17
CA TRP A 262 62.53 31.90 -38.45
C TRP A 262 62.80 31.83 -36.97
N TRP A 263 62.91 30.61 -36.44
CA TRP A 263 63.20 30.41 -35.02
C TRP A 263 64.68 30.63 -34.73
N LYS A 264 65.54 30.08 -35.59
CA LYS A 264 66.97 30.19 -35.40
C LYS A 264 67.44 31.64 -35.39
N SER A 265 66.80 32.49 -36.17
CA SER A 265 67.16 33.90 -36.21
C SER A 265 66.57 34.70 -35.05
N ARG A 266 65.90 33.99 -34.14
CA ARG A 266 65.30 34.59 -32.94
C ARG A 266 65.73 33.81 -31.68
N PRO A 267 67.05 33.79 -31.41
CA PRO A 267 67.61 32.96 -30.34
C PRO A 267 67.17 33.32 -28.93
N TRP A 268 66.68 34.54 -28.71
CA TRP A 268 66.26 34.95 -27.38
C TRP A 268 65.01 34.21 -26.93
N LEU A 269 64.35 33.55 -27.88
CA LEU A 269 63.19 32.73 -27.55
C LEU A 269 63.56 31.48 -26.72
N LYS A 270 64.75 30.92 -26.96
CA LYS A 270 65.16 29.70 -26.26
C LYS A 270 65.77 29.92 -24.87
N ASP A 271 66.21 31.14 -24.57
CA ASP A 271 66.98 31.37 -23.34
C ASP A 271 66.84 32.82 -22.86
N SER B 7 48.78 13.45 -36.48
CA SER B 7 49.64 14.62 -36.29
C SER B 7 50.86 14.23 -35.43
N LYS B 8 52.02 14.74 -35.81
CA LYS B 8 53.28 14.47 -35.13
C LYS B 8 53.51 15.45 -33.98
N TYR B 9 52.63 16.44 -33.85
CA TYR B 9 52.79 17.48 -32.84
C TYR B 9 51.77 17.43 -31.70
N GLU B 10 50.70 16.65 -31.84
CA GLU B 10 49.61 16.71 -30.88
C GLU B 10 50.01 16.03 -29.56
N TYR B 11 51.16 15.35 -29.59
CA TYR B 11 51.70 14.72 -28.39
C TYR B 11 51.92 15.72 -27.25
N VAL B 12 52.11 17.00 -27.58
CA VAL B 12 52.37 18.05 -26.60
C VAL B 12 51.25 18.24 -25.60
N LYS B 13 50.07 17.72 -25.93
CA LYS B 13 48.92 17.77 -25.04
C LYS B 13 49.19 16.96 -23.77
N LEU B 14 50.08 15.97 -23.87
CA LEU B 14 50.35 15.08 -22.74
C LEU B 14 51.15 15.77 -21.64
N PHE B 15 51.62 16.99 -21.90
CA PHE B 15 52.36 17.71 -20.88
C PHE B 15 51.43 18.49 -19.96
N GLU B 16 50.15 18.57 -20.35
CA GLU B 16 49.17 19.28 -19.54
C GLU B 16 48.85 18.47 -18.30
N LYS B 17 48.64 19.16 -17.18
CA LYS B 17 48.30 18.46 -15.96
C LYS B 17 47.06 19.04 -15.28
N GLU B 18 46.00 18.25 -15.17
CA GLU B 18 44.79 18.73 -14.48
C GLU B 18 44.83 18.45 -12.98
N ASN B 19 44.17 19.31 -12.22
CA ASN B 19 43.99 19.11 -10.81
C ASN B 19 42.52 19.04 -10.41
N TYR B 20 42.06 17.83 -10.16
CA TYR B 20 40.70 17.61 -9.67
C TYR B 20 40.60 17.70 -8.14
N LEU B 21 39.87 18.71 -7.65
CA LEU B 21 39.77 18.97 -6.21
C LEU B 21 38.96 17.89 -5.48
N LEU B 22 39.50 17.43 -4.35
CA LEU B 22 38.89 16.39 -3.51
C LEU B 22 37.37 16.48 -3.40
N PRO B 23 36.67 15.40 -3.78
CA PRO B 23 35.20 15.33 -3.76
C PRO B 23 34.61 15.53 -2.37
N ASP B 24 33.36 15.99 -2.30
CA ASP B 24 32.63 16.06 -1.04
C ASP B 24 33.35 16.95 -0.03
N THR B 25 34.06 17.96 -0.54
CA THR B 25 34.69 18.93 0.33
C THR B 25 34.25 20.33 -0.04
N TYR B 26 34.11 21.20 0.97
CA TYR B 26 33.73 22.58 0.73
C TYR B 26 34.84 23.26 -0.04
N ILE B 27 34.46 24.05 -1.05
CA ILE B 27 35.44 24.83 -1.79
C ILE B 27 35.22 26.29 -1.49
N ILE B 28 36.27 26.99 -1.09
CA ILE B 28 36.21 28.44 -1.03
C ILE B 28 36.97 28.98 -2.20
N ILE B 29 36.34 29.87 -2.97
CA ILE B 29 37.09 30.65 -3.94
C ILE B 29 37.15 32.07 -3.45
N ARG B 30 38.36 32.58 -3.27
CA ARG B 30 38.52 33.95 -2.82
C ARG B 30 39.12 34.79 -3.94
N VAL B 31 38.45 35.90 -4.24
CA VAL B 31 38.97 36.81 -5.22
C VAL B 31 39.43 38.09 -4.54
N ASP B 32 40.51 38.68 -5.04
CA ASP B 32 41.05 39.92 -4.49
C ASP B 32 41.58 40.83 -5.58
N GLY B 33 41.21 42.10 -5.52
CA GLY B 33 41.60 43.07 -6.51
C GLY B 33 43.10 43.27 -6.65
N LYS B 34 43.59 43.30 -7.89
CA LYS B 34 45.01 43.50 -8.12
C LYS B 34 45.35 44.97 -8.03
N GLY B 35 46.22 45.33 -7.09
CA GLY B 35 46.63 46.71 -6.95
C GLY B 35 45.51 47.70 -6.75
N PHE B 36 44.56 47.38 -5.88
CA PHE B 36 43.42 48.30 -5.67
C PHE B 36 43.75 49.49 -4.80
N HIS B 37 44.92 49.51 -4.17
CA HIS B 37 45.37 50.74 -3.55
C HIS B 37 45.52 51.80 -4.62
N LYS B 38 46.29 51.47 -5.65
CA LYS B 38 46.52 52.34 -6.80
C LYS B 38 45.23 52.61 -7.59
N PHE B 39 44.41 51.59 -7.73
CA PHE B 39 43.17 51.68 -8.48
C PHE B 39 42.24 52.68 -7.81
N SER B 40 42.16 52.62 -6.49
CA SER B 40 41.28 53.49 -5.74
C SER B 40 41.78 54.93 -5.73
N GLN B 41 43.11 55.13 -5.84
CA GLN B 41 43.65 56.47 -5.94
C GLN B 41 43.39 57.11 -7.31
N PHE B 42 43.69 56.34 -8.36
CA PHE B 42 43.52 56.81 -9.74
C PHE B 42 42.09 57.25 -10.06
N TYR B 43 41.12 56.50 -9.57
CA TYR B 43 39.70 56.78 -9.84
C TYR B 43 39.05 57.60 -8.72
N GLU B 44 39.89 58.14 -7.85
CA GLU B 44 39.47 59.07 -6.80
C GLU B 44 38.33 58.58 -5.90
N PHE B 45 38.50 57.38 -5.32
CA PHE B 45 37.58 56.88 -4.31
C PHE B 45 37.47 57.83 -3.11
N GLU B 46 36.27 57.95 -2.54
CA GLU B 46 36.11 58.55 -1.22
C GLU B 46 36.80 57.75 -0.13
N LYS B 47 37.27 58.44 0.90
CA LYS B 47 37.93 57.79 2.02
C LYS B 47 37.17 58.07 3.31
N PRO B 48 37.16 57.11 4.24
CA PRO B 48 37.76 55.76 4.18
C PRO B 48 37.02 54.77 3.27
N ASN B 49 35.72 54.96 3.09
CA ASN B 49 34.90 54.08 2.26
C ASN B 49 34.19 54.78 1.10
N ASP B 50 34.30 54.21 -0.08
CA ASP B 50 33.54 54.70 -1.23
C ASP B 50 32.34 53.80 -1.46
N LEU B 51 31.15 54.36 -1.23
CA LEU B 51 29.91 53.61 -1.27
C LEU B 51 29.64 52.97 -2.62
N LYS B 52 29.82 53.75 -3.68
CA LYS B 52 29.47 53.29 -5.02
C LYS B 52 30.46 52.24 -5.51
N ALA B 53 31.71 52.35 -5.08
CA ALA B 53 32.73 51.37 -5.42
C ALA B 53 32.38 50.00 -4.86
N LEU B 54 31.91 49.99 -3.62
CA LEU B 54 31.46 48.76 -2.98
C LEU B 54 30.21 48.21 -3.64
N GLN B 55 29.39 49.12 -4.16
CA GLN B 55 28.15 48.75 -4.83
C GLN B 55 28.49 48.11 -6.17
N VAL B 56 29.58 48.57 -6.77
CA VAL B 56 30.09 47.91 -7.97
C VAL B 56 30.53 46.49 -7.63
N MET B 57 31.28 46.35 -6.54
CA MET B 57 31.72 45.05 -6.05
C MET B 57 30.54 44.13 -5.74
N ASN B 58 29.56 44.69 -5.02
CA ASN B 58 28.41 43.92 -4.57
C ASN B 58 27.51 43.46 -5.70
N SER B 59 27.37 44.31 -6.70
CA SER B 59 26.59 43.98 -7.87
C SER B 59 27.24 42.85 -8.67
N ALA B 60 28.55 42.93 -8.82
CA ALA B 60 29.31 41.89 -9.52
C ALA B 60 29.14 40.51 -8.88
N ALA B 61 29.35 40.43 -7.57
CA ALA B 61 29.27 39.17 -6.85
C ALA B 61 27.88 38.58 -6.88
N GLU B 62 26.86 39.42 -6.71
CA GLU B 62 25.48 38.96 -6.73
C GLU B 62 25.12 38.44 -8.11
N LYS B 63 25.59 39.13 -9.13
CA LYS B 63 25.35 38.70 -10.50
C LYS B 63 26.03 37.36 -10.74
N LEU B 64 27.29 37.25 -10.32
CA LEU B 64 28.03 36.00 -10.46
C LEU B 64 27.30 34.89 -9.76
N MET B 65 26.89 35.16 -8.53
CA MET B 65 26.27 34.16 -7.68
C MET B 65 24.93 33.71 -8.23
N SER B 66 24.23 34.60 -8.93
CA SER B 66 22.95 34.27 -9.51
C SER B 66 23.09 33.41 -10.76
N LYS B 67 24.29 33.38 -11.34
CA LYS B 67 24.49 32.59 -12.55
C LYS B 67 24.86 31.16 -12.15
N TYR B 68 25.47 31.00 -10.97
CA TYR B 68 26.00 29.72 -10.52
C TYR B 68 25.36 29.25 -9.22
N SER B 69 24.38 28.37 -9.34
CA SER B 69 23.55 27.94 -8.21
C SER B 69 24.32 27.15 -7.15
N ASP B 70 25.51 26.70 -7.51
CA ASP B 70 26.37 26.00 -6.56
C ASP B 70 27.01 26.93 -5.53
N VAL B 71 27.06 28.24 -5.84
CA VAL B 71 27.53 29.22 -4.86
C VAL B 71 26.44 29.43 -3.82
N MET B 72 26.72 29.08 -2.57
CA MET B 72 25.71 29.15 -1.53
C MET B 72 25.78 30.43 -0.70
N LEU B 73 26.97 31.02 -0.64
CA LEU B 73 27.20 32.14 0.25
C LEU B 73 28.41 32.93 -0.21
N ALA B 74 28.33 34.25 -0.12
CA ALA B 74 29.45 35.12 -0.46
C ALA B 74 29.69 36.20 0.58
N TYR B 75 30.96 36.50 0.84
CA TYR B 75 31.28 37.57 1.77
C TYR B 75 32.34 38.51 1.20
N GLY B 76 32.06 39.80 1.22
CA GLY B 76 32.96 40.79 0.66
C GLY B 76 33.20 41.96 1.58
N ASP B 77 34.40 42.52 1.50
CA ASP B 77 34.73 43.80 2.13
C ASP B 77 36.00 44.27 1.43
N SER B 78 36.23 45.58 1.42
CA SER B 78 37.38 46.15 0.73
C SER B 78 37.32 45.72 -0.74
N ASP B 79 38.44 45.23 -1.27
CA ASP B 79 38.46 44.80 -2.67
C ASP B 79 38.42 43.28 -2.84
N GLU B 80 37.82 42.58 -1.89
CA GLU B 80 37.77 41.13 -1.93
C GLU B 80 36.38 40.50 -1.85
N TYR B 81 36.24 39.31 -2.40
CA TYR B 81 35.03 38.51 -2.20
C TYR B 81 35.39 37.04 -2.05
N SER B 82 34.72 36.38 -1.12
CA SER B 82 34.88 34.94 -0.91
C SER B 82 33.58 34.25 -1.24
N PHE B 83 33.64 33.17 -2.01
CA PHE B 83 32.45 32.43 -2.38
C PHE B 83 32.54 31.00 -1.87
N LEU B 84 31.51 30.56 -1.16
CA LEU B 84 31.40 29.18 -0.71
C LEU B 84 30.67 28.30 -1.71
N LEU B 85 31.34 27.28 -2.21
CA LEU B 85 30.69 26.31 -3.06
C LEU B 85 30.27 25.10 -2.24
N ARG B 86 29.04 24.62 -2.45
CA ARG B 86 28.52 23.47 -1.70
C ARG B 86 29.40 22.25 -1.92
N LYS B 87 29.48 21.36 -0.93
CA LYS B 87 30.52 20.33 -0.96
C LYS B 87 30.35 19.31 -2.10
N ASN B 88 29.14 19.17 -2.64
CA ASN B 88 28.94 18.22 -3.73
C ASN B 88 28.91 18.90 -5.09
N CYS B 89 29.45 20.13 -5.13
CA CYS B 89 29.57 20.89 -6.36
C CYS B 89 30.37 20.16 -7.44
N GLN B 90 29.82 20.12 -8.66
CA GLN B 90 30.45 19.45 -9.79
C GLN B 90 30.70 20.43 -10.93
N LEU B 91 30.64 21.73 -10.62
CA LEU B 91 30.95 22.77 -11.57
C LEU B 91 32.31 22.55 -12.21
N TYR B 92 32.32 22.39 -13.53
CA TYR B 92 33.55 22.10 -14.26
C TYR B 92 34.28 20.90 -13.68
N GLU B 93 33.52 19.91 -13.24
CA GLU B 93 34.07 18.70 -12.63
C GLU B 93 35.07 18.98 -11.51
N ARG B 94 34.88 20.09 -10.79
CA ARG B 94 35.77 20.45 -9.69
C ARG B 94 37.22 20.64 -10.14
N ARG B 95 37.42 21.04 -11.39
CA ARG B 95 38.75 21.36 -11.90
C ARG B 95 39.24 22.69 -11.34
N GLU B 96 40.37 22.66 -10.63
CA GLU B 96 40.87 23.86 -9.94
C GLU B 96 41.17 25.00 -10.89
N MET B 97 41.79 24.67 -12.01
CA MET B 97 42.13 25.63 -13.05
C MET B 97 40.90 26.33 -13.62
N LYS B 98 39.86 25.55 -13.91
CA LYS B 98 38.62 26.09 -14.47
C LYS B 98 37.89 26.99 -13.49
N LEU B 99 37.75 26.53 -12.24
CA LEU B 99 37.02 27.28 -11.23
C LEU B 99 37.65 28.64 -10.95
N THR B 100 38.97 28.68 -10.83
CA THR B 100 39.66 29.89 -10.42
C THR B 100 39.75 30.90 -11.58
N THR B 101 40.03 30.42 -12.79
CA THR B 101 40.19 31.34 -13.91
C THR B 101 38.83 31.85 -14.37
N LEU B 102 37.78 31.06 -14.13
CA LEU B 102 36.43 31.50 -14.43
C LEU B 102 35.98 32.61 -13.49
N PHE B 103 36.22 32.41 -12.20
CA PHE B 103 35.87 33.39 -11.20
C PHE B 103 36.62 34.71 -11.35
N SER B 104 37.91 34.62 -11.67
CA SER B 104 38.71 35.82 -11.80
C SER B 104 38.29 36.58 -13.04
N SER B 105 37.94 35.85 -14.08
CA SER B 105 37.41 36.43 -15.31
C SER B 105 36.03 37.08 -15.13
N LEU B 106 35.12 36.36 -14.47
CA LEU B 106 33.78 36.86 -14.19
C LEU B 106 33.75 38.11 -13.34
N MET B 107 34.49 38.10 -12.23
CA MET B 107 34.54 39.24 -11.34
C MET B 107 35.11 40.44 -12.07
N SER B 108 36.11 40.18 -12.90
CA SER B 108 36.74 41.24 -13.66
C SER B 108 35.76 41.94 -14.59
N THR B 109 35.02 41.16 -15.37
CA THR B 109 34.11 41.73 -16.36
C THR B 109 32.85 42.30 -15.75
N TYR B 110 32.31 41.62 -14.75
CA TYR B 110 31.17 42.17 -14.02
C TYR B 110 31.50 43.51 -13.35
N TYR B 111 32.71 43.62 -12.81
CA TYR B 111 33.15 44.86 -12.18
C TYR B 111 33.22 45.96 -13.23
N MET B 112 33.85 45.63 -14.35
CA MET B 112 33.96 46.55 -15.46
C MET B 112 32.59 46.99 -15.99
N TYR B 113 31.66 46.05 -16.08
CA TYR B 113 30.30 46.37 -16.50
C TYR B 113 29.60 47.34 -15.55
N PHE B 114 29.60 46.99 -14.27
CA PHE B 114 28.87 47.79 -13.28
C PHE B 114 29.52 49.12 -12.97
N TRP B 115 30.82 49.20 -13.20
CA TRP B 115 31.52 50.47 -13.01
C TRP B 115 30.92 51.51 -13.95
N SER B 116 30.71 51.10 -15.20
CA SER B 116 30.16 52.00 -16.21
C SER B 116 28.72 52.39 -15.90
N GLN B 117 28.04 51.58 -15.08
CA GLN B 117 26.71 51.92 -14.61
C GLN B 117 26.76 52.96 -13.50
N TYR B 118 27.65 52.74 -12.53
CA TYR B 118 27.73 53.62 -11.36
C TYR B 118 28.58 54.85 -11.60
N PHE B 119 29.54 54.75 -12.52
CA PHE B 119 30.40 55.90 -12.81
C PHE B 119 30.51 56.31 -14.27
N PRO B 120 29.39 56.77 -14.86
CA PRO B 120 29.41 57.17 -16.27
C PRO B 120 30.38 58.33 -16.50
N ASP B 121 30.65 59.08 -15.43
CA ASP B 121 31.52 60.25 -15.50
C ASP B 121 33.00 59.92 -15.22
N LYS B 122 33.29 58.67 -14.86
CA LYS B 122 34.68 58.24 -14.65
C LYS B 122 35.00 57.07 -15.58
N PRO B 123 35.18 57.34 -16.89
CA PRO B 123 35.49 56.23 -17.79
C PRO B 123 36.79 55.51 -17.44
N LEU B 124 36.83 54.21 -17.66
CA LEU B 124 38.00 53.41 -17.29
C LEU B 124 39.17 53.64 -18.24
N HIS B 125 40.37 53.77 -17.67
CA HIS B 125 41.57 53.94 -18.47
C HIS B 125 42.25 52.59 -18.71
N ILE B 126 42.83 52.42 -19.90
CA ILE B 126 43.39 51.13 -20.31
C ILE B 126 44.50 50.62 -19.39
N ASP B 127 45.18 51.51 -18.67
CA ASP B 127 46.27 51.08 -17.80
C ASP B 127 45.80 50.91 -16.38
N HIS B 128 44.49 51.07 -16.17
CA HIS B 128 43.91 50.92 -14.84
C HIS B 128 42.56 50.20 -14.91
N LEU B 129 42.57 49.00 -15.46
CA LEU B 129 41.39 48.14 -15.51
C LEU B 129 41.30 47.32 -14.23
N PRO B 130 40.08 46.93 -13.84
CA PRO B 130 39.94 46.12 -12.62
C PRO B 130 40.28 44.65 -12.84
N ASN B 131 41.42 44.23 -12.28
CA ASN B 131 41.81 42.83 -12.37
C ASN B 131 41.76 42.16 -11.03
N PHE B 132 41.55 40.84 -11.04
CA PHE B 132 41.40 40.07 -9.83
C PHE B 132 42.24 38.81 -9.90
N ASP B 133 42.79 38.39 -8.76
CA ASP B 133 43.33 37.04 -8.71
C ASP B 133 42.20 36.16 -8.23
N ALA B 134 42.44 34.86 -8.16
CA ALA B 134 41.46 33.97 -7.56
C ALA B 134 42.13 32.71 -7.10
N ARG B 135 41.80 32.27 -5.90
CA ARG B 135 42.36 31.03 -5.39
C ARG B 135 41.25 30.15 -4.84
N ALA B 136 41.47 28.85 -4.91
CA ALA B 136 40.57 27.86 -4.37
C ALA B 136 41.16 27.28 -3.10
N VAL B 137 40.32 27.14 -2.08
CA VAL B 137 40.77 26.50 -0.85
C VAL B 137 39.76 25.44 -0.43
N LEU B 138 40.27 24.29 -0.01
CA LEU B 138 39.42 23.18 0.43
C LEU B 138 39.30 23.16 1.95
N TYR B 139 38.09 22.92 2.44
CA TYR B 139 37.87 22.76 3.88
C TYR B 139 36.99 21.53 4.08
N PRO B 140 37.48 20.55 4.83
CA PRO B 140 36.84 19.23 4.96
C PRO B 140 35.69 19.21 5.96
N ASP B 141 35.53 20.29 6.70
CA ASP B 141 34.51 20.35 7.73
C ASP B 141 33.90 21.73 7.79
N PHE B 142 32.60 21.77 8.03
CA PHE B 142 31.89 23.03 8.03
C PHE B 142 32.34 23.95 9.16
N LYS B 143 32.89 23.39 10.22
CA LYS B 143 33.38 24.25 11.30
C LYS B 143 34.50 25.15 10.79
N HIS B 144 35.22 24.70 9.77
CA HIS B 144 36.27 25.50 9.18
C HIS B 144 35.69 26.59 8.30
N ILE B 145 34.52 26.35 7.72
CA ILE B 145 33.83 27.36 6.93
C ILE B 145 33.34 28.52 7.77
N ARG B 146 32.74 28.21 8.90
CA ARG B 146 32.35 29.22 9.88
C ARG B 146 33.55 30.04 10.32
N ASN B 147 34.62 29.36 10.69
CA ASN B 147 35.83 30.05 11.14
C ASN B 147 36.47 30.86 10.03
N TYR B 148 36.32 30.42 8.78
CA TYR B 148 36.87 31.18 7.67
C TYR B 148 36.18 32.54 7.55
N PHE B 149 34.85 32.52 7.55
CA PHE B 149 34.08 33.74 7.40
C PHE B 149 34.16 34.63 8.63
N SER B 150 34.26 34.02 9.81
CA SER B 150 34.57 34.78 11.02
C SER B 150 35.89 35.50 10.85
N TRP B 151 36.89 34.80 10.34
CA TRP B 151 38.21 35.38 10.08
C TRP B 151 38.12 36.61 9.17
N ARG B 152 37.34 36.53 8.10
CA ARG B 152 37.28 37.64 7.13
C ARG B 152 36.51 38.86 7.67
N GLN B 153 35.48 38.62 8.48
CA GLN B 153 34.66 39.69 9.03
C GLN B 153 35.41 40.42 10.14
N VAL B 154 36.17 39.66 10.94
CA VAL B 154 37.03 40.25 11.95
C VAL B 154 38.07 41.14 11.28
N ASP B 155 38.58 40.69 10.14
CA ASP B 155 39.55 41.48 9.40
C ASP B 155 38.88 42.74 8.87
N CYS B 156 37.59 42.63 8.55
CA CYS B 156 36.80 43.79 8.10
C CYS B 156 36.66 44.82 9.21
N HIS B 157 36.37 44.34 10.42
CA HIS B 157 36.24 45.21 11.59
C HIS B 157 37.53 45.96 11.87
N ILE B 158 38.62 45.20 11.99
CA ILE B 158 39.93 45.76 12.30
C ILE B 158 40.38 46.79 11.25
N ASN B 159 40.22 46.44 9.97
CA ASN B 159 40.68 47.32 8.91
C ASN B 159 39.80 48.56 8.73
N ASN B 160 38.50 48.43 8.94
CA ASN B 160 37.62 49.58 8.77
C ASN B 160 37.86 50.58 9.90
N LEU B 161 38.10 50.05 11.10
CA LEU B 161 38.42 50.86 12.26
C LEU B 161 39.71 51.64 12.05
N TYR B 162 40.73 50.96 11.53
CA TYR B 162 42.03 51.59 11.29
C TYR B 162 41.90 52.71 10.26
N ASN B 163 41.26 52.40 9.13
CA ASN B 163 41.08 53.38 8.06
C ASN B 163 40.14 54.52 8.44
N THR B 164 39.12 54.23 9.23
CA THR B 164 38.22 55.29 9.66
C THR B 164 38.98 56.21 10.61
N THR B 165 39.74 55.62 11.53
CA THR B 165 40.55 56.43 12.45
C THR B 165 41.63 57.19 11.68
N PHE B 166 42.34 56.47 10.81
CA PHE B 166 43.43 57.05 10.03
C PHE B 166 42.99 58.25 9.19
N TRP B 167 41.92 58.06 8.43
CA TRP B 167 41.47 59.04 7.45
C TRP B 167 40.74 60.22 8.10
N ASN B 168 40.16 60.01 9.27
CA ASN B 168 39.59 61.13 10.02
C ASN B 168 40.68 61.98 10.69
N LEU B 169 41.78 61.34 11.11
CA LEU B 169 42.95 62.07 11.61
C LEU B 169 43.58 63.02 10.58
N VAL B 170 43.64 62.59 9.32
CA VAL B 170 44.22 63.42 8.26
C VAL B 170 43.27 64.55 7.86
N LEU B 171 41.98 64.26 7.70
CA LEU B 171 41.05 65.26 7.18
C LEU B 171 40.54 66.22 8.25
N LYS B 172 40.21 65.70 9.43
CA LYS B 172 39.77 66.56 10.54
C LYS B 172 40.92 67.23 11.30
N LEU B 173 41.91 66.45 11.70
CA LEU B 173 43.03 66.99 12.48
C LEU B 173 44.19 67.48 11.62
N LYS B 174 43.99 67.43 10.31
CA LYS B 174 44.93 67.91 9.30
C LYS B 174 46.34 67.31 9.43
N MET B 175 46.43 66.08 9.93
CA MET B 175 47.70 65.36 9.94
C MET B 175 48.14 64.87 8.56
N THR B 176 49.45 64.75 8.38
CA THR B 176 50.02 64.08 7.21
C THR B 176 49.85 62.57 7.34
N PRO B 177 49.92 61.84 6.22
CA PRO B 177 49.92 60.37 6.26
C PRO B 177 50.91 59.77 7.27
N GLN B 178 52.14 60.25 7.30
CA GLN B 178 53.13 59.69 8.23
C GLN B 178 52.74 59.97 9.69
N GLN B 179 52.18 61.14 9.95
CA GLN B 179 51.84 61.50 11.32
C GLN B 179 50.62 60.75 11.85
N ALA B 180 49.64 60.51 10.99
CA ALA B 180 48.50 59.68 11.38
C ALA B 180 48.92 58.24 11.65
N GLU B 181 49.79 57.72 10.78
CA GLU B 181 50.24 56.35 10.91
C GLU B 181 51.08 56.23 12.17
N GLN B 182 51.94 57.22 12.39
CA GLN B 182 52.80 57.26 13.58
C GLN B 182 52.00 57.37 14.85
N ARG B 183 50.90 58.13 14.79
CA ARG B 183 50.01 58.27 15.93
C ARG B 183 49.37 56.93 16.25
N LEU B 184 49.16 56.12 15.22
CA LEU B 184 48.43 54.88 15.40
C LEU B 184 49.37 53.71 15.70
N MET B 185 50.68 53.88 15.47
CA MET B 185 51.59 52.79 15.79
C MET B 185 51.45 52.44 17.27
N GLY B 186 51.17 51.18 17.60
CA GLY B 186 51.09 50.83 19.01
C GLY B 186 49.69 50.92 19.58
N THR B 187 48.67 51.04 18.73
CA THR B 187 47.32 51.24 19.21
C THR B 187 46.34 50.10 19.00
N VAL B 188 45.48 49.88 19.99
CA VAL B 188 44.40 48.91 19.86
C VAL B 188 43.04 49.55 19.61
N ALA B 189 42.03 48.70 19.45
CA ALA B 189 40.69 49.14 19.04
C ALA B 189 40.05 50.16 19.97
N SER B 190 40.17 49.94 21.28
CA SER B 190 39.58 50.86 22.25
C SER B 190 40.27 52.21 22.20
N ASP B 191 41.57 52.16 21.95
CA ASP B 191 42.37 53.37 21.80
C ASP B 191 41.93 54.14 20.57
N LYS B 192 41.77 53.42 19.45
CA LYS B 192 41.35 54.02 18.20
C LYS B 192 39.95 54.59 18.30
N ASN B 193 39.10 53.84 18.99
CA ASN B 193 37.73 54.24 19.26
C ASN B 193 37.65 55.53 20.07
N GLU B 194 38.50 55.67 21.08
CA GLU B 194 38.54 56.88 21.88
C GLU B 194 39.06 58.09 21.10
N ILE B 195 40.09 57.88 20.28
CA ILE B 195 40.61 58.97 19.44
C ILE B 195 39.52 59.49 18.51
N LEU B 196 38.74 58.58 17.93
CA LEU B 196 37.62 58.94 17.07
C LEU B 196 36.57 59.76 17.79
N PHE B 197 36.20 59.32 18.99
CA PHE B 197 35.15 59.96 19.77
C PHE B 197 35.58 61.30 20.35
N LYS B 198 36.63 61.25 21.16
CA LYS B 198 37.11 62.39 21.92
C LYS B 198 37.82 63.48 21.10
N GLU B 199 38.59 63.10 20.09
CA GLU B 199 39.35 64.09 19.33
C GLU B 199 38.72 64.48 17.99
N CYS B 200 38.07 63.53 17.34
CA CYS B 200 37.54 63.79 15.99
C CYS B 200 36.03 64.03 16.01
N GLY B 201 35.40 63.74 17.14
CA GLY B 201 33.95 63.88 17.27
C GLY B 201 33.19 62.91 16.40
N VAL B 202 33.75 61.71 16.22
CA VAL B 202 33.07 60.67 15.45
C VAL B 202 32.78 59.41 16.27
N ASN B 203 31.51 59.00 16.26
CA ASN B 203 31.06 57.76 16.88
C ASN B 203 31.10 56.59 15.90
N TYR B 204 32.04 55.67 16.12
CA TYR B 204 32.28 54.58 15.19
C TYR B 204 31.02 53.72 15.05
N ASN B 205 30.32 53.52 16.16
CA ASN B 205 29.10 52.70 16.16
C ASN B 205 28.04 53.26 15.22
N ASN B 206 28.14 54.55 14.91
CA ASN B 206 27.19 55.20 14.00
C ASN B 206 27.59 55.06 12.53
N GLU B 207 28.76 54.47 12.28
CA GLU B 207 29.15 54.15 10.92
C GLU B 207 28.15 53.20 10.29
N SER B 208 28.00 53.26 8.96
CA SER B 208 27.16 52.35 8.20
C SER B 208 27.41 50.90 8.60
N GLU B 209 26.35 50.11 8.70
CA GLU B 209 26.46 48.70 9.04
C GLU B 209 27.30 47.93 8.02
N MET B 210 27.19 48.32 6.74
CA MET B 210 27.99 47.73 5.69
C MET B 210 29.50 47.92 5.92
N TYR B 211 29.90 49.12 6.32
CA TYR B 211 31.31 49.42 6.56
C TYR B 211 31.89 48.65 7.73
N LYS B 212 31.09 48.47 8.77
CA LYS B 212 31.52 47.83 10.01
C LYS B 212 31.56 46.32 9.86
N LYS B 213 30.58 45.78 9.16
CA LYS B 213 30.33 44.34 9.13
C LYS B 213 30.71 43.72 7.78
N GLY B 214 30.75 44.54 6.73
CA GLY B 214 30.96 44.04 5.38
C GLY B 214 29.67 43.61 4.72
N THR B 215 29.76 42.80 3.66
CA THR B 215 28.57 42.41 2.93
C THR B 215 28.44 40.89 2.76
N ILE B 216 27.29 40.37 3.18
CA ILE B 216 26.96 38.96 3.00
C ILE B 216 25.88 38.75 1.96
N ILE B 217 26.16 37.93 0.94
CA ILE B 217 25.12 37.54 0.01
C ILE B 217 24.82 36.06 0.20
N VAL B 218 23.59 35.72 0.54
CA VAL B 218 23.26 34.33 0.82
C VAL B 218 22.02 33.87 0.03
N ARG B 219 22.07 32.62 -0.43
CA ARG B 219 20.93 31.98 -1.09
C ARG B 219 19.92 31.51 -0.05
N GLU B 220 18.68 31.95 -0.18
CA GLU B 220 17.62 31.61 0.77
C GLU B 220 16.63 30.59 0.22
N PHE B 221 16.36 29.55 1.01
CA PHE B 221 15.33 28.55 0.69
C PHE B 221 14.18 28.60 1.70
N GLU B 222 12.95 28.38 1.24
CA GLU B 222 11.83 28.49 2.17
C GLU B 222 11.40 27.14 2.76
N ASN B 223 11.06 26.17 1.93
CA ASN B 223 10.63 24.88 2.46
C ASN B 223 11.74 23.85 2.35
N TYR B 224 12.85 24.11 3.04
CA TYR B 224 14.00 23.25 2.91
C TYR B 224 13.89 22.05 3.83
N GLU B 225 14.14 20.87 3.28
CA GLU B 225 14.35 19.69 4.10
C GLU B 225 15.65 19.06 3.64
N THR B 226 16.39 18.48 4.58
CA THR B 226 17.71 17.96 4.29
C THR B 226 17.62 16.70 3.41
N GLU B 227 16.88 16.84 2.32
CA GLU B 227 16.60 15.74 1.40
C GLU B 227 17.86 15.37 0.64
N ASP B 228 18.85 16.26 0.67
CA ASP B 228 20.05 16.06 -0.11
C ASP B 228 20.89 14.92 0.45
N GLU B 229 20.97 13.85 -0.33
CA GLU B 229 21.72 12.66 0.01
C GLU B 229 22.18 11.96 -1.26
N ALA B 230 23.17 11.09 -1.14
CA ALA B 230 23.69 10.33 -2.27
C ALA B 230 22.67 9.34 -2.83
N GLU B 231 21.75 8.90 -1.98
CA GLU B 231 20.80 7.85 -2.34
C GLU B 231 19.89 8.17 -3.53
N LEU B 232 19.13 9.26 -3.45
CA LEU B 232 18.24 9.67 -4.54
C LEU B 232 19.00 10.30 -5.72
N SER B 233 18.54 10.00 -6.94
CA SER B 233 19.23 10.45 -8.15
C SER B 233 18.26 10.60 -9.33
N LYS B 234 18.83 10.83 -10.52
CA LYS B 234 18.10 11.00 -11.78
C LYS B 234 17.29 12.30 -11.78
N ARG B 235 15.97 12.17 -11.84
CA ARG B 235 15.06 13.33 -11.86
C ARG B 235 15.06 14.07 -10.52
N GLN B 236 15.36 13.34 -9.45
CA GLN B 236 15.40 13.90 -8.11
C GLN B 236 16.42 15.04 -7.99
N VAL B 237 17.65 14.79 -8.46
CA VAL B 237 18.74 15.77 -8.38
C VAL B 237 18.56 17.00 -9.27
N GLN B 238 18.17 16.78 -10.52
CA GLN B 238 18.02 17.85 -11.50
C GLN B 238 16.89 18.82 -11.12
N ARG B 239 15.90 18.29 -10.40
CA ARG B 239 14.79 19.10 -9.91
C ARG B 239 15.25 20.00 -8.75
N LEU B 240 16.11 19.48 -7.89
CA LEU B 240 16.71 20.27 -6.80
C LEU B 240 17.67 21.32 -7.35
N GLU B 241 18.34 20.97 -8.44
CA GLU B 241 19.25 21.87 -9.14
C GLU B 241 18.46 23.04 -9.70
N LYS B 242 17.23 22.75 -10.13
CA LYS B 242 16.32 23.74 -10.68
C LYS B 242 15.84 24.69 -9.58
N LYS B 243 15.54 24.14 -8.41
CA LYS B 243 15.17 24.94 -7.25
C LYS B 243 16.30 25.80 -6.72
N ARG B 244 17.52 25.30 -6.80
CA ARG B 244 18.69 26.08 -6.36
C ARG B 244 18.91 27.32 -7.24
N LYS B 245 18.73 27.19 -8.55
CA LYS B 245 18.79 28.36 -9.43
C LYS B 245 17.64 29.31 -9.14
N LYS B 246 16.47 28.77 -8.82
CA LYS B 246 15.29 29.60 -8.57
C LYS B 246 15.08 29.78 -7.05
N ALA B 247 16.16 30.17 -6.39
CA ALA B 247 16.20 30.47 -4.97
C ALA B 247 16.56 31.94 -4.88
N GLU B 248 16.38 32.58 -3.73
CA GLU B 248 16.56 34.03 -3.72
C GLU B 248 17.83 34.45 -3.00
N LEU B 249 18.50 35.45 -3.56
CA LEU B 249 19.70 36.03 -2.96
C LEU B 249 19.34 37.27 -2.19
N LYS B 250 19.59 37.24 -0.90
CA LYS B 250 19.36 38.36 -0.02
C LYS B 250 20.69 38.86 0.54
N ILE B 251 20.79 40.17 0.71
CA ILE B 251 22.02 40.81 1.16
C ILE B 251 21.88 41.25 2.61
N TYR B 252 22.90 40.97 3.43
CA TYR B 252 22.89 41.33 4.83
C TYR B 252 24.18 42.02 5.23
N HIS B 253 24.11 42.87 6.25
CA HIS B 253 25.29 43.48 6.85
C HIS B 253 25.25 43.24 8.35
N VAL B 254 25.39 41.98 8.74
CA VAL B 254 25.21 41.58 10.13
C VAL B 254 26.41 40.77 10.61
N ASP B 255 26.56 40.66 11.92
CA ASP B 255 27.55 39.75 12.48
C ASP B 255 27.19 38.31 12.14
N ILE B 256 28.19 37.56 11.68
CA ILE B 256 28.02 36.12 11.48
C ILE B 256 29.02 35.34 12.31
N ILE B 257 29.86 36.09 13.02
CA ILE B 257 30.89 35.50 13.87
C ILE B 257 30.30 34.79 15.08
N ASN B 258 29.41 35.48 15.80
CA ASN B 258 28.91 35.00 17.08
C ASN B 258 27.45 34.57 17.04
N ASP B 259 26.78 34.84 15.92
CA ASP B 259 25.37 34.47 15.78
C ASP B 259 25.14 33.07 15.23
N ASP B 260 25.18 32.06 16.11
CA ASP B 260 24.98 30.68 15.69
C ASP B 260 23.62 30.43 15.06
N SER B 261 22.60 31.14 15.55
CA SER B 261 21.25 30.95 15.04
C SER B 261 21.13 31.39 13.57
N TRP B 262 21.94 32.37 13.17
CA TRP B 262 22.01 32.80 11.78
C TRP B 262 22.38 31.66 10.85
N TRP B 263 23.37 30.88 11.27
CA TRP B 263 23.86 29.75 10.50
C TRP B 263 22.90 28.57 10.63
N LYS B 264 22.48 28.30 11.87
CA LYS B 264 21.62 27.15 12.16
C LYS B 264 20.32 27.21 11.37
N SER B 265 19.79 28.41 11.17
CA SER B 265 18.54 28.55 10.43
C SER B 265 18.78 28.51 8.92
N ARG B 266 20.03 28.28 8.53
CA ARG B 266 20.40 28.18 7.11
C ARG B 266 21.15 26.87 6.82
N PRO B 267 20.48 25.73 7.04
CA PRO B 267 21.12 24.41 6.94
C PRO B 267 21.65 24.07 5.54
N TRP B 268 21.17 24.74 4.51
CA TRP B 268 21.62 24.47 3.15
C TRP B 268 23.07 24.89 2.94
N LEU B 269 23.57 25.71 3.85
CA LEU B 269 24.97 26.14 3.87
C LEU B 269 25.89 24.97 4.19
N LYS B 270 25.38 24.06 5.00
CA LYS B 270 26.08 22.86 5.45
C LYS B 270 26.04 21.75 4.41
N ASP B 271 25.03 21.75 3.54
CA ASP B 271 24.75 20.60 2.68
C ASP B 271 24.56 21.02 1.23
N SER C 7 27.97 -2.17 -7.04
CA SER C 7 28.35 -1.93 -5.66
C SER C 7 28.20 -0.46 -5.28
N LYS C 8 27.61 -0.21 -4.12
CA LYS C 8 27.34 1.14 -3.63
C LYS C 8 28.51 1.73 -2.85
N TYR C 9 29.57 0.95 -2.63
CA TYR C 9 30.66 1.46 -1.80
C TYR C 9 31.91 1.76 -2.61
N GLU C 10 31.95 1.32 -3.87
CA GLU C 10 33.17 1.40 -4.67
C GLU C 10 33.49 2.82 -5.17
N TYR C 11 32.56 3.75 -4.97
CA TYR C 11 32.75 5.15 -5.32
C TYR C 11 33.96 5.79 -4.62
N VAL C 12 34.35 5.22 -3.48
CA VAL C 12 35.46 5.75 -2.67
C VAL C 12 36.81 5.73 -3.39
N LYS C 13 36.89 5.00 -4.49
CA LYS C 13 38.10 4.97 -5.31
C LYS C 13 38.37 6.34 -5.95
N LEU C 14 37.31 7.13 -6.15
CA LEU C 14 37.40 8.42 -6.83
C LEU C 14 38.10 9.51 -6.02
N PHE C 15 38.40 9.25 -4.75
CA PHE C 15 39.08 10.26 -3.95
C PHE C 15 40.59 10.17 -4.14
N GLU C 16 41.05 9.12 -4.83
CA GLU C 16 42.48 8.97 -5.08
C GLU C 16 42.96 9.99 -6.10
N LYS C 17 44.18 10.47 -5.89
CA LYS C 17 44.78 11.44 -6.79
C LYS C 17 46.16 10.93 -7.22
N GLU C 18 46.31 10.67 -8.52
CA GLU C 18 47.62 10.28 -9.04
C GLU C 18 48.41 11.49 -9.42
N ASN C 19 49.73 11.38 -9.31
CA ASN C 19 50.60 12.43 -9.78
C ASN C 19 51.55 11.92 -10.87
N TYR C 20 51.21 12.26 -12.12
CA TYR C 20 52.04 11.91 -13.27
C TYR C 20 53.15 12.91 -13.54
N LEU C 21 54.38 12.45 -13.38
CA LEU C 21 55.55 13.31 -13.47
C LEU C 21 55.73 13.81 -14.92
N LEU C 22 56.00 15.12 -15.06
CA LEU C 22 56.22 15.79 -16.34
C LEU C 22 57.03 14.98 -17.36
N PRO C 23 56.46 14.75 -18.55
CA PRO C 23 57.14 13.96 -19.60
C PRO C 23 58.47 14.59 -20.02
N ASP C 24 59.38 13.78 -20.54
CA ASP C 24 60.62 14.27 -21.15
C ASP C 24 61.46 15.07 -20.16
N THR C 25 61.38 14.70 -18.89
CA THR C 25 62.21 15.36 -17.90
C THR C 25 63.03 14.32 -17.14
N TYR C 26 64.24 14.71 -16.74
CA TYR C 26 65.08 13.81 -15.97
C TYR C 26 64.48 13.55 -14.61
N ILE C 27 64.48 12.30 -14.20
CA ILE C 27 64.03 11.99 -12.85
C ILE C 27 65.21 11.52 -12.02
N ILE C 28 65.38 12.17 -10.87
CA ILE C 28 66.31 11.68 -9.86
C ILE C 28 65.49 11.09 -8.74
N ILE C 29 65.84 9.87 -8.34
CA ILE C 29 65.27 9.32 -7.11
C ILE C 29 66.34 9.20 -6.05
N ARG C 30 66.10 9.84 -4.91
CA ARG C 30 67.04 9.75 -3.80
C ARG C 30 66.38 8.98 -2.67
N VAL C 31 67.10 7.98 -2.19
CA VAL C 31 66.67 7.23 -1.04
C VAL C 31 67.65 7.53 0.06
N ASP C 32 67.13 7.58 1.28
CA ASP C 32 67.96 7.86 2.45
C ASP C 32 67.52 7.04 3.64
N GLY C 33 68.49 6.42 4.30
CA GLY C 33 68.23 5.56 5.44
C GLY C 33 67.50 6.25 6.57
N LYS C 34 66.47 5.61 7.10
CA LYS C 34 65.73 6.20 8.19
C LYS C 34 66.42 5.94 9.53
N GLY C 35 66.82 7.02 10.20
CA GLY C 35 67.45 6.90 11.50
C GLY C 35 68.70 6.06 11.47
N PHE C 36 69.53 6.25 10.46
CA PHE C 36 70.75 5.45 10.34
C PHE C 36 71.89 5.83 11.26
N HIS C 37 71.77 6.95 11.96
CA HIS C 37 72.72 7.24 13.03
C HIS C 37 72.54 6.18 14.13
N LYS C 38 71.30 6.07 14.62
CA LYS C 38 70.95 5.06 15.62
C LYS C 38 71.20 3.64 15.10
N PHE C 39 70.89 3.40 13.83
CA PHE C 39 71.08 2.09 13.23
C PHE C 39 72.55 1.67 13.24
N SER C 40 73.43 2.59 12.89
CA SER C 40 74.87 2.31 12.86
C SER C 40 75.49 2.15 14.23
N GLN C 41 74.87 2.75 15.24
CA GLN C 41 75.31 2.55 16.62
C GLN C 41 74.89 1.18 17.11
N PHE C 42 73.62 0.83 16.90
CA PHE C 42 73.08 -0.43 17.39
C PHE C 42 73.86 -1.63 16.85
N TYR C 43 74.26 -1.56 15.58
CA TYR C 43 74.97 -2.68 14.98
C TYR C 43 76.48 -2.46 14.98
N GLU C 44 76.89 -1.45 15.74
CA GLU C 44 78.31 -1.18 15.99
C GLU C 44 79.14 -1.06 14.72
N PHE C 45 78.73 -0.20 13.80
CA PHE C 45 79.52 0.10 12.61
C PHE C 45 80.93 0.55 13.02
N GLU C 46 81.93 0.17 12.24
CA GLU C 46 83.26 0.76 12.33
C GLU C 46 83.26 2.25 11.97
N LYS C 47 84.14 3.01 12.62
CA LYS C 47 84.26 4.46 12.39
C LYS C 47 85.67 4.88 11.94
N PRO C 48 85.77 5.88 11.05
CA PRO C 48 84.68 6.65 10.43
C PRO C 48 83.88 5.87 9.38
N ASN C 49 84.54 4.96 8.67
CA ASN C 49 83.85 4.22 7.62
C ASN C 49 83.88 2.72 7.90
N ASP C 50 82.71 2.08 7.80
CA ASP C 50 82.59 0.63 7.90
C ASP C 50 82.56 0.01 6.51
N LEU C 51 83.62 -0.72 6.15
CA LEU C 51 83.75 -1.24 4.80
C LEU C 51 82.60 -2.15 4.38
N LYS C 52 82.22 -3.09 5.25
CA LYS C 52 81.19 -4.05 4.89
C LYS C 52 79.80 -3.45 4.82
N ALA C 53 79.53 -2.48 5.69
CA ALA C 53 78.25 -1.77 5.66
C ALA C 53 78.04 -0.98 4.39
N LEU C 54 79.10 -0.35 3.90
CA LEU C 54 79.04 0.34 2.61
C LEU C 54 78.86 -0.62 1.44
N GLN C 55 79.41 -1.83 1.59
CA GLN C 55 79.31 -2.84 0.54
C GLN C 55 77.90 -3.42 0.46
N VAL C 56 77.22 -3.49 1.61
CA VAL C 56 75.80 -3.85 1.67
C VAL C 56 74.98 -2.83 0.89
N MET C 57 75.27 -1.54 1.12
CA MET C 57 74.61 -0.47 0.40
C MET C 57 74.88 -0.58 -1.10
N ASN C 58 76.14 -0.82 -1.46
CA ASN C 58 76.52 -0.88 -2.86
C ASN C 58 75.90 -2.06 -3.61
N SER C 59 75.77 -3.19 -2.92
CA SER C 59 75.14 -4.37 -3.49
C SER C 59 73.67 -4.16 -3.75
N ALA C 60 72.99 -3.56 -2.78
CA ALA C 60 71.59 -3.21 -2.89
C ALA C 60 71.38 -2.33 -4.10
N ALA C 61 72.16 -1.26 -4.18
CA ALA C 61 72.02 -0.33 -5.29
C ALA C 61 72.35 -0.98 -6.63
N GLU C 62 73.40 -1.80 -6.66
CA GLU C 62 73.76 -2.49 -7.90
C GLU C 62 72.70 -3.52 -8.31
N LYS C 63 72.15 -4.22 -7.32
CA LYS C 63 71.08 -5.20 -7.55
C LYS C 63 69.81 -4.54 -8.07
N LEU C 64 69.44 -3.43 -7.44
CA LEU C 64 68.27 -2.66 -7.84
C LEU C 64 68.40 -2.18 -9.28
N MET C 65 69.58 -1.67 -9.59
CA MET C 65 69.87 -1.07 -10.88
C MET C 65 69.87 -2.09 -12.02
N SER C 66 70.22 -3.33 -11.71
CA SER C 66 70.27 -4.39 -12.73
C SER C 66 68.90 -4.95 -13.12
N LYS C 67 67.92 -4.74 -12.27
CA LYS C 67 66.55 -5.20 -12.54
C LYS C 67 65.77 -4.14 -13.33
N TYR C 68 66.12 -2.87 -13.16
CA TYR C 68 65.40 -1.77 -13.82
C TYR C 68 66.31 -0.95 -14.71
N SER C 69 66.22 -1.25 -16.01
CA SER C 69 67.06 -0.67 -17.05
C SER C 69 66.88 0.82 -17.33
N ASP C 70 65.82 1.42 -16.80
CA ASP C 70 65.65 2.86 -16.96
C ASP C 70 66.61 3.66 -16.09
N VAL C 71 67.15 3.02 -15.07
CA VAL C 71 68.15 3.63 -14.20
C VAL C 71 69.49 3.66 -14.92
N MET C 72 69.99 4.85 -15.21
CA MET C 72 71.19 5.00 -16.04
C MET C 72 72.44 5.21 -15.20
N LEU C 73 72.25 5.70 -13.98
CA LEU C 73 73.35 6.09 -13.11
C LEU C 73 72.90 6.11 -11.66
N ALA C 74 73.78 5.64 -10.77
CA ALA C 74 73.52 5.70 -9.34
C ALA C 74 74.73 6.19 -8.56
N TYR C 75 74.48 7.00 -7.54
CA TYR C 75 75.53 7.50 -6.65
C TYR C 75 75.18 7.32 -5.18
N GLY C 76 76.11 6.75 -4.42
CA GLY C 76 75.83 6.53 -3.02
C GLY C 76 76.99 6.93 -2.13
N ASP C 77 76.64 7.32 -0.90
CA ASP C 77 77.57 7.52 0.19
C ASP C 77 76.75 7.57 1.48
N SER C 78 77.37 7.28 2.61
CA SER C 78 76.64 7.31 3.87
C SER C 78 75.39 6.45 3.79
N ASP C 79 74.25 7.00 4.17
CA ASP C 79 73.03 6.23 4.14
C ASP C 79 72.14 6.63 2.98
N GLU C 80 72.74 7.13 1.90
CA GLU C 80 71.97 7.58 0.75
C GLU C 80 72.39 6.95 -0.57
N TYR C 81 71.44 6.85 -1.48
CA TYR C 81 71.73 6.51 -2.85
C TYR C 81 70.82 7.34 -3.72
N SER C 82 71.35 7.87 -4.82
CA SER C 82 70.55 8.63 -5.77
C SER C 82 70.55 7.89 -7.08
N PHE C 83 69.37 7.76 -7.68
CA PHE C 83 69.24 7.06 -8.94
C PHE C 83 68.75 8.01 -10.02
N LEU C 84 69.49 8.04 -11.13
CA LEU C 84 69.10 8.79 -12.30
C LEU C 84 68.29 7.95 -13.27
N LEU C 85 67.06 8.39 -13.53
CA LEU C 85 66.22 7.75 -14.53
C LEU C 85 66.35 8.52 -15.85
N ARG C 86 66.51 7.77 -16.93
CA ARG C 86 66.68 8.37 -18.24
C ARG C 86 65.44 9.19 -18.56
N LYS C 87 65.62 10.24 -19.37
CA LYS C 87 64.62 11.27 -19.53
C LYS C 87 63.33 10.76 -20.17
N ASN C 88 63.43 9.69 -20.95
CA ASN C 88 62.26 9.12 -21.61
C ASN C 88 61.70 7.89 -20.91
N CYS C 89 62.07 7.72 -19.65
CA CYS C 89 61.56 6.64 -18.81
C CYS C 89 60.04 6.57 -18.72
N GLN C 90 59.49 5.38 -18.94
CA GLN C 90 58.04 5.20 -18.85
C GLN C 90 57.63 4.19 -17.77
N LEU C 91 58.54 3.88 -16.87
CA LEU C 91 58.27 3.00 -15.72
C LEU C 91 57.06 3.44 -14.90
N TYR C 92 56.06 2.56 -14.80
CA TYR C 92 54.79 2.83 -14.13
C TYR C 92 54.08 4.11 -14.61
N GLU C 93 54.22 4.39 -15.91
CA GLU C 93 53.65 5.59 -16.53
C GLU C 93 54.08 6.85 -15.82
N ARG C 94 55.30 6.82 -15.29
CA ARG C 94 55.87 7.96 -14.58
C ARG C 94 55.05 8.40 -13.38
N ARG C 95 54.31 7.47 -12.78
CA ARG C 95 53.56 7.78 -11.57
C ARG C 95 54.51 7.91 -10.38
N GLU C 96 54.48 9.07 -9.72
CA GLU C 96 55.41 9.37 -8.65
C GLU C 96 55.25 8.40 -7.49
N MET C 97 54.00 8.10 -7.14
CA MET C 97 53.70 7.18 -6.06
C MET C 97 54.28 5.78 -6.27
N LYS C 98 54.11 5.25 -7.47
CA LYS C 98 54.63 3.93 -7.78
C LYS C 98 56.15 3.94 -7.77
N LEU C 99 56.75 4.93 -8.43
CA LEU C 99 58.21 5.00 -8.55
C LEU C 99 58.90 5.12 -7.19
N THR C 100 58.38 5.97 -6.31
CA THR C 100 59.07 6.21 -5.05
C THR C 100 58.85 5.06 -4.06
N THR C 101 57.64 4.53 -3.98
CA THR C 101 57.37 3.50 -2.98
C THR C 101 57.97 2.17 -3.44
N LEU C 102 58.19 2.02 -4.75
CA LEU C 102 58.87 0.83 -5.27
C LEU C 102 60.34 0.88 -4.88
N PHE C 103 60.94 2.05 -5.06
CA PHE C 103 62.35 2.26 -4.75
C PHE C 103 62.67 2.18 -3.27
N SER C 104 61.79 2.73 -2.43
CA SER C 104 62.02 2.65 -1.00
C SER C 104 61.86 1.22 -0.51
N SER C 105 60.92 0.49 -1.08
CA SER C 105 60.71 -0.90 -0.72
C SER C 105 61.87 -1.78 -1.16
N LEU C 106 62.30 -1.59 -2.41
CA LEU C 106 63.42 -2.33 -3.00
C LEU C 106 64.73 -2.10 -2.27
N MET C 107 65.06 -0.84 -2.02
CA MET C 107 66.31 -0.56 -1.34
C MET C 107 66.30 -1.15 0.06
N SER C 108 65.15 -1.07 0.73
CA SER C 108 65.02 -1.61 2.08
C SER C 108 65.24 -3.13 2.13
N THR C 109 64.60 -3.86 1.21
CA THR C 109 64.69 -5.31 1.22
C THR C 109 66.02 -5.82 0.69
N TYR C 110 66.55 -5.17 -0.34
CA TYR C 110 67.87 -5.52 -0.85
C TYR C 110 68.93 -5.31 0.22
N TYR C 111 68.77 -4.23 0.99
CA TYR C 111 69.68 -3.96 2.09
C TYR C 111 69.57 -5.06 3.14
N MET C 112 68.34 -5.41 3.50
CA MET C 112 68.11 -6.49 4.44
C MET C 112 68.68 -7.81 3.95
N TYR C 113 68.49 -8.10 2.66
CA TYR C 113 69.03 -9.33 2.08
C TYR C 113 70.55 -9.36 2.17
N PHE C 114 71.19 -8.31 1.68
CA PHE C 114 72.64 -8.24 1.61
C PHE C 114 73.25 -8.11 3.00
N TRP C 115 72.48 -7.58 3.95
CA TRP C 115 72.96 -7.49 5.32
C TRP C 115 73.23 -8.89 5.85
N SER C 116 72.31 -9.82 5.59
CA SER C 116 72.44 -11.20 6.07
C SER C 116 73.61 -11.93 5.42
N GLN C 117 74.04 -11.46 4.24
CA GLN C 117 75.23 -12.00 3.58
C GLN C 117 76.53 -11.51 4.22
N TYR C 118 76.64 -10.21 4.46
CA TYR C 118 77.89 -9.65 4.99
C TYR C 118 78.04 -9.74 6.51
N PHE C 119 76.92 -9.76 7.23
CA PHE C 119 77.00 -9.84 8.70
C PHE C 119 76.19 -10.98 9.31
N PRO C 120 76.56 -12.25 9.01
CA PRO C 120 75.80 -13.38 9.54
C PRO C 120 75.84 -13.37 11.06
N ASP C 121 76.88 -12.76 11.62
CA ASP C 121 77.06 -12.76 13.07
C ASP C 121 76.33 -11.60 13.72
N LYS C 122 75.74 -10.73 12.92
CA LYS C 122 74.96 -9.63 13.48
C LYS C 122 73.51 -9.71 13.00
N PRO C 123 72.75 -10.67 13.52
CA PRO C 123 71.36 -10.80 13.10
C PRO C 123 70.55 -9.54 13.42
N LEU C 124 69.63 -9.18 12.54
CA LEU C 124 68.84 -7.98 12.69
C LEU C 124 67.78 -8.06 13.79
N HIS C 125 67.66 -7.01 14.58
CA HIS C 125 66.63 -6.98 15.62
C HIS C 125 65.39 -6.33 15.02
N ILE C 126 64.21 -6.83 15.40
CA ILE C 126 62.96 -6.39 14.79
C ILE C 126 62.69 -4.90 14.99
N ASP C 127 63.30 -4.31 16.01
CA ASP C 127 63.09 -2.90 16.30
C ASP C 127 64.15 -2.04 15.64
N HIS C 128 65.04 -2.65 14.88
CA HIS C 128 66.07 -1.90 14.18
C HIS C 128 66.30 -2.47 12.79
N LEU C 129 65.25 -2.51 11.98
CA LEU C 129 65.36 -2.94 10.58
C LEU C 129 65.76 -1.77 9.69
N PRO C 130 66.42 -2.05 8.55
CA PRO C 130 66.83 -0.95 7.68
C PRO C 130 65.71 -0.44 6.78
N ASN C 131 65.24 0.77 7.07
CA ASN C 131 64.19 1.41 6.29
C ASN C 131 64.70 2.63 5.54
N PHE C 132 64.08 2.91 4.40
CA PHE C 132 64.48 4.03 3.57
C PHE C 132 63.27 4.86 3.17
N ASP C 133 63.44 6.17 3.07
CA ASP C 133 62.44 7.01 2.44
C ASP C 133 62.80 7.09 0.97
N ALA C 134 61.96 7.74 0.17
CA ALA C 134 62.31 7.97 -1.22
C ALA C 134 61.54 9.13 -1.80
N ARG C 135 62.25 9.97 -2.54
CA ARG C 135 61.62 11.13 -3.20
C ARG C 135 62.04 11.23 -4.66
N ALA C 136 61.12 11.71 -5.48
CA ALA C 136 61.41 11.96 -6.87
C ALA C 136 61.62 13.44 -7.09
N VAL C 137 62.66 13.78 -7.83
CA VAL C 137 62.91 15.16 -8.15
C VAL C 137 63.08 15.31 -9.65
N LEU C 138 62.44 16.32 -10.22
CA LEU C 138 62.52 16.58 -11.65
C LEU C 138 63.58 17.62 -12.02
N TYR C 139 64.33 17.36 -13.07
CA TYR C 139 65.29 18.32 -13.58
C TYR C 139 65.14 18.46 -15.10
N PRO C 140 64.84 19.68 -15.58
CA PRO C 140 64.49 19.91 -16.99
C PRO C 140 65.69 20.02 -17.94
N ASP C 141 66.89 20.11 -17.39
CA ASP C 141 68.09 20.31 -18.21
C ASP C 141 69.20 19.47 -17.60
N PHE C 142 70.02 18.86 -18.44
CA PHE C 142 71.06 17.95 -17.99
C PHE C 142 72.14 18.63 -17.13
N LYS C 143 72.31 19.94 -17.29
CA LYS C 143 73.25 20.68 -16.47
C LYS C 143 72.89 20.59 -14.99
N HIS C 144 71.61 20.38 -14.71
CA HIS C 144 71.18 20.23 -13.33
C HIS C 144 71.48 18.83 -12.81
N ILE C 145 71.50 17.85 -13.70
CA ILE C 145 71.87 16.49 -13.31
C ILE C 145 73.33 16.43 -12.91
N ARG C 146 74.19 17.04 -13.72
CA ARG C 146 75.61 17.17 -13.38
C ARG C 146 75.81 17.91 -12.07
N ASN C 147 75.13 19.05 -11.91
CA ASN C 147 75.27 19.82 -10.69
C ASN C 147 74.71 19.09 -9.48
N TYR C 148 73.69 18.25 -9.68
CA TYR C 148 73.13 17.47 -8.58
C TYR C 148 74.14 16.49 -8.03
N PHE C 149 74.77 15.73 -8.92
CA PHE C 149 75.74 14.73 -8.49
C PHE C 149 77.00 15.40 -7.99
N SER C 150 77.35 16.55 -8.56
CA SER C 150 78.42 17.36 -8.02
C SER C 150 78.08 17.76 -6.59
N TRP C 151 76.84 18.21 -6.39
CA TRP C 151 76.35 18.59 -5.07
C TRP C 151 76.48 17.50 -4.02
N ARG C 152 76.11 16.27 -4.40
CA ARG C 152 76.13 15.15 -3.48
C ARG C 152 77.54 14.66 -3.18
N GLN C 153 78.43 14.74 -4.17
CA GLN C 153 79.81 14.30 -3.98
C GLN C 153 80.55 15.32 -3.14
N VAL C 154 80.26 16.61 -3.34
CA VAL C 154 80.83 17.64 -2.49
C VAL C 154 80.42 17.44 -1.02
N ASP C 155 79.17 17.05 -0.78
CA ASP C 155 78.72 16.76 0.58
C ASP C 155 79.42 15.53 1.16
N CYS C 156 79.71 14.55 0.30
CA CYS C 156 80.42 13.35 0.71
C CYS C 156 81.84 13.70 1.14
N HIS C 157 82.48 14.57 0.37
CA HIS C 157 83.82 15.04 0.67
C HIS C 157 83.79 15.73 2.03
N ILE C 158 82.84 16.65 2.19
CA ILE C 158 82.71 17.42 3.42
C ILE C 158 82.51 16.53 4.63
N ASN C 159 81.59 15.59 4.51
CA ASN C 159 81.28 14.73 5.63
C ASN C 159 82.34 13.69 5.94
N ASN C 160 82.97 13.14 4.90
CA ASN C 160 84.02 12.16 5.13
C ASN C 160 85.29 12.77 5.70
N LEU C 161 85.68 13.94 5.19
CA LEU C 161 86.85 14.64 5.71
C LEU C 161 86.66 14.99 7.17
N TYR C 162 85.47 15.49 7.49
CA TYR C 162 85.13 15.87 8.85
C TYR C 162 85.15 14.65 9.77
N ASN C 163 84.45 13.60 9.36
CA ASN C 163 84.29 12.42 10.19
C ASN C 163 85.62 11.70 10.42
N THR C 164 86.47 11.69 9.39
CA THR C 164 87.77 11.04 9.50
C THR C 164 88.64 11.84 10.47
N THR C 165 88.59 13.16 10.35
CA THR C 165 89.34 14.04 11.25
C THR C 165 88.78 13.90 12.66
N PHE C 166 87.47 13.98 12.76
CA PHE C 166 86.78 13.89 14.04
C PHE C 166 87.16 12.64 14.82
N TRP C 167 87.05 11.49 14.15
CA TRP C 167 87.23 10.21 14.79
C TRP C 167 88.69 9.91 15.04
N ASN C 168 89.58 10.51 14.26
CA ASN C 168 90.99 10.39 14.56
C ASN C 168 91.35 11.18 15.83
N LEU C 169 90.69 12.31 16.04
CA LEU C 169 90.84 13.04 17.31
C LEU C 169 90.38 12.22 18.53
N VAL C 170 89.28 11.49 18.38
CA VAL C 170 88.73 10.67 19.46
C VAL C 170 89.55 9.40 19.67
N LEU C 171 89.88 8.72 18.57
CA LEU C 171 90.49 7.41 18.65
C LEU C 171 92.00 7.47 18.85
N LYS C 172 92.67 8.39 18.14
CA LYS C 172 94.11 8.54 18.30
C LYS C 172 94.51 9.44 19.47
N LEU C 173 93.91 10.62 19.58
CA LEU C 173 94.29 11.54 20.65
C LEU C 173 93.50 11.36 21.94
N LYS C 174 92.59 10.38 21.95
CA LYS C 174 91.82 10.02 23.15
C LYS C 174 91.02 11.23 23.66
N MET C 175 90.65 12.11 22.75
CA MET C 175 89.73 13.20 23.06
C MET C 175 88.29 12.76 23.23
N THR C 176 87.56 13.51 24.07
CA THR C 176 86.12 13.35 24.19
C THR C 176 85.46 13.95 22.95
N PRO C 177 84.23 13.48 22.62
CA PRO C 177 83.47 14.02 21.50
C PRO C 177 83.36 15.55 21.52
N GLN C 178 83.07 16.11 22.69
CA GLN C 178 82.88 17.56 22.81
C GLN C 178 84.16 18.34 22.54
N GLN C 179 85.31 17.84 22.98
CA GLN C 179 86.53 18.60 22.75
C GLN C 179 86.98 18.45 21.31
N ALA C 180 86.68 17.30 20.70
CA ALA C 180 86.95 17.11 19.27
C ALA C 180 86.09 18.02 18.39
N GLU C 181 84.83 18.19 18.78
CA GLU C 181 83.89 19.05 18.06
C GLU C 181 84.22 20.53 18.06
N GLN C 182 84.55 21.04 19.24
CA GLN C 182 84.96 22.43 19.38
C GLN C 182 86.28 22.69 18.67
N ARG C 183 87.15 21.70 18.68
CA ARG C 183 88.42 21.81 17.98
C ARG C 183 88.15 21.98 16.50
N LEU C 184 87.06 21.39 16.01
CA LEU C 184 86.80 21.44 14.58
C LEU C 184 85.87 22.61 14.20
N MET C 185 85.18 23.19 15.19
CA MET C 185 84.33 24.36 14.92
C MET C 185 85.07 25.53 14.28
N GLY C 186 84.63 26.01 13.13
CA GLY C 186 85.29 27.15 12.51
C GLY C 186 86.37 26.80 11.52
N THR C 187 86.42 25.54 11.11
CA THR C 187 87.50 25.05 10.25
C THR C 187 87.10 24.70 8.82
N VAL C 188 88.03 25.00 7.91
CA VAL C 188 87.92 24.64 6.51
C VAL C 188 88.79 23.43 6.24
N ALA C 189 88.78 22.97 5.00
CA ALA C 189 89.41 21.72 4.59
C ALA C 189 90.89 21.65 4.89
N SER C 190 91.62 22.73 4.61
CA SER C 190 93.06 22.72 4.85
C SER C 190 93.40 22.61 6.33
N ASP C 191 92.59 23.19 7.21
CA ASP C 191 92.83 23.04 8.65
C ASP C 191 92.67 21.59 9.07
N LYS C 192 91.60 20.94 8.59
CA LYS C 192 91.33 19.55 8.94
C LYS C 192 92.42 18.61 8.43
N ASN C 193 92.88 18.86 7.21
CA ASN C 193 93.96 18.11 6.59
C ASN C 193 95.26 18.19 7.40
N GLU C 194 95.54 19.39 7.88
CA GLU C 194 96.73 19.67 8.70
C GLU C 194 96.63 18.95 10.05
N ILE C 195 95.45 19.01 10.66
CA ILE C 195 95.20 18.33 11.93
C ILE C 195 95.49 16.84 11.76
N LEU C 196 95.06 16.27 10.64
CA LEU C 196 95.30 14.88 10.29
C LEU C 196 96.79 14.62 10.11
N PHE C 197 97.45 15.52 9.39
CA PHE C 197 98.86 15.35 9.05
C PHE C 197 99.76 15.59 10.25
N LYS C 198 99.70 16.78 10.84
CA LYS C 198 100.62 17.18 11.90
C LYS C 198 100.35 16.50 13.25
N GLU C 199 99.08 16.27 13.58
CA GLU C 199 98.75 15.72 14.90
C GLU C 199 98.47 14.21 14.94
N CYS C 200 97.95 13.65 13.86
CA CYS C 200 97.56 12.25 13.86
C CYS C 200 98.43 11.37 12.96
N GLY C 201 99.26 11.99 12.14
CA GLY C 201 100.11 11.26 11.22
C GLY C 201 99.35 10.51 10.14
N VAL C 202 98.20 11.07 9.73
CA VAL C 202 97.39 10.47 8.70
C VAL C 202 97.23 11.38 7.49
N ASN C 203 97.58 10.86 6.32
CA ASN C 203 97.34 11.54 5.05
C ASN C 203 95.98 11.21 4.45
N TYR C 204 95.11 12.20 4.37
CA TYR C 204 93.75 11.98 3.89
C TYR C 204 93.70 11.43 2.47
N ASN C 205 94.62 11.85 1.63
CA ASN C 205 94.70 11.39 0.25
C ASN C 205 94.94 9.88 0.13
N ASN C 206 95.44 9.27 1.21
CA ASN C 206 95.70 7.84 1.24
C ASN C 206 94.50 7.02 1.70
N GLU C 207 93.43 7.71 2.10
CA GLU C 207 92.18 7.04 2.44
C GLU C 207 91.64 6.32 1.20
N SER C 208 90.88 5.25 1.42
CA SER C 208 90.27 4.52 0.32
C SER C 208 89.53 5.46 -0.63
N GLU C 209 89.63 5.19 -1.92
CA GLU C 209 88.95 5.98 -2.93
C GLU C 209 87.42 5.96 -2.72
N MET C 210 86.90 4.82 -2.27
CA MET C 210 85.47 4.67 -1.99
C MET C 210 85.01 5.63 -0.90
N TYR C 211 85.82 5.74 0.14
CA TYR C 211 85.52 6.60 1.29
C TYR C 211 85.56 8.07 0.91
N LYS C 212 86.51 8.44 0.05
CA LYS C 212 86.74 9.83 -0.29
C LYS C 212 85.71 10.32 -1.30
N LYS C 213 85.38 9.47 -2.25
CA LYS C 213 84.61 9.89 -3.42
C LYS C 213 83.19 9.35 -3.42
N GLY C 214 82.94 8.30 -2.63
CA GLY C 214 81.63 7.67 -2.66
C GLY C 214 81.63 6.62 -3.75
N THR C 215 80.45 6.19 -4.16
CA THR C 215 80.37 5.12 -5.14
C THR C 215 79.47 5.52 -6.29
N ILE C 216 80.04 5.43 -7.49
CA ILE C 216 79.32 5.69 -8.72
C ILE C 216 79.06 4.37 -9.43
N ILE C 217 77.80 4.09 -9.73
CA ILE C 217 77.42 2.94 -10.53
C ILE C 217 76.89 3.41 -11.87
N VAL C 218 77.52 2.99 -12.97
CA VAL C 218 77.09 3.48 -14.27
C VAL C 218 76.82 2.37 -15.27
N ARG C 219 75.77 2.58 -16.06
CA ARG C 219 75.43 1.70 -17.15
C ARG C 219 76.39 2.03 -18.28
N GLU C 220 77.15 1.04 -18.74
CA GLU C 220 78.13 1.29 -19.78
C GLU C 220 77.73 0.73 -21.14
N PHE C 221 77.79 1.58 -22.17
CA PHE C 221 77.51 1.11 -23.53
C PHE C 221 78.78 1.22 -24.36
N GLU C 222 78.95 0.25 -25.26
CA GLU C 222 80.15 0.16 -26.08
C GLU C 222 79.96 0.83 -27.42
N ASN C 223 78.95 0.38 -28.16
CA ASN C 223 78.69 0.92 -29.48
C ASN C 223 77.49 1.86 -29.51
N TYR C 224 77.57 2.92 -28.71
CA TYR C 224 76.44 3.83 -28.54
C TYR C 224 76.46 4.91 -29.61
N GLU C 225 75.30 5.10 -30.22
CA GLU C 225 75.03 6.25 -31.06
C GLU C 225 73.69 6.83 -30.59
N THR C 226 73.54 8.16 -30.69
CA THR C 226 72.35 8.83 -30.15
C THR C 226 71.11 8.49 -30.97
N GLU C 227 70.89 7.18 -31.10
CA GLU C 227 69.90 6.62 -32.02
C GLU C 227 68.48 6.91 -31.56
N ASP C 228 68.35 7.59 -30.42
CA ASP C 228 67.04 7.78 -29.85
C ASP C 228 66.43 9.09 -30.35
N GLU C 229 65.21 8.96 -30.88
CA GLU C 229 64.45 10.09 -31.40
C GLU C 229 62.98 9.78 -31.28
N ALA C 230 62.15 10.81 -31.38
CA ALA C 230 60.71 10.66 -31.24
C ALA C 230 60.13 9.78 -32.35
N GLU C 231 60.70 9.91 -33.56
CA GLU C 231 60.20 9.17 -34.72
C GLU C 231 60.30 7.64 -34.64
N LEU C 232 61.46 7.13 -34.24
CA LEU C 232 61.64 5.69 -34.11
C LEU C 232 60.80 5.10 -32.97
N SER C 233 60.09 4.00 -33.24
CA SER C 233 59.20 3.43 -32.22
C SER C 233 58.87 1.96 -32.50
N LYS C 234 58.00 1.38 -31.67
CA LYS C 234 57.51 0.00 -31.84
C LYS C 234 58.64 -0.99 -31.59
N ARG C 235 58.97 -1.77 -32.61
CA ARG C 235 59.96 -2.84 -32.52
C ARG C 235 61.38 -2.30 -32.36
N GLN C 236 61.63 -1.09 -32.82
CA GLN C 236 62.91 -0.44 -32.59
C GLN C 236 63.14 -0.27 -31.09
N VAL C 237 62.13 0.23 -30.40
CA VAL C 237 62.19 0.45 -28.96
C VAL C 237 62.33 -0.82 -28.13
N GLN C 238 61.65 -1.91 -28.54
CA GLN C 238 61.73 -3.15 -27.79
C GLN C 238 63.12 -3.79 -27.84
N ARG C 239 63.79 -3.65 -28.97
CA ARG C 239 65.16 -4.13 -29.12
C ARG C 239 66.12 -3.29 -28.29
N LEU C 240 65.85 -1.98 -28.27
CA LEU C 240 66.62 -1.02 -27.48
C LEU C 240 66.43 -1.24 -25.98
N GLU C 241 65.23 -1.68 -25.58
CA GLU C 241 64.96 -1.97 -24.18
C GLU C 241 65.72 -3.21 -23.74
N LYS C 242 65.86 -4.18 -24.64
CA LYS C 242 66.55 -5.41 -24.31
C LYS C 242 68.05 -5.16 -24.14
N LYS C 243 68.65 -4.37 -25.03
CA LYS C 243 70.06 -4.00 -24.88
C LYS C 243 70.37 -3.20 -23.60
N ARG C 244 69.46 -2.31 -23.20
CA ARG C 244 69.65 -1.54 -21.97
C ARG C 244 69.62 -2.42 -20.70
N LYS C 245 68.72 -3.40 -20.71
CA LYS C 245 68.63 -4.41 -19.67
C LYS C 245 69.89 -5.25 -19.62
N LYS C 246 70.39 -5.70 -20.77
CA LYS C 246 71.54 -6.59 -20.80
C LYS C 246 72.79 -5.78 -21.18
N ALA C 247 72.97 -4.67 -20.49
CA ALA C 247 74.20 -3.86 -20.58
C ALA C 247 74.94 -3.97 -19.26
N GLU C 248 76.21 -3.60 -19.23
CA GLU C 248 77.00 -3.87 -18.04
C GLU C 248 77.12 -2.69 -17.11
N LEU C 249 77.06 -2.99 -15.82
CA LEU C 249 77.21 -2.01 -14.76
C LEU C 249 78.65 -1.91 -14.28
N LYS C 250 79.26 -0.74 -14.39
CA LYS C 250 80.63 -0.59 -13.91
C LYS C 250 80.65 0.33 -12.69
N ILE C 251 81.52 0.02 -11.73
CA ILE C 251 81.58 0.80 -10.50
C ILE C 251 82.84 1.68 -10.51
N TYR C 252 82.70 2.94 -10.14
CA TYR C 252 83.83 3.86 -10.11
C TYR C 252 83.90 4.61 -8.79
N HIS C 253 85.09 5.04 -8.41
CA HIS C 253 85.26 5.92 -7.27
C HIS C 253 86.13 7.09 -7.68
N VAL C 254 85.59 7.92 -8.56
CA VAL C 254 86.36 8.99 -9.17
C VAL C 254 85.61 10.31 -9.05
N ASP C 255 86.32 11.40 -9.23
CA ASP C 255 85.69 12.71 -9.32
C ASP C 255 84.80 12.77 -10.55
N ILE C 256 83.56 13.21 -10.37
CA ILE C 256 82.65 13.43 -11.49
C ILE C 256 82.21 14.88 -11.51
N ILE C 257 82.69 15.64 -10.54
CA ILE C 257 82.39 17.06 -10.46
C ILE C 257 83.08 17.82 -11.58
N ASN C 258 84.40 17.63 -11.68
CA ASN C 258 85.22 18.43 -12.57
C ASN C 258 85.75 17.69 -13.80
N ASP C 259 85.54 16.38 -13.86
CA ASP C 259 86.02 15.59 -14.99
C ASP C 259 84.95 15.59 -16.05
N ASP C 260 84.92 16.64 -16.85
CA ASP C 260 83.93 16.78 -17.92
C ASP C 260 84.05 15.68 -18.96
N SER C 261 85.28 15.24 -19.23
CA SER C 261 85.50 14.20 -20.23
C SER C 261 84.82 12.90 -19.83
N TRP C 262 84.72 12.68 -18.52
CA TRP C 262 84.03 11.52 -17.96
C TRP C 262 82.56 11.47 -18.36
N TRP C 263 81.90 12.63 -18.29
CA TRP C 263 80.49 12.73 -18.66
C TRP C 263 80.32 12.75 -20.16
N LYS C 264 81.16 13.53 -20.83
CA LYS C 264 81.07 13.71 -22.28
C LYS C 264 81.19 12.41 -23.04
N SER C 265 81.99 11.48 -22.54
CA SER C 265 82.17 10.20 -23.23
C SER C 265 81.04 9.24 -22.91
N ARG C 266 80.05 9.71 -22.16
CA ARG C 266 78.89 8.91 -21.80
C ARG C 266 77.56 9.59 -22.19
N PRO C 267 77.35 9.82 -23.49
CA PRO C 267 76.22 10.61 -24.01
C PRO C 267 74.85 9.98 -23.76
N TRP C 268 74.82 8.68 -23.51
CA TRP C 268 73.57 7.96 -23.27
C TRP C 268 72.94 8.39 -21.96
N LEU C 269 73.72 9.07 -21.14
CA LEU C 269 73.26 9.61 -19.86
C LEU C 269 72.24 10.74 -20.05
N LYS C 270 72.36 11.52 -21.11
CA LYS C 270 71.44 12.62 -21.33
C LYS C 270 70.11 12.17 -21.96
N ASP C 271 70.08 10.99 -22.55
CA ASP C 271 68.93 10.56 -23.36
C ASP C 271 68.14 9.48 -22.64
N SER D 7 77.84 27.32 -1.57
CA SER D 7 77.89 26.30 -2.62
C SER D 7 77.16 26.76 -3.88
N LYS D 8 77.77 26.49 -5.02
CA LYS D 8 77.23 26.85 -6.33
C LYS D 8 76.32 25.75 -6.88
N TYR D 9 76.28 24.60 -6.21
CA TYR D 9 75.49 23.45 -6.68
C TYR D 9 74.29 23.11 -5.78
N GLU D 10 74.24 23.65 -4.57
CA GLU D 10 73.22 23.24 -3.62
C GLU D 10 71.83 23.79 -4.00
N TYR D 11 71.81 24.68 -4.99
CA TYR D 11 70.57 25.24 -5.53
C TYR D 11 69.58 24.19 -6.06
N VAL D 12 70.11 23.04 -6.47
CA VAL D 12 69.30 21.96 -7.05
C VAL D 12 68.24 21.42 -6.09
N LYS D 13 68.41 21.72 -4.80
CA LYS D 13 67.45 21.33 -3.78
C LYS D 13 66.11 22.03 -4.03
N LEU D 14 66.16 23.18 -4.68
CA LEU D 14 64.98 24.01 -4.89
C LEU D 14 64.01 23.42 -5.91
N PHE D 15 64.43 22.35 -6.58
CA PHE D 15 63.59 21.70 -7.58
C PHE D 15 62.66 20.67 -6.94
N GLU D 16 62.87 20.39 -5.65
CA GLU D 16 62.04 19.44 -4.92
C GLU D 16 60.68 20.05 -4.68
N LYS D 17 59.64 19.23 -4.77
CA LYS D 17 58.28 19.69 -4.52
C LYS D 17 57.62 18.83 -3.46
N GLU D 18 57.31 19.42 -2.30
CA GLU D 18 56.60 18.68 -1.26
C GLU D 18 55.10 18.71 -1.43
N ASN D 19 54.42 17.66 -1.01
CA ASN D 19 52.96 17.66 -0.99
C ASN D 19 52.47 17.46 0.44
N TYR D 20 52.03 18.55 1.06
CA TYR D 20 51.45 18.51 2.39
C TYR D 20 49.96 18.17 2.35
N LEU D 21 49.58 17.01 2.88
CA LEU D 21 48.19 16.58 2.81
C LEU D 21 47.25 17.44 3.66
N LEU D 22 46.14 17.82 3.05
CA LEU D 22 45.11 18.66 3.65
C LEU D 22 44.80 18.37 5.11
N PRO D 23 44.88 19.40 5.96
CA PRO D 23 44.66 19.30 7.40
C PRO D 23 43.26 18.77 7.72
N ASP D 24 43.12 18.13 8.88
CA ASP D 24 41.81 17.74 9.42
C ASP D 24 41.04 16.80 8.48
N THR D 25 41.77 15.98 7.76
CA THR D 25 41.13 14.98 6.93
C THR D 25 41.64 13.57 7.24
N TYR D 26 40.75 12.58 7.16
CA TYR D 26 41.13 11.20 7.43
C TYR D 26 42.13 10.80 6.37
N ILE D 27 43.20 10.12 6.74
CA ILE D 27 44.10 9.61 5.72
C ILE D 27 44.00 8.09 5.72
N ILE D 28 43.79 7.53 4.53
CA ILE D 28 43.93 6.10 4.38
C ILE D 28 45.20 5.84 3.62
N ILE D 29 46.05 4.99 4.19
CA ILE D 29 47.21 4.49 3.47
C ILE D 29 46.91 3.04 3.13
N ARG D 30 46.91 2.74 1.85
CA ARG D 30 46.68 1.37 1.40
C ARG D 30 47.98 0.87 0.84
N VAL D 31 48.41 -0.27 1.35
CA VAL D 31 49.57 -0.94 0.82
C VAL D 31 49.13 -2.24 0.16
N ASP D 32 49.75 -2.60 -0.96
CA ASP D 32 49.43 -3.83 -1.68
C ASP D 32 50.69 -4.49 -2.23
N GLY D 33 50.84 -5.80 -1.99
CA GLY D 33 52.03 -6.51 -2.39
C GLY D 33 52.33 -6.45 -3.88
N LYS D 34 53.59 -6.16 -4.19
CA LYS D 34 53.99 -6.08 -5.59
C LYS D 34 54.32 -7.45 -6.16
N GLY D 35 53.58 -7.84 -7.19
CA GLY D 35 53.78 -9.09 -7.91
C GLY D 35 53.68 -10.29 -7.00
N PHE D 36 52.69 -10.30 -6.13
CA PHE D 36 52.55 -11.39 -5.16
C PHE D 36 51.91 -12.66 -5.73
N HIS D 37 51.35 -12.58 -6.92
CA HIS D 37 50.91 -13.79 -7.61
C HIS D 37 52.11 -14.70 -7.86
N LYS D 38 53.11 -14.15 -8.54
CA LYS D 38 54.36 -14.85 -8.81
C LYS D 38 55.06 -15.25 -7.52
N PHE D 39 55.03 -14.35 -6.56
CA PHE D 39 55.66 -14.57 -5.27
C PHE D 39 55.03 -15.77 -4.56
N SER D 40 53.70 -15.84 -4.60
CA SER D 40 52.96 -16.92 -3.94
C SER D 40 53.15 -18.25 -4.64
N GLN D 41 53.41 -18.20 -5.94
CA GLN D 41 53.71 -19.41 -6.68
C GLN D 41 55.14 -19.88 -6.39
N PHE D 42 56.07 -18.94 -6.43
CA PHE D 42 57.48 -19.26 -6.20
C PHE D 42 57.73 -19.96 -4.86
N TYR D 43 57.08 -19.51 -3.80
CA TYR D 43 57.32 -20.08 -2.48
C TYR D 43 56.26 -21.11 -2.11
N GLU D 44 55.48 -21.51 -3.12
CA GLU D 44 54.50 -22.58 -2.99
C GLU D 44 53.51 -22.34 -1.84
N PHE D 45 52.87 -21.17 -1.85
CA PHE D 45 51.76 -20.86 -0.93
C PHE D 45 50.66 -21.91 -1.07
N GLU D 46 50.06 -22.30 0.05
CA GLU D 46 48.83 -23.09 0.00
C GLU D 46 47.70 -22.32 -0.67
N LYS D 47 46.82 -23.06 -1.33
CA LYS D 47 45.68 -22.47 -2.02
C LYS D 47 44.35 -23.01 -1.51
N PRO D 48 43.31 -22.17 -1.47
CA PRO D 48 43.26 -20.76 -1.88
C PRO D 48 44.00 -19.83 -0.92
N ASN D 49 43.99 -20.19 0.36
CA ASN D 49 44.61 -19.37 1.40
C ASN D 49 45.70 -20.09 2.17
N ASP D 50 46.85 -19.45 2.31
CA ASP D 50 47.93 -19.99 3.12
C ASP D 50 47.91 -19.32 4.51
N LEU D 51 47.58 -20.09 5.54
CA LEU D 51 47.37 -19.55 6.88
C LEU D 51 48.61 -18.84 7.43
N LYS D 52 49.75 -19.51 7.33
CA LYS D 52 50.98 -18.93 7.86
C LYS D 52 51.41 -17.72 7.05
N ALA D 53 51.07 -17.71 5.76
CA ALA D 53 51.34 -16.56 4.91
C ALA D 53 50.56 -15.30 5.30
N LEU D 54 49.28 -15.47 5.65
CA LEU D 54 48.46 -14.37 6.12
C LEU D 54 48.89 -13.86 7.48
N GLN D 55 49.43 -14.76 8.28
CA GLN D 55 49.89 -14.40 9.62
C GLN D 55 51.16 -13.57 9.57
N VAL D 56 51.99 -13.78 8.55
CA VAL D 56 53.13 -12.91 8.32
C VAL D 56 52.66 -11.49 8.01
N MET D 57 51.67 -11.36 7.13
CA MET D 57 51.09 -10.05 6.82
C MET D 57 50.50 -9.38 8.05
N ASN D 58 49.73 -10.14 8.83
CA ASN D 58 49.07 -9.59 10.01
C ASN D 58 50.07 -9.18 11.08
N SER D 59 51.12 -9.98 11.22
CA SER D 59 52.19 -9.67 12.18
C SER D 59 52.94 -8.41 11.77
N ALA D 60 53.23 -8.30 10.48
CA ALA D 60 53.89 -7.11 9.94
C ALA D 60 53.08 -5.86 10.23
N ALA D 61 51.79 -5.92 9.89
CA ALA D 61 50.88 -4.80 10.02
C ALA D 61 50.68 -4.37 11.47
N GLU D 62 50.51 -5.35 12.35
CA GLU D 62 50.30 -5.07 13.77
C GLU D 62 51.55 -4.43 14.39
N LYS D 63 52.73 -4.91 13.99
CA LYS D 63 53.97 -4.34 14.47
C LYS D 63 54.12 -2.89 14.02
N LEU D 64 53.82 -2.63 12.75
CA LEU D 64 53.84 -1.28 12.19
C LEU D 64 52.89 -0.38 12.98
N MET D 65 51.69 -0.89 13.21
CA MET D 65 50.63 -0.16 13.88
C MET D 65 50.99 0.17 15.33
N SER D 66 51.78 -0.71 15.97
CA SER D 66 52.21 -0.48 17.35
C SER D 66 53.33 0.55 17.45
N LYS D 67 53.99 0.81 16.33
CA LYS D 67 55.08 1.78 16.29
C LYS D 67 54.54 3.18 16.01
N TYR D 68 53.42 3.26 15.31
CA TYR D 68 52.86 4.54 14.91
C TYR D 68 51.44 4.72 15.44
N SER D 69 51.37 5.47 16.53
CA SER D 69 50.13 5.67 17.28
C SER D 69 49.07 6.44 16.50
N ASP D 70 49.46 7.05 15.38
CA ASP D 70 48.47 7.72 14.57
C ASP D 70 47.56 6.72 13.84
N VAL D 71 48.02 5.49 13.66
CA VAL D 71 47.19 4.46 13.04
C VAL D 71 46.13 3.95 14.01
N MET D 72 44.87 4.18 13.68
CA MET D 72 43.77 3.87 14.58
C MET D 72 43.12 2.53 14.25
N LEU D 73 43.24 2.14 12.98
CA LEU D 73 42.53 0.97 12.49
C LEU D 73 43.26 0.44 11.26
N ALA D 74 43.35 -0.88 11.14
CA ALA D 74 43.95 -1.48 9.96
C ALA D 74 43.12 -2.64 9.45
N TYR D 75 43.06 -2.75 8.13
CA TYR D 75 42.34 -3.84 7.50
C TYR D 75 43.20 -4.51 6.47
N GLY D 76 43.31 -5.83 6.55
CA GLY D 76 44.14 -6.57 5.63
C GLY D 76 43.38 -7.75 5.10
N ASP D 77 43.70 -8.09 3.85
CA ASP D 77 43.27 -9.33 3.24
C ASP D 77 44.17 -9.56 2.04
N SER D 78 44.31 -10.82 1.62
CA SER D 78 45.13 -11.13 0.46
C SER D 78 46.52 -10.56 0.68
N ASP D 79 47.02 -9.83 -0.31
CA ASP D 79 48.34 -9.22 -0.21
C ASP D 79 48.27 -7.73 0.11
N GLU D 80 47.16 -7.30 0.72
CA GLU D 80 46.98 -5.87 0.97
C GLU D 80 46.67 -5.55 2.44
N TYR D 81 47.03 -4.34 2.84
CA TYR D 81 46.63 -3.79 4.14
C TYR D 81 46.30 -2.31 3.97
N SER D 82 45.24 -1.87 4.63
CA SER D 82 44.87 -0.47 4.65
C SER D 82 45.02 0.07 6.06
N PHE D 83 45.66 1.22 6.20
CA PHE D 83 45.84 1.80 7.51
C PHE D 83 45.14 3.15 7.59
N LEU D 84 44.30 3.29 8.62
CA LEU D 84 43.62 4.55 8.89
C LEU D 84 44.43 5.42 9.85
N LEU D 85 44.76 6.61 9.39
CA LEU D 85 45.41 7.62 10.22
C LEU D 85 44.36 8.55 10.77
N ARG D 86 44.48 8.86 12.06
CA ARG D 86 43.54 9.75 12.73
C ARG D 86 43.49 11.10 12.04
N LYS D 87 42.34 11.77 12.18
CA LYS D 87 42.07 12.96 11.40
C LYS D 87 43.06 14.10 11.68
N ASN D 88 43.53 14.17 12.92
CA ASN D 88 44.41 15.26 13.36
C ASN D 88 45.88 14.86 13.37
N CYS D 89 46.18 13.76 12.68
CA CYS D 89 47.55 13.28 12.50
C CYS D 89 48.50 14.32 11.93
N GLN D 90 49.65 14.48 12.58
CA GLN D 90 50.65 15.43 12.14
C GLN D 90 51.99 14.74 11.84
N LEU D 91 51.94 13.42 11.69
CA LEU D 91 53.09 12.60 11.34
C LEU D 91 53.81 13.08 10.08
N TYR D 92 55.09 13.43 10.22
CA TYR D 92 55.91 13.99 9.13
C TYR D 92 55.24 15.19 8.49
N GLU D 93 54.55 15.98 9.30
CA GLU D 93 53.85 17.17 8.83
C GLU D 93 52.91 16.86 7.69
N ARG D 94 52.36 15.65 7.68
CA ARG D 94 51.44 15.19 6.66
C ARG D 94 52.02 15.23 5.26
N ARG D 95 53.34 15.11 5.15
CA ARG D 95 53.99 15.01 3.84
C ARG D 95 53.71 13.67 3.19
N GLU D 96 53.11 13.70 2.01
CA GLU D 96 52.69 12.49 1.33
C GLU D 96 53.89 11.60 1.01
N MET D 97 54.98 12.22 0.56
CA MET D 97 56.20 11.48 0.25
C MET D 97 56.75 10.70 1.45
N LYS D 98 56.80 11.35 2.61
CA LYS D 98 57.31 10.70 3.80
C LYS D 98 56.38 9.60 4.24
N LEU D 99 55.08 9.88 4.29
CA LEU D 99 54.12 8.88 4.75
C LEU D 99 54.08 7.60 3.91
N THR D 100 54.07 7.73 2.58
CA THR D 100 53.88 6.54 1.74
C THR D 100 55.16 5.72 1.61
N THR D 101 56.31 6.39 1.45
CA THR D 101 57.53 5.63 1.24
C THR D 101 58.02 5.05 2.55
N LEU D 102 57.59 5.63 3.67
CA LEU D 102 57.88 5.05 4.97
C LEU D 102 57.06 3.81 5.20
N PHE D 103 55.78 3.87 4.84
CA PHE D 103 54.90 2.73 5.02
C PHE D 103 55.27 1.54 4.13
N SER D 104 55.65 1.81 2.88
CA SER D 104 56.03 0.71 1.99
C SER D 104 57.34 0.06 2.42
N SER D 105 58.26 0.87 2.92
CA SER D 105 59.53 0.36 3.42
C SER D 105 59.29 -0.47 4.67
N LEU D 106 58.49 0.07 5.59
CA LEU D 106 58.19 -0.62 6.83
C LEU D 106 57.51 -1.95 6.55
N MET D 107 56.51 -1.97 5.68
CA MET D 107 55.82 -3.21 5.38
C MET D 107 56.74 -4.23 4.76
N SER D 108 57.62 -3.77 3.87
CA SER D 108 58.54 -4.67 3.19
C SER D 108 59.50 -5.38 4.15
N THR D 109 60.11 -4.61 5.05
CA THR D 109 61.09 -5.17 5.96
C THR D 109 60.47 -5.96 7.11
N TYR D 110 59.35 -5.49 7.66
CA TYR D 110 58.63 -6.27 8.66
C TYR D 110 58.17 -7.61 8.11
N TYR D 111 57.73 -7.61 6.86
CA TYR D 111 57.29 -8.84 6.21
C TYR D 111 58.46 -9.78 6.10
N MET D 112 59.58 -9.25 5.61
CA MET D 112 60.79 -10.03 5.50
C MET D 112 61.26 -10.60 6.84
N TYR D 113 61.18 -9.79 7.90
CA TYR D 113 61.58 -10.25 9.23
C TYR D 113 60.72 -11.42 9.66
N PHE D 114 59.40 -11.24 9.58
CA PHE D 114 58.44 -12.23 10.05
C PHE D 114 58.41 -13.46 9.16
N TRP D 115 58.77 -13.28 7.89
CA TRP D 115 58.85 -14.42 7.00
C TRP D 115 59.90 -15.41 7.53
N SER D 116 61.04 -14.89 7.98
CA SER D 116 62.10 -15.73 8.53
C SER D 116 61.68 -16.39 9.84
N GLN D 117 60.70 -15.80 10.52
CA GLN D 117 60.13 -16.39 11.72
C GLN D 117 59.16 -17.53 11.38
N TYR D 118 58.27 -17.28 10.44
CA TYR D 118 57.23 -18.27 10.09
C TYR D 118 57.69 -19.28 9.06
N PHE D 119 58.65 -18.90 8.23
CA PHE D 119 59.13 -19.81 7.20
C PHE D 119 60.64 -20.04 7.17
N PRO D 120 61.17 -20.65 8.24
CA PRO D 120 62.60 -20.95 8.41
C PRO D 120 63.06 -21.91 7.32
N ASP D 121 62.13 -22.69 6.79
CA ASP D 121 62.42 -23.69 5.79
C ASP D 121 62.33 -23.19 4.34
N LYS D 122 61.86 -21.95 4.18
CA LYS D 122 61.86 -21.34 2.85
C LYS D 122 62.67 -20.04 2.82
N PRO D 123 64.02 -20.15 2.82
CA PRO D 123 64.79 -18.90 2.78
C PRO D 123 64.47 -18.10 1.51
N LEU D 124 64.50 -16.78 1.62
CA LEU D 124 64.14 -15.88 0.52
C LEU D 124 65.19 -15.81 -0.59
N HIS D 125 64.74 -15.82 -1.85
CA HIS D 125 65.66 -15.67 -2.96
C HIS D 125 65.69 -14.19 -3.32
N ILE D 126 66.87 -13.71 -3.70
CA ILE D 126 67.11 -12.29 -3.94
C ILE D 126 66.23 -11.70 -5.06
N ASP D 127 65.73 -12.56 -5.95
CA ASP D 127 64.91 -12.11 -7.06
C ASP D 127 63.44 -12.24 -6.74
N HIS D 128 63.15 -12.66 -5.51
CA HIS D 128 61.77 -12.80 -5.05
C HIS D 128 61.63 -12.32 -3.60
N LEU D 129 62.00 -11.06 -3.37
CA LEU D 129 61.82 -10.42 -2.08
C LEU D 129 60.43 -9.78 -2.05
N PRO D 130 59.84 -9.65 -0.87
CA PRO D 130 58.50 -9.03 -0.77
C PRO D 130 58.49 -7.51 -0.79
N ASN D 131 58.06 -6.95 -1.91
CA ASN D 131 57.99 -5.49 -2.02
C ASN D 131 56.54 -5.01 -2.02
N PHE D 132 56.33 -3.80 -1.53
CA PHE D 132 55.01 -3.23 -1.44
C PHE D 132 54.98 -1.81 -2.01
N ASP D 133 53.87 -1.44 -2.64
CA ASP D 133 53.64 -0.03 -2.93
C ASP D 133 52.89 0.58 -1.76
N ALA D 134 52.63 1.89 -1.83
CA ALA D 134 51.80 2.54 -0.82
C ALA D 134 51.24 3.82 -1.40
N ARG D 135 49.96 4.06 -1.17
CA ARG D 135 49.32 5.30 -1.59
C ARG D 135 48.53 5.87 -0.42
N ALA D 136 48.42 7.19 -0.40
CA ALA D 136 47.62 7.89 0.59
C ALA D 136 46.32 8.38 -0.04
N VAL D 137 45.21 8.20 0.67
CA VAL D 137 43.94 8.74 0.21
C VAL D 137 43.27 9.55 1.33
N LEU D 138 42.76 10.72 0.95
CA LEU D 138 42.09 11.62 1.87
C LEU D 138 40.57 11.44 1.87
N TYR D 139 39.98 11.41 3.05
CA TYR D 139 38.53 11.35 3.17
C TYR D 139 38.04 12.40 4.14
N PRO D 140 37.19 13.31 3.65
CA PRO D 140 36.77 14.49 4.43
C PRO D 140 35.67 14.18 5.41
N ASP D 141 35.09 12.99 5.32
CA ASP D 141 33.98 12.64 6.20
C ASP D 141 34.10 11.18 6.61
N PHE D 142 33.77 10.91 7.87
CA PHE D 142 33.94 9.57 8.38
C PHE D 142 33.04 8.57 7.67
N LYS D 143 31.95 9.05 7.08
CA LYS D 143 31.07 8.16 6.34
C LYS D 143 31.79 7.56 5.14
N HIS D 144 32.80 8.25 4.61
CA HIS D 144 33.55 7.72 3.50
C HIS D 144 34.56 6.66 3.99
N ILE D 145 35.00 6.82 5.24
CA ILE D 145 35.88 5.84 5.87
C ILE D 145 35.15 4.53 6.14
N ARG D 146 33.93 4.64 6.64
CA ARG D 146 33.09 3.46 6.80
C ARG D 146 32.95 2.78 5.45
N ASN D 147 32.58 3.57 4.44
CA ASN D 147 32.35 3.05 3.11
C ASN D 147 33.63 2.50 2.49
N TYR D 148 34.78 3.07 2.86
CA TYR D 148 36.04 2.55 2.32
C TYR D 148 36.30 1.13 2.81
N PHE D 149 36.17 0.91 4.10
CA PHE D 149 36.45 -0.41 4.66
C PHE D 149 35.37 -1.41 4.26
N SER D 150 34.14 -0.93 4.11
CA SER D 150 33.08 -1.77 3.57
C SER D 150 33.45 -2.22 2.16
N TRP D 151 33.99 -1.29 1.37
CA TRP D 151 34.43 -1.60 0.02
C TRP D 151 35.46 -2.72 0.04
N ARG D 152 36.41 -2.66 0.97
CA ARG D 152 37.50 -3.64 0.99
C ARG D 152 37.07 -5.01 1.50
N GLN D 153 36.13 -5.04 2.43
CA GLN D 153 35.69 -6.32 2.99
C GLN D 153 34.80 -7.05 1.99
N VAL D 154 33.97 -6.30 1.26
CA VAL D 154 33.19 -6.87 0.18
C VAL D 154 34.14 -7.45 -0.86
N ASP D 155 35.23 -6.73 -1.12
CA ASP D 155 36.23 -7.19 -2.08
C ASP D 155 36.87 -8.48 -1.58
N CYS D 156 37.05 -8.56 -0.27
CA CYS D 156 37.60 -9.73 0.38
C CYS D 156 36.70 -10.95 0.23
N HIS D 157 35.40 -10.73 0.48
CA HIS D 157 34.40 -11.77 0.34
C HIS D 157 34.33 -12.31 -1.08
N ILE D 158 34.23 -11.40 -2.04
CA ILE D 158 34.14 -11.71 -3.45
C ILE D 158 35.31 -12.51 -3.96
N ASN D 159 36.52 -12.10 -3.59
CA ASN D 159 37.72 -12.78 -4.06
C ASN D 159 37.91 -14.12 -3.38
N ASN D 160 37.54 -14.20 -2.11
CA ASN D 160 37.69 -15.45 -1.37
C ASN D 160 36.70 -16.49 -1.86
N LEU D 161 35.48 -16.03 -2.13
CA LEU D 161 34.43 -16.91 -2.63
C LEU D 161 34.85 -17.47 -3.99
N TYR D 162 35.39 -16.58 -4.82
CA TYR D 162 35.87 -16.98 -6.14
C TYR D 162 37.03 -17.97 -6.05
N ASN D 163 38.02 -17.66 -5.23
CA ASN D 163 39.21 -18.50 -5.10
C ASN D 163 38.92 -19.86 -4.48
N THR D 164 37.96 -19.88 -3.56
CA THR D 164 37.57 -21.13 -2.92
C THR D 164 36.85 -22.02 -3.94
N THR D 165 35.98 -21.41 -4.73
CA THR D 165 35.28 -22.12 -5.79
C THR D 165 36.27 -22.58 -6.87
N PHE D 166 37.13 -21.66 -7.30
CA PHE D 166 38.11 -21.95 -8.33
C PHE D 166 38.97 -23.15 -7.97
N TRP D 167 39.56 -23.11 -6.78
CA TRP D 167 40.51 -24.13 -6.40
C TRP D 167 39.85 -25.45 -6.04
N ASN D 168 38.58 -25.43 -5.64
CA ASN D 168 37.85 -26.66 -5.42
C ASN D 168 37.50 -27.31 -6.75
N LEU D 169 37.21 -26.48 -7.75
CA LEU D 169 37.04 -27.03 -9.09
C LEU D 169 38.32 -27.68 -9.59
N VAL D 170 39.47 -27.07 -9.31
CA VAL D 170 40.74 -27.63 -9.80
C VAL D 170 41.17 -28.82 -8.95
N LEU D 171 41.09 -28.68 -7.63
CA LEU D 171 41.62 -29.70 -6.74
C LEU D 171 40.69 -30.88 -6.48
N LYS D 172 39.40 -30.63 -6.26
CA LYS D 172 38.49 -31.75 -6.06
C LYS D 172 38.03 -32.39 -7.37
N LEU D 173 37.54 -31.57 -8.30
CA LEU D 173 37.00 -32.11 -9.56
C LEU D 173 38.05 -32.31 -10.66
N LYS D 174 39.32 -32.06 -10.35
CA LYS D 174 40.43 -32.31 -11.28
C LYS D 174 40.24 -31.53 -12.59
N MET D 175 39.56 -30.39 -12.52
CA MET D 175 39.42 -29.52 -13.67
C MET D 175 40.75 -28.83 -13.94
N THR D 176 41.01 -28.47 -15.19
CA THR D 176 42.16 -27.64 -15.50
C THR D 176 41.87 -26.20 -15.11
N PRO D 177 42.94 -25.42 -14.84
CA PRO D 177 42.77 -23.98 -14.56
C PRO D 177 41.91 -23.29 -15.61
N GLN D 178 42.13 -23.61 -16.88
CA GLN D 178 41.40 -22.96 -17.97
C GLN D 178 39.91 -23.30 -17.88
N GLN D 179 39.57 -24.56 -17.56
CA GLN D 179 38.18 -24.95 -17.51
C GLN D 179 37.53 -24.47 -16.21
N ALA D 180 38.33 -24.45 -15.14
CA ALA D 180 37.85 -23.92 -13.87
C ALA D 180 37.50 -22.44 -14.03
N GLU D 181 38.35 -21.74 -14.76
CA GLU D 181 38.17 -20.33 -15.03
C GLU D 181 36.98 -20.08 -15.95
N GLN D 182 36.88 -20.88 -17.00
CA GLN D 182 35.74 -20.81 -17.91
C GLN D 182 34.43 -21.20 -17.24
N ARG D 183 34.46 -22.14 -16.30
CA ARG D 183 33.24 -22.53 -15.60
C ARG D 183 32.67 -21.39 -14.76
N LEU D 184 33.53 -20.53 -14.24
CA LEU D 184 33.03 -19.50 -13.35
C LEU D 184 32.68 -18.18 -14.02
N MET D 185 33.14 -17.96 -15.25
CA MET D 185 32.80 -16.72 -15.94
C MET D 185 31.29 -16.54 -16.13
N GLY D 186 30.76 -15.39 -15.70
CA GLY D 186 29.33 -15.14 -15.86
C GLY D 186 28.50 -15.52 -14.66
N THR D 187 29.16 -15.77 -13.55
CA THR D 187 28.50 -16.24 -12.32
C THR D 187 28.49 -15.21 -11.21
N VAL D 188 27.38 -15.18 -10.49
CA VAL D 188 27.28 -14.34 -9.31
C VAL D 188 27.42 -15.19 -8.05
N ALA D 189 27.38 -14.55 -6.89
CA ALA D 189 27.66 -15.20 -5.61
C ALA D 189 26.78 -16.41 -5.32
N SER D 190 25.49 -16.32 -5.62
CA SER D 190 24.61 -17.45 -5.38
C SER D 190 24.99 -18.64 -6.25
N ASP D 191 25.44 -18.37 -7.47
CA ASP D 191 25.90 -19.43 -8.35
C ASP D 191 27.16 -20.12 -7.82
N LYS D 192 28.13 -19.32 -7.36
CA LYS D 192 29.38 -19.86 -6.84
C LYS D 192 29.17 -20.68 -5.58
N ASN D 193 28.27 -20.22 -4.72
CA ASN D 193 27.95 -20.91 -3.47
C ASN D 193 27.44 -22.33 -3.73
N GLU D 194 26.55 -22.43 -4.73
CA GLU D 194 25.99 -23.72 -5.14
C GLU D 194 27.02 -24.63 -5.80
N ILE D 195 27.88 -24.08 -6.64
CA ILE D 195 28.93 -24.90 -7.26
C ILE D 195 29.76 -25.56 -6.15
N LEU D 196 30.06 -24.79 -5.11
CA LEU D 196 30.78 -25.32 -3.95
C LEU D 196 29.96 -26.39 -3.23
N PHE D 197 28.68 -26.11 -3.01
CA PHE D 197 27.84 -27.04 -2.27
C PHE D 197 27.47 -28.28 -3.05
N LYS D 198 26.76 -28.11 -4.16
CA LYS D 198 26.23 -29.25 -4.89
C LYS D 198 27.30 -30.04 -5.63
N GLU D 199 28.29 -29.36 -6.16
CA GLU D 199 29.30 -30.04 -6.97
C GLU D 199 30.59 -30.37 -6.23
N CYS D 200 30.94 -29.60 -5.20
CA CYS D 200 32.19 -29.84 -4.48
C CYS D 200 31.96 -30.35 -3.07
N GLY D 201 30.72 -30.32 -2.59
CA GLY D 201 30.45 -30.78 -1.24
C GLY D 201 31.09 -29.96 -0.15
N VAL D 202 31.21 -28.66 -0.38
CA VAL D 202 31.82 -27.76 0.58
C VAL D 202 30.85 -26.74 1.12
N ASN D 203 30.73 -26.67 2.44
CA ASN D 203 29.96 -25.61 3.05
C ASN D 203 30.89 -24.44 3.29
N TYR D 204 30.61 -23.36 2.57
CA TYR D 204 31.45 -22.18 2.59
C TYR D 204 31.54 -21.55 3.98
N ASN D 205 30.44 -21.57 4.72
CA ASN D 205 30.42 -21.03 6.07
C ASN D 205 31.37 -21.69 7.05
N ASN D 206 31.84 -22.90 6.73
CA ASN D 206 32.75 -23.61 7.63
C ASN D 206 34.21 -23.22 7.40
N GLU D 207 34.44 -22.41 6.37
CA GLU D 207 35.76 -21.85 6.11
C GLU D 207 36.15 -20.96 7.28
N SER D 208 37.44 -20.85 7.54
CA SER D 208 37.95 -19.97 8.59
C SER D 208 37.36 -18.58 8.44
N GLU D 209 36.99 -17.98 9.58
CA GLU D 209 36.42 -16.63 9.60
C GLU D 209 37.37 -15.58 9.03
N MET D 210 38.66 -15.75 9.28
CA MET D 210 39.68 -14.87 8.72
C MET D 210 39.67 -14.89 7.19
N TYR D 211 39.48 -16.08 6.62
CA TYR D 211 39.44 -16.22 5.17
C TYR D 211 38.21 -15.52 4.60
N LYS D 212 37.09 -15.61 5.30
CA LYS D 212 35.85 -15.06 4.80
C LYS D 212 35.76 -13.55 5.01
N LYS D 213 36.27 -13.07 6.15
CA LYS D 213 36.06 -11.68 6.57
C LYS D 213 37.29 -10.78 6.48
N GLY D 214 38.47 -11.39 6.45
CA GLY D 214 39.71 -10.63 6.48
C GLY D 214 40.14 -10.36 7.91
N THR D 215 41.01 -9.37 8.08
CA THR D 215 41.56 -9.06 9.39
C THR D 215 41.44 -7.60 9.75
N ILE D 216 40.82 -7.34 10.89
CA ILE D 216 40.74 -5.99 11.43
C ILE D 216 41.66 -5.85 12.63
N ILE D 217 42.58 -4.89 12.59
CA ILE D 217 43.37 -4.58 13.77
C ILE D 217 42.93 -3.22 14.25
N VAL D 218 42.44 -3.15 15.48
CA VAL D 218 41.91 -1.91 16.00
C VAL D 218 42.61 -1.51 17.31
N ARG D 219 42.86 -0.22 17.46
CA ARG D 219 43.35 0.34 18.72
C ARG D 219 42.17 0.47 19.68
N GLU D 220 42.28 -0.17 20.85
CA GLU D 220 41.20 -0.18 21.84
C GLU D 220 41.48 0.71 23.07
N PHE D 221 40.49 1.54 23.40
CA PHE D 221 40.52 2.39 24.59
C PHE D 221 39.46 2.00 25.61
N GLU D 222 39.78 2.12 26.89
CA GLU D 222 38.82 1.74 27.91
C GLU D 222 38.05 2.96 28.44
N ASN D 223 38.79 3.93 28.95
CA ASN D 223 38.16 5.13 29.52
C ASN D 223 38.23 6.33 28.57
N TYR D 224 37.66 6.21 27.38
CA TYR D 224 37.78 7.29 26.41
C TYR D 224 36.66 8.31 26.58
N GLU D 225 37.03 9.59 26.60
CA GLU D 225 36.07 10.67 26.49
C GLU D 225 36.53 11.61 25.37
N THR D 226 35.58 12.15 24.60
CA THR D 226 35.92 12.78 23.32
C THR D 226 36.67 14.11 23.54
N GLU D 227 37.65 14.06 24.44
CA GLU D 227 38.31 15.23 25.01
C GLU D 227 39.02 16.06 23.96
N ASP D 228 39.20 15.47 22.78
CA ASP D 228 39.89 16.11 21.68
C ASP D 228 39.21 17.30 20.98
N GLU D 229 39.92 18.43 21.02
CA GLU D 229 39.50 19.73 20.50
C GLU D 229 40.75 20.54 20.18
N ALA D 230 40.58 21.56 19.36
CA ALA D 230 41.68 22.47 19.03
C ALA D 230 42.11 23.25 20.27
N GLU D 231 41.16 23.53 21.16
CA GLU D 231 41.37 24.36 22.34
C GLU D 231 42.43 23.77 23.29
N LEU D 232 42.32 22.48 23.61
CA LEU D 232 43.32 21.80 24.44
C LEU D 232 44.61 21.68 23.64
N SER D 233 45.73 21.98 24.28
CA SER D 233 47.02 21.98 23.59
C SER D 233 48.22 21.79 24.53
N LYS D 234 49.42 21.83 23.94
CA LYS D 234 50.67 21.74 24.70
C LYS D 234 50.85 20.36 25.32
N ARG D 235 51.02 20.27 26.64
CA ARG D 235 51.28 18.96 27.22
C ARG D 235 50.05 18.08 27.16
N GLN D 236 48.86 18.68 27.13
CA GLN D 236 47.65 17.87 27.05
C GLN D 236 47.67 16.96 25.81
N VAL D 237 48.06 17.51 24.68
CA VAL D 237 48.17 16.71 23.45
C VAL D 237 49.24 15.62 23.59
N GLN D 238 50.33 15.97 24.26
CA GLN D 238 51.45 15.05 24.44
C GLN D 238 51.06 13.87 25.33
N ARG D 239 50.19 14.15 26.31
CA ARG D 239 49.67 13.11 27.19
C ARG D 239 48.74 12.19 26.43
N LEU D 240 47.96 12.78 25.54
CA LEU D 240 47.07 12.01 24.67
C LEU D 240 47.85 11.13 23.70
N GLU D 241 49.04 11.58 23.30
CA GLU D 241 49.90 10.75 22.46
C GLU D 241 50.46 9.53 23.20
N LYS D 242 50.79 9.70 24.47
CA LYS D 242 51.35 8.60 25.25
C LYS D 242 50.26 7.57 25.47
N LYS D 243 49.06 8.06 25.79
CA LYS D 243 47.88 7.21 25.97
C LYS D 243 47.56 6.44 24.71
N ARG D 244 47.67 7.10 23.57
CA ARG D 244 47.42 6.48 22.28
C ARG D 244 48.50 5.42 21.93
N LYS D 245 49.75 5.75 22.20
CA LYS D 245 50.86 4.82 22.00
C LYS D 245 50.68 3.59 22.85
N LYS D 246 50.28 3.78 24.11
CA LYS D 246 50.16 2.64 24.98
C LYS D 246 48.71 2.18 25.12
N ALA D 247 48.05 1.96 23.99
CA ALA D 247 46.70 1.39 24.04
C ALA D 247 46.78 -0.02 23.45
N GLU D 248 45.74 -0.83 23.68
CA GLU D 248 45.84 -2.22 23.29
C GLU D 248 45.43 -2.39 21.84
N LEU D 249 46.15 -3.21 21.10
CA LEU D 249 45.73 -3.54 19.74
C LEU D 249 44.98 -4.87 19.70
N LYS D 250 43.73 -4.86 19.26
CA LYS D 250 42.97 -6.11 19.15
C LYS D 250 42.62 -6.48 17.72
N ILE D 251 42.66 -7.78 17.47
CA ILE D 251 42.42 -8.34 16.15
C ILE D 251 41.05 -9.01 16.11
N TYR D 252 40.31 -8.75 15.04
CA TYR D 252 38.97 -9.31 14.86
C TYR D 252 38.85 -9.91 13.46
N HIS D 253 37.95 -10.88 13.31
CA HIS D 253 37.65 -11.42 12.00
C HIS D 253 36.14 -11.41 11.86
N VAL D 254 35.58 -10.21 11.81
CA VAL D 254 34.14 -10.01 11.86
C VAL D 254 33.63 -9.07 10.78
N ASP D 255 32.32 -9.09 10.54
CA ASP D 255 31.67 -8.10 9.69
C ASP D 255 31.79 -6.68 10.22
N ILE D 256 32.23 -5.75 9.37
CA ILE D 256 32.21 -4.34 9.72
C ILE D 256 31.37 -3.57 8.71
N ILE D 257 30.84 -4.28 7.71
CA ILE D 257 30.02 -3.64 6.69
C ILE D 257 28.68 -3.17 7.26
N ASN D 258 27.97 -4.08 7.93
CA ASN D 258 26.59 -3.81 8.34
C ASN D 258 26.41 -3.62 9.82
N ASP D 259 27.45 -3.89 10.59
CA ASP D 259 27.33 -3.77 12.04
C ASP D 259 27.69 -2.37 12.50
N ASP D 260 26.69 -1.48 12.44
CA ASP D 260 26.87 -0.08 12.82
C ASP D 260 27.31 0.04 14.26
N SER D 261 26.80 -0.84 15.10
CA SER D 261 27.12 -0.79 16.52
C SER D 261 28.61 -1.02 16.78
N TRP D 262 29.26 -1.80 15.91
CA TRP D 262 30.70 -2.03 16.04
C TRP D 262 31.48 -0.72 15.98
N TRP D 263 31.10 0.14 15.05
CA TRP D 263 31.75 1.43 14.88
C TRP D 263 31.34 2.43 15.95
N LYS D 264 30.04 2.51 16.23
CA LYS D 264 29.50 3.48 17.17
C LYS D 264 30.09 3.35 18.58
N SER D 265 30.40 2.13 19.00
CA SER D 265 30.97 1.91 20.33
C SER D 265 32.48 2.11 20.34
N ARG D 266 33.03 2.56 19.23
CA ARG D 266 34.45 2.87 19.14
C ARG D 266 34.62 4.26 18.54
N PRO D 267 34.11 5.28 19.24
CA PRO D 267 34.04 6.65 18.72
C PRO D 267 35.39 7.31 18.48
N TRP D 268 36.45 6.81 19.09
CA TRP D 268 37.75 7.43 18.91
C TRP D 268 38.26 7.25 17.48
N LEU D 269 37.65 6.34 16.72
CA LEU D 269 38.03 6.17 15.32
C LEU D 269 37.66 7.41 14.50
N LYS D 270 36.57 8.08 14.90
CA LYS D 270 36.03 9.23 14.18
C LYS D 270 36.77 10.53 14.45
N ASP D 271 37.62 10.52 15.47
CA ASP D 271 38.26 11.75 15.94
C ASP D 271 39.72 11.85 15.49
N SER E 7 -74.16 -36.84 20.55
CA SER E 7 -73.09 -36.84 21.54
C SER E 7 -72.70 -35.43 21.96
N LYS E 8 -72.47 -35.26 23.25
CA LYS E 8 -72.07 -34.00 23.87
C LYS E 8 -70.56 -33.75 23.87
N TYR E 9 -69.78 -34.74 23.45
CA TYR E 9 -68.32 -34.62 23.49
C TYR E 9 -67.69 -34.58 22.10
N GLU E 10 -68.44 -34.93 21.06
CA GLU E 10 -67.84 -35.09 19.75
C GLU E 10 -67.44 -33.78 19.07
N TYR E 11 -67.86 -32.65 19.62
CA TYR E 11 -67.46 -31.33 19.09
C TYR E 11 -65.94 -31.12 19.05
N VAL E 12 -65.19 -31.82 19.92
CA VAL E 12 -63.74 -31.62 20.02
C VAL E 12 -63.01 -31.97 18.73
N LYS E 13 -63.67 -32.71 17.85
CA LYS E 13 -63.13 -33.04 16.53
C LYS E 13 -62.95 -31.77 15.69
N LEU E 14 -63.72 -30.75 16.00
CA LEU E 14 -63.67 -29.53 15.20
C LEU E 14 -62.38 -28.74 15.42
N PHE E 15 -61.58 -29.15 16.40
CA PHE E 15 -60.32 -28.48 16.65
C PHE E 15 -59.21 -29.03 15.77
N GLU E 16 -59.46 -30.15 15.08
CA GLU E 16 -58.41 -30.71 14.23
C GLU E 16 -58.25 -29.86 12.99
N LYS E 17 -57.01 -29.72 12.53
CA LYS E 17 -56.75 -28.96 11.31
C LYS E 17 -55.94 -29.79 10.31
N GLU E 18 -56.53 -30.10 9.17
CA GLU E 18 -55.83 -30.80 8.10
C GLU E 18 -55.14 -29.81 7.17
N ASN E 19 -54.01 -30.22 6.61
CA ASN E 19 -53.31 -29.40 5.63
C ASN E 19 -53.23 -30.12 4.29
N TYR E 20 -54.04 -29.72 3.33
CA TYR E 20 -54.00 -30.30 2.00
C TYR E 20 -52.98 -29.63 1.10
N LEU E 21 -51.97 -30.39 0.72
CA LEU E 21 -50.85 -29.88 -0.06
C LEU E 21 -51.35 -29.50 -1.46
N LEU E 22 -50.93 -28.32 -1.91
CA LEU E 22 -51.26 -27.75 -3.22
C LEU E 22 -51.28 -28.75 -4.37
N PRO E 23 -52.41 -28.84 -5.09
CA PRO E 23 -52.55 -29.77 -6.21
C PRO E 23 -51.52 -29.51 -7.32
N ASP E 24 -51.24 -30.54 -8.10
CA ASP E 24 -50.43 -30.43 -9.31
C ASP E 24 -49.01 -29.90 -9.01
N THR E 25 -48.51 -30.20 -7.81
CA THR E 25 -47.18 -29.79 -7.41
C THR E 25 -46.32 -30.98 -7.00
N TYR E 26 -45.03 -30.95 -7.33
CA TYR E 26 -44.12 -32.03 -6.91
C TYR E 26 -43.97 -32.05 -5.41
N ILE E 27 -44.01 -33.25 -4.82
CA ILE E 27 -43.76 -33.40 -3.39
C ILE E 27 -42.47 -34.17 -3.12
N ILE E 28 -41.59 -33.58 -2.29
CA ILE E 28 -40.43 -34.28 -1.75
C ILE E 28 -40.64 -34.66 -0.28
N ILE E 29 -40.43 -35.93 0.04
CA ILE E 29 -40.40 -36.35 1.43
C ILE E 29 -38.99 -36.75 1.86
N ARG E 30 -38.45 -36.06 2.86
CA ARG E 30 -37.10 -36.34 3.36
C ARG E 30 -37.21 -36.95 4.76
N VAL E 31 -36.54 -38.08 4.95
CA VAL E 31 -36.47 -38.69 6.26
C VAL E 31 -35.05 -38.64 6.79
N ASP E 32 -34.90 -38.39 8.10
CA ASP E 32 -33.58 -38.33 8.72
C ASP E 32 -33.62 -38.94 10.12
N GLY E 33 -32.65 -39.80 10.40
CA GLY E 33 -32.58 -40.51 11.66
C GLY E 33 -32.49 -39.66 12.91
N LYS E 34 -33.29 -39.96 13.92
CA LYS E 34 -33.24 -39.22 15.18
C LYS E 34 -32.10 -39.75 16.06
N GLY E 35 -31.16 -38.88 16.39
CA GLY E 35 -30.05 -39.26 17.25
C GLY E 35 -29.24 -40.42 16.70
N PHE E 36 -28.95 -40.42 15.41
CA PHE E 36 -28.21 -41.53 14.82
C PHE E 36 -26.72 -41.46 15.09
N HIS E 37 -26.27 -40.34 15.62
CA HIS E 37 -24.90 -40.27 16.13
C HIS E 37 -24.77 -41.22 17.32
N LYS E 38 -25.65 -41.08 18.31
CA LYS E 38 -25.65 -41.99 19.45
C LYS E 38 -25.97 -43.43 19.00
N PHE E 39 -26.91 -43.57 18.07
CA PHE E 39 -27.34 -44.88 17.59
C PHE E 39 -26.19 -45.64 16.94
N SER E 40 -25.40 -44.94 16.12
CA SER E 40 -24.26 -45.55 15.42
C SER E 40 -23.09 -45.88 16.35
N GLN E 41 -22.98 -45.15 17.46
CA GLN E 41 -21.99 -45.41 18.50
C GLN E 41 -22.32 -46.65 19.31
N PHE E 42 -23.58 -46.72 19.76
CA PHE E 42 -24.03 -47.82 20.60
C PHE E 42 -23.80 -49.15 19.91
N TYR E 43 -24.11 -49.20 18.61
CA TYR E 43 -23.98 -50.44 17.86
C TYR E 43 -22.67 -50.49 17.09
N GLU E 44 -21.75 -49.58 17.41
CA GLU E 44 -20.39 -49.61 16.88
C GLU E 44 -20.29 -49.70 15.35
N PHE E 45 -20.95 -48.78 14.67
CA PHE E 45 -20.82 -48.65 13.21
C PHE E 45 -19.35 -48.48 12.85
N GLU E 46 -18.96 -49.07 11.74
CA GLU E 46 -17.66 -48.79 11.15
C GLU E 46 -17.52 -47.33 10.73
N LYS E 47 -16.30 -46.82 10.81
CA LYS E 47 -16.02 -45.45 10.44
C LYS E 47 -14.98 -45.42 9.34
N PRO E 48 -15.11 -44.47 8.39
CA PRO E 48 -16.15 -43.44 8.33
C PRO E 48 -17.50 -44.02 7.87
N ASN E 49 -17.44 -45.05 7.04
CA ASN E 49 -18.65 -45.66 6.50
C ASN E 49 -18.84 -47.15 6.82
N ASP E 50 -20.03 -47.50 7.29
CA ASP E 50 -20.41 -48.89 7.52
C ASP E 50 -21.25 -49.37 6.33
N LEU E 51 -20.70 -50.28 5.54
CA LEU E 51 -21.37 -50.70 4.31
C LEU E 51 -22.74 -51.32 4.59
N LYS E 52 -22.79 -52.24 5.56
CA LYS E 52 -24.04 -52.94 5.85
C LYS E 52 -25.12 -52.06 6.48
N ALA E 53 -24.70 -51.05 7.25
CA ALA E 53 -25.63 -50.09 7.84
C ALA E 53 -26.34 -49.28 6.76
N LEU E 54 -25.58 -48.92 5.73
CA LEU E 54 -26.11 -48.23 4.56
C LEU E 54 -27.01 -49.15 3.71
N GLN E 55 -26.71 -50.44 3.71
CA GLN E 55 -27.49 -51.42 2.97
C GLN E 55 -28.86 -51.64 3.62
N VAL E 56 -28.90 -51.46 4.93
CA VAL E 56 -30.14 -51.44 5.69
C VAL E 56 -31.06 -50.28 5.29
N MET E 57 -30.50 -49.07 5.18
CA MET E 57 -31.29 -47.91 4.76
C MET E 57 -31.90 -48.12 3.38
N ASN E 58 -31.08 -48.59 2.45
CA ASN E 58 -31.48 -48.76 1.04
C ASN E 58 -32.55 -49.84 0.86
N SER E 59 -32.42 -50.93 1.64
CA SER E 59 -33.40 -52.00 1.60
C SER E 59 -34.71 -51.47 2.12
N ALA E 60 -34.63 -50.68 3.19
CA ALA E 60 -35.78 -50.03 3.79
C ALA E 60 -36.47 -49.14 2.75
N ALA E 61 -35.66 -48.31 2.09
CA ALA E 61 -36.11 -47.34 1.09
C ALA E 61 -36.74 -48.06 -0.11
N GLU E 62 -36.11 -49.14 -0.56
CA GLU E 62 -36.62 -49.90 -1.70
C GLU E 62 -37.97 -50.54 -1.45
N LYS E 63 -38.17 -51.04 -0.23
CA LYS E 63 -39.44 -51.65 0.12
C LYS E 63 -40.58 -50.65 0.11
N LEU E 64 -40.35 -49.49 0.71
CA LEU E 64 -41.35 -48.41 0.71
C LEU E 64 -41.72 -47.98 -0.69
N MET E 65 -40.71 -47.79 -1.54
CA MET E 65 -40.90 -47.28 -2.90
C MET E 65 -41.69 -48.26 -3.74
N SER E 66 -41.55 -49.55 -3.44
CA SER E 66 -42.28 -50.57 -4.18
C SER E 66 -43.73 -50.65 -3.73
N LYS E 67 -44.03 -50.08 -2.57
CA LYS E 67 -45.38 -50.09 -2.03
C LYS E 67 -46.25 -48.97 -2.59
N TYR E 68 -45.61 -47.86 -2.93
CA TYR E 68 -46.27 -46.64 -3.40
C TYR E 68 -45.79 -46.19 -4.77
N SER E 69 -46.58 -46.49 -5.78
CA SER E 69 -46.22 -46.23 -7.16
C SER E 69 -46.04 -44.74 -7.46
N ASP E 70 -46.51 -43.89 -6.56
CA ASP E 70 -46.30 -42.46 -6.74
C ASP E 70 -44.86 -42.04 -6.46
N VAL E 71 -44.11 -42.85 -5.71
CA VAL E 71 -42.70 -42.54 -5.52
C VAL E 71 -41.90 -42.86 -6.79
N MET E 72 -41.33 -41.83 -7.41
CA MET E 72 -40.67 -41.96 -8.71
C MET E 72 -39.16 -42.09 -8.59
N LEU E 73 -38.63 -41.54 -7.50
CA LEU E 73 -37.19 -41.38 -7.33
C LEU E 73 -36.82 -41.27 -5.85
N ALA E 74 -35.72 -41.93 -5.46
CA ALA E 74 -35.25 -41.84 -4.09
C ALA E 74 -33.74 -41.61 -4.04
N TYR E 75 -33.33 -40.77 -3.09
CA TYR E 75 -31.91 -40.46 -2.87
C TYR E 75 -31.55 -40.56 -1.40
N GLY E 76 -30.49 -41.30 -1.09
CA GLY E 76 -30.10 -41.47 0.29
C GLY E 76 -28.61 -41.32 0.51
N ASP E 77 -28.27 -40.86 1.70
CA ASP E 77 -26.91 -40.87 2.20
C ASP E 77 -26.97 -40.68 3.70
N SER E 78 -25.94 -41.15 4.40
CA SER E 78 -25.86 -41.06 5.84
C SER E 78 -27.10 -41.70 6.44
N ASP E 79 -27.77 -40.96 7.33
CA ASP E 79 -28.98 -41.44 7.97
C ASP E 79 -30.26 -40.80 7.41
N GLU E 80 -30.21 -40.35 6.15
CA GLU E 80 -31.35 -39.67 5.54
C GLU E 80 -31.78 -40.26 4.20
N TYR E 81 -33.07 -40.08 3.86
CA TYR E 81 -33.57 -40.41 2.52
C TYR E 81 -34.60 -39.41 1.98
N SER E 82 -34.52 -39.08 0.69
CA SER E 82 -35.51 -38.20 0.05
C SER E 82 -36.32 -38.90 -1.04
N PHE E 83 -37.63 -38.72 -1.01
CA PHE E 83 -38.54 -39.34 -1.96
C PHE E 83 -39.32 -38.34 -2.82
N LEU E 84 -39.27 -38.51 -4.13
CA LEU E 84 -40.05 -37.71 -5.06
C LEU E 84 -41.40 -38.35 -5.39
N LEU E 85 -42.50 -37.64 -5.10
CA LEU E 85 -43.84 -38.10 -5.45
C LEU E 85 -44.29 -37.44 -6.76
N ARG E 86 -44.88 -38.23 -7.65
CA ARG E 86 -45.33 -37.67 -8.93
C ARG E 86 -46.35 -36.56 -8.70
N LYS E 87 -46.37 -35.61 -9.63
CA LYS E 87 -47.09 -34.37 -9.44
C LYS E 87 -48.61 -34.54 -9.37
N ASN E 88 -49.13 -35.63 -9.92
CA ASN E 88 -50.58 -35.86 -9.89
C ASN E 88 -51.00 -36.83 -8.80
N CYS E 89 -50.10 -37.06 -7.85
CA CYS E 89 -50.39 -37.91 -6.69
C CYS E 89 -51.62 -37.48 -5.87
N GLN E 90 -52.51 -38.43 -5.64
CA GLN E 90 -53.72 -38.21 -4.84
C GLN E 90 -53.74 -39.10 -3.59
N LEU E 91 -52.59 -39.66 -3.25
CA LEU E 91 -52.43 -40.45 -2.02
C LEU E 91 -52.89 -39.71 -0.76
N TYR E 92 -53.86 -40.29 -0.06
CA TYR E 92 -54.47 -39.69 1.13
C TYR E 92 -55.00 -38.28 0.89
N GLU E 93 -55.50 -38.05 -0.33
CA GLU E 93 -56.01 -36.74 -0.71
C GLU E 93 -54.98 -35.64 -0.44
N ARG E 94 -53.71 -36.00 -0.58
CA ARG E 94 -52.60 -35.08 -0.38
C ARG E 94 -52.54 -34.45 1.00
N ARG E 95 -53.09 -35.12 2.02
CA ARG E 95 -52.99 -34.63 3.39
C ARG E 95 -51.56 -34.80 3.94
N GLU E 96 -50.95 -33.69 4.34
CA GLU E 96 -49.56 -33.68 4.75
C GLU E 96 -49.31 -34.55 5.97
N MET E 97 -50.21 -34.50 6.94
CA MET E 97 -50.12 -35.32 8.14
C MET E 97 -50.08 -36.81 7.84
N LYS E 98 -50.96 -37.27 6.95
CA LYS E 98 -51.01 -38.68 6.61
C LYS E 98 -49.72 -39.09 5.89
N LEU E 99 -49.33 -38.29 4.90
CA LEU E 99 -48.15 -38.59 4.07
C LEU E 99 -46.84 -38.65 4.89
N THR E 100 -46.63 -37.67 5.77
CA THR E 100 -45.37 -37.57 6.50
C THR E 100 -45.28 -38.62 7.60
N THR E 101 -46.36 -38.82 8.35
CA THR E 101 -46.33 -39.72 9.49
C THR E 101 -46.32 -41.16 9.02
N LEU E 102 -46.86 -41.41 7.84
CA LEU E 102 -46.78 -42.74 7.26
C LEU E 102 -45.37 -43.07 6.76
N PHE E 103 -44.70 -42.10 6.16
CA PHE E 103 -43.33 -42.30 5.70
C PHE E 103 -42.32 -42.52 6.82
N SER E 104 -42.42 -41.74 7.89
CA SER E 104 -41.48 -41.89 9.00
C SER E 104 -41.72 -43.20 9.72
N SER E 105 -42.98 -43.62 9.77
CA SER E 105 -43.39 -44.89 10.36
C SER E 105 -42.86 -46.09 9.59
N LEU E 106 -43.05 -46.06 8.28
CA LEU E 106 -42.59 -47.14 7.41
C LEU E 106 -41.08 -47.32 7.47
N MET E 107 -40.34 -46.21 7.38
CA MET E 107 -38.88 -46.25 7.40
C MET E 107 -38.39 -46.80 8.73
N SER E 108 -39.06 -46.41 9.81
CA SER E 108 -38.69 -46.88 11.14
C SER E 108 -38.83 -48.39 11.22
N THR E 109 -39.98 -48.89 10.76
CA THR E 109 -40.28 -50.31 10.85
C THR E 109 -39.55 -51.18 9.85
N TYR E 110 -39.39 -50.69 8.62
CA TYR E 110 -38.59 -51.40 7.62
C TYR E 110 -37.12 -51.51 8.06
N TYR E 111 -36.61 -50.45 8.68
CA TYR E 111 -35.23 -50.45 9.17
C TYR E 111 -35.08 -51.52 10.24
N MET E 112 -36.01 -51.55 11.19
CA MET E 112 -36.00 -52.58 12.24
C MET E 112 -36.10 -53.98 11.65
N TYR E 113 -36.95 -54.16 10.64
CA TYR E 113 -37.10 -55.45 10.00
C TYR E 113 -35.74 -55.87 9.39
N PHE E 114 -35.16 -55.01 8.55
CA PHE E 114 -33.92 -55.31 7.81
C PHE E 114 -32.67 -55.36 8.68
N TRP E 115 -32.68 -54.65 9.80
CA TRP E 115 -31.56 -54.71 10.75
C TRP E 115 -31.42 -56.10 11.33
N SER E 116 -32.54 -56.71 11.68
CA SER E 116 -32.51 -58.04 12.27
C SER E 116 -32.04 -59.09 11.25
N GLN E 117 -32.21 -58.77 9.97
CA GLN E 117 -31.73 -59.64 8.90
C GLN E 117 -30.22 -59.47 8.68
N TYR E 118 -29.77 -58.21 8.63
CA TYR E 118 -28.35 -57.91 8.36
C TYR E 118 -27.47 -57.98 9.60
N PHE E 119 -28.04 -57.75 10.78
CA PHE E 119 -27.26 -57.82 12.02
C PHE E 119 -27.84 -58.75 13.08
N PRO E 120 -27.88 -60.07 12.80
CA PRO E 120 -28.41 -61.04 13.75
C PRO E 120 -27.62 -61.06 15.07
N ASP E 121 -26.36 -60.66 15.00
CA ASP E 121 -25.49 -60.60 16.18
C ASP E 121 -25.51 -59.28 16.95
N LYS E 122 -26.27 -58.30 16.45
CA LYS E 122 -26.48 -57.05 17.17
C LYS E 122 -27.96 -56.85 17.46
N PRO E 123 -28.53 -57.64 18.40
CA PRO E 123 -29.95 -57.45 18.68
C PRO E 123 -30.29 -56.05 19.18
N LEU E 124 -31.43 -55.50 18.78
CA LEU E 124 -31.78 -54.13 19.14
C LEU E 124 -32.19 -53.96 20.60
N HIS E 125 -31.71 -52.88 21.21
CA HIS E 125 -32.06 -52.53 22.60
C HIS E 125 -33.27 -51.59 22.60
N ILE E 126 -34.17 -51.78 23.56
CA ILE E 126 -35.43 -51.03 23.59
C ILE E 126 -35.20 -49.54 23.72
N ASP E 127 -34.03 -49.15 24.24
CA ASP E 127 -33.73 -47.74 24.42
C ASP E 127 -32.93 -47.16 23.27
N HIS E 128 -32.69 -47.98 22.24
CA HIS E 128 -31.98 -47.54 21.05
C HIS E 128 -32.58 -48.11 19.76
N LEU E 129 -33.87 -47.85 19.55
CA LEU E 129 -34.54 -48.24 18.31
C LEU E 129 -34.38 -47.19 17.22
N PRO E 130 -34.41 -47.61 15.94
CA PRO E 130 -34.24 -46.64 14.85
C PRO E 130 -35.51 -45.86 14.55
N ASN E 131 -35.47 -44.58 14.89
CA ASN E 131 -36.58 -43.70 14.64
C ASN E 131 -36.25 -42.66 13.61
N PHE E 132 -37.28 -42.20 12.91
CA PHE E 132 -37.11 -41.22 11.86
C PHE E 132 -38.11 -40.09 11.97
N ASP E 133 -37.67 -38.88 11.64
CA ASP E 133 -38.60 -37.81 11.43
C ASP E 133 -38.95 -37.88 9.94
N ALA E 134 -39.86 -37.02 9.50
CA ALA E 134 -40.18 -36.88 8.09
C ALA E 134 -40.78 -35.52 7.86
N ARG E 135 -40.38 -34.86 6.78
CA ARG E 135 -40.98 -33.60 6.43
C ARG E 135 -41.34 -33.64 4.96
N ALA E 136 -42.43 -32.95 4.60
CA ALA E 136 -42.85 -32.81 3.21
C ALA E 136 -42.54 -31.42 2.72
N VAL E 137 -41.97 -31.34 1.52
CA VAL E 137 -41.70 -30.05 0.90
C VAL E 137 -42.26 -30.00 -0.52
N LEU E 138 -42.89 -28.89 -0.87
CA LEU E 138 -43.45 -28.71 -2.20
C LEU E 138 -42.54 -27.96 -3.16
N TYR E 139 -42.41 -28.46 -4.39
CA TYR E 139 -41.65 -27.77 -5.43
C TYR E 139 -42.54 -27.65 -6.68
N PRO E 140 -42.80 -26.41 -7.15
CA PRO E 140 -43.78 -26.21 -8.23
C PRO E 140 -43.25 -26.48 -9.64
N ASP E 141 -41.94 -26.67 -9.77
CA ASP E 141 -41.31 -26.86 -11.08
C ASP E 141 -40.18 -27.88 -10.94
N PHE E 142 -40.01 -28.73 -11.94
CA PHE E 142 -39.02 -29.80 -11.87
C PHE E 142 -37.58 -29.30 -11.82
N LYS E 143 -37.33 -28.09 -12.28
CA LYS E 143 -35.99 -27.52 -12.19
C LYS E 143 -35.57 -27.37 -10.72
N HIS E 144 -36.53 -27.19 -9.83
CA HIS E 144 -36.24 -27.07 -8.41
C HIS E 144 -35.96 -28.45 -7.81
N ILE E 145 -36.56 -29.47 -8.43
CA ILE E 145 -36.36 -30.87 -8.07
C ILE E 145 -34.92 -31.29 -8.40
N ARG E 146 -34.48 -30.91 -9.59
CA ARG E 146 -33.10 -31.11 -9.99
C ARG E 146 -32.15 -30.48 -8.99
N ASN E 147 -32.41 -29.23 -8.62
CA ASN E 147 -31.53 -28.53 -7.69
C ASN E 147 -31.56 -29.12 -6.29
N TYR E 148 -32.69 -29.67 -5.89
CA TYR E 148 -32.81 -30.27 -4.57
C TYR E 148 -31.92 -31.49 -4.42
N PHE E 149 -31.98 -32.39 -5.41
CA PHE E 149 -31.18 -33.60 -5.34
C PHE E 149 -29.72 -33.26 -5.55
N SER E 150 -29.46 -32.24 -6.37
CA SER E 150 -28.10 -31.72 -6.52
C SER E 150 -27.58 -31.19 -5.20
N TRP E 151 -28.45 -30.46 -4.48
CA TRP E 151 -28.13 -29.96 -3.15
C TRP E 151 -27.77 -31.09 -2.20
N ARG E 152 -28.56 -32.15 -2.27
CA ARG E 152 -28.41 -33.27 -1.38
C ARG E 152 -27.18 -34.12 -1.69
N GLN E 153 -26.85 -34.23 -2.96
CA GLN E 153 -25.69 -35.02 -3.35
C GLN E 153 -24.42 -34.24 -3.04
N VAL E 154 -24.45 -32.92 -3.23
CA VAL E 154 -23.32 -32.06 -2.89
C VAL E 154 -23.04 -32.16 -1.39
N ASP E 155 -24.13 -32.22 -0.62
CA ASP E 155 -24.07 -32.35 0.82
C ASP E 155 -23.48 -33.71 1.20
N CYS E 156 -23.80 -34.72 0.39
CA CYS E 156 -23.24 -36.05 0.57
C CYS E 156 -21.73 -35.99 0.35
N HIS E 157 -21.32 -35.25 -0.69
CA HIS E 157 -19.92 -35.03 -1.01
C HIS E 157 -19.21 -34.33 0.15
N ILE E 158 -19.79 -33.23 0.62
CA ILE E 158 -19.20 -32.43 1.69
C ILE E 158 -19.04 -33.25 2.96
N ASN E 159 -20.08 -34.00 3.33
CA ASN E 159 -20.06 -34.79 4.56
C ASN E 159 -19.15 -36.01 4.48
N ASN E 160 -19.10 -36.67 3.32
CA ASN E 160 -18.28 -37.87 3.19
C ASN E 160 -16.81 -37.46 3.20
N LEU E 161 -16.50 -36.37 2.49
CA LEU E 161 -15.15 -35.83 2.42
C LEU E 161 -14.65 -35.43 3.81
N TYR E 162 -15.51 -34.79 4.59
CA TYR E 162 -15.16 -34.40 5.95
C TYR E 162 -14.90 -35.60 6.84
N ASN E 163 -15.83 -36.55 6.88
CA ASN E 163 -15.66 -37.68 7.78
C ASN E 163 -14.50 -38.60 7.43
N THR E 164 -14.24 -38.80 6.14
CA THR E 164 -13.14 -39.67 5.75
C THR E 164 -11.82 -39.01 6.15
N THR E 165 -11.73 -37.69 5.94
CA THR E 165 -10.55 -36.93 6.34
C THR E 165 -10.40 -36.89 7.84
N PHE E 166 -11.48 -36.56 8.53
CA PHE E 166 -11.48 -36.46 9.99
C PHE E 166 -11.00 -37.74 10.64
N TRP E 167 -11.63 -38.85 10.25
CA TRP E 167 -11.40 -40.14 10.93
C TRP E 167 -10.08 -40.79 10.58
N ASN E 168 -9.52 -40.48 9.42
CA ASN E 168 -8.18 -40.97 9.11
C ASN E 168 -7.18 -40.19 9.96
N LEU E 169 -7.45 -38.91 10.21
CA LEU E 169 -6.63 -38.13 11.12
C LEU E 169 -6.66 -38.77 12.51
N VAL E 170 -7.85 -39.20 12.94
CA VAL E 170 -8.01 -39.81 14.26
C VAL E 170 -7.43 -41.23 14.29
N LEU E 171 -7.74 -42.02 13.26
CA LEU E 171 -7.38 -43.44 13.23
C LEU E 171 -5.98 -43.76 12.72
N LYS E 172 -5.54 -43.09 11.66
CA LYS E 172 -4.19 -43.37 11.16
C LYS E 172 -3.11 -42.57 11.89
N LEU E 173 -3.35 -41.27 12.07
CA LEU E 173 -2.41 -40.40 12.75
C LEU E 173 -2.57 -40.31 14.27
N LYS E 174 -3.48 -41.11 14.83
CA LYS E 174 -3.67 -41.15 16.30
C LYS E 174 -3.91 -39.78 16.94
N MET E 175 -4.56 -38.87 16.20
CA MET E 175 -5.01 -37.61 16.80
C MET E 175 -6.19 -37.80 17.75
N THR E 176 -6.29 -36.91 18.74
CA THR E 176 -7.47 -36.80 19.59
C THR E 176 -8.58 -36.06 18.87
N PRO E 177 -9.85 -36.29 19.26
CA PRO E 177 -10.95 -35.55 18.66
C PRO E 177 -10.73 -34.04 18.61
N GLN E 178 -10.22 -33.47 19.70
CA GLN E 178 -10.05 -32.03 19.75
C GLN E 178 -9.01 -31.56 18.74
N GLN E 179 -7.92 -32.31 18.61
CA GLN E 179 -6.87 -31.89 17.68
C GLN E 179 -7.14 -32.19 16.21
N ALA E 180 -7.90 -33.24 15.91
CA ALA E 180 -8.28 -33.47 14.51
C ALA E 180 -9.14 -32.36 13.94
N GLU E 181 -10.12 -31.94 14.74
CA GLU E 181 -11.04 -30.88 14.35
C GLU E 181 -10.39 -29.52 14.19
N GLN E 182 -9.53 -29.17 15.15
CA GLN E 182 -8.82 -27.89 15.12
C GLN E 182 -7.89 -27.81 13.91
N ARG E 183 -7.33 -28.96 13.55
CA ARG E 183 -6.45 -29.05 12.39
C ARG E 183 -7.24 -28.73 11.11
N LEU E 184 -8.53 -29.06 11.14
CA LEU E 184 -9.39 -28.91 9.97
C LEU E 184 -10.11 -27.58 9.90
N MET E 185 -10.16 -26.84 11.02
CA MET E 185 -10.82 -25.55 11.02
C MET E 185 -10.15 -24.64 9.99
N GLY E 186 -10.94 -24.06 9.09
CA GLY E 186 -10.36 -23.17 8.09
C GLY E 186 -10.05 -23.86 6.77
N THR E 187 -10.64 -25.02 6.52
CA THR E 187 -10.34 -25.78 5.31
C THR E 187 -11.48 -25.84 4.29
N VAL E 188 -11.09 -25.76 3.01
CA VAL E 188 -12.00 -25.92 1.88
C VAL E 188 -11.84 -27.31 1.27
N ALA E 189 -12.63 -27.60 0.25
CA ALA E 189 -12.70 -28.94 -0.33
C ALA E 189 -11.34 -29.40 -0.80
N SER E 190 -10.59 -28.50 -1.42
CA SER E 190 -9.25 -28.80 -1.92
C SER E 190 -8.27 -29.11 -0.77
N ASP E 191 -8.44 -28.42 0.36
CA ASP E 191 -7.59 -28.65 1.52
C ASP E 191 -7.75 -30.05 2.09
N LYS E 192 -9.00 -30.49 2.25
CA LYS E 192 -9.26 -31.81 2.81
C LYS E 192 -8.70 -32.89 1.89
N ASN E 193 -8.85 -32.69 0.59
CA ASN E 193 -8.30 -33.60 -0.41
C ASN E 193 -6.78 -33.66 -0.30
N GLU E 194 -6.16 -32.49 -0.12
CA GLU E 194 -4.72 -32.38 0.02
C GLU E 194 -4.24 -33.06 1.30
N ILE E 195 -4.98 -32.80 2.38
CA ILE E 195 -4.71 -33.40 3.69
C ILE E 195 -4.78 -34.92 3.60
N LEU E 196 -5.76 -35.44 2.88
CA LEU E 196 -5.89 -36.88 2.71
C LEU E 196 -4.70 -37.51 1.98
N PHE E 197 -4.26 -36.91 0.87
CA PHE E 197 -3.18 -37.53 0.12
C PHE E 197 -1.85 -37.33 0.86
N LYS E 198 -1.49 -36.06 1.08
CA LYS E 198 -0.18 -35.71 1.62
C LYS E 198 0.05 -36.04 3.11
N GLU E 199 -0.97 -35.84 3.94
CA GLU E 199 -0.83 -36.01 5.39
C GLU E 199 -1.35 -37.32 5.97
N CYS E 200 -2.34 -37.92 5.33
CA CYS E 200 -2.98 -39.09 5.89
C CYS E 200 -2.71 -40.33 5.05
N GLY E 201 -2.12 -40.11 3.88
CA GLY E 201 -1.86 -41.20 2.97
C GLY E 201 -3.10 -41.85 2.40
N VAL E 202 -4.16 -41.06 2.21
CA VAL E 202 -5.42 -41.57 1.68
C VAL E 202 -5.81 -40.97 0.34
N ASN E 203 -6.04 -41.85 -0.63
CA ASN E 203 -6.55 -41.43 -1.94
C ASN E 203 -8.07 -41.42 -1.92
N TYR E 204 -8.65 -40.22 -1.94
CA TYR E 204 -10.09 -40.04 -1.81
C TYR E 204 -10.84 -40.71 -2.96
N ASN E 205 -10.25 -40.66 -4.15
CA ASN E 205 -10.85 -41.23 -5.35
C ASN E 205 -11.08 -42.75 -5.29
N ASN E 206 -10.37 -43.44 -4.41
CA ASN E 206 -10.54 -44.89 -4.28
C ASN E 206 -11.66 -45.29 -3.33
N GLU E 207 -12.29 -44.32 -2.68
CA GLU E 207 -13.48 -44.59 -1.87
C GLU E 207 -14.61 -45.18 -2.70
N SER E 208 -15.46 -45.99 -2.06
CA SER E 208 -16.64 -46.57 -2.68
C SER E 208 -17.47 -45.51 -3.42
N GLU E 209 -17.99 -45.86 -4.60
CA GLU E 209 -18.85 -44.93 -5.35
C GLU E 209 -20.10 -44.55 -4.55
N MET E 210 -20.60 -45.51 -3.79
CA MET E 210 -21.76 -45.29 -2.91
C MET E 210 -21.50 -44.22 -1.85
N TYR E 211 -20.32 -44.25 -1.23
CA TYR E 211 -19.97 -43.28 -0.19
C TYR E 211 -19.85 -41.85 -0.73
N LYS E 212 -19.29 -41.71 -1.92
CA LYS E 212 -18.97 -40.40 -2.50
C LYS E 212 -20.19 -39.71 -3.13
N LYS E 213 -21.05 -40.49 -3.76
CA LYS E 213 -22.14 -39.96 -4.58
C LYS E 213 -23.51 -40.16 -3.91
N GLY E 214 -23.57 -41.12 -2.99
CA GLY E 214 -24.81 -41.53 -2.37
C GLY E 214 -25.54 -42.59 -3.18
N THR E 215 -26.82 -42.79 -2.88
CA THR E 215 -27.58 -43.86 -3.54
C THR E 215 -28.89 -43.40 -4.16
N ILE E 216 -29.04 -43.69 -5.45
CA ILE E 216 -30.27 -43.42 -6.18
C ILE E 216 -31.07 -44.70 -6.47
N ILE E 217 -32.33 -44.71 -6.05
CA ILE E 217 -33.24 -45.78 -6.40
C ILE E 217 -34.29 -45.21 -7.33
N VAL E 218 -34.36 -45.71 -8.56
CA VAL E 218 -35.30 -45.15 -9.53
C VAL E 218 -36.22 -46.17 -10.19
N ARG E 219 -37.47 -45.76 -10.40
CA ARG E 219 -38.45 -46.55 -11.13
C ARG E 219 -38.17 -46.44 -12.63
N GLU E 220 -37.98 -47.57 -13.30
CA GLU E 220 -37.67 -47.54 -14.73
C GLU E 220 -38.85 -47.96 -15.61
N PHE E 221 -39.14 -47.13 -16.61
CA PHE E 221 -40.16 -47.43 -17.60
C PHE E 221 -39.58 -47.65 -18.98
N GLU E 222 -40.17 -48.59 -19.72
CA GLU E 222 -39.69 -48.95 -21.04
C GLU E 222 -40.49 -48.18 -22.11
N ASN E 223 -41.81 -48.32 -22.08
CA ASN E 223 -42.68 -47.70 -23.08
C ASN E 223 -43.38 -46.45 -22.53
N ALA E 247 -42.89 -52.00 -13.17
CA ALA E 247 -41.64 -51.29 -13.37
C ALA E 247 -40.55 -51.81 -12.43
N GLU E 248 -39.30 -51.48 -12.74
CA GLU E 248 -38.16 -52.03 -12.02
C GLU E 248 -37.35 -51.00 -11.24
N LEU E 249 -36.90 -51.39 -10.05
CA LEU E 249 -36.14 -50.49 -9.18
C LEU E 249 -34.66 -50.73 -9.46
N LYS E 250 -33.95 -49.70 -9.90
CA LYS E 250 -32.54 -49.85 -10.16
C LYS E 250 -31.73 -48.94 -9.25
N ILE E 251 -30.58 -49.44 -8.81
CA ILE E 251 -29.74 -48.70 -7.87
C ILE E 251 -28.47 -48.19 -8.55
N TYR E 252 -28.14 -46.92 -8.32
CA TYR E 252 -26.97 -46.33 -8.91
C TYR E 252 -26.16 -45.60 -7.85
N HIS E 253 -24.86 -45.45 -8.08
CA HIS E 253 -24.04 -44.63 -7.20
C HIS E 253 -23.28 -43.68 -8.11
N VAL E 254 -24.01 -42.76 -8.74
CA VAL E 254 -23.43 -41.91 -9.78
C VAL E 254 -23.74 -40.44 -9.54
N ASP E 255 -23.01 -39.57 -10.25
CA ASP E 255 -23.32 -38.15 -10.25
C ASP E 255 -24.68 -37.94 -10.93
N ILE E 256 -25.57 -37.19 -10.29
CA ILE E 256 -26.82 -36.80 -10.93
C ILE E 256 -26.92 -35.28 -10.99
N ILE E 257 -25.89 -34.64 -10.47
CA ILE E 257 -25.77 -33.18 -10.43
C ILE E 257 -25.52 -32.61 -11.82
N ASN E 258 -24.51 -33.18 -12.50
CA ASN E 258 -24.04 -32.61 -13.77
C ASN E 258 -24.39 -33.43 -15.02
N ASP E 259 -24.93 -34.63 -14.84
CA ASP E 259 -25.27 -35.48 -15.99
C ASP E 259 -26.70 -35.16 -16.45
N ASP E 260 -26.86 -34.12 -17.28
CA ASP E 260 -28.18 -33.72 -17.77
C ASP E 260 -28.92 -34.78 -18.59
N SER E 261 -28.18 -35.56 -19.36
CA SER E 261 -28.77 -36.60 -20.19
C SER E 261 -29.44 -37.69 -19.33
N TRP E 262 -28.89 -37.89 -18.14
CA TRP E 262 -29.41 -38.84 -17.16
C TRP E 262 -30.87 -38.58 -16.79
N TRP E 263 -31.20 -37.30 -16.61
CA TRP E 263 -32.57 -36.89 -16.28
C TRP E 263 -33.44 -36.91 -17.54
N LYS E 264 -32.90 -36.38 -18.63
CA LYS E 264 -33.60 -36.28 -19.91
C LYS E 264 -34.06 -37.64 -20.45
N SER E 265 -33.30 -38.69 -20.21
CA SER E 265 -33.67 -40.03 -20.69
C SER E 265 -34.70 -40.66 -19.75
N ARG E 266 -35.13 -39.87 -18.75
CA ARG E 266 -36.16 -40.28 -17.80
C ARG E 266 -37.28 -39.25 -17.67
N PRO E 267 -38.02 -39.00 -18.76
CA PRO E 267 -39.02 -37.93 -18.78
C PRO E 267 -40.19 -38.16 -17.81
N TRP E 268 -40.41 -39.40 -17.39
CA TRP E 268 -41.49 -39.73 -16.48
C TRP E 268 -41.25 -39.19 -15.07
N LEU E 269 -40.02 -38.75 -14.81
CA LEU E 269 -39.69 -38.14 -13.53
C LEU E 269 -40.43 -36.80 -13.41
N LYS E 270 -40.60 -36.13 -14.55
CA LYS E 270 -41.25 -34.83 -14.56
C LYS E 270 -42.76 -35.03 -14.59
N SER F 7 -22.73 -22.53 -1.28
CA SER F 7 -23.40 -23.45 -2.20
C SER F 7 -24.48 -22.72 -3.01
N LYS F 8 -24.55 -23.07 -4.29
CA LYS F 8 -25.50 -22.52 -5.26
C LYS F 8 -26.84 -23.28 -5.30
N TYR F 9 -26.92 -24.37 -4.56
CA TYR F 9 -28.11 -25.23 -4.56
C TYR F 9 -28.90 -25.20 -3.24
N GLU F 10 -28.31 -24.64 -2.20
CA GLU F 10 -28.88 -24.70 -0.86
C GLU F 10 -30.13 -23.81 -0.71
N TYR F 11 -30.40 -22.98 -1.71
CA TYR F 11 -31.61 -22.15 -1.74
C TYR F 11 -32.91 -22.96 -1.63
N VAL F 12 -32.89 -24.22 -2.06
CA VAL F 12 -34.08 -25.08 -2.07
C VAL F 12 -34.66 -25.32 -0.68
N LYS F 13 -33.85 -25.05 0.34
CA LYS F 13 -34.27 -25.13 1.74
C LYS F 13 -35.35 -24.10 2.01
N LEU F 14 -35.36 -23.02 1.23
CA LEU F 14 -36.30 -21.92 1.46
C LEU F 14 -37.74 -22.31 1.10
N PHE F 15 -37.92 -23.47 0.49
CA PHE F 15 -39.26 -23.93 0.14
C PHE F 15 -39.93 -24.63 1.32
N GLU F 16 -39.16 -24.93 2.36
CA GLU F 16 -39.72 -25.60 3.53
C GLU F 16 -40.58 -24.65 4.34
N LYS F 17 -41.67 -25.17 4.88
CA LYS F 17 -42.56 -24.40 5.75
C LYS F 17 -42.75 -25.14 7.06
N GLU F 18 -42.31 -24.54 8.15
CA GLU F 18 -42.52 -25.12 9.48
C GLU F 18 -43.84 -24.66 10.07
N ASN F 19 -44.44 -25.53 10.87
CA ASN F 19 -45.65 -25.16 11.58
C ASN F 19 -45.37 -25.25 13.07
N TYR F 20 -45.18 -24.09 13.70
CA TYR F 20 -44.95 -24.01 15.13
C TYR F 20 -46.27 -23.93 15.87
N LEU F 21 -46.59 -24.93 16.67
CA LEU F 21 -47.88 -24.96 17.33
C LEU F 21 -48.01 -23.86 18.37
N LEU F 22 -49.15 -23.17 18.34
CA LEU F 22 -49.49 -22.09 19.26
C LEU F 22 -49.08 -22.30 20.72
N PRO F 23 -48.28 -21.38 21.28
CA PRO F 23 -47.82 -21.49 22.67
C PRO F 23 -48.97 -21.56 23.69
N ASP F 24 -48.68 -22.13 24.84
CA ASP F 24 -49.57 -22.13 26.00
C ASP F 24 -50.91 -22.80 25.69
N THR F 25 -50.89 -23.78 24.79
CA THR F 25 -52.12 -24.51 24.47
C THR F 25 -51.83 -25.98 24.71
N TYR F 26 -52.83 -26.70 25.22
CA TYR F 26 -52.70 -28.13 25.43
C TYR F 26 -52.56 -28.81 24.08
N ILE F 27 -51.64 -29.77 23.96
CA ILE F 27 -51.54 -30.52 22.73
C ILE F 27 -51.96 -31.97 22.98
N ILE F 28 -52.88 -32.45 22.16
CA ILE F 28 -53.19 -33.87 22.15
C ILE F 28 -52.58 -34.49 20.91
N ILE F 29 -51.81 -35.55 21.09
CA ILE F 29 -51.35 -36.34 19.97
C ILE F 29 -52.06 -37.68 19.99
N ARG F 30 -52.79 -37.96 18.92
CA ARG F 30 -53.52 -39.21 18.80
C ARG F 30 -52.84 -40.01 17.71
N VAL F 31 -52.52 -41.25 18.05
CA VAL F 31 -51.99 -42.18 17.08
C VAL F 31 -52.99 -43.31 16.84
N ASP F 32 -53.08 -43.78 15.60
CA ASP F 32 -54.01 -44.87 15.26
C ASP F 32 -53.41 -45.83 14.24
N GLY F 33 -53.50 -47.12 14.50
CA GLY F 33 -52.91 -48.12 13.62
C GLY F 33 -53.46 -48.06 12.20
N LYS F 34 -52.58 -48.09 11.21
CA LYS F 34 -53.05 -48.07 9.83
C LYS F 34 -53.45 -49.46 9.38
N GLY F 35 -54.71 -49.62 9.00
CA GLY F 35 -55.21 -50.90 8.52
C GLY F 35 -55.02 -51.99 9.55
N PHE F 36 -55.32 -51.69 10.80
CA PHE F 36 -55.14 -52.67 11.86
C PHE F 36 -56.28 -53.66 11.87
N HIS F 37 -57.31 -53.40 11.07
CA HIS F 37 -58.33 -54.40 10.83
C HIS F 37 -57.71 -55.59 10.11
N LYS F 38 -57.02 -55.32 9.01
CA LYS F 38 -56.30 -56.36 8.26
C LYS F 38 -55.18 -56.98 9.11
N PHE F 39 -54.50 -56.13 9.88
CA PHE F 39 -53.38 -56.52 10.72
C PHE F 39 -53.83 -57.55 11.74
N SER F 40 -55.01 -57.33 12.30
CA SER F 40 -55.55 -58.24 13.30
C SER F 40 -55.96 -59.58 12.70
N GLN F 41 -56.29 -59.59 11.41
CA GLN F 41 -56.57 -60.84 10.70
C GLN F 41 -55.32 -61.66 10.39
N PHE F 42 -54.29 -61.01 9.86
CA PHE F 42 -53.06 -61.68 9.47
C PHE F 42 -52.45 -62.41 10.64
N TYR F 43 -52.46 -61.76 11.80
CA TYR F 43 -51.85 -62.33 12.99
C TYR F 43 -52.90 -63.01 13.89
N GLU F 44 -54.10 -63.21 13.34
CA GLU F 44 -55.13 -63.99 14.02
C GLU F 44 -55.45 -63.51 15.44
N PHE F 45 -55.75 -62.22 15.58
CA PHE F 45 -56.22 -61.68 16.86
C PHE F 45 -57.46 -62.41 17.40
N GLU F 46 -57.50 -62.58 18.72
CA GLU F 46 -58.73 -63.01 19.39
C GLU F 46 -59.84 -61.99 19.24
N LYS F 47 -61.07 -62.48 19.21
CA LYS F 47 -62.22 -61.60 19.09
C LYS F 47 -63.16 -61.81 20.28
N PRO F 48 -63.79 -60.74 20.78
CA PRO F 48 -63.77 -59.34 20.32
C PRO F 48 -62.46 -58.65 20.71
N ASN F 49 -61.87 -59.08 21.83
CA ASN F 49 -60.64 -58.47 22.32
C ASN F 49 -59.49 -59.47 22.46
N ASP F 50 -58.33 -59.11 21.92
CA ASP F 50 -57.11 -59.90 22.08
C ASP F 50 -56.26 -59.28 23.20
N LEU F 51 -56.16 -59.97 24.32
CA LEU F 51 -55.50 -59.44 25.52
C LEU F 51 -54.03 -59.09 25.34
N LYS F 52 -53.26 -59.99 24.76
CA LYS F 52 -51.82 -59.78 24.63
C LYS F 52 -51.49 -58.64 23.66
N ALA F 53 -52.33 -58.47 22.64
CA ALA F 53 -52.18 -57.39 21.67
C ALA F 53 -52.33 -56.01 22.28
N LEU F 54 -53.27 -55.88 23.20
CA LEU F 54 -53.47 -54.66 23.95
C LEU F 54 -52.31 -54.42 24.89
N GLN F 55 -51.73 -55.51 25.38
CA GLN F 55 -50.60 -55.38 26.28
C GLN F 55 -49.39 -54.88 25.49
N VAL F 56 -49.32 -55.25 24.22
CA VAL F 56 -48.30 -54.69 23.33
C VAL F 56 -48.48 -53.18 23.12
N MET F 57 -49.71 -52.74 22.85
CA MET F 57 -50.00 -51.32 22.68
C MET F 57 -49.65 -50.58 23.97
N ASN F 58 -50.10 -51.15 25.07
CA ASN F 58 -49.93 -50.52 26.37
C ASN F 58 -48.46 -50.44 26.78
N SER F 59 -47.70 -51.48 26.48
CA SER F 59 -46.28 -51.47 26.76
C SER F 59 -45.57 -50.42 25.93
N ALA F 60 -45.95 -50.36 24.65
CA ALA F 60 -45.42 -49.38 23.73
C ALA F 60 -45.70 -47.97 24.24
N ALA F 61 -46.96 -47.73 24.60
CA ALA F 61 -47.41 -46.44 25.06
C ALA F 61 -46.74 -46.02 26.36
N GLU F 62 -46.63 -46.95 27.30
CA GLU F 62 -46.00 -46.65 28.57
C GLU F 62 -44.52 -46.31 28.41
N LYS F 63 -43.84 -47.00 27.52
CA LYS F 63 -42.43 -46.74 27.26
C LYS F 63 -42.17 -45.35 26.65
N LEU F 64 -42.98 -44.98 25.67
CA LEU F 64 -42.90 -43.67 25.02
C LEU F 64 -43.10 -42.61 26.08
N MET F 65 -44.09 -42.82 26.93
CA MET F 65 -44.46 -41.85 27.93
C MET F 65 -43.36 -41.65 28.97
N SER F 66 -42.57 -42.70 29.24
CA SER F 66 -41.47 -42.61 30.20
C SER F 66 -40.25 -41.89 29.60
N LYS F 67 -40.23 -41.78 28.27
CA LYS F 67 -39.15 -41.12 27.56
C LYS F 67 -39.38 -39.60 27.52
N TYR F 68 -40.65 -39.19 27.54
CA TYR F 68 -41.01 -37.79 27.42
C TYR F 68 -41.82 -37.27 28.58
N SER F 69 -41.13 -36.56 29.48
CA SER F 69 -41.76 -36.08 30.70
C SER F 69 -42.86 -35.06 30.43
N ASP F 70 -42.92 -34.54 29.21
CA ASP F 70 -43.99 -33.63 28.83
C ASP F 70 -45.33 -34.32 28.62
N VAL F 71 -45.30 -35.63 28.35
CA VAL F 71 -46.53 -36.39 28.24
C VAL F 71 -47.12 -36.60 29.63
N MET F 72 -48.29 -36.03 29.86
CA MET F 72 -48.86 -36.05 31.21
C MET F 72 -49.86 -37.17 31.37
N LEU F 73 -50.46 -37.56 30.27
CA LEU F 73 -51.58 -38.49 30.32
C LEU F 73 -51.73 -39.21 29.00
N ALA F 74 -52.01 -40.51 29.07
CA ALA F 74 -52.23 -41.26 27.85
C ALA F 74 -53.47 -42.13 28.01
N TYR F 75 -54.25 -42.20 26.93
CA TYR F 75 -55.44 -43.02 26.89
C TYR F 75 -55.46 -43.84 25.62
N GLY F 76 -55.68 -45.14 25.77
CA GLY F 76 -55.68 -46.01 24.61
C GLY F 76 -56.83 -46.98 24.64
N ASP F 77 -57.28 -47.33 23.44
CA ASP F 77 -58.22 -48.42 23.22
C ASP F 77 -58.17 -48.80 21.74
N SER F 78 -58.55 -50.04 21.44
CA SER F 78 -58.53 -50.56 20.09
C SER F 78 -57.12 -50.38 19.54
N ASP F 79 -57.02 -49.77 18.37
CA ASP F 79 -55.72 -49.53 17.77
C ASP F 79 -55.24 -48.11 17.93
N GLU F 80 -55.73 -47.41 18.94
CA GLU F 80 -55.38 -46.02 19.08
C GLU F 80 -54.83 -45.65 20.46
N TYR F 81 -54.00 -44.61 20.48
CA TYR F 81 -53.57 -44.02 21.74
C TYR F 81 -53.51 -42.51 21.57
N SER F 82 -53.96 -41.80 22.61
CA SER F 82 -53.89 -40.34 22.63
C SER F 82 -52.98 -39.92 23.77
N PHE F 83 -52.06 -38.99 23.49
CA PHE F 83 -51.13 -38.52 24.50
C PHE F 83 -51.33 -37.04 24.78
N LEU F 84 -51.49 -36.69 26.05
CA LEU F 84 -51.59 -35.29 26.47
C LEU F 84 -50.21 -34.73 26.83
N LEU F 85 -49.80 -33.69 26.12
CA LEU F 85 -48.57 -32.96 26.40
C LEU F 85 -48.92 -31.74 27.24
N ARG F 86 -48.14 -31.47 28.28
CA ARG F 86 -48.43 -30.33 29.13
C ARG F 86 -48.40 -29.05 28.31
N LYS F 87 -49.19 -28.09 28.76
CA LYS F 87 -49.47 -26.92 27.95
C LYS F 87 -48.27 -26.00 27.68
N ASN F 88 -47.27 -26.05 28.54
CA ASN F 88 -46.07 -25.24 28.35
C ASN F 88 -44.94 -26.04 27.75
N CYS F 89 -45.27 -27.19 27.18
CA CYS F 89 -44.32 -28.06 26.49
C CYS F 89 -43.57 -27.35 25.37
N GLN F 90 -42.24 -27.49 25.40
CA GLN F 90 -41.37 -26.89 24.38
C GLN F 90 -40.59 -27.94 23.61
N LEU F 91 -41.06 -29.20 23.71
CA LEU F 91 -40.49 -30.30 22.94
C LEU F 91 -40.42 -29.99 21.45
N TYR F 92 -39.21 -30.01 20.90
CA TYR F 92 -38.94 -29.68 19.50
C TYR F 92 -39.49 -28.32 19.11
N GLU F 93 -39.49 -27.37 20.05
CA GLU F 93 -40.03 -26.02 19.84
C GLU F 93 -41.45 -26.05 19.33
N ARG F 94 -42.19 -27.07 19.77
CA ARG F 94 -43.58 -27.28 19.41
C ARG F 94 -43.79 -27.41 17.91
N ARG F 95 -42.76 -27.86 17.19
CA ARG F 95 -42.89 -28.07 15.75
C ARG F 95 -43.73 -29.30 15.43
N GLU F 96 -44.81 -29.07 14.70
CA GLU F 96 -45.79 -30.10 14.42
C GLU F 96 -45.21 -31.27 13.64
N MET F 97 -44.37 -30.94 12.65
CA MET F 97 -43.70 -31.96 11.86
C MET F 97 -42.88 -32.90 12.75
N LYS F 98 -42.11 -32.33 13.68
CA LYS F 98 -41.29 -33.14 14.56
C LYS F 98 -42.15 -33.99 15.50
N LEU F 99 -43.13 -33.38 16.15
CA LEU F 99 -43.96 -34.08 17.12
C LEU F 99 -44.72 -35.26 16.53
N THR F 100 -45.35 -35.04 15.38
CA THR F 100 -46.20 -36.07 14.83
C THR F 100 -45.44 -37.21 14.18
N THR F 101 -44.40 -36.91 13.40
CA THR F 101 -43.71 -37.99 12.69
C THR F 101 -42.83 -38.80 13.63
N LEU F 102 -42.37 -38.17 14.70
CA LEU F 102 -41.63 -38.87 15.75
C LEU F 102 -42.53 -39.74 16.61
N PHE F 103 -43.74 -39.26 16.91
CA PHE F 103 -44.66 -40.08 17.70
C PHE F 103 -45.09 -41.33 16.96
N SER F 104 -45.40 -41.20 15.67
CA SER F 104 -45.83 -42.37 14.92
C SER F 104 -44.69 -43.36 14.73
N SER F 105 -43.48 -42.82 14.60
CA SER F 105 -42.28 -43.63 14.48
C SER F 105 -41.97 -44.40 15.77
N LEU F 106 -42.02 -43.71 16.90
CA LEU F 106 -41.76 -44.29 18.20
C LEU F 106 -42.78 -45.39 18.49
N MET F 107 -44.06 -45.09 18.25
CA MET F 107 -45.12 -46.07 18.50
C MET F 107 -44.94 -47.28 17.61
N SER F 108 -44.53 -47.04 16.38
CA SER F 108 -44.31 -48.11 15.43
C SER F 108 -43.23 -49.06 15.92
N THR F 109 -42.11 -48.48 16.35
CA THR F 109 -40.95 -49.25 16.75
C THR F 109 -41.10 -49.90 18.11
N TYR F 110 -41.70 -49.20 19.08
CA TYR F 110 -41.99 -49.83 20.36
C TYR F 110 -42.93 -51.02 20.22
N TYR F 111 -43.93 -50.87 19.35
CA TYR F 111 -44.91 -51.91 19.08
C TYR F 111 -44.20 -53.11 18.49
N MET F 112 -43.33 -52.86 17.51
CA MET F 112 -42.54 -53.92 16.91
C MET F 112 -41.69 -54.64 17.95
N TYR F 113 -41.08 -53.87 18.83
CA TYR F 113 -40.26 -54.43 19.89
C TYR F 113 -41.08 -55.35 20.79
N PHE F 114 -42.17 -54.82 21.33
CA PHE F 114 -43.00 -55.53 22.29
C PHE F 114 -43.77 -56.70 21.67
N TRP F 115 -44.04 -56.63 20.37
CA TRP F 115 -44.68 -57.77 19.70
C TRP F 115 -43.76 -58.97 19.75
N SER F 116 -42.46 -58.75 19.52
CA SER F 116 -41.47 -59.82 19.53
C SER F 116 -41.27 -60.42 20.93
N GLN F 117 -41.60 -59.66 21.97
CA GLN F 117 -41.54 -60.16 23.35
C GLN F 117 -42.75 -61.03 23.67
N TYR F 118 -43.93 -60.54 23.30
CA TYR F 118 -45.21 -61.20 23.59
C TYR F 118 -45.60 -62.29 22.59
N PHE F 119 -45.12 -62.16 21.35
CA PHE F 119 -45.45 -63.16 20.34
C PHE F 119 -44.26 -63.76 19.63
N PRO F 120 -43.42 -64.51 20.37
CA PRO F 120 -42.25 -65.13 19.76
C PRO F 120 -42.63 -66.11 18.66
N ASP F 121 -43.84 -66.67 18.76
CA ASP F 121 -44.34 -67.62 17.77
C ASP F 121 -45.10 -67.04 16.58
N LYS F 122 -45.27 -65.72 16.55
CA LYS F 122 -45.85 -65.04 15.41
C LYS F 122 -44.85 -64.04 14.84
N PRO F 123 -43.78 -64.52 14.18
CA PRO F 123 -42.82 -63.57 13.64
C PRO F 123 -43.43 -62.64 12.61
N LEU F 124 -43.00 -61.37 12.61
CA LEU F 124 -43.61 -60.38 11.73
C LEU F 124 -43.26 -60.56 10.26
N HIS F 125 -44.27 -60.41 9.40
CA HIS F 125 -44.08 -60.47 7.97
C HIS F 125 -43.84 -59.07 7.42
N ILE F 126 -42.95 -58.95 6.45
CA ILE F 126 -42.53 -57.64 5.95
C ILE F 126 -43.69 -56.82 5.35
N ASP F 127 -44.77 -57.50 4.93
CA ASP F 127 -45.91 -56.82 4.33
C ASP F 127 -47.03 -56.50 5.31
N HIS F 128 -46.80 -56.81 6.58
CA HIS F 128 -47.76 -56.53 7.64
C HIS F 128 -47.07 -56.04 8.91
N LEU F 129 -46.32 -54.96 8.78
CA LEU F 129 -45.68 -54.34 9.94
C LEU F 129 -46.65 -53.37 10.59
N PRO F 130 -46.50 -53.17 11.90
CA PRO F 130 -47.43 -52.25 12.57
C PRO F 130 -47.04 -50.80 12.31
N ASN F 131 -47.87 -50.13 11.52
CA ASN F 131 -47.62 -48.73 11.22
C ASN F 131 -48.69 -47.87 11.87
N PHE F 132 -48.30 -46.63 12.18
CA PHE F 132 -49.21 -45.72 12.84
C PHE F 132 -49.18 -44.36 12.15
N ASP F 133 -50.32 -43.69 12.06
CA ASP F 133 -50.31 -42.28 11.70
C ASP F 133 -50.20 -41.52 13.03
N ALA F 134 -50.10 -40.20 12.95
CA ALA F 134 -50.13 -39.39 14.15
C ALA F 134 -50.56 -38.00 13.79
N ARG F 135 -51.44 -37.43 14.60
CA ARG F 135 -51.87 -36.06 14.39
C ARG F 135 -51.79 -35.33 15.71
N ALA F 136 -51.50 -34.05 15.61
CA ALA F 136 -51.47 -33.16 16.75
C ALA F 136 -52.71 -32.30 16.70
N VAL F 137 -53.36 -32.15 17.85
CA VAL F 137 -54.52 -31.27 17.93
C VAL F 137 -54.37 -30.29 19.09
N LEU F 138 -54.71 -29.03 18.83
CA LEU F 138 -54.62 -28.00 19.85
C LEU F 138 -55.96 -27.77 20.56
N TYR F 139 -55.92 -27.69 21.89
CA TYR F 139 -57.08 -27.37 22.70
C TYR F 139 -56.70 -26.21 23.63
N PRO F 140 -57.43 -25.09 23.54
CA PRO F 140 -57.03 -23.87 24.25
C PRO F 140 -57.42 -23.83 25.73
N ASP F 141 -58.22 -24.80 26.17
CA ASP F 141 -58.75 -24.84 27.53
C ASP F 141 -58.82 -26.28 28.00
N PHE F 142 -58.53 -26.49 29.27
CA PHE F 142 -58.49 -27.84 29.82
C PHE F 142 -59.86 -28.52 29.79
N LYS F 143 -60.94 -27.73 29.75
CA LYS F 143 -62.26 -28.33 29.66
C LYS F 143 -62.45 -29.10 28.36
N HIS F 144 -61.72 -28.69 27.32
CA HIS F 144 -61.80 -29.39 26.04
C HIS F 144 -60.97 -30.69 26.14
N ILE F 145 -59.96 -30.67 27.00
CA ILE F 145 -59.15 -31.86 27.23
C ILE F 145 -59.97 -32.92 27.93
N ARG F 146 -60.69 -32.53 28.97
CA ARG F 146 -61.62 -33.43 29.63
C ARG F 146 -62.63 -33.99 28.66
N ASN F 147 -63.21 -33.13 27.84
CA ASN F 147 -64.20 -33.57 26.91
C ASN F 147 -63.58 -34.47 25.87
N TYR F 148 -62.30 -34.25 25.56
CA TYR F 148 -61.64 -35.08 24.58
C TYR F 148 -61.54 -36.52 25.08
N PHE F 149 -61.08 -36.71 26.31
CA PHE F 149 -60.95 -38.07 26.82
C PHE F 149 -62.31 -38.70 27.08
N SER F 150 -63.28 -37.89 27.49
CA SER F 150 -64.64 -38.38 27.61
C SER F 150 -65.14 -38.86 26.26
N TRP F 151 -64.85 -38.08 25.22
CA TRP F 151 -65.19 -38.46 23.86
C TRP F 151 -64.61 -39.80 23.48
N ARG F 152 -63.34 -40.00 23.80
CA ARG F 152 -62.66 -41.23 23.41
C ARG F 152 -63.12 -42.40 24.24
N GLN F 153 -63.44 -42.16 25.51
CA GLN F 153 -63.89 -43.27 26.33
C GLN F 153 -65.30 -43.68 25.99
N VAL F 154 -66.16 -42.70 25.67
CA VAL F 154 -67.52 -43.02 25.25
C VAL F 154 -67.49 -43.87 23.98
N ASP F 155 -66.59 -43.51 23.08
CA ASP F 155 -66.41 -44.22 21.83
C ASP F 155 -65.91 -45.64 22.08
N CYS F 156 -65.09 -45.77 23.11
CA CYS F 156 -64.57 -47.07 23.52
C CYS F 156 -65.72 -47.92 24.01
N HIS F 157 -66.63 -47.33 24.77
CA HIS F 157 -67.81 -48.04 25.24
C HIS F 157 -68.64 -48.55 24.07
N ILE F 158 -68.94 -47.64 23.16
CA ILE F 158 -69.77 -47.94 22.00
C ILE F 158 -69.14 -49.02 21.13
N ASN F 159 -67.85 -48.91 20.88
CA ASN F 159 -67.18 -49.88 20.02
C ASN F 159 -67.01 -51.25 20.66
N ASN F 160 -66.74 -51.32 21.96
CA ASN F 160 -66.55 -52.61 22.59
C ASN F 160 -67.90 -53.32 22.70
N LEU F 161 -68.94 -52.55 23.04
CA LEU F 161 -70.30 -53.08 23.14
C LEU F 161 -70.76 -53.65 21.81
N TYR F 162 -70.46 -52.93 20.73
CA TYR F 162 -70.83 -53.40 19.40
C TYR F 162 -70.11 -54.70 19.09
N ASN F 163 -68.79 -54.70 19.26
CA ASN F 163 -68.00 -55.86 18.90
C ASN F 163 -68.31 -57.06 19.76
N THR F 164 -68.61 -56.84 21.04
CA THR F 164 -68.92 -57.95 21.91
C THR F 164 -70.22 -58.64 21.52
N THR F 165 -71.22 -57.84 21.18
CA THR F 165 -72.51 -58.38 20.71
C THR F 165 -72.31 -59.08 19.37
N PHE F 166 -71.65 -58.38 18.46
CA PHE F 166 -71.40 -58.88 17.11
C PHE F 166 -70.69 -60.23 17.15
N TRP F 167 -69.59 -60.32 17.89
CA TRP F 167 -68.78 -61.52 17.86
C TRP F 167 -69.41 -62.65 18.68
N ASN F 168 -70.23 -62.32 19.66
CA ASN F 168 -70.97 -63.36 20.35
C ASN F 168 -72.09 -63.92 19.49
N LEU F 169 -72.70 -63.06 18.68
CA LEU F 169 -73.69 -63.51 17.70
C LEU F 169 -73.01 -64.46 16.72
N VAL F 170 -71.79 -64.15 16.34
CA VAL F 170 -71.04 -64.94 15.39
C VAL F 170 -70.53 -66.25 15.99
N LEU F 171 -69.98 -66.18 17.20
CA LEU F 171 -69.34 -67.35 17.80
C LEU F 171 -70.32 -68.27 18.52
N LYS F 172 -71.27 -67.71 19.26
CA LYS F 172 -72.24 -68.54 19.97
C LYS F 172 -73.41 -69.00 19.11
N LEU F 173 -74.02 -68.10 18.35
CA LEU F 173 -75.14 -68.48 17.50
C LEU F 173 -74.77 -68.96 16.09
N LYS F 174 -73.47 -69.08 15.81
CA LYS F 174 -73.00 -69.58 14.51
C LYS F 174 -73.59 -68.79 13.33
N MET F 175 -73.88 -67.50 13.55
CA MET F 175 -74.26 -66.59 12.49
C MET F 175 -73.08 -66.25 11.59
N THR F 176 -73.37 -65.94 10.32
CA THR F 176 -72.36 -65.37 9.44
C THR F 176 -72.18 -63.89 9.75
N PRO F 177 -71.01 -63.32 9.41
CA PRO F 177 -70.76 -61.90 9.59
C PRO F 177 -71.86 -61.01 9.02
N GLN F 178 -72.36 -61.35 7.84
CA GLN F 178 -73.36 -60.54 7.16
C GLN F 178 -74.67 -60.54 7.94
N GLN F 179 -75.03 -61.71 8.46
CA GLN F 179 -76.26 -61.85 9.20
C GLN F 179 -76.13 -61.33 10.62
N ALA F 180 -74.91 -61.39 11.16
CA ALA F 180 -74.63 -60.79 12.46
C ALA F 180 -74.80 -59.28 12.42
N GLU F 181 -74.31 -58.69 11.33
CA GLU F 181 -74.37 -57.25 11.11
C GLU F 181 -75.78 -56.70 10.93
N GLN F 182 -76.58 -57.40 10.15
CA GLN F 182 -77.96 -57.02 9.91
C GLN F 182 -78.79 -57.05 11.18
N ARG F 183 -78.48 -57.99 12.07
CA ARG F 183 -79.21 -58.07 13.32
C ARG F 183 -78.97 -56.82 14.14
N LEU F 184 -77.79 -56.22 13.98
CA LEU F 184 -77.47 -55.06 14.81
C LEU F 184 -77.87 -53.76 14.13
N MET F 185 -78.09 -53.77 12.82
CA MET F 185 -78.49 -52.53 12.16
C MET F 185 -79.80 -52.04 12.77
N GLY F 186 -79.85 -50.80 13.24
CA GLY F 186 -81.11 -50.31 13.81
C GLY F 186 -81.21 -50.48 15.31
N THR F 187 -80.09 -50.74 15.97
CA THR F 187 -80.09 -51.01 17.41
C THR F 187 -79.43 -49.93 18.26
N VAL F 188 -80.03 -49.67 19.42
CA VAL F 188 -79.43 -48.76 20.41
C VAL F 188 -78.78 -49.52 21.56
N ALA F 189 -78.17 -48.79 22.49
CA ALA F 189 -77.37 -49.40 23.54
C ALA F 189 -78.13 -50.39 24.43
N SER F 190 -79.37 -50.06 24.80
CA SER F 190 -80.16 -50.95 25.64
C SER F 190 -80.54 -52.26 24.93
N ASP F 191 -80.78 -52.15 23.63
CA ASP F 191 -81.11 -53.31 22.80
C ASP F 191 -79.94 -54.29 22.74
N LYS F 192 -78.74 -53.76 22.53
CA LYS F 192 -77.53 -54.58 22.41
C LYS F 192 -77.30 -55.31 23.72
N ASN F 193 -77.53 -54.60 24.82
CA ASN F 193 -77.42 -55.13 26.17
C ASN F 193 -78.39 -56.29 26.38
N GLU F 194 -79.61 -56.10 25.89
CA GLU F 194 -80.67 -57.09 26.00
C GLU F 194 -80.31 -58.33 25.17
N ILE F 195 -79.82 -58.09 23.95
CA ILE F 195 -79.38 -59.16 23.05
C ILE F 195 -78.30 -60.03 23.67
N LEU F 196 -77.32 -59.43 24.33
CA LEU F 196 -76.27 -60.22 24.97
C LEU F 196 -76.83 -61.10 26.08
N PHE F 197 -77.69 -60.55 26.93
CA PHE F 197 -78.20 -61.33 28.04
C PHE F 197 -79.23 -62.37 27.56
N LYS F 198 -80.29 -61.90 26.91
CA LYS F 198 -81.42 -62.76 26.57
C LYS F 198 -81.13 -63.78 25.46
N GLU F 199 -80.37 -63.39 24.44
CA GLU F 199 -80.15 -64.28 23.30
C GLU F 199 -78.79 -65.00 23.37
N CYS F 200 -77.79 -64.40 24.01
CA CYS F 200 -76.47 -65.01 24.00
C CYS F 200 -76.04 -65.48 25.38
N GLY F 201 -76.81 -65.12 26.40
CA GLY F 201 -76.48 -65.49 27.76
C GLY F 201 -75.19 -64.83 28.24
N VAL F 202 -74.90 -63.62 27.77
CA VAL F 202 -73.68 -62.93 28.17
C VAL F 202 -73.91 -61.62 28.91
N ASN F 203 -73.33 -61.52 30.09
CA ASN F 203 -73.34 -60.28 30.84
C ASN F 203 -72.16 -59.40 30.48
N TYR F 204 -72.42 -58.30 29.78
CA TYR F 204 -71.37 -57.43 29.26
C TYR F 204 -70.58 -56.85 30.41
N ASN F 205 -71.28 -56.56 31.50
CA ASN F 205 -70.66 -55.99 32.69
C ASN F 205 -69.58 -56.89 33.28
N ASN F 206 -69.61 -58.18 32.97
CA ASN F 206 -68.59 -59.08 33.48
C ASN F 206 -67.35 -59.14 32.62
N GLU F 207 -67.37 -58.47 31.47
CA GLU F 207 -66.17 -58.34 30.64
C GLU F 207 -65.08 -57.63 31.42
N SER F 208 -63.82 -57.92 31.09
CA SER F 208 -62.68 -57.25 31.71
C SER F 208 -62.87 -55.73 31.73
N GLU F 209 -62.50 -55.10 32.82
CA GLU F 209 -62.59 -53.65 32.93
C GLU F 209 -61.76 -52.92 31.88
N MET F 210 -60.62 -53.48 31.52
CA MET F 210 -59.79 -52.90 30.47
C MET F 210 -60.50 -52.86 29.13
N TYR F 211 -61.23 -53.91 28.80
CA TYR F 211 -61.98 -53.97 27.55
C TYR F 211 -63.10 -52.95 27.53
N LYS F 212 -63.75 -52.76 28.67
CA LYS F 212 -64.94 -51.92 28.77
C LYS F 212 -64.58 -50.43 28.81
N LYS F 213 -63.49 -50.11 29.50
CA LYS F 213 -63.11 -48.74 29.83
C LYS F 213 -61.90 -48.24 29.05
N GLY F 214 -61.09 -49.16 28.55
CA GLY F 214 -59.83 -48.79 27.91
C GLY F 214 -58.72 -48.66 28.92
N THR F 215 -57.63 -48.01 28.51
CA THR F 215 -56.47 -47.91 29.38
C THR F 215 -55.99 -46.48 29.56
N ILE F 216 -55.88 -46.07 30.83
CA ILE F 216 -55.34 -44.76 31.19
C ILE F 216 -53.95 -44.89 31.78
N ILE F 217 -52.98 -44.19 31.19
CA ILE F 217 -51.66 -44.11 31.77
C ILE F 217 -51.46 -42.68 32.25
N VAL F 218 -51.26 -42.48 33.54
CA VAL F 218 -51.14 -41.13 34.06
C VAL F 218 -49.85 -41.00 34.89
N ARG F 219 -49.20 -39.85 34.76
CA ARG F 219 -48.04 -39.50 35.54
C ARG F 219 -48.44 -39.07 36.95
N GLU F 220 -47.89 -39.74 37.97
CA GLU F 220 -48.25 -39.41 39.35
C GLU F 220 -47.14 -38.64 40.08
N PHE F 221 -47.54 -37.51 40.68
CA PHE F 221 -46.67 -36.68 41.50
C PHE F 221 -47.15 -36.68 42.97
N GLU F 222 -46.23 -36.64 43.92
CA GLU F 222 -46.67 -36.69 45.32
C GLU F 222 -46.78 -35.26 45.85
N ASN F 223 -45.70 -34.51 45.77
CA ASN F 223 -45.70 -33.14 46.26
C ASN F 223 -45.72 -32.12 45.11
N ALA F 247 -41.13 -38.92 38.74
CA ALA F 247 -42.51 -39.33 38.98
C ALA F 247 -42.79 -40.72 38.43
N GLU F 248 -43.88 -41.34 38.87
CA GLU F 248 -44.14 -42.72 38.53
C GLU F 248 -45.38 -42.86 37.65
N LEU F 249 -45.31 -43.75 36.68
CA LEU F 249 -46.42 -43.96 35.74
C LEU F 249 -47.33 -45.09 36.21
N LYS F 250 -48.60 -44.79 36.43
CA LYS F 250 -49.56 -45.82 36.85
C LYS F 250 -50.67 -46.00 35.82
N ILE F 251 -51.10 -47.25 35.67
CA ILE F 251 -52.10 -47.64 34.70
C ILE F 251 -53.42 -47.93 35.38
N TYR F 252 -54.50 -47.41 34.81
CA TYR F 252 -55.85 -47.59 35.36
C TYR F 252 -56.82 -48.02 34.28
N HIS F 253 -57.88 -48.68 34.70
CA HIS F 253 -58.97 -49.03 33.80
C HIS F 253 -60.27 -48.59 34.45
N VAL F 254 -60.46 -47.28 34.56
CA VAL F 254 -61.58 -46.73 35.31
C VAL F 254 -62.32 -45.68 34.50
N ASP F 255 -63.53 -45.32 34.95
CA ASP F 255 -64.26 -44.20 34.35
C ASP F 255 -63.54 -42.87 34.62
N ILE F 256 -63.33 -42.06 33.57
CA ILE F 256 -62.81 -40.69 33.75
C ILE F 256 -63.76 -39.62 33.22
N ILE F 257 -64.89 -40.05 32.69
CA ILE F 257 -65.91 -39.14 32.15
C ILE F 257 -66.64 -38.34 33.22
N ASN F 258 -67.16 -39.05 34.23
CA ASN F 258 -68.03 -38.45 35.25
C ASN F 258 -67.39 -38.29 36.63
N ASP F 259 -66.20 -38.87 36.81
CA ASP F 259 -65.50 -38.81 38.09
C ASP F 259 -64.63 -37.55 38.17
N ASP F 260 -65.23 -36.42 38.54
CA ASP F 260 -64.51 -35.15 38.64
C ASP F 260 -63.38 -35.16 39.65
N SER F 261 -63.54 -35.90 40.73
CA SER F 261 -62.51 -35.98 41.77
C SER F 261 -61.23 -36.62 41.23
N TRP F 262 -61.38 -37.52 40.26
CA TRP F 262 -60.24 -38.16 39.64
C TRP F 262 -59.30 -37.14 39.02
N TRP F 263 -59.89 -36.14 38.36
CA TRP F 263 -59.13 -35.08 37.72
C TRP F 263 -58.65 -34.03 38.71
N LYS F 264 -59.52 -33.61 39.61
CA LYS F 264 -59.18 -32.58 40.59
C LYS F 264 -58.00 -32.98 41.47
N SER F 265 -57.88 -34.27 41.76
CA SER F 265 -56.77 -34.73 42.59
C SER F 265 -55.48 -34.90 41.80
N ARG F 266 -55.51 -34.53 40.52
CA ARG F 266 -54.34 -34.60 39.68
C ARG F 266 -54.13 -33.26 38.95
N PRO F 267 -53.90 -32.18 39.71
CA PRO F 267 -53.84 -30.82 39.16
C PRO F 267 -52.69 -30.60 38.18
N TRP F 268 -51.66 -31.44 38.24
CA TRP F 268 -50.50 -31.28 37.35
C TRP F 268 -50.86 -31.62 35.91
N LEU F 269 -52.03 -32.23 35.72
CA LEU F 269 -52.57 -32.54 34.40
C LEU F 269 -52.94 -31.26 33.66
N LYS F 270 -53.36 -30.26 34.41
CA LYS F 270 -53.81 -28.99 33.88
C LYS F 270 -52.67 -28.01 33.59
N ASP F 271 -51.49 -28.29 34.15
CA ASP F 271 -50.40 -27.32 34.09
C ASP F 271 -49.30 -27.75 33.12
N SER G 7 -38.61 -6.13 28.69
CA SER G 7 -40.06 -6.08 28.94
C SER G 7 -40.60 -7.47 29.32
N LYS G 8 -41.52 -7.47 30.28
CA LYS G 8 -42.16 -8.68 30.76
C LYS G 8 -43.39 -9.02 29.92
N TYR G 9 -43.74 -8.13 28.98
CA TYR G 9 -44.93 -8.32 28.17
C TYR G 9 -44.66 -8.61 26.70
N GLU G 10 -43.43 -8.40 26.23
CA GLU G 10 -43.15 -8.49 24.79
C GLU G 10 -43.15 -9.92 24.24
N TYR G 11 -43.21 -10.92 25.11
CA TYR G 11 -43.33 -12.32 24.68
C TYR G 11 -44.56 -12.61 23.82
N VAL G 12 -45.59 -11.79 23.98
CA VAL G 12 -46.85 -12.00 23.26
C VAL G 12 -46.68 -11.89 21.76
N LYS G 13 -45.58 -11.28 21.34
CA LYS G 13 -45.22 -11.18 19.94
C LYS G 13 -44.95 -12.58 19.37
N LEU G 14 -44.57 -13.52 20.23
CA LEU G 14 -44.20 -14.87 19.83
C LEU G 14 -45.40 -15.73 19.38
N PHE G 15 -46.62 -15.24 19.59
CA PHE G 15 -47.83 -15.98 19.21
C PHE G 15 -48.23 -15.80 17.74
N GLU G 16 -47.58 -14.89 17.04
CA GLU G 16 -47.86 -14.63 15.64
C GLU G 16 -47.36 -15.73 14.72
N LYS G 17 -48.12 -16.01 13.66
CA LYS G 17 -47.74 -16.98 12.65
C LYS G 17 -47.76 -16.38 11.24
N GLU G 18 -46.61 -16.29 10.60
CA GLU G 18 -46.57 -15.83 9.21
C GLU G 18 -46.74 -16.98 8.23
N ASN G 19 -47.35 -16.70 7.09
CA ASN G 19 -47.47 -17.69 6.02
C ASN G 19 -46.75 -17.18 4.78
N TYR G 20 -45.57 -17.72 4.53
CA TYR G 20 -44.81 -17.37 3.35
C TYR G 20 -45.21 -18.24 2.17
N LEU G 21 -45.79 -17.62 1.15
CA LEU G 21 -46.31 -18.33 -0.01
C LEU G 21 -45.17 -18.98 -0.78
N LEU G 22 -45.38 -20.24 -1.15
CA LEU G 22 -44.42 -21.05 -1.91
C LEU G 22 -43.71 -20.29 -3.03
N PRO G 23 -42.36 -20.27 -3.00
CA PRO G 23 -41.58 -19.54 -4.01
C PRO G 23 -41.83 -20.02 -5.45
N ASP G 24 -41.57 -19.14 -6.42
CA ASP G 24 -41.59 -19.51 -7.83
C ASP G 24 -42.95 -20.05 -8.26
N THR G 25 -44.01 -19.55 -7.63
CA THR G 25 -45.35 -19.98 -7.97
C THR G 25 -46.17 -18.77 -8.35
N TYR G 26 -47.07 -18.94 -9.32
CA TYR G 26 -47.94 -17.84 -9.72
C TYR G 26 -48.90 -17.53 -8.56
N ILE G 27 -49.07 -16.25 -8.27
CA ILE G 27 -50.04 -15.84 -7.26
C ILE G 27 -51.19 -15.09 -7.89
N ILE G 28 -52.40 -15.53 -7.61
CA ILE G 28 -53.59 -14.75 -7.96
C ILE G 28 -54.18 -14.10 -6.73
N ILE G 29 -54.40 -12.80 -6.79
CA ILE G 29 -55.14 -12.15 -5.74
C ILE G 29 -56.47 -11.71 -6.30
N ARG G 30 -57.54 -12.23 -5.71
CA ARG G 30 -58.87 -11.87 -6.17
C ARG G 30 -59.53 -11.03 -5.10
N VAL G 31 -60.03 -9.87 -5.52
CA VAL G 31 -60.80 -9.03 -4.62
C VAL G 31 -62.23 -8.97 -5.10
N ASP G 32 -63.14 -8.93 -4.14
CA ASP G 32 -64.57 -8.85 -4.41
C ASP G 32 -65.22 -7.95 -3.38
N GLY G 33 -66.03 -7.02 -3.86
CA GLY G 33 -66.69 -6.04 -3.01
C GLY G 33 -67.58 -6.59 -1.92
N LYS G 34 -67.43 -6.09 -0.69
CA LYS G 34 -68.28 -6.54 0.38
C LYS G 34 -69.63 -5.83 0.33
N GLY G 35 -70.70 -6.62 0.18
CA GLY G 35 -72.03 -6.07 0.15
C GLY G 35 -72.27 -5.05 -0.94
N PHE G 36 -71.78 -5.30 -2.16
CA PHE G 36 -71.97 -4.32 -3.21
C PHE G 36 -73.38 -4.37 -3.78
N HIS G 37 -74.14 -5.39 -3.40
CA HIS G 37 -75.56 -5.39 -3.70
C HIS G 37 -76.27 -4.24 -2.98
N LYS G 38 -76.10 -4.16 -1.66
CA LYS G 38 -76.67 -3.05 -0.89
C LYS G 38 -76.08 -1.74 -1.37
N PHE G 39 -74.78 -1.78 -1.63
CA PHE G 39 -74.03 -0.61 -2.07
C PHE G 39 -74.55 -0.04 -3.40
N SER G 40 -74.83 -0.91 -4.35
CA SER G 40 -75.31 -0.48 -5.66
C SER G 40 -76.74 0.06 -5.64
N GLN G 41 -77.54 -0.40 -4.68
CA GLN G 41 -78.89 0.12 -4.50
C GLN G 41 -78.86 1.50 -3.84
N PHE G 42 -78.08 1.62 -2.77
CA PHE G 42 -77.99 2.85 -2.01
C PHE G 42 -77.55 3.99 -2.91
N TYR G 43 -76.59 3.72 -3.79
CA TYR G 43 -76.09 4.78 -4.65
C TYR G 43 -76.76 4.72 -6.03
N GLU G 44 -77.83 3.94 -6.11
CA GLU G 44 -78.69 3.90 -7.30
C GLU G 44 -77.93 3.62 -8.60
N PHE G 45 -77.16 2.54 -8.60
CA PHE G 45 -76.51 2.09 -9.84
C PHE G 45 -77.57 1.87 -10.92
N GLU G 46 -77.22 2.20 -12.15
CA GLU G 46 -78.01 1.80 -13.31
C GLU G 46 -78.05 0.28 -13.47
N LYS G 47 -79.15 -0.23 -14.02
CA LYS G 47 -79.29 -1.66 -14.22
C LYS G 47 -79.52 -1.96 -15.69
N PRO G 48 -78.97 -3.09 -16.18
CA PRO G 48 -78.17 -4.07 -15.42
C PRO G 48 -76.75 -3.60 -15.10
N ASN G 49 -76.18 -2.78 -15.97
CA ASN G 49 -74.81 -2.31 -15.77
C ASN G 49 -74.69 -0.79 -15.69
N ASP G 50 -73.99 -0.31 -14.68
CA ASP G 50 -73.68 1.10 -14.55
C ASP G 50 -72.27 1.37 -15.06
N LEU G 51 -72.15 2.07 -16.19
CA LEU G 51 -70.89 2.29 -16.88
C LEU G 51 -69.83 3.01 -16.03
N LYS G 52 -70.21 4.10 -15.39
CA LYS G 52 -69.23 4.89 -14.65
C LYS G 52 -68.75 4.10 -13.43
N ALA G 53 -69.64 3.27 -12.88
CA ALA G 53 -69.27 2.42 -11.75
C ALA G 53 -68.20 1.40 -12.16
N LEU G 54 -68.33 0.85 -13.36
CA LEU G 54 -67.30 -0.05 -13.88
C LEU G 54 -66.01 0.69 -14.21
N GLN G 55 -66.15 1.95 -14.62
CA GLN G 55 -64.98 2.76 -14.95
C GLN G 55 -64.21 3.12 -13.68
N VAL G 56 -64.93 3.25 -12.57
CA VAL G 56 -64.30 3.42 -11.26
C VAL G 56 -63.47 2.20 -10.87
N MET G 57 -64.03 1.01 -11.03
CA MET G 57 -63.33 -0.23 -10.70
C MET G 57 -62.05 -0.36 -11.52
N ASN G 58 -62.18 -0.10 -12.81
CA ASN G 58 -61.07 -0.27 -13.74
C ASN G 58 -59.94 0.72 -13.46
N SER G 59 -60.32 1.94 -13.09
CA SER G 59 -59.37 2.98 -12.73
C SER G 59 -58.60 2.62 -11.48
N ALA G 60 -59.33 2.11 -10.49
CA ALA G 60 -58.73 1.66 -9.24
C ALA G 60 -57.68 0.58 -9.53
N ALA G 61 -58.11 -0.42 -10.31
CA ALA G 61 -57.27 -1.55 -10.66
C ALA G 61 -56.07 -1.12 -11.49
N GLU G 62 -56.29 -0.26 -12.46
CA GLU G 62 -55.20 0.20 -13.30
C GLU G 62 -54.20 0.99 -12.45
N LYS G 63 -54.71 1.76 -11.50
CA LYS G 63 -53.84 2.54 -10.62
C LYS G 63 -52.99 1.61 -9.74
N LEU G 64 -53.63 0.58 -9.17
CA LEU G 64 -52.91 -0.42 -8.37
C LEU G 64 -51.82 -1.10 -9.18
N MET G 65 -52.18 -1.52 -10.39
CA MET G 65 -51.29 -2.27 -11.24
C MET G 65 -50.09 -1.45 -11.69
N SER G 66 -50.27 -0.15 -11.84
CA SER G 66 -49.15 0.72 -12.23
C SER G 66 -48.21 1.03 -11.07
N LYS G 67 -48.69 0.81 -9.85
CA LYS G 67 -47.91 1.06 -8.65
C LYS G 67 -47.01 -0.12 -8.33
N TYR G 68 -47.46 -1.31 -8.71
CA TYR G 68 -46.75 -2.54 -8.38
C TYR G 68 -46.38 -3.31 -9.63
N SER G 69 -45.11 -3.18 -10.02
CA SER G 69 -44.61 -3.76 -11.26
C SER G 69 -44.67 -5.28 -11.31
N ASP G 70 -44.87 -5.92 -10.16
CA ASP G 70 -45.02 -7.36 -10.16
C ASP G 70 -46.38 -7.81 -10.69
N VAL G 71 -47.37 -6.93 -10.69
CA VAL G 71 -48.67 -7.27 -11.28
C VAL G 71 -48.63 -7.28 -12.81
N MET G 72 -48.83 -8.46 -13.40
CA MET G 72 -48.66 -8.62 -14.83
C MET G 72 -49.98 -8.54 -15.58
N LEU G 73 -51.07 -8.88 -14.92
CA LEU G 73 -52.36 -9.01 -15.60
C LEU G 73 -53.52 -8.83 -14.63
N ALA G 74 -54.57 -8.14 -15.06
CA ALA G 74 -55.75 -7.97 -14.21
C ALA G 74 -57.03 -8.20 -15.00
N TYR G 75 -57.98 -8.87 -14.36
CA TYR G 75 -59.28 -9.12 -14.97
C TYR G 75 -60.40 -8.76 -14.02
N GLY G 76 -61.37 -8.00 -14.50
CA GLY G 76 -62.46 -7.56 -13.67
C GLY G 76 -63.83 -7.70 -14.32
N ASP G 77 -64.81 -7.91 -13.47
CA ASP G 77 -66.22 -7.83 -13.85
C ASP G 77 -67.01 -7.69 -12.56
N SER G 78 -68.21 -7.12 -12.66
CA SER G 78 -69.06 -6.90 -11.50
C SER G 78 -68.30 -6.12 -10.44
N ASP G 79 -68.31 -6.63 -9.21
CA ASP G 79 -67.62 -5.99 -8.10
C ASP G 79 -66.30 -6.70 -7.77
N GLU G 80 -65.72 -7.38 -8.74
CA GLU G 80 -64.52 -8.15 -8.48
C GLU G 80 -63.38 -7.80 -9.44
N TYR G 81 -62.16 -8.00 -8.97
CA TYR G 81 -60.96 -7.92 -9.80
C TYR G 81 -59.96 -8.99 -9.41
N SER G 82 -59.30 -9.61 -10.39
CA SER G 82 -58.25 -10.59 -10.12
C SER G 82 -56.91 -10.10 -10.66
N PHE G 83 -55.87 -10.19 -9.83
CA PHE G 83 -54.54 -9.74 -10.21
C PHE G 83 -53.54 -10.88 -10.24
N LEU G 84 -52.85 -11.00 -11.36
CA LEU G 84 -51.78 -11.98 -11.50
C LEU G 84 -50.44 -11.35 -11.14
N LEU G 85 -49.80 -11.91 -10.13
CA LEU G 85 -48.47 -11.49 -9.74
C LEU G 85 -47.50 -12.45 -10.38
N ARG G 86 -46.42 -11.94 -10.97
CA ARG G 86 -45.44 -12.83 -11.58
C ARG G 86 -44.88 -13.78 -10.52
N LYS G 87 -44.51 -14.98 -10.94
CA LYS G 87 -44.18 -16.05 -10.00
C LYS G 87 -42.93 -15.83 -9.16
N ASN G 88 -42.03 -14.96 -9.59
CA ASN G 88 -40.81 -14.70 -8.82
C ASN G 88 -40.91 -13.44 -7.98
N CYS G 89 -42.14 -12.98 -7.77
CA CYS G 89 -42.44 -11.85 -6.90
C CYS G 89 -41.91 -11.99 -5.48
N GLN G 90 -41.21 -10.96 -5.01
CA GLN G 90 -40.69 -10.95 -3.65
C GLN G 90 -41.28 -9.80 -2.83
N LEU G 91 -42.36 -9.22 -3.35
CA LEU G 91 -43.10 -8.18 -2.65
C LEU G 91 -43.52 -8.61 -1.25
N TYR G 92 -43.08 -7.87 -0.25
CA TYR G 92 -43.35 -8.20 1.15
C TYR G 92 -42.93 -9.62 1.51
N GLU G 93 -41.86 -10.07 0.85
CA GLU G 93 -41.32 -11.41 1.04
C GLU G 93 -42.35 -12.52 0.88
N ARG G 94 -43.33 -12.30 0.00
CA ARG G 94 -44.39 -13.27 -0.27
C ARG G 94 -45.21 -13.63 0.97
N ARG G 95 -45.28 -12.74 1.95
CA ARG G 95 -46.11 -12.96 3.12
C ARG G 95 -47.59 -12.80 2.75
N GLU G 96 -48.37 -13.86 2.98
CA GLU G 96 -49.75 -13.88 2.54
C GLU G 96 -50.58 -12.78 3.21
N MET G 97 -50.37 -12.57 4.50
CA MET G 97 -51.06 -11.52 5.24
C MET G 97 -50.81 -10.13 4.65
N LYS G 98 -49.56 -9.83 4.33
CA LYS G 98 -49.20 -8.53 3.79
C LYS G 98 -49.81 -8.35 2.41
N LEU G 99 -49.66 -9.35 1.55
CA LEU G 99 -50.16 -9.26 0.18
C LEU G 99 -51.67 -9.06 0.09
N THR G 100 -52.43 -9.82 0.86
CA THR G 100 -53.88 -9.78 0.74
C THR G 100 -54.42 -8.49 1.34
N THR G 101 -53.91 -8.12 2.51
CA THR G 101 -54.44 -6.96 3.21
C THR G 101 -53.98 -5.69 2.51
N LEU G 102 -52.87 -5.76 1.81
CA LEU G 102 -52.48 -4.60 1.03
C LEU G 102 -53.38 -4.42 -0.18
N PHE G 103 -53.75 -5.51 -0.84
CA PHE G 103 -54.64 -5.39 -1.98
C PHE G 103 -56.04 -4.90 -1.62
N SER G 104 -56.62 -5.43 -0.54
CA SER G 104 -57.96 -5.00 -0.16
C SER G 104 -57.98 -3.57 0.35
N SER G 105 -56.91 -3.16 1.03
CA SER G 105 -56.80 -1.78 1.47
C SER G 105 -56.67 -0.83 0.26
N LEU G 106 -55.78 -1.17 -0.66
CA LEU G 106 -55.57 -0.37 -1.86
C LEU G 106 -56.76 -0.22 -2.79
N MET G 107 -57.43 -1.32 -3.11
CA MET G 107 -58.58 -1.26 -4.01
C MET G 107 -59.69 -0.42 -3.39
N SER G 108 -59.87 -0.55 -2.09
CA SER G 108 -60.91 0.20 -1.37
C SER G 108 -60.66 1.70 -1.48
N THR G 109 -59.43 2.13 -1.21
CA THR G 109 -59.13 3.55 -1.19
C THR G 109 -59.04 4.13 -2.59
N TYR G 110 -58.47 3.38 -3.53
CA TYR G 110 -58.48 3.83 -4.91
C TYR G 110 -59.90 3.96 -5.46
N TYR G 111 -60.77 3.02 -5.09
CA TYR G 111 -62.15 3.05 -5.53
C TYR G 111 -62.83 4.29 -4.98
N MET G 112 -62.62 4.52 -3.68
CA MET G 112 -63.15 5.68 -3.00
C MET G 112 -62.64 6.96 -3.64
N TYR G 113 -61.35 6.99 -4.00
CA TYR G 113 -60.76 8.15 -4.65
C TYR G 113 -61.45 8.44 -5.99
N PHE G 114 -61.49 7.42 -6.84
CA PHE G 114 -62.00 7.53 -8.21
C PHE G 114 -63.50 7.76 -8.26
N TRP G 115 -64.19 7.32 -7.21
CA TRP G 115 -65.62 7.57 -7.08
C TRP G 115 -65.88 9.07 -7.00
N SER G 116 -65.04 9.77 -6.24
CA SER G 116 -65.22 11.20 -6.08
C SER G 116 -64.97 11.91 -7.42
N GLN G 117 -64.23 11.28 -8.32
CA GLN G 117 -64.02 11.86 -9.64
C GLN G 117 -65.22 11.64 -10.57
N TYR G 118 -65.74 10.42 -10.62
CA TYR G 118 -66.83 10.07 -11.52
C TYR G 118 -68.24 10.41 -11.01
N PHE G 119 -68.42 10.44 -9.69
CA PHE G 119 -69.73 10.77 -9.12
C PHE G 119 -69.69 11.90 -8.10
N PRO G 120 -69.36 13.12 -8.56
CA PRO G 120 -69.30 14.27 -7.65
C PRO G 120 -70.64 14.61 -6.98
N ASP G 121 -71.74 14.25 -7.63
CA ASP G 121 -73.08 14.50 -7.08
C ASP G 121 -73.67 13.41 -6.18
N LYS G 122 -72.94 12.31 -6.01
CA LYS G 122 -73.35 11.25 -5.07
C LYS G 122 -72.28 11.04 -4.01
N PRO G 123 -72.15 11.99 -3.06
CA PRO G 123 -71.11 11.78 -2.04
C PRO G 123 -71.34 10.50 -1.23
N LEU G 124 -70.25 9.82 -0.88
CA LEU G 124 -70.36 8.55 -0.19
C LEU G 124 -70.80 8.67 1.26
N HIS G 125 -71.70 7.79 1.68
CA HIS G 125 -72.13 7.77 3.08
C HIS G 125 -71.28 6.79 3.88
N ILE G 126 -70.97 7.15 5.12
CA ILE G 126 -70.07 6.38 5.95
C ILE G 126 -70.55 4.95 6.21
N ASP G 127 -71.85 4.71 6.06
CA ASP G 127 -72.36 3.37 6.33
C ASP G 127 -72.42 2.56 5.05
N HIS G 128 -71.96 3.17 3.96
CA HIS G 128 -71.92 2.47 2.69
C HIS G 128 -70.64 2.81 1.94
N LEU G 129 -69.50 2.55 2.56
CA LEU G 129 -68.20 2.74 1.91
C LEU G 129 -67.83 1.50 1.12
N PRO G 130 -67.05 1.66 0.04
CA PRO G 130 -66.69 0.48 -0.75
C PRO G 130 -65.56 -0.35 -0.12
N ASN G 131 -65.91 -1.53 0.36
CA ASN G 131 -64.93 -2.42 0.96
C ASN G 131 -64.74 -3.64 0.11
N PHE G 132 -63.54 -4.22 0.21
CA PHE G 132 -63.19 -5.38 -0.57
C PHE G 132 -62.54 -6.42 0.32
N ASP G 133 -62.81 -7.68 0.03
CA ASP G 133 -62.01 -8.72 0.62
C ASP G 133 -60.86 -8.95 -0.35
N ALA G 134 -59.94 -9.82 0.00
CA ALA G 134 -58.88 -10.21 -0.89
C ALA G 134 -58.40 -11.58 -0.45
N ARG G 135 -58.16 -12.45 -1.41
CA ARG G 135 -57.60 -13.75 -1.12
C ARG G 135 -56.48 -14.00 -2.07
N ALA G 136 -55.49 -14.75 -1.61
CA ALA G 136 -54.39 -15.15 -2.46
C ALA G 136 -54.55 -16.62 -2.80
N VAL G 137 -54.35 -16.95 -4.07
CA VAL G 137 -54.40 -18.35 -4.50
C VAL G 137 -53.13 -18.70 -5.30
N LEU G 138 -52.56 -19.87 -5.02
CA LEU G 138 -51.37 -20.30 -5.75
C LEU G 138 -51.68 -21.23 -6.92
N TYR G 139 -51.04 -20.98 -8.06
CA TYR G 139 -51.15 -21.87 -9.20
C TYR G 139 -49.75 -22.21 -9.70
N PRO G 140 -49.40 -23.51 -9.72
CA PRO G 140 -48.03 -23.96 -10.01
C PRO G 140 -47.70 -24.01 -11.51
N ASP G 141 -48.70 -23.82 -12.37
CA ASP G 141 -48.47 -23.93 -13.80
C ASP G 141 -49.32 -22.90 -14.53
N PHE G 142 -48.77 -22.32 -15.59
CA PHE G 142 -49.44 -21.25 -16.30
C PHE G 142 -50.74 -21.69 -16.98
N LYS G 143 -50.87 -22.98 -17.25
CA LYS G 143 -52.10 -23.50 -17.83
C LYS G 143 -53.27 -23.31 -16.88
N HIS G 144 -52.98 -23.27 -15.60
CA HIS G 144 -54.01 -23.05 -14.60
C HIS G 144 -54.38 -21.58 -14.56
N ILE G 145 -53.42 -20.72 -14.93
CA ILE G 145 -53.66 -19.29 -15.02
C ILE G 145 -54.62 -18.99 -16.17
N ARG G 146 -54.36 -19.61 -17.33
CA ARG G 146 -55.27 -19.52 -18.45
C ARG G 146 -56.67 -19.99 -18.08
N ASN G 147 -56.75 -21.14 -17.42
CA ASN G 147 -58.03 -21.72 -17.05
C ASN G 147 -58.75 -20.88 -16.00
N TYR G 148 -57.99 -20.20 -15.14
CA TYR G 148 -58.61 -19.37 -14.12
C TYR G 148 -59.36 -18.19 -14.74
N PHE G 149 -58.70 -17.47 -15.64
CA PHE G 149 -59.31 -16.31 -16.27
C PHE G 149 -60.40 -16.72 -17.23
N SER G 150 -60.23 -17.88 -17.86
CA SER G 150 -61.30 -18.45 -18.67
C SER G 150 -62.53 -18.70 -17.83
N TRP G 151 -62.32 -19.23 -16.62
CA TRP G 151 -63.40 -19.44 -15.67
C TRP G 151 -64.14 -18.14 -15.34
N ARG G 152 -63.39 -17.06 -15.12
CA ARG G 152 -63.98 -15.80 -14.71
C ARG G 152 -64.70 -15.11 -15.86
N GLN G 153 -64.19 -15.26 -17.07
CA GLN G 153 -64.85 -14.62 -18.19
C GLN G 153 -66.12 -15.37 -18.57
N VAL G 154 -66.10 -16.69 -18.45
CA VAL G 154 -67.31 -17.46 -18.71
C VAL G 154 -68.42 -17.05 -17.75
N ASP G 155 -68.06 -16.82 -16.49
CA ASP G 155 -69.00 -16.39 -15.46
C ASP G 155 -69.57 -15.00 -15.72
N CYS G 156 -68.73 -14.13 -16.27
CA CYS G 156 -69.16 -12.79 -16.63
C CYS G 156 -70.22 -12.79 -17.73
N HIS G 157 -70.02 -13.63 -18.74
CA HIS G 157 -71.00 -13.77 -19.82
C HIS G 157 -72.33 -14.22 -19.26
N ILE G 158 -72.28 -15.30 -18.48
CA ILE G 158 -73.48 -15.92 -17.91
C ILE G 158 -74.25 -14.96 -17.02
N ASN G 159 -73.53 -14.23 -16.16
CA ASN G 159 -74.17 -13.30 -15.23
C ASN G 159 -74.73 -12.05 -15.93
N ASN G 160 -74.04 -11.56 -16.96
CA ASN G 160 -74.49 -10.35 -17.64
C ASN G 160 -75.75 -10.66 -18.45
N LEU G 161 -75.76 -11.81 -19.12
CA LEU G 161 -76.91 -12.24 -19.91
C LEU G 161 -78.16 -12.37 -19.04
N TYR G 162 -77.98 -12.97 -17.86
CA TYR G 162 -79.06 -13.14 -16.90
C TYR G 162 -79.56 -11.78 -16.45
N ASN G 163 -78.64 -10.91 -16.02
CA ASN G 163 -79.03 -9.61 -15.50
C ASN G 163 -79.65 -8.73 -16.55
N THR G 164 -79.17 -8.83 -17.79
CA THR G 164 -79.73 -8.02 -18.87
C THR G 164 -81.17 -8.45 -19.17
N THR G 165 -81.39 -9.76 -19.16
CA THR G 165 -82.73 -10.31 -19.36
C THR G 165 -83.63 -9.95 -18.19
N PHE G 166 -83.12 -10.19 -16.99
CA PHE G 166 -83.86 -9.95 -15.75
C PHE G 166 -84.35 -8.51 -15.63
N TRP G 167 -83.45 -7.56 -15.80
CA TRP G 167 -83.76 -6.15 -15.56
C TRP G 167 -84.58 -5.53 -16.69
N ASN G 168 -84.48 -6.11 -17.87
CA ASN G 168 -85.32 -5.69 -18.98
C ASN G 168 -86.74 -6.18 -18.77
N LEU G 169 -86.91 -7.35 -18.18
CA LEU G 169 -88.25 -7.78 -17.85
C LEU G 169 -88.86 -6.77 -16.87
N VAL G 170 -88.07 -6.32 -15.89
CA VAL G 170 -88.57 -5.37 -14.90
C VAL G 170 -88.71 -3.93 -15.43
N LEU G 171 -87.69 -3.42 -16.12
CA LEU G 171 -87.70 -2.00 -16.52
C LEU G 171 -88.40 -1.63 -17.82
N LYS G 172 -88.22 -2.41 -18.88
CA LYS G 172 -88.89 -2.11 -20.14
C LYS G 172 -90.28 -2.70 -20.08
N LEU G 173 -90.32 -3.96 -19.68
CA LEU G 173 -91.54 -4.72 -19.53
C LEU G 173 -91.97 -4.41 -18.09
N LYS G 174 -93.16 -4.83 -17.69
CA LYS G 174 -93.56 -4.59 -16.30
C LYS G 174 -93.65 -5.93 -15.57
N MET G 175 -92.64 -6.24 -14.79
CA MET G 175 -92.68 -7.39 -13.90
C MET G 175 -92.12 -7.05 -12.51
N THR G 176 -92.61 -7.73 -11.49
CA THR G 176 -91.97 -7.66 -10.18
C THR G 176 -90.72 -8.54 -10.21
N PRO G 177 -89.73 -8.25 -9.34
CA PRO G 177 -88.52 -9.08 -9.24
C PRO G 177 -88.80 -10.56 -9.14
N GLN G 178 -89.81 -10.93 -8.35
CA GLN G 178 -90.12 -12.32 -8.12
C GLN G 178 -90.58 -13.01 -9.39
N GLN G 179 -91.40 -12.30 -10.17
CA GLN G 179 -91.93 -12.88 -11.41
C GLN G 179 -90.94 -12.86 -12.56
N ALA G 180 -90.01 -11.91 -12.57
CA ALA G 180 -88.95 -11.89 -13.57
C ALA G 180 -88.09 -13.14 -13.43
N GLU G 181 -87.82 -13.47 -12.17
CA GLU G 181 -87.02 -14.63 -11.80
C GLU G 181 -87.67 -15.95 -12.18
N GLN G 182 -88.98 -16.05 -11.92
CA GLN G 182 -89.73 -17.25 -12.26
C GLN G 182 -89.73 -17.48 -13.76
N ARG G 183 -89.77 -16.41 -14.53
CA ARG G 183 -89.74 -16.51 -15.98
C ARG G 183 -88.42 -17.12 -16.43
N LEU G 184 -87.37 -16.86 -15.66
CA LEU G 184 -86.05 -17.30 -16.08
C LEU G 184 -85.69 -18.67 -15.53
N MET G 185 -86.39 -19.14 -14.50
CA MET G 185 -86.07 -20.47 -14.00
C MET G 185 -86.24 -21.48 -15.11
N GLY G 186 -85.22 -22.28 -15.40
CA GLY G 186 -85.38 -23.26 -16.45
C GLY G 186 -84.92 -22.79 -17.81
N THR G 187 -84.18 -21.69 -17.87
CA THR G 187 -83.78 -21.15 -19.16
C THR G 187 -82.29 -21.22 -19.52
N VAL G 188 -82.03 -21.53 -20.79
CA VAL G 188 -80.68 -21.49 -21.33
C VAL G 188 -80.45 -20.24 -22.17
N ALA G 189 -79.24 -20.09 -22.68
CA ALA G 189 -78.80 -18.87 -23.35
C ALA G 189 -79.62 -18.41 -24.57
N SER G 190 -80.03 -19.33 -25.44
CA SER G 190 -80.82 -18.93 -26.61
C SER G 190 -82.19 -18.38 -26.24
N ASP G 191 -82.78 -18.94 -25.19
CA ASP G 191 -84.08 -18.48 -24.71
C ASP G 191 -84.02 -17.04 -24.21
N LYS G 192 -83.00 -16.73 -23.40
CA LYS G 192 -82.85 -15.40 -22.83
C LYS G 192 -82.67 -14.40 -23.96
N ASN G 193 -81.89 -14.79 -24.96
CA ASN G 193 -81.67 -13.96 -26.14
C ASN G 193 -82.97 -13.68 -26.87
N GLU G 194 -83.79 -14.70 -27.03
CA GLU G 194 -85.07 -14.55 -27.73
C GLU G 194 -86.01 -13.65 -26.93
N ILE G 195 -86.06 -13.88 -25.62
CA ILE G 195 -86.86 -13.08 -24.69
C ILE G 195 -86.47 -11.61 -24.74
N LEU G 196 -85.17 -11.34 -24.80
CA LEU G 196 -84.66 -9.98 -24.89
C LEU G 196 -85.13 -9.36 -26.19
N PHE G 197 -85.04 -10.10 -27.28
CA PHE G 197 -85.40 -9.59 -28.60
C PHE G 197 -86.92 -9.48 -28.74
N LYS G 198 -87.63 -10.59 -28.58
CA LYS G 198 -89.06 -10.62 -28.86
C LYS G 198 -89.94 -9.85 -27.87
N GLU G 199 -89.61 -9.92 -26.59
CA GLU G 199 -90.46 -9.32 -25.56
C GLU G 199 -90.01 -7.95 -25.04
N CYS G 200 -88.71 -7.68 -25.06
CA CYS G 200 -88.21 -6.44 -24.47
C CYS G 200 -87.62 -5.49 -25.52
N GLY G 201 -87.47 -5.99 -26.73
CA GLY G 201 -86.89 -5.24 -27.83
C GLY G 201 -85.41 -4.90 -27.67
N VAL G 202 -84.66 -5.77 -27.01
CA VAL G 202 -83.23 -5.51 -26.80
C VAL G 202 -82.37 -6.59 -27.48
N ASN G 203 -81.45 -6.14 -28.33
CA ASN G 203 -80.47 -7.03 -28.93
C ASN G 203 -79.21 -7.14 -28.07
N TYR G 204 -79.01 -8.30 -27.45
CA TYR G 204 -77.91 -8.47 -26.50
C TYR G 204 -76.57 -8.28 -27.19
N ASN G 205 -76.46 -8.73 -28.45
CA ASN G 205 -75.21 -8.58 -29.18
C ASN G 205 -74.80 -7.12 -29.34
N ASN G 206 -75.77 -6.21 -29.22
CA ASN G 206 -75.47 -4.79 -29.33
C ASN G 206 -75.07 -4.17 -27.99
N GLU G 207 -75.14 -4.97 -26.93
CA GLU G 207 -74.66 -4.53 -25.63
C GLU G 207 -73.16 -4.23 -25.69
N SER G 208 -72.71 -3.32 -24.83
CA SER G 208 -71.29 -2.97 -24.74
C SER G 208 -70.40 -4.20 -24.63
N GLU G 209 -69.26 -4.17 -25.31
CA GLU G 209 -68.30 -5.27 -25.24
C GLU G 209 -67.79 -5.46 -23.82
N MET G 210 -67.64 -4.36 -23.09
CA MET G 210 -67.22 -4.38 -21.69
C MET G 210 -68.21 -5.15 -20.80
N TYR G 211 -69.50 -4.95 -21.04
CA TYR G 211 -70.52 -5.64 -20.26
C TYR G 211 -70.45 -7.13 -20.54
N LYS G 212 -70.21 -7.49 -21.80
CA LYS G 212 -70.25 -8.88 -22.23
C LYS G 212 -68.97 -9.64 -21.84
N LYS G 213 -67.83 -8.96 -21.93
CA LYS G 213 -66.53 -9.62 -21.78
C LYS G 213 -65.80 -9.27 -20.48
N GLY G 214 -66.14 -8.14 -19.87
CA GLY G 214 -65.39 -7.67 -18.71
C GLY G 214 -64.19 -6.86 -19.16
N THR G 215 -63.23 -6.68 -18.26
CA THR G 215 -62.08 -5.84 -18.56
C THR G 215 -60.74 -6.52 -18.29
N ILE G 216 -59.89 -6.57 -19.31
CA ILE G 216 -58.54 -7.10 -19.17
C ILE G 216 -57.52 -5.96 -19.19
N ILE G 217 -56.70 -5.87 -18.16
CA ILE G 217 -55.58 -4.93 -18.11
C ILE G 217 -54.23 -5.66 -18.17
N VAL G 218 -53.41 -5.40 -19.19
CA VAL G 218 -52.15 -6.13 -19.34
C VAL G 218 -50.94 -5.23 -19.46
N ARG G 219 -49.84 -5.66 -18.84
CA ARG G 219 -48.57 -4.99 -18.97
C ARG G 219 -47.95 -5.34 -20.32
N GLU G 220 -47.65 -4.32 -21.12
CA GLU G 220 -47.08 -4.53 -22.46
C GLU G 220 -45.59 -4.19 -22.51
N PHE G 221 -44.80 -5.11 -23.06
CA PHE G 221 -43.37 -4.92 -23.28
C PHE G 221 -43.00 -4.87 -24.75
N GLU G 222 -42.02 -4.03 -25.11
CA GLU G 222 -41.64 -3.88 -26.51
C GLU G 222 -40.48 -4.77 -26.91
N ASN G 223 -39.35 -4.66 -26.23
CA ASN G 223 -38.22 -5.48 -26.63
C ASN G 223 -38.06 -6.64 -25.67
N TYR G 224 -39.08 -7.49 -25.59
CA TYR G 224 -39.05 -8.57 -24.61
C TYR G 224 -38.31 -9.77 -25.16
N GLU G 225 -37.36 -10.28 -24.39
CA GLU G 225 -36.76 -11.58 -24.64
C GLU G 225 -36.75 -12.36 -23.34
N THR G 226 -36.96 -13.67 -23.40
CA THR G 226 -37.05 -14.46 -22.17
C THR G 226 -35.65 -14.62 -21.54
N GLU G 227 -34.92 -13.52 -21.45
CA GLU G 227 -33.57 -13.52 -20.90
C GLU G 227 -33.65 -13.66 -19.39
N ASP G 228 -34.86 -13.48 -18.86
CA ASP G 228 -35.07 -13.52 -17.42
C ASP G 228 -34.87 -14.94 -16.91
N GLU G 229 -33.81 -15.11 -16.13
CA GLU G 229 -33.43 -16.41 -15.58
C GLU G 229 -32.71 -16.22 -14.25
N ALA G 230 -32.62 -17.30 -13.49
CA ALA G 230 -31.93 -17.29 -12.21
C ALA G 230 -30.44 -17.03 -12.42
N GLU G 231 -29.96 -17.33 -13.62
CA GLU G 231 -28.53 -17.31 -13.94
C GLU G 231 -27.91 -15.93 -13.69
N LEU G 232 -28.42 -14.91 -14.40
CA LEU G 232 -27.96 -13.53 -14.23
C LEU G 232 -28.57 -12.83 -13.01
N SER G 233 -27.78 -11.94 -12.39
CA SER G 233 -28.19 -11.26 -11.17
C SER G 233 -27.50 -9.89 -11.02
N LYS G 234 -27.70 -9.27 -9.85
CA LYS G 234 -27.14 -7.96 -9.47
C LYS G 234 -27.74 -6.78 -10.22
N ARG G 235 -26.94 -6.09 -11.02
CA ARG G 235 -27.42 -4.90 -11.73
C ARG G 235 -28.45 -5.27 -12.79
N GLN G 236 -28.37 -6.51 -13.27
CA GLN G 236 -29.31 -7.02 -14.27
C GLN G 236 -30.76 -6.97 -13.79
N VAL G 237 -30.99 -7.44 -12.56
CA VAL G 237 -32.33 -7.46 -11.97
C VAL G 237 -32.83 -6.03 -11.73
N GLN G 238 -31.95 -5.18 -11.24
CA GLN G 238 -32.29 -3.79 -10.93
C GLN G 238 -32.63 -3.01 -12.19
N ARG G 239 -32.04 -3.40 -13.31
CA ARG G 239 -32.35 -2.78 -14.60
C ARG G 239 -33.73 -3.21 -15.12
N LEU G 240 -34.05 -4.49 -14.99
CA LEU G 240 -35.36 -5.02 -15.40
C LEU G 240 -36.51 -4.53 -14.53
N GLU G 241 -36.22 -4.30 -13.25
CA GLU G 241 -37.22 -3.75 -12.33
C GLU G 241 -37.59 -2.36 -12.83
N LYS G 242 -36.59 -1.67 -13.37
CA LYS G 242 -36.76 -0.34 -13.92
C LYS G 242 -37.56 -0.42 -15.22
N LYS G 243 -37.28 -1.45 -16.02
CA LYS G 243 -38.02 -1.70 -17.25
C LYS G 243 -39.48 -2.08 -17.05
N ARG G 244 -39.76 -2.86 -16.01
CA ARG G 244 -41.12 -3.30 -15.69
C ARG G 244 -42.04 -2.18 -15.21
N LYS G 245 -41.50 -1.26 -14.41
CA LYS G 245 -42.25 -0.08 -13.98
C LYS G 245 -42.55 0.83 -15.18
N LYS G 246 -41.61 0.91 -16.13
CA LYS G 246 -41.78 1.74 -17.32
C LYS G 246 -42.32 0.88 -18.47
N ALA G 247 -43.40 0.17 -18.17
CA ALA G 247 -44.10 -0.69 -19.12
C ALA G 247 -45.47 -0.09 -19.27
N GLU G 248 -46.22 -0.48 -20.29
CA GLU G 248 -47.48 0.20 -20.52
C GLU G 248 -48.68 -0.69 -20.29
N LEU G 249 -49.70 -0.08 -19.68
CA LEU G 249 -50.92 -0.76 -19.32
C LEU G 249 -51.96 -0.58 -20.42
N LYS G 250 -52.42 -1.68 -21.01
CA LYS G 250 -53.43 -1.56 -22.04
C LYS G 250 -54.70 -2.26 -21.59
N ILE G 251 -55.83 -1.67 -21.95
CA ILE G 251 -57.13 -2.19 -21.55
C ILE G 251 -57.82 -2.82 -22.74
N TYR G 252 -58.38 -4.01 -22.54
CA TYR G 252 -59.06 -4.72 -23.61
C TYR G 252 -60.42 -5.23 -23.14
N HIS G 253 -61.33 -5.41 -24.09
CA HIS G 253 -62.61 -6.03 -23.79
C HIS G 253 -62.81 -7.13 -24.81
N VAL G 254 -62.01 -8.18 -24.71
CA VAL G 254 -61.97 -9.22 -25.73
C VAL G 254 -62.06 -10.61 -25.12
N ASP G 255 -62.35 -11.60 -25.96
CA ASP G 255 -62.29 -12.99 -25.56
C ASP G 255 -60.85 -13.36 -25.24
N ILE G 256 -60.63 -13.98 -24.09
CA ILE G 256 -59.32 -14.52 -23.75
C ILE G 256 -59.41 -16.04 -23.51
N ILE G 257 -60.62 -16.56 -23.63
CA ILE G 257 -60.87 -17.99 -23.44
C ILE G 257 -60.33 -18.87 -24.56
N ASN G 258 -60.67 -18.52 -25.79
CA ASN G 258 -60.34 -19.38 -26.93
C ASN G 258 -59.26 -18.82 -27.85
N ASP G 259 -58.87 -17.57 -27.62
CA ASP G 259 -57.85 -16.94 -28.45
C ASP G 259 -56.46 -17.23 -27.88
N ASP G 260 -55.91 -18.39 -28.23
CA ASP G 260 -54.60 -18.82 -27.76
C ASP G 260 -53.47 -17.88 -28.18
N SER G 261 -53.60 -17.30 -29.36
CA SER G 261 -52.57 -16.40 -29.87
C SER G 261 -52.44 -15.14 -29.01
N TRP G 262 -53.54 -14.73 -28.38
CA TRP G 262 -53.54 -13.57 -27.49
C TRP G 262 -52.55 -13.74 -26.35
N TRP G 263 -52.50 -14.96 -25.81
CA TRP G 263 -51.60 -15.34 -24.75
C TRP G 263 -50.19 -15.59 -25.26
N LYS G 264 -50.10 -16.30 -26.38
CA LYS G 264 -48.84 -16.67 -26.99
C LYS G 264 -47.95 -15.50 -27.37
N SER G 265 -48.56 -14.39 -27.78
CA SER G 265 -47.80 -13.18 -28.15
C SER G 265 -47.39 -12.32 -26.96
N ARG G 266 -47.68 -12.81 -25.75
CA ARG G 266 -47.32 -12.11 -24.52
C ARG G 266 -46.57 -12.99 -23.53
N PRO G 267 -45.36 -13.46 -23.91
CA PRO G 267 -44.58 -14.44 -23.15
C PRO G 267 -44.12 -13.95 -21.78
N TRP G 268 -44.10 -12.64 -21.56
CA TRP G 268 -43.65 -12.11 -20.27
C TRP G 268 -44.66 -12.43 -19.16
N LEU G 269 -45.86 -12.85 -19.56
CA LEU G 269 -46.89 -13.26 -18.61
C LEU G 269 -46.51 -14.55 -17.87
N LYS G 270 -45.79 -15.45 -18.55
CA LYS G 270 -45.40 -16.73 -17.97
C LYS G 270 -44.14 -16.58 -17.15
N ASP G 271 -43.43 -15.48 -17.36
CA ASP G 271 -42.10 -15.31 -16.80
C ASP G 271 -42.14 -14.29 -15.65
N SER H 7 -69.02 -27.14 -15.78
CA SER H 7 -68.01 -26.26 -16.33
C SER H 7 -66.65 -26.96 -16.33
N LYS H 8 -65.88 -26.77 -17.40
CA LYS H 8 -64.54 -27.37 -17.54
C LYS H 8 -63.43 -26.51 -16.95
N TYR H 9 -63.76 -25.31 -16.48
CA TYR H 9 -62.73 -24.41 -15.96
C TYR H 9 -62.84 -24.20 -14.45
N GLU H 10 -63.97 -24.60 -13.88
CA GLU H 10 -64.26 -24.28 -12.48
C GLU H 10 -63.42 -25.09 -11.48
N TYR H 11 -62.70 -26.09 -11.96
CA TYR H 11 -61.80 -26.88 -11.09
C TYR H 11 -60.75 -26.04 -10.37
N VAL H 12 -60.41 -24.89 -10.96
CA VAL H 12 -59.36 -24.01 -10.42
C VAL H 12 -59.69 -23.48 -9.03
N LYS H 13 -60.95 -23.57 -8.64
CA LYS H 13 -61.37 -23.16 -7.31
C LYS H 13 -60.73 -24.05 -6.25
N LEU H 14 -60.36 -25.27 -6.63
CA LEU H 14 -59.81 -26.24 -5.68
C LEU H 14 -58.38 -25.93 -5.21
N PHE H 15 -57.72 -24.96 -5.81
CA PHE H 15 -56.38 -24.62 -5.36
C PHE H 15 -56.39 -23.64 -4.19
N GLU H 16 -57.56 -23.07 -3.89
CA GLU H 16 -57.65 -22.13 -2.78
C GLU H 16 -57.54 -22.86 -1.45
N LYS H 17 -56.87 -22.25 -0.48
CA LYS H 17 -56.79 -22.87 0.84
C LYS H 17 -57.25 -21.88 1.92
N GLU H 18 -58.33 -22.20 2.61
CA GLU H 18 -58.80 -21.38 3.73
C GLU H 18 -58.14 -21.77 5.05
N ASN H 19 -57.96 -20.78 5.90
CA ASN H 19 -57.44 -21.00 7.25
C ASN H 19 -58.46 -20.59 8.29
N TYR H 20 -59.09 -21.59 8.88
CA TYR H 20 -60.05 -21.38 9.93
C TYR H 20 -59.35 -21.33 11.27
N LEU H 21 -59.41 -20.17 11.92
CA LEU H 21 -58.69 -19.96 13.16
C LEU H 21 -59.26 -20.82 14.28
N LEU H 22 -58.37 -21.45 15.04
CA LEU H 22 -58.71 -22.31 16.17
C LEU H 22 -59.84 -21.80 17.06
N PRO H 23 -60.89 -22.62 17.23
CA PRO H 23 -62.07 -22.28 18.03
C PRO H 23 -61.74 -21.96 19.48
N ASP H 24 -62.62 -21.21 20.12
CA ASP H 24 -62.57 -20.95 21.55
C ASP H 24 -61.25 -20.28 21.93
N THR H 25 -60.71 -19.50 20.99
CA THR H 25 -59.47 -18.78 21.24
C THR H 25 -59.71 -17.29 21.02
N TYR H 26 -59.08 -16.46 21.84
CA TYR H 26 -59.19 -15.02 21.66
C TYR H 26 -58.50 -14.61 20.36
N ILE H 27 -59.12 -13.73 19.59
CA ILE H 27 -58.46 -13.23 18.39
C ILE H 27 -58.17 -11.76 18.58
N ILE H 28 -56.91 -11.39 18.37
CA ILE H 28 -56.54 -9.99 18.25
C ILE H 28 -56.28 -9.66 16.80
N ILE H 29 -56.93 -8.62 16.29
CA ILE H 29 -56.60 -8.11 14.97
C ILE H 29 -55.94 -6.76 15.19
N ARG H 30 -54.70 -6.65 14.72
CA ARG H 30 -53.94 -5.41 14.84
C ARG H 30 -53.77 -4.82 13.46
N VAL H 31 -54.13 -3.55 13.36
CA VAL H 31 -53.92 -2.82 12.12
C VAL H 31 -52.88 -1.74 12.31
N ASP H 32 -52.05 -1.52 11.29
CA ASP H 32 -51.00 -0.50 11.33
C ASP H 32 -50.85 0.17 9.97
N GLY H 33 -50.80 1.50 9.97
CA GLY H 33 -50.72 2.31 8.76
C GLY H 33 -49.52 2.00 7.90
N LYS H 34 -49.72 1.85 6.59
CA LYS H 34 -48.59 1.60 5.70
C LYS H 34 -47.88 2.89 5.36
N GLY H 35 -46.60 2.96 5.70
CA GLY H 35 -45.81 4.13 5.40
C GLY H 35 -46.37 5.40 6.01
N PHE H 36 -46.78 5.36 7.27
CA PHE H 36 -47.35 6.55 7.85
C PHE H 36 -46.33 7.61 8.29
N HIS H 37 -45.04 7.30 8.26
CA HIS H 37 -44.07 8.37 8.42
C HIS H 37 -44.14 9.33 7.23
N LYS H 38 -44.07 8.81 6.01
CA LYS H 38 -44.22 9.67 4.84
C LYS H 38 -45.60 10.31 4.79
N PHE H 39 -46.62 9.55 5.16
CA PHE H 39 -47.98 10.05 5.13
C PHE H 39 -48.14 11.26 6.04
N SER H 40 -47.57 11.19 7.24
CA SER H 40 -47.69 12.29 8.20
C SER H 40 -46.88 13.50 7.80
N GLN H 41 -45.81 13.27 7.05
CA GLN H 41 -45.03 14.37 6.50
C GLN H 41 -45.73 15.05 5.34
N PHE H 42 -46.25 14.26 4.41
CA PHE H 42 -46.89 14.80 3.23
C PHE H 42 -48.06 15.70 3.60
N TYR H 43 -48.85 15.29 4.59
CA TYR H 43 -50.01 16.04 5.02
C TYR H 43 -49.72 16.90 6.25
N GLU H 44 -48.43 17.05 6.55
CA GLU H 44 -47.96 17.97 7.60
C GLU H 44 -48.59 17.78 8.97
N PHE H 45 -48.56 16.57 9.51
CA PHE H 45 -49.01 16.33 10.88
C PHE H 45 -48.23 17.23 11.84
N GLU H 46 -48.90 17.74 12.88
CA GLU H 46 -48.22 18.37 14.01
C GLU H 46 -47.33 17.39 14.77
N LYS H 47 -46.23 17.88 15.33
CA LYS H 47 -45.32 17.05 16.10
C LYS H 47 -45.19 17.56 17.52
N PRO H 48 -45.07 16.66 18.50
CA PRO H 48 -45.01 15.20 18.32
C PRO H 48 -46.37 14.57 17.99
N ASN H 49 -47.44 15.17 18.49
CA ASN H 49 -48.77 14.63 18.26
C ASN H 49 -49.75 15.58 17.57
N ASP H 50 -50.41 15.07 16.54
CA ASP H 50 -51.46 15.82 15.86
C ASP H 50 -52.77 15.33 16.42
N LEU H 51 -53.44 16.20 17.17
CA LEU H 51 -54.65 15.83 17.88
C LEU H 51 -55.72 15.38 16.91
N LYS H 52 -55.95 16.15 15.85
CA LYS H 52 -57.02 15.84 14.91
C LYS H 52 -56.73 14.59 14.07
N ALA H 53 -55.46 14.34 13.78
CA ALA H 53 -55.06 13.15 13.06
C ALA H 53 -55.35 11.88 13.85
N LEU H 54 -55.12 11.96 15.16
CA LEU H 54 -55.45 10.87 16.04
C LEU H 54 -56.95 10.68 16.20
N GLN H 55 -57.69 11.78 16.14
CA GLN H 55 -59.14 11.76 16.27
C GLN H 55 -59.78 11.16 15.03
N VAL H 56 -59.12 11.33 13.90
CA VAL H 56 -59.54 10.63 12.69
C VAL H 56 -59.43 9.11 12.89
N MET H 57 -58.31 8.65 13.44
CA MET H 57 -58.10 7.21 13.73
C MET H 57 -59.16 6.69 14.69
N ASN H 58 -59.39 7.45 15.75
CA ASN H 58 -60.30 7.05 16.81
C ASN H 58 -61.74 6.97 16.31
N SER H 59 -62.09 7.92 15.45
CA SER H 59 -63.42 7.93 14.85
C SER H 59 -63.56 6.72 13.96
N ALA H 60 -62.51 6.44 13.19
CA ALA H 60 -62.46 5.28 12.32
C ALA H 60 -62.64 3.98 13.10
N ALA H 61 -61.87 3.83 14.17
CA ALA H 61 -61.88 2.63 14.99
C ALA H 61 -63.21 2.41 15.69
N GLU H 62 -63.78 3.48 16.23
CA GLU H 62 -65.07 3.42 16.92
C GLU H 62 -66.18 3.04 15.94
N LYS H 63 -66.09 3.57 14.72
CA LYS H 63 -67.07 3.26 13.70
C LYS H 63 -67.02 1.79 13.31
N LEU H 64 -65.80 1.29 13.10
CA LEU H 64 -65.58 -0.12 12.78
C LEU H 64 -66.14 -0.98 13.90
N MET H 65 -65.82 -0.61 15.13
CA MET H 65 -66.19 -1.38 16.30
C MET H 65 -67.71 -1.42 16.49
N SER H 66 -68.39 -0.37 16.07
CA SER H 66 -69.85 -0.33 16.18
C SER H 66 -70.55 -1.17 15.12
N LYS H 67 -69.81 -1.51 14.06
CA LYS H 67 -70.37 -2.31 12.97
C LYS H 67 -70.30 -3.81 13.29
N TYR H 68 -69.32 -4.19 14.10
CA TYR H 68 -69.05 -5.59 14.45
C TYR H 68 -69.10 -5.77 15.95
N SER H 69 -70.23 -6.29 16.42
CA SER H 69 -70.51 -6.44 17.84
C SER H 69 -69.57 -7.40 18.54
N ASP H 70 -68.84 -8.18 17.78
CA ASP H 70 -67.85 -9.09 18.33
C ASP H 70 -66.58 -8.40 18.82
N VAL H 71 -66.31 -7.19 18.35
CA VAL H 71 -65.16 -6.44 18.86
C VAL H 71 -65.50 -5.93 20.25
N MET H 72 -64.77 -6.41 21.23
CA MET H 72 -65.11 -6.11 22.62
C MET H 72 -64.29 -4.95 23.15
N LEU H 73 -63.11 -4.77 22.57
CA LEU H 73 -62.16 -3.82 23.10
C LEU H 73 -61.21 -3.38 21.99
N ALA H 74 -60.89 -2.10 21.94
CA ALA H 74 -59.94 -1.61 20.95
C ALA H 74 -58.95 -0.68 21.61
N TYR H 75 -57.69 -0.79 21.20
CA TYR H 75 -56.63 0.09 21.70
C TYR H 75 -55.81 0.63 20.55
N GLY H 76 -55.61 1.95 20.54
CA GLY H 76 -54.87 2.57 19.47
C GLY H 76 -53.89 3.57 20.02
N ASP H 77 -52.78 3.72 19.29
CA ASP H 77 -51.83 4.79 19.50
C ASP H 77 -50.99 4.86 18.23
N SER H 78 -50.40 6.03 17.97
CA SER H 78 -49.59 6.27 16.79
C SER H 78 -50.44 5.95 15.55
N ASP H 79 -49.93 5.11 14.64
CA ASP H 79 -50.71 4.77 13.45
C ASP H 79 -51.31 3.37 13.54
N GLU H 80 -51.51 2.88 14.76
CA GLU H 80 -52.00 1.52 14.92
C GLU H 80 -53.24 1.41 15.80
N TYR H 81 -54.03 0.37 15.56
CA TYR H 81 -55.16 -0.01 16.41
C TYR H 81 -55.25 -1.52 16.53
N SER H 82 -55.55 -1.98 17.74
CA SER H 82 -55.75 -3.41 18.00
C SER H 82 -57.17 -3.72 18.43
N PHE H 83 -57.77 -4.74 17.84
CA PHE H 83 -59.14 -5.12 18.17
C PHE H 83 -59.23 -6.51 18.77
N LEU H 84 -59.87 -6.61 19.93
CA LEU H 84 -60.11 -7.91 20.57
C LEU H 84 -61.46 -8.51 20.20
N LEU H 85 -61.43 -9.69 19.60
CA LEU H 85 -62.65 -10.42 19.29
C LEU H 85 -62.89 -11.43 20.40
N ARG H 86 -64.12 -11.51 20.87
CA ARG H 86 -64.47 -12.44 21.95
C ARG H 86 -64.15 -13.85 21.49
N LYS H 87 -63.80 -14.72 22.44
CA LYS H 87 -63.23 -16.00 22.03
C LYS H 87 -64.20 -16.91 21.29
N ASN H 88 -65.49 -16.67 21.46
CA ASN H 88 -66.47 -17.51 20.79
C ASN H 88 -67.02 -16.86 19.53
N CYS H 89 -66.30 -15.85 19.07
CA CYS H 89 -66.61 -15.16 17.81
C CYS H 89 -66.68 -16.11 16.64
N GLN H 90 -67.77 -16.03 15.86
CA GLN H 90 -67.93 -16.86 14.68
C GLN H 90 -68.04 -16.02 13.41
N LEU H 91 -67.64 -14.76 13.51
CA LEU H 91 -67.57 -13.85 12.36
C LEU H 91 -66.79 -14.40 11.18
N TYR H 92 -67.46 -14.53 10.04
CA TYR H 92 -66.89 -15.10 8.82
C TYR H 92 -66.30 -16.49 9.03
N GLU H 93 -66.93 -17.25 9.91
CA GLU H 93 -66.48 -18.60 10.28
C GLU H 93 -65.02 -18.65 10.71
N ARG H 94 -64.58 -17.57 11.34
CA ARG H 94 -63.22 -17.44 11.83
C ARG H 94 -62.19 -17.62 10.73
N ARG H 95 -62.58 -17.33 9.49
CA ARG H 95 -61.62 -17.39 8.39
C ARG H 95 -60.66 -16.21 8.45
N GLU H 96 -59.37 -16.51 8.53
CA GLU H 96 -58.33 -15.51 8.74
C GLU H 96 -58.27 -14.49 7.60
N MET H 97 -58.41 -14.98 6.38
CA MET H 97 -58.42 -14.14 5.20
C MET H 97 -59.53 -13.08 5.22
N LYS H 98 -60.75 -13.50 5.58
CA LYS H 98 -61.88 -12.59 5.63
C LYS H 98 -61.70 -11.54 6.71
N LEU H 99 -61.33 -12.00 7.90
CA LEU H 99 -61.18 -11.11 9.05
C LEU H 99 -60.12 -10.05 8.81
N THR H 100 -58.97 -10.43 8.29
CA THR H 100 -57.89 -9.47 8.16
C THR H 100 -58.12 -8.50 7.01
N THR H 101 -58.55 -9.00 5.86
CA THR H 101 -58.68 -8.13 4.69
C THR H 101 -59.87 -7.23 4.82
N LEU H 102 -60.88 -7.67 5.57
CA LEU H 102 -62.00 -6.78 5.83
C LEU H 102 -61.67 -5.66 6.81
N PHE H 103 -60.92 -5.97 7.86
CA PHE H 103 -60.51 -4.96 8.82
C PHE H 103 -59.60 -3.92 8.20
N SER H 104 -58.65 -4.37 7.40
CA SER H 104 -57.73 -3.43 6.78
C SER H 104 -58.42 -2.57 5.73
N SER H 105 -59.39 -3.15 5.04
CA SER H 105 -60.18 -2.40 4.08
C SER H 105 -61.02 -1.34 4.78
N LEU H 106 -61.72 -1.78 5.83
CA LEU H 106 -62.59 -0.90 6.62
C LEU H 106 -61.84 0.25 7.28
N MET H 107 -60.71 -0.03 7.91
CA MET H 107 -59.94 1.02 8.57
C MET H 107 -59.47 2.02 7.54
N SER H 108 -59.08 1.51 6.38
CA SER H 108 -58.61 2.36 5.32
C SER H 108 -59.70 3.32 4.87
N THR H 109 -60.90 2.80 4.63
CA THR H 109 -61.97 3.61 4.09
C THR H 109 -62.59 4.54 5.14
N TYR H 110 -62.75 4.06 6.37
CA TYR H 110 -63.21 4.94 7.43
C TYR H 110 -62.23 6.09 7.67
N TYR H 111 -60.93 5.80 7.61
CA TYR H 111 -59.91 6.82 7.80
C TYR H 111 -60.01 7.83 6.70
N MET H 112 -60.13 7.32 5.48
CA MET H 112 -60.30 8.17 4.31
C MET H 112 -61.55 9.03 4.48
N TYR H 113 -62.62 8.42 4.95
CA TYR H 113 -63.85 9.17 5.18
C TYR H 113 -63.68 10.30 6.19
N PHE H 114 -63.20 9.95 7.36
CA PHE H 114 -63.08 10.89 8.48
C PHE H 114 -62.01 11.94 8.26
N TRP H 115 -61.03 11.62 7.43
CA TRP H 115 -60.02 12.61 7.08
C TRP H 115 -60.65 13.78 6.36
N SER H 116 -61.58 13.52 5.44
CA SER H 116 -62.21 14.61 4.70
C SER H 116 -63.09 15.46 5.62
N GLN H 117 -63.52 14.88 6.74
CA GLN H 117 -64.30 15.65 7.71
C GLN H 117 -63.38 16.53 8.57
N TYR H 118 -62.30 15.97 9.07
CA TYR H 118 -61.42 16.71 9.97
C TYR H 118 -60.43 17.59 9.21
N PHE H 119 -60.08 17.20 7.99
CA PHE H 119 -59.14 18.01 7.22
C PHE H 119 -59.70 18.35 5.86
N PRO H 120 -60.80 19.14 5.82
CA PRO H 120 -61.45 19.53 4.58
C PRO H 120 -60.54 20.37 3.68
N ASP H 121 -59.58 21.06 4.30
CA ASP H 121 -58.62 21.88 3.57
C ASP H 121 -57.36 21.13 3.15
N LYS H 122 -57.26 19.86 3.51
CA LYS H 122 -56.18 19.00 3.03
C LYS H 122 -56.71 17.80 2.25
N PRO H 123 -57.23 18.05 1.02
CA PRO H 123 -57.76 16.91 0.24
C PRO H 123 -56.66 15.89 -0.05
N LEU H 124 -57.02 14.62 -0.06
CA LEU H 124 -56.04 13.55 -0.22
C LEU H 124 -55.51 13.45 -1.64
N HIS H 125 -54.19 13.24 -1.74
CA HIS H 125 -53.55 13.04 -3.02
C HIS H 125 -53.53 11.55 -3.33
N ILE H 126 -53.75 11.19 -4.59
CA ILE H 126 -53.90 9.79 -5.00
C ILE H 126 -52.67 8.94 -4.72
N ASP H 127 -51.51 9.56 -4.58
CA ASP H 127 -50.28 8.83 -4.35
C ASP H 127 -49.98 8.77 -2.86
N HIS H 128 -50.90 9.30 -2.07
CA HIS H 128 -50.76 9.27 -0.64
C HIS H 128 -52.08 8.97 0.05
N LEU H 129 -52.68 7.85 -0.31
CA LEU H 129 -53.90 7.41 0.36
C LEU H 129 -53.54 6.61 1.61
N PRO H 130 -54.41 6.64 2.63
CA PRO H 130 -54.12 5.91 3.86
C PRO H 130 -54.40 4.43 3.73
N ASN H 131 -53.35 3.63 3.72
CA ASN H 131 -53.52 2.19 3.64
C ASN H 131 -53.10 1.49 4.91
N PHE H 132 -53.71 0.35 5.18
CA PHE H 132 -53.41 -0.39 6.39
C PHE H 132 -53.18 -1.86 6.08
N ASP H 133 -52.25 -2.49 6.80
CA ASP H 133 -52.19 -3.94 6.79
C ASP H 133 -53.09 -4.41 7.94
N ALA H 134 -53.24 -5.71 8.09
CA ALA H 134 -53.96 -6.27 9.23
C ALA H 134 -53.52 -7.68 9.45
N ARG H 135 -53.30 -8.04 10.71
CA ARG H 135 -52.95 -9.40 11.03
C ARG H 135 -53.80 -9.89 12.18
N ALA H 136 -54.08 -11.19 12.17
CA ALA H 136 -54.80 -11.83 13.25
C ALA H 136 -53.83 -12.64 14.10
N VAL H 137 -53.97 -12.51 15.42
CA VAL H 137 -53.16 -13.30 16.33
C VAL H 137 -54.05 -14.01 17.34
N LEU H 138 -53.78 -15.28 17.59
CA LEU H 138 -54.56 -16.06 18.55
C LEU H 138 -53.92 -16.13 19.93
N TYR H 139 -54.74 -15.94 20.96
CA TYR H 139 -54.26 -16.08 22.33
C TYR H 139 -55.16 -17.03 23.12
N PRO H 140 -54.58 -18.11 23.65
CA PRO H 140 -55.37 -19.18 24.27
C PRO H 140 -55.80 -18.91 25.70
N ASP H 141 -55.29 -17.84 26.31
CA ASP H 141 -55.59 -17.56 27.70
C ASP H 141 -55.69 -16.05 27.86
N PHE H 142 -56.64 -15.61 28.70
CA PHE H 142 -56.89 -14.19 28.88
C PHE H 142 -55.73 -13.44 29.50
N LYS H 143 -54.86 -14.14 30.22
CA LYS H 143 -53.67 -13.50 30.79
C LYS H 143 -52.80 -12.97 29.68
N HIS H 144 -52.89 -13.58 28.49
CA HIS H 144 -52.13 -13.12 27.36
C HIS H 144 -52.78 -11.88 26.75
N ILE H 145 -54.10 -11.77 26.89
CA ILE H 145 -54.79 -10.58 26.42
C ILE H 145 -54.43 -9.35 27.24
N ARG H 146 -54.45 -9.49 28.56
CA ARG H 146 -54.01 -8.42 29.44
C ARG H 146 -52.58 -8.00 29.15
N ASN H 147 -51.68 -8.97 29.02
CA ASN H 147 -50.28 -8.67 28.77
C ASN H 147 -50.07 -8.04 27.39
N TYR H 148 -50.92 -8.41 26.44
CA TYR H 148 -50.81 -7.86 25.10
C TYR H 148 -51.10 -6.37 25.13
N PHE H 149 -52.19 -5.98 25.77
CA PHE H 149 -52.53 -4.56 25.81
C PHE H 149 -51.55 -3.81 26.68
N SER H 150 -51.05 -4.49 27.72
CA SER H 150 -49.97 -3.94 28.52
C SER H 150 -48.77 -3.73 27.64
N TRP H 151 -48.49 -4.70 26.77
CA TRP H 151 -47.40 -4.57 25.81
C TRP H 151 -47.55 -3.34 24.92
N ARG H 152 -48.76 -3.10 24.42
CA ARG H 152 -48.97 -1.99 23.51
C ARG H 152 -48.95 -0.63 24.20
N GLN H 153 -49.44 -0.58 25.43
CA GLN H 153 -49.45 0.69 26.17
C GLN H 153 -48.08 1.09 26.68
N VAL H 154 -47.27 0.11 27.07
CA VAL H 154 -45.91 0.43 27.50
C VAL H 154 -45.17 1.07 26.33
N ASP H 155 -45.39 0.53 25.13
CA ASP H 155 -44.76 1.07 23.93
C ASP H 155 -45.28 2.46 23.62
N CYS H 156 -46.56 2.68 23.92
CA CYS H 156 -47.15 4.00 23.74
C CYS H 156 -46.50 5.01 24.68
N HIS H 157 -46.28 4.61 25.93
CA HIS H 157 -45.59 5.46 26.89
C HIS H 157 -44.18 5.78 26.39
N ILE H 158 -43.45 4.72 26.02
CA ILE H 158 -42.06 4.82 25.58
C ILE H 158 -41.86 5.68 24.35
N ASN H 159 -42.71 5.49 23.35
CA ASN H 159 -42.59 6.22 22.10
C ASN H 159 -43.00 7.68 22.27
N ASN H 160 -44.02 7.92 23.09
CA ASN H 160 -44.50 9.29 23.27
C ASN H 160 -43.49 10.09 24.08
N LEU H 161 -42.92 9.47 25.12
CA LEU H 161 -41.92 10.12 25.94
C LEU H 161 -40.71 10.48 25.08
N TYR H 162 -40.31 9.54 24.22
CA TYR H 162 -39.21 9.77 23.31
C TYR H 162 -39.53 10.87 22.31
N ASN H 163 -40.66 10.75 21.65
CA ASN H 163 -41.02 11.70 20.61
C ASN H 163 -41.25 13.10 21.14
N THR H 164 -41.85 13.20 22.33
CA THR H 164 -42.12 14.52 22.89
C THR H 164 -40.80 15.21 23.22
N THR H 165 -39.86 14.43 23.76
CA THR H 165 -38.53 14.93 24.06
C THR H 165 -37.75 15.28 22.80
N PHE H 166 -37.75 14.37 21.84
CA PHE H 166 -37.02 14.57 20.59
C PHE H 166 -37.44 15.86 19.91
N TRP H 167 -38.75 16.04 19.73
CA TRP H 167 -39.29 17.14 18.95
C TRP H 167 -39.26 18.48 19.68
N ASN H 168 -39.25 18.42 21.01
CA ASN H 168 -39.08 19.63 21.78
C ASN H 168 -37.63 20.08 21.66
N LEU H 169 -36.71 19.13 21.59
CA LEU H 169 -35.32 19.47 21.34
C LEU H 169 -35.18 20.15 19.97
N VAL H 170 -35.89 19.66 18.97
CA VAL H 170 -35.81 20.23 17.63
C VAL H 170 -36.50 21.57 17.46
N LEU H 171 -37.72 21.67 17.95
CA LEU H 171 -38.52 22.87 17.71
C LEU H 171 -38.25 23.98 18.71
N LYS H 172 -38.15 23.62 19.99
CA LYS H 172 -37.89 24.61 21.03
C LYS H 172 -36.41 24.96 21.21
N LEU H 173 -35.56 23.94 21.30
CA LEU H 173 -34.12 24.13 21.47
C LEU H 173 -33.30 24.25 20.17
N LYS H 174 -33.99 24.26 19.04
CA LYS H 174 -33.38 24.43 17.71
C LYS H 174 -32.25 23.47 17.35
N MET H 175 -32.28 22.26 17.90
CA MET H 175 -31.38 21.17 17.50
C MET H 175 -31.75 20.59 16.13
N THR H 176 -30.79 20.06 15.37
CA THR H 176 -31.17 19.29 14.19
C THR H 176 -31.63 17.90 14.64
N PRO H 177 -32.46 17.21 13.84
CA PRO H 177 -32.89 15.84 14.19
C PRO H 177 -31.82 14.82 14.56
N GLN H 178 -30.71 14.74 13.82
CA GLN H 178 -29.69 13.73 14.10
C GLN H 178 -29.08 14.06 15.46
N GLN H 179 -28.90 15.36 15.69
CA GLN H 179 -28.32 15.86 16.92
C GLN H 179 -29.30 15.86 18.08
N ALA H 180 -30.59 15.98 17.80
CA ALA H 180 -31.60 15.83 18.84
C ALA H 180 -31.52 14.39 19.33
N GLU H 181 -31.37 13.51 18.35
CA GLU H 181 -31.25 12.07 18.52
C GLU H 181 -30.01 11.61 19.28
N GLN H 182 -28.87 12.20 18.93
CA GLN H 182 -27.62 11.87 19.59
C GLN H 182 -27.68 12.25 21.06
N ARG H 183 -28.38 13.34 21.35
CA ARG H 183 -28.55 13.79 22.71
C ARG H 183 -29.35 12.80 23.54
N LEU H 184 -30.25 12.07 22.89
CA LEU H 184 -31.10 11.17 23.66
C LEU H 184 -30.55 9.76 23.78
N MET H 185 -29.63 9.38 22.91
CA MET H 185 -29.05 8.05 22.99
C MET H 185 -28.37 7.86 24.35
N GLY H 186 -28.71 6.81 25.09
CA GLY H 186 -28.06 6.61 26.39
C GLY H 186 -28.84 7.18 27.57
N THR H 187 -30.10 7.48 27.32
CA THR H 187 -30.96 8.11 28.32
C THR H 187 -32.07 7.18 28.79
N VAL H 188 -32.37 7.25 30.08
CA VAL H 188 -33.52 6.51 30.60
C VAL H 188 -34.68 7.48 30.80
N ALA H 189 -35.81 6.94 31.25
CA ALA H 189 -37.06 7.69 31.32
C ALA H 189 -36.94 8.95 32.17
N SER H 190 -36.26 8.86 33.30
CA SER H 190 -36.10 10.02 34.18
C SER H 190 -35.28 11.11 33.50
N ASP H 191 -34.31 10.70 32.70
CA ASP H 191 -33.46 11.65 31.97
C ASP H 191 -34.27 12.48 30.97
N LYS H 192 -35.11 11.79 30.19
CA LYS H 192 -35.91 12.44 29.17
C LYS H 192 -36.88 13.43 29.79
N ASN H 193 -37.45 13.02 30.92
CA ASN H 193 -38.36 13.86 31.69
C ASN H 193 -37.67 15.15 32.16
N GLU H 194 -36.43 14.99 32.61
CA GLU H 194 -35.62 16.11 33.10
C GLU H 194 -35.30 17.10 31.98
N ILE H 195 -34.92 16.56 30.82
CA ILE H 195 -34.63 17.35 29.63
C ILE H 195 -35.85 18.17 29.23
N LEU H 196 -37.03 17.54 29.29
CA LEU H 196 -38.27 18.24 28.96
C LEU H 196 -38.54 19.37 29.92
N PHE H 197 -38.37 19.12 31.21
CA PHE H 197 -38.66 20.14 32.22
C PHE H 197 -37.59 21.22 32.25
N LYS H 198 -36.36 20.80 32.49
CA LYS H 198 -35.25 21.72 32.71
C LYS H 198 -34.78 22.49 31.47
N GLU H 199 -34.76 21.83 30.32
CA GLU H 199 -34.22 22.45 29.10
C GLU H 199 -35.27 23.01 28.14
N CYS H 200 -36.47 22.44 28.15
CA CYS H 200 -37.49 22.83 27.18
C CYS H 200 -38.69 23.54 27.80
N GLY H 201 -38.74 23.56 29.13
CA GLY H 201 -39.84 24.15 29.86
C GLY H 201 -41.16 23.43 29.68
N VAL H 202 -41.09 22.11 29.52
CA VAL H 202 -42.28 21.30 29.35
C VAL H 202 -42.42 20.30 30.49
N ASN H 203 -43.57 20.34 31.15
CA ASN H 203 -43.88 19.36 32.18
C ASN H 203 -44.58 18.18 31.52
N TYR H 204 -43.89 17.05 31.43
CA TYR H 204 -44.42 15.91 30.70
C TYR H 204 -45.72 15.39 31.30
N ASN H 205 -45.83 15.41 32.63
CA ASN H 205 -47.04 14.92 33.28
C ASN H 205 -48.30 15.68 32.90
N ASN H 206 -48.15 16.92 32.41
CA ASN H 206 -49.28 17.75 31.99
C ASN H 206 -49.73 17.59 30.53
N GLU H 207 -49.01 16.77 29.77
CA GLU H 207 -49.41 16.43 28.41
C GLU H 207 -50.77 15.74 28.43
N SER H 208 -51.52 15.84 27.34
CA SER H 208 -52.81 15.17 27.25
C SER H 208 -52.71 13.72 27.67
N GLU H 209 -53.72 13.26 28.40
CA GLU H 209 -53.81 11.88 28.85
C GLU H 209 -53.84 10.92 27.67
N MET H 210 -54.47 11.33 26.59
CA MET H 210 -54.52 10.55 25.35
C MET H 210 -53.14 10.30 24.76
N TYR H 211 -52.30 11.34 24.77
CA TYR H 211 -50.95 11.20 24.24
C TYR H 211 -50.14 10.24 25.11
N LYS H 212 -50.36 10.31 26.42
CA LYS H 212 -49.55 9.55 27.37
C LYS H 212 -50.00 8.10 27.43
N LYS H 213 -51.32 7.89 27.34
CA LYS H 213 -51.88 6.58 27.59
C LYS H 213 -52.40 5.90 26.31
N GLY H 214 -52.69 6.70 25.29
CA GLY H 214 -53.33 6.18 24.10
C GLY H 214 -54.83 6.15 24.27
N THR H 215 -55.52 5.40 23.41
CA THR H 215 -56.98 5.38 23.45
C THR H 215 -57.56 3.99 23.54
N ILE H 216 -58.40 3.78 24.55
CA ILE H 216 -59.12 2.54 24.73
C ILE H 216 -60.60 2.73 24.39
N ILE H 217 -61.09 1.91 23.47
CA ILE H 217 -62.51 1.87 23.16
C ILE H 217 -63.05 0.54 23.64
N VAL H 218 -63.98 0.57 24.59
CA VAL H 218 -64.48 -0.68 25.15
C VAL H 218 -66.00 -0.72 25.07
N ARG H 219 -66.54 -1.89 24.78
CA ARG H 219 -67.98 -2.10 24.79
C ARG H 219 -68.47 -2.21 26.23
N GLU H 220 -69.43 -1.36 26.59
CA GLU H 220 -69.96 -1.36 27.96
C GLU H 220 -71.36 -1.96 28.04
N PHE H 221 -71.52 -2.90 28.98
CA PHE H 221 -72.81 -3.51 29.29
C PHE H 221 -73.28 -3.13 30.69
N GLU H 222 -74.59 -2.93 30.87
CA GLU H 222 -75.03 -2.53 32.20
C GLU H 222 -75.48 -3.73 33.01
N ASN H 223 -76.44 -4.49 32.50
CA ASN H 223 -76.95 -5.62 33.26
C ASN H 223 -76.43 -6.94 32.71
N TYR H 224 -75.11 -7.11 32.75
CA TYR H 224 -74.49 -8.30 32.16
C TYR H 224 -74.45 -9.47 33.14
N GLU H 225 -74.84 -10.64 32.67
CA GLU H 225 -74.57 -11.86 33.40
C GLU H 225 -73.89 -12.82 32.44
N THR H 226 -72.98 -13.63 32.96
CA THR H 226 -72.17 -14.51 32.12
C THR H 226 -73.04 -15.64 31.57
N GLU H 227 -74.17 -15.25 30.97
CA GLU H 227 -75.15 -16.20 30.46
C GLU H 227 -74.59 -16.92 29.25
N ASP H 228 -73.52 -16.35 28.68
CA ASP H 228 -72.95 -16.92 27.48
C ASP H 228 -72.25 -18.23 27.88
N GLU H 229 -72.85 -19.33 27.44
CA GLU H 229 -72.36 -20.69 27.72
C GLU H 229 -72.80 -21.64 26.62
N ALA H 230 -72.15 -22.80 26.55
CA ALA H 230 -72.46 -23.81 25.53
C ALA H 230 -73.87 -24.43 25.64
N GLU H 231 -74.44 -24.49 26.84
CA GLU H 231 -75.73 -25.18 27.03
C GLU H 231 -76.88 -24.57 26.23
N LEU H 232 -77.20 -23.30 26.50
CA LEU H 232 -78.29 -22.59 25.82
C LEU H 232 -77.89 -22.13 24.41
N SER H 233 -78.84 -22.21 23.48
CA SER H 233 -78.58 -21.87 22.09
C SER H 233 -79.86 -21.45 21.35
N LYS H 234 -79.73 -21.26 20.03
CA LYS H 234 -80.83 -20.90 19.13
C LYS H 234 -81.29 -19.45 19.40
N ARG H 235 -82.50 -19.29 19.93
CA ARG H 235 -83.04 -17.94 20.18
C ARG H 235 -82.21 -17.18 21.21
N GLN H 236 -81.57 -17.92 22.10
CA GLN H 236 -80.68 -17.35 23.10
C GLN H 236 -79.57 -16.55 22.40
N VAL H 237 -79.00 -17.14 21.36
CA VAL H 237 -77.94 -16.52 20.59
C VAL H 237 -78.41 -15.26 19.84
N GLN H 238 -79.60 -15.32 19.23
CA GLN H 238 -80.11 -14.19 18.46
C GLN H 238 -80.40 -12.96 19.33
N ARG H 239 -80.88 -13.21 20.54
CA ARG H 239 -81.14 -12.14 21.50
C ARG H 239 -79.84 -11.61 22.13
N LEU H 240 -78.89 -12.51 22.40
CA LEU H 240 -77.59 -12.10 22.94
C LEU H 240 -76.78 -11.30 21.92
N GLU H 241 -76.91 -11.64 20.63
CA GLU H 241 -76.24 -10.90 19.57
C GLU H 241 -76.79 -9.48 19.51
N LYS H 242 -78.09 -9.36 19.75
CA LYS H 242 -78.79 -8.07 19.71
C LYS H 242 -78.39 -7.16 20.87
N LYS H 243 -78.22 -7.74 22.06
CA LYS H 243 -77.78 -7.02 23.25
C LYS H 243 -76.38 -6.47 23.09
N ARG H 244 -75.52 -7.24 22.43
CA ARG H 244 -74.13 -6.86 22.14
C ARG H 244 -74.08 -5.73 21.13
N LYS H 245 -74.95 -5.78 20.12
CA LYS H 245 -75.09 -4.73 19.11
C LYS H 245 -75.59 -3.42 19.72
N LYS H 246 -76.48 -3.56 20.70
CA LYS H 246 -77.11 -2.42 21.37
C LYS H 246 -76.38 -2.10 22.66
N ALA H 247 -75.06 -1.95 22.53
CA ALA H 247 -74.17 -1.62 23.63
C ALA H 247 -73.48 -0.31 23.34
N GLU H 248 -72.87 0.31 24.35
CA GLU H 248 -72.32 1.64 24.15
C GLU H 248 -70.81 1.60 24.23
N LEU H 249 -70.19 2.36 23.34
CA LEU H 249 -68.76 2.43 23.21
C LEU H 249 -68.29 3.60 24.04
N LYS H 250 -67.45 3.32 25.02
CA LYS H 250 -66.92 4.38 25.86
C LYS H 250 -65.42 4.46 25.67
N ILE H 251 -64.91 5.68 25.70
CA ILE H 251 -63.50 5.94 25.46
C ILE H 251 -62.77 6.32 26.75
N TYR H 252 -61.61 5.71 26.96
CA TYR H 252 -60.82 5.98 28.16
C TYR H 252 -59.38 6.26 27.75
N HIS H 253 -58.66 7.00 28.57
CA HIS H 253 -57.24 7.23 28.40
C HIS H 253 -56.55 6.95 29.73
N VAL H 254 -56.55 5.67 30.11
CA VAL H 254 -56.08 5.28 31.42
C VAL H 254 -55.06 4.14 31.39
N ASP H 255 -54.37 3.93 32.50
CA ASP H 255 -53.52 2.78 32.66
C ASP H 255 -54.38 1.53 32.65
N ILE H 256 -54.00 0.55 31.85
CA ILE H 256 -54.67 -0.75 31.88
C ILE H 256 -53.65 -1.83 32.25
N ILE H 257 -52.41 -1.41 32.45
CA ILE H 257 -51.32 -2.31 32.81
C ILE H 257 -51.46 -2.82 34.23
N ASN H 258 -51.64 -1.88 35.17
CA ASN H 258 -51.63 -2.22 36.59
C ASN H 258 -53.00 -2.13 37.24
N ASP H 259 -53.98 -1.59 36.52
CA ASP H 259 -55.31 -1.45 37.09
C ASP H 259 -56.10 -2.73 36.85
N ASP H 260 -55.88 -3.72 37.72
CA ASP H 260 -56.54 -5.01 37.62
C ASP H 260 -58.05 -4.90 37.76
N SER H 261 -58.50 -3.96 38.60
CA SER H 261 -59.92 -3.76 38.84
C SER H 261 -60.63 -3.30 37.56
N TRP H 262 -59.91 -2.60 36.71
CA TRP H 262 -60.45 -2.15 35.44
C TRP H 262 -60.90 -3.35 34.60
N TRP H 263 -60.10 -4.40 34.60
CA TRP H 263 -60.45 -5.61 33.87
C TRP H 263 -61.49 -6.47 34.58
N LYS H 264 -61.31 -6.68 35.88
CA LYS H 264 -62.23 -7.52 36.64
C LYS H 264 -63.67 -7.00 36.63
N SER H 265 -63.84 -5.69 36.62
CA SER H 265 -65.19 -5.12 36.60
C SER H 265 -65.74 -5.15 35.17
N ARG H 266 -64.96 -5.74 34.27
CA ARG H 266 -65.36 -5.89 32.87
C ARG H 266 -65.19 -7.34 32.40
N PRO H 267 -65.91 -8.28 33.04
CA PRO H 267 -65.74 -9.71 32.79
C PRO H 267 -66.13 -10.14 31.38
N TRP H 268 -66.92 -9.34 30.68
CA TRP H 268 -67.36 -9.68 29.34
C TRP H 268 -66.21 -9.62 28.33
N LEU H 269 -65.09 -9.02 28.74
CA LEU H 269 -63.89 -9.01 27.90
C LEU H 269 -63.36 -10.44 27.79
N LYS H 270 -63.54 -11.24 28.85
CA LYS H 270 -63.02 -12.61 28.87
C LYS H 270 -64.00 -13.56 28.16
N ASP H 271 -65.24 -13.12 27.99
CA ASP H 271 -66.29 -13.99 27.52
C ASP H 271 -66.68 -13.67 26.07
N SER I 7 -20.64 -19.40 -31.40
CA SER I 7 -19.93 -19.15 -30.15
C SER I 7 -19.82 -17.64 -29.90
N LYS I 8 -19.99 -17.26 -28.64
CA LYS I 8 -19.92 -15.87 -28.20
C LYS I 8 -18.49 -15.44 -27.85
N TYR I 9 -17.55 -16.37 -27.89
CA TYR I 9 -16.17 -16.09 -27.52
C TYR I 9 -15.22 -16.15 -28.71
N GLU I 10 -15.69 -16.71 -29.83
CA GLU I 10 -14.83 -16.98 -30.98
C GLU I 10 -14.43 -15.70 -31.72
N TYR I 11 -15.05 -14.59 -31.37
CA TYR I 11 -14.69 -13.29 -31.94
C TYR I 11 -13.22 -12.93 -31.74
N VAL I 12 -12.61 -13.50 -30.69
CA VAL I 12 -11.23 -13.22 -30.32
C VAL I 12 -10.22 -13.60 -31.40
N LYS I 13 -10.65 -14.44 -32.32
CA LYS I 13 -9.84 -14.83 -33.47
C LYS I 13 -9.51 -13.68 -34.41
N LEU I 14 -10.35 -12.64 -34.39
CA LEU I 14 -10.18 -11.52 -35.30
C LEU I 14 -8.98 -10.63 -34.94
N PHE I 15 -8.36 -10.87 -33.79
CA PHE I 15 -7.21 -10.08 -33.40
C PHE I 15 -5.89 -10.59 -33.98
N GLU I 16 -5.90 -11.77 -34.57
CA GLU I 16 -4.66 -12.28 -35.14
C GLU I 16 -4.32 -11.51 -36.42
N LYS I 17 -3.03 -11.26 -36.64
CA LYS I 17 -2.58 -10.59 -37.84
C LYS I 17 -1.49 -11.37 -38.60
N GLU I 18 -1.82 -11.79 -39.83
CA GLU I 18 -0.84 -12.44 -40.70
C GLU I 18 -0.08 -11.46 -41.56
N ASN I 19 1.17 -11.81 -41.84
CA ASN I 19 2.02 -11.03 -42.72
C ASN I 19 2.39 -11.89 -43.92
N TYR I 20 1.75 -11.61 -45.05
CA TYR I 20 2.05 -12.32 -46.29
C TYR I 20 3.20 -11.62 -47.00
N LEU I 21 4.32 -12.32 -47.12
CA LEU I 21 5.52 -11.74 -47.70
C LEU I 21 5.31 -11.45 -49.18
N LEU I 22 5.73 -10.26 -49.60
CA LEU I 22 5.63 -9.78 -50.99
C LEU I 22 5.94 -10.84 -52.06
N PRO I 23 4.99 -11.07 -52.98
CA PRO I 23 5.14 -12.06 -54.06
C PRO I 23 6.34 -11.79 -54.97
N ASP I 24 6.82 -12.84 -55.61
CA ASP I 24 7.84 -12.72 -56.65
C ASP I 24 9.11 -12.09 -56.11
N THR I 25 9.39 -12.31 -54.82
CA THR I 25 10.58 -11.78 -54.18
C THR I 25 11.39 -12.92 -53.57
N TYR I 26 12.71 -12.82 -53.63
CA TYR I 26 13.54 -13.83 -52.99
C TYR I 26 13.38 -13.76 -51.48
N ILE I 27 13.25 -14.92 -50.84
CA ILE I 27 13.21 -14.95 -49.38
C ILE I 27 14.45 -15.65 -48.85
N ILE I 28 15.12 -14.98 -47.93
CA ILE I 28 16.18 -15.57 -47.15
C ILE I 28 15.67 -15.87 -45.75
N ILE I 29 15.85 -17.09 -45.31
CA ILE I 29 15.56 -17.38 -43.92
C ILE I 29 16.88 -17.64 -43.22
N ARG I 30 17.20 -16.84 -42.20
CA ARG I 30 18.44 -17.03 -41.47
C ARG I 30 18.08 -17.53 -40.10
N VAL I 31 18.70 -18.64 -39.74
CA VAL I 31 18.55 -19.17 -38.42
C VAL I 31 19.89 -19.07 -37.70
N ASP I 32 19.83 -18.76 -36.41
CA ASP I 32 21.03 -18.63 -35.59
C ASP I 32 20.78 -19.20 -34.21
N GLY I 33 21.71 -20.01 -33.73
CA GLY I 33 21.58 -20.67 -32.44
C GLY I 33 21.44 -19.72 -31.26
N LYS I 34 20.48 -20.00 -30.38
CA LYS I 34 20.31 -19.16 -29.20
C LYS I 34 21.28 -19.52 -28.08
N GLY I 35 22.10 -18.56 -27.68
CA GLY I 35 23.04 -18.79 -26.60
C GLY I 35 24.01 -19.93 -26.83
N PHE I 36 24.57 -20.01 -28.04
CA PHE I 36 25.48 -21.11 -28.36
C PHE I 36 26.88 -20.92 -27.80
N HIS I 37 27.18 -19.74 -27.27
CA HIS I 37 28.42 -19.61 -26.51
C HIS I 37 28.38 -20.46 -25.26
N LYS I 38 27.34 -20.30 -24.45
CA LYS I 38 27.15 -21.11 -23.27
C LYS I 38 26.96 -22.60 -23.63
N PHE I 39 26.21 -22.85 -24.69
CA PHE I 39 25.91 -24.22 -25.13
C PHE I 39 27.19 -24.96 -25.49
N SER I 40 28.07 -24.28 -26.21
CA SER I 40 29.34 -24.85 -26.66
C SER I 40 30.31 -25.02 -25.50
N GLN I 41 30.12 -24.21 -24.47
CA GLN I 41 30.89 -24.33 -23.25
C GLN I 41 30.45 -25.53 -22.44
N PHE I 42 29.14 -25.65 -22.25
CA PHE I 42 28.56 -26.73 -21.45
C PHE I 42 28.92 -28.11 -21.97
N TYR I 43 28.87 -28.29 -23.29
CA TYR I 43 29.14 -29.58 -23.89
C TYR I 43 30.57 -29.69 -24.39
N GLU I 44 31.40 -28.74 -23.98
CA GLU I 44 32.84 -28.79 -24.23
C GLU I 44 33.23 -29.00 -25.69
N PHE I 45 32.70 -28.13 -26.56
CA PHE I 45 33.10 -28.09 -27.96
C PHE I 45 34.62 -27.90 -28.05
N GLU I 46 35.25 -28.54 -29.02
CA GLU I 46 36.64 -28.22 -29.34
C GLU I 46 36.78 -26.78 -29.80
N LYS I 47 37.93 -26.19 -29.52
CA LYS I 47 38.19 -24.82 -29.91
C LYS I 47 39.43 -24.77 -30.81
N PRO I 48 39.42 -23.87 -31.81
CA PRO I 48 38.37 -22.91 -32.14
C PRO I 48 37.17 -23.59 -32.80
N ASN I 49 37.41 -24.68 -33.52
CA ASN I 49 36.35 -25.39 -34.23
C ASN I 49 36.19 -26.85 -33.82
N ASP I 50 34.95 -27.24 -33.54
CA ASP I 50 34.59 -28.63 -33.25
C ASP I 50 34.01 -29.27 -34.51
N LEU I 51 34.73 -30.23 -35.10
CA LEU I 51 34.32 -30.80 -36.38
C LEU I 51 32.95 -31.47 -36.29
N LYS I 52 32.75 -32.29 -35.27
CA LYS I 52 31.51 -33.03 -35.16
C LYS I 52 30.31 -32.13 -34.84
N ALA I 53 30.55 -31.04 -34.11
CA ALA I 53 29.48 -30.08 -33.83
C ALA I 53 28.96 -29.43 -35.12
N LEU I 54 29.89 -29.09 -36.02
CA LEU I 54 29.51 -28.56 -37.33
C LEU I 54 28.86 -29.65 -38.19
N GLN I 55 29.28 -30.88 -38.00
CA GLN I 55 28.71 -31.97 -38.78
C GLN I 55 27.27 -32.22 -38.34
N VAL I 56 27.00 -31.97 -37.06
CA VAL I 56 25.62 -32.00 -36.58
C VAL I 56 24.81 -30.91 -37.27
N MET I 57 25.37 -29.70 -37.33
CA MET I 57 24.71 -28.58 -38.00
C MET I 57 24.46 -28.90 -39.46
N ASN I 58 25.47 -29.43 -40.13
CA ASN I 58 25.38 -29.70 -41.56
C ASN I 58 24.35 -30.78 -41.88
N SER I 59 24.28 -31.80 -41.04
CA SER I 59 23.28 -32.86 -41.22
C SER I 59 21.86 -32.34 -41.05
N ALA I 60 21.66 -31.52 -40.02
CA ALA I 60 20.38 -30.92 -39.75
C ALA I 60 19.91 -30.08 -40.95
N ALA I 61 20.79 -29.22 -41.44
CA ALA I 61 20.49 -28.33 -42.55
C ALA I 61 20.19 -29.09 -43.83
N GLU I 62 20.97 -30.11 -44.15
CA GLU I 62 20.74 -30.87 -45.37
C GLU I 62 19.39 -31.59 -45.30
N LYS I 63 19.05 -32.09 -44.12
CA LYS I 63 17.79 -32.79 -43.89
C LYS I 63 16.62 -31.82 -44.09
N LEU I 64 16.73 -30.62 -43.51
CA LEU I 64 15.71 -29.60 -43.68
C LEU I 64 15.56 -29.30 -45.16
N MET I 65 16.69 -29.14 -45.82
CA MET I 65 16.72 -28.75 -47.22
C MET I 65 16.14 -29.84 -48.13
N SER I 66 16.28 -31.10 -47.75
CA SER I 66 15.74 -32.18 -48.55
C SER I 66 14.23 -32.31 -48.40
N LYS I 67 13.69 -31.70 -47.35
CA LYS I 67 12.26 -31.74 -47.08
C LYS I 67 11.48 -30.69 -47.87
N TYR I 68 12.13 -29.57 -48.17
CA TYR I 68 11.45 -28.45 -48.83
C TYR I 68 12.12 -28.08 -50.14
N SER I 69 11.52 -28.54 -51.25
CA SER I 69 12.12 -28.34 -52.57
C SER I 69 12.21 -26.88 -52.98
N ASP I 70 11.51 -25.99 -52.28
CA ASP I 70 11.63 -24.57 -52.58
C ASP I 70 12.94 -23.98 -52.08
N VAL I 71 13.59 -24.64 -51.12
CA VAL I 71 14.91 -24.20 -50.68
C VAL I 71 15.98 -24.56 -51.71
N MET I 72 16.61 -23.54 -52.30
CA MET I 72 17.54 -23.74 -53.41
C MET I 72 18.99 -23.76 -52.96
N LEU I 73 19.28 -23.09 -51.85
CA LEU I 73 20.66 -22.89 -51.45
C LEU I 73 20.73 -22.65 -49.96
N ALA I 74 21.73 -23.24 -49.31
CA ALA I 74 21.93 -23.03 -47.90
C ALA I 74 23.39 -22.76 -47.64
N TYR I 75 23.64 -21.83 -46.73
CA TYR I 75 24.99 -21.49 -46.35
C TYR I 75 25.07 -21.47 -44.84
N GLY I 76 26.05 -22.16 -44.27
CA GLY I 76 26.15 -22.20 -42.83
C GLY I 76 27.58 -22.00 -42.39
N ASP I 77 27.71 -21.40 -41.21
CA ASP I 77 28.96 -21.34 -40.51
C ASP I 77 28.67 -20.98 -39.05
N SER I 78 29.58 -21.35 -38.15
CA SER I 78 29.40 -21.10 -36.73
C SER I 78 28.07 -21.71 -36.29
N ASP I 79 27.23 -20.91 -35.64
CA ASP I 79 25.93 -21.39 -35.19
C ASP I 79 24.78 -20.93 -36.05
N GLU I 80 25.05 -20.60 -37.31
CA GLU I 80 23.99 -20.07 -38.16
C GLU I 80 23.87 -20.82 -39.48
N TYR I 81 22.66 -20.79 -40.05
CA TYR I 81 22.44 -21.28 -41.39
C TYR I 81 21.47 -20.36 -42.08
N SER I 82 21.72 -20.09 -43.36
CA SER I 82 20.85 -19.28 -44.19
C SER I 82 20.27 -20.09 -45.32
N PHE I 83 18.97 -19.98 -45.52
CA PHE I 83 18.28 -20.72 -46.56
C PHE I 83 17.67 -19.77 -47.57
N LEU I 84 17.99 -20.01 -48.84
CA LEU I 84 17.42 -19.28 -49.95
C LEU I 84 16.19 -20.01 -50.45
N LEU I 85 15.06 -19.32 -50.41
CA LEU I 85 13.82 -19.85 -50.97
C LEU I 85 13.66 -19.29 -52.36
N ARG I 86 13.28 -20.14 -53.31
CA ARG I 86 13.11 -19.69 -54.69
C ARG I 86 12.06 -18.61 -54.74
N LYS I 87 12.20 -17.72 -55.72
CA LYS I 87 11.42 -16.51 -55.73
C LYS I 87 9.91 -16.71 -55.92
N ASN I 88 9.54 -17.84 -56.51
CA ASN I 88 8.13 -18.17 -56.73
C ASN I 88 7.58 -19.15 -55.70
N CYS I 89 8.28 -19.29 -54.59
CA CYS I 89 7.86 -20.13 -53.48
C CYS I 89 6.47 -19.76 -52.94
N GLN I 90 5.62 -20.77 -52.81
CA GLN I 90 4.28 -20.58 -52.27
C GLN I 90 4.07 -21.37 -50.99
N LEU I 91 5.17 -21.82 -50.40
CA LEU I 91 5.16 -22.50 -49.12
C LEU I 91 4.44 -21.73 -48.02
N TYR I 92 3.40 -22.33 -47.46
CA TYR I 92 2.57 -21.69 -46.44
C TYR I 92 2.01 -20.34 -46.85
N GLU I 93 1.72 -20.20 -48.14
CA GLU I 93 1.21 -18.95 -48.72
C GLU I 93 2.09 -17.77 -48.36
N ARG I 94 3.39 -18.02 -48.25
CA ARG I 94 4.37 -17.00 -47.93
C ARG I 94 4.09 -16.30 -46.61
N ARG I 95 3.42 -16.97 -45.68
CA ARG I 95 3.19 -16.40 -44.36
C ARG I 95 4.47 -16.38 -43.53
N GLU I 96 4.88 -15.20 -43.10
CA GLU I 96 6.15 -15.02 -42.42
C GLU I 96 6.20 -15.82 -41.11
N MET I 97 5.10 -15.79 -40.37
CA MET I 97 4.98 -16.54 -39.12
C MET I 97 5.18 -18.04 -39.28
N LYS I 98 4.55 -18.62 -40.30
CA LYS I 98 4.65 -20.06 -40.54
C LYS I 98 6.07 -20.39 -40.93
N LEU I 99 6.61 -19.64 -41.88
CA LEU I 99 7.94 -19.91 -42.39
C LEU I 99 9.01 -19.84 -41.31
N THR I 100 8.98 -18.80 -40.49
CA THR I 100 10.08 -18.64 -39.54
C THR I 100 9.99 -19.63 -38.39
N THR I 101 8.80 -19.81 -37.83
CA THR I 101 8.69 -20.65 -36.64
C THR I 101 8.81 -22.11 -37.05
N LEU I 102 8.47 -22.43 -38.28
CA LEU I 102 8.69 -23.78 -38.75
C LEU I 102 10.17 -24.06 -39.00
N PHE I 103 10.88 -23.09 -39.54
CA PHE I 103 12.31 -23.26 -39.76
C PHE I 103 13.07 -23.37 -38.44
N SER I 104 12.73 -22.53 -37.47
CA SER I 104 13.42 -22.56 -36.18
C SER I 104 13.10 -23.82 -35.37
N SER I 105 11.87 -24.29 -35.52
CA SER I 105 11.43 -25.54 -34.88
C SER I 105 12.19 -26.73 -35.47
N LEU I 106 12.24 -26.79 -36.81
CA LEU I 106 12.92 -27.86 -37.55
C LEU I 106 14.41 -27.91 -37.23
N MET I 107 15.09 -26.77 -37.24
CA MET I 107 16.52 -26.78 -36.94
C MET I 107 16.78 -27.28 -35.54
N SER I 108 15.93 -26.89 -34.60
CA SER I 108 16.08 -27.31 -33.22
C SER I 108 15.98 -28.82 -33.08
N THR I 109 14.95 -29.41 -33.69
CA THR I 109 14.71 -30.84 -33.52
C THR I 109 15.68 -31.68 -34.34
N TYR I 110 16.00 -31.24 -35.55
CA TYR I 110 17.03 -31.91 -36.34
C TYR I 110 18.38 -31.88 -35.63
N TYR I 111 18.70 -30.75 -34.99
CA TYR I 111 19.95 -30.64 -34.26
C TYR I 111 19.95 -31.66 -33.13
N MET I 112 18.85 -31.73 -32.39
CA MET I 112 18.71 -32.70 -31.30
C MET I 112 18.82 -34.15 -31.78
N TYR I 113 18.21 -34.49 -32.91
CA TYR I 113 18.28 -35.85 -33.44
C TYR I 113 19.72 -36.26 -33.77
N PHE I 114 20.39 -35.45 -34.59
CA PHE I 114 21.73 -35.74 -35.09
C PHE I 114 22.79 -35.62 -34.00
N TRP I 115 22.48 -34.84 -32.97
CA TRP I 115 23.36 -34.75 -31.82
C TRP I 115 23.45 -36.10 -31.13
N SER I 116 22.33 -36.78 -30.99
CA SER I 116 22.31 -38.08 -30.34
C SER I 116 23.06 -39.09 -31.20
N GLN I 117 23.16 -38.81 -32.49
CA GLN I 117 23.93 -39.67 -33.40
C GLN I 117 25.43 -39.41 -33.30
N TYR I 118 25.83 -38.13 -33.32
CA TYR I 118 27.26 -37.83 -33.30
C TYR I 118 27.88 -37.80 -31.91
N PHE I 119 27.08 -37.51 -30.89
CA PHE I 119 27.61 -37.47 -29.53
C PHE I 119 26.81 -38.33 -28.55
N PRO I 120 26.83 -39.66 -28.75
CA PRO I 120 26.08 -40.56 -27.86
C PRO I 120 26.59 -40.47 -26.44
N ASP I 121 27.85 -40.08 -26.29
CA ASP I 121 28.46 -39.94 -24.99
C ASP I 121 28.30 -38.56 -24.35
N LYS I 122 27.67 -37.64 -25.05
CA LYS I 122 27.34 -36.35 -24.45
C LYS I 122 25.83 -36.14 -24.48
N PRO I 123 25.06 -36.89 -23.65
CA PRO I 123 23.61 -36.71 -23.64
C PRO I 123 23.16 -35.29 -23.25
N LEU I 124 22.10 -34.81 -23.88
CA LEU I 124 21.64 -33.44 -23.66
C LEU I 124 20.99 -33.22 -22.30
N HIS I 125 21.34 -32.10 -21.67
CA HIS I 125 20.73 -31.71 -20.41
C HIS I 125 19.52 -30.82 -20.67
N ILE I 126 18.46 -30.99 -19.90
CA ILE I 126 17.23 -30.26 -20.17
C ILE I 126 17.41 -28.74 -20.09
N ASP I 127 18.44 -28.27 -19.39
CA ASP I 127 18.65 -26.84 -19.27
C ASP I 127 19.63 -26.33 -20.32
N HIS I 128 20.08 -27.22 -21.19
CA HIS I 128 20.99 -26.84 -22.27
C HIS I 128 20.66 -27.54 -23.58
N LEU I 129 19.42 -27.36 -24.02
CA LEU I 129 18.94 -27.87 -25.29
C LEU I 129 19.26 -26.87 -26.41
N PRO I 130 19.43 -27.36 -27.65
CA PRO I 130 19.76 -26.47 -28.77
C PRO I 130 18.55 -25.70 -29.33
N ASN I 131 18.55 -24.39 -29.09
CA ASN I 131 17.47 -23.55 -29.59
C ASN I 131 17.97 -22.60 -30.68
N PHE I 132 17.07 -22.23 -31.57
CA PHE I 132 17.39 -21.36 -32.70
C PHE I 132 16.36 -20.23 -32.85
N ASP I 133 16.83 -19.05 -33.26
CA ASP I 133 15.89 -18.02 -33.70
C ASP I 133 15.72 -18.25 -35.20
N ALA I 134 14.85 -17.48 -35.83
CA ALA I 134 14.73 -17.52 -37.27
C ALA I 134 14.14 -16.22 -37.74
N ARG I 135 14.68 -15.66 -38.81
CA ARG I 135 14.11 -14.46 -39.39
C ARG I 135 14.00 -14.63 -40.90
N ALA I 136 12.99 -14.00 -41.48
CA ALA I 136 12.85 -13.99 -42.93
C ALA I 136 13.23 -12.61 -43.46
N VAL I 137 14.03 -12.56 -44.53
CA VAL I 137 14.36 -11.28 -45.14
C VAL I 137 14.09 -11.29 -46.64
N LEU I 138 13.48 -10.20 -47.13
CA LEU I 138 13.17 -10.10 -48.56
C LEU I 138 14.20 -9.35 -49.37
N TYR I 139 14.55 -9.92 -50.53
CA TYR I 139 15.43 -9.25 -51.48
C TYR I 139 14.80 -9.25 -52.87
N PRO I 140 14.59 -8.06 -53.45
CA PRO I 140 13.83 -7.87 -54.71
C PRO I 140 14.62 -8.15 -55.98
N ASP I 141 15.93 -8.36 -55.86
CA ASP I 141 16.77 -8.56 -57.01
C ASP I 141 17.83 -9.57 -56.66
N PHE I 142 18.18 -10.43 -57.59
CA PHE I 142 19.12 -11.50 -57.30
C PHE I 142 20.52 -10.99 -56.95
N LYS I 143 20.85 -9.77 -57.37
CA LYS I 143 22.14 -9.23 -57.00
C LYS I 143 22.27 -9.06 -55.49
N HIS I 144 21.15 -8.86 -54.80
CA HIS I 144 21.20 -8.73 -53.36
C HIS I 144 21.37 -10.12 -52.73
N ILE I 145 20.88 -11.13 -53.45
CA ILE I 145 21.05 -12.52 -53.03
C ILE I 145 22.53 -12.87 -53.12
N ARG I 146 23.17 -12.50 -54.22
CA ARG I 146 24.63 -12.67 -54.35
C ARG I 146 25.39 -11.98 -53.22
N ASN I 147 25.04 -10.72 -52.97
CA ASN I 147 25.70 -9.94 -51.95
C ASN I 147 25.45 -10.44 -50.54
N TYR I 148 24.29 -11.02 -50.31
CA TYR I 148 23.97 -11.52 -48.98
C TYR I 148 24.91 -12.66 -48.64
N PHE I 149 25.07 -13.61 -49.55
CA PHE I 149 25.95 -14.74 -49.27
C PHE I 149 27.40 -14.30 -49.26
N SER I 150 27.72 -13.32 -50.11
CA SER I 150 29.04 -12.72 -50.06
C SER I 150 29.28 -12.11 -48.69
N TRP I 151 28.27 -11.41 -48.19
CA TRP I 151 28.32 -10.84 -46.83
C TRP I 151 28.55 -11.87 -45.74
N ARG I 152 27.87 -13.00 -45.81
CA ARG I 152 27.95 -14.01 -44.76
C ARG I 152 29.26 -14.78 -44.77
N GLN I 153 29.84 -14.99 -45.95
CA GLN I 153 31.09 -15.71 -46.02
C GLN I 153 32.25 -14.83 -45.54
N VAL I 154 32.21 -13.55 -45.86
CA VAL I 154 33.23 -12.62 -45.38
C VAL I 154 33.19 -12.60 -43.86
N ASP I 155 31.99 -12.62 -43.31
CA ASP I 155 31.80 -12.64 -41.87
C ASP I 155 32.34 -13.94 -41.28
N CYS I 156 32.19 -15.01 -42.04
CA CYS I 156 32.71 -16.31 -41.66
C CYS I 156 34.24 -16.28 -41.60
N HIS I 157 34.84 -15.63 -42.59
CA HIS I 157 36.28 -15.45 -42.65
C HIS I 157 36.76 -14.70 -41.40
N ILE I 158 36.11 -13.56 -41.14
CA ILE I 158 36.46 -12.68 -40.02
C ILE I 158 36.36 -13.33 -38.64
N ASN I 159 35.27 -14.06 -38.38
CA ASN I 159 35.07 -14.66 -37.07
C ASN I 159 36.05 -15.82 -36.83
N ASN I 160 36.35 -16.59 -37.87
CA ASN I 160 37.25 -17.74 -37.71
C ASN I 160 38.69 -17.33 -37.49
N LEU I 161 39.15 -16.32 -38.22
CA LEU I 161 40.50 -15.83 -38.05
C LEU I 161 40.68 -15.36 -36.62
N TYR I 162 39.69 -14.63 -36.10
CA TYR I 162 39.75 -14.16 -34.72
C TYR I 162 39.76 -15.32 -33.75
N ASN I 163 38.81 -16.24 -33.88
CA ASN I 163 38.73 -17.34 -32.93
C ASN I 163 39.94 -18.27 -33.01
N THR I 164 40.47 -18.48 -34.21
CA THR I 164 41.64 -19.34 -34.35
C THR I 164 42.85 -18.67 -33.70
N THR I 165 42.97 -17.37 -33.91
CA THR I 165 44.04 -16.58 -33.29
C THR I 165 43.88 -16.48 -31.78
N PHE I 166 42.67 -16.14 -31.35
CA PHE I 166 42.35 -15.97 -29.94
C PHE I 166 42.71 -17.21 -29.14
N TRP I 167 42.23 -18.36 -29.61
CA TRP I 167 42.35 -19.63 -28.89
C TRP I 167 43.76 -20.20 -28.97
N ASN I 168 44.51 -19.83 -30.00
CA ASN I 168 45.92 -20.22 -30.07
C ASN I 168 46.72 -19.41 -29.07
N LEU I 169 46.32 -18.16 -28.87
CA LEU I 169 46.93 -17.34 -27.83
C LEU I 169 46.71 -17.96 -26.45
N VAL I 170 45.51 -18.50 -26.22
CA VAL I 170 45.19 -19.08 -24.92
C VAL I 170 45.88 -20.43 -24.71
N LEU I 171 45.84 -21.30 -25.70
CA LEU I 171 46.36 -22.65 -25.50
C LEU I 171 47.86 -22.74 -25.72
N LYS I 172 48.37 -22.08 -26.76
CA LYS I 172 49.81 -22.14 -27.01
C LYS I 172 50.61 -21.15 -26.16
N LEU I 173 50.22 -19.88 -26.11
CA LEU I 173 50.95 -18.92 -25.30
C LEU I 173 50.48 -18.81 -23.85
N LYS I 174 49.53 -19.67 -23.45
CA LYS I 174 49.05 -19.70 -22.06
C LYS I 174 48.58 -18.32 -21.57
N MET I 175 48.08 -17.49 -22.49
CA MET I 175 47.42 -16.23 -22.15
C MET I 175 46.05 -16.46 -21.52
N THR I 176 45.62 -15.54 -20.66
CA THR I 176 44.23 -15.53 -20.18
C THR I 176 43.28 -14.94 -21.21
N PRO I 177 41.98 -15.31 -21.14
CA PRO I 177 41.00 -14.71 -22.05
C PRO I 177 41.07 -13.18 -22.11
N GLN I 178 41.21 -12.56 -20.94
CA GLN I 178 41.23 -11.11 -20.85
C GLN I 178 42.46 -10.49 -21.53
N GLN I 179 43.61 -11.13 -21.33
CA GLN I 179 44.85 -10.62 -21.91
C GLN I 179 44.98 -10.97 -23.39
N ALA I 180 44.36 -12.08 -23.77
CA ALA I 180 44.27 -12.48 -25.17
C ALA I 180 43.48 -11.46 -25.96
N GLU I 181 42.38 -11.00 -25.36
CA GLU I 181 41.50 -10.02 -25.97
C GLU I 181 42.18 -8.68 -26.18
N GLN I 182 42.92 -8.22 -25.17
CA GLN I 182 43.63 -6.96 -25.28
C GLN I 182 44.71 -7.03 -26.37
N ARG I 183 45.33 -8.19 -26.50
CA ARG I 183 46.35 -8.37 -27.53
C ARG I 183 45.78 -8.22 -28.93
N LEU I 184 44.50 -8.58 -29.10
CA LEU I 184 43.94 -8.56 -30.44
C LEU I 184 43.25 -7.26 -30.79
N MET I 185 42.92 -6.45 -29.79
CA MET I 185 42.27 -5.17 -30.04
C MET I 185 43.16 -4.30 -30.92
N GLY I 186 42.65 -3.79 -32.04
CA GLY I 186 43.49 -2.94 -32.89
C GLY I 186 44.18 -3.65 -34.02
N THR I 187 43.72 -4.84 -34.36
CA THR I 187 44.37 -5.65 -35.39
C THR I 187 43.58 -5.78 -36.69
N VAL I 188 44.31 -5.75 -37.80
CA VAL I 188 43.73 -5.99 -39.12
C VAL I 188 44.09 -7.40 -39.57
N ALA I 189 43.59 -7.78 -40.75
CA ALA I 189 43.72 -9.17 -41.21
C ALA I 189 45.16 -9.67 -41.30
N SER I 190 46.07 -8.85 -41.80
CA SER I 190 47.47 -9.26 -41.92
C SER I 190 48.12 -9.47 -40.56
N ASP I 191 47.73 -8.65 -39.58
CA ASP I 191 48.25 -8.75 -38.23
C ASP I 191 47.89 -10.06 -37.54
N LYS I 192 46.62 -10.43 -37.63
CA LYS I 192 46.16 -11.65 -37.00
C LYS I 192 46.85 -12.85 -37.61
N ASN I 193 47.01 -12.80 -38.93
CA ASN I 193 47.72 -13.85 -39.68
C ASN I 193 49.17 -13.97 -39.22
N GLU I 194 49.81 -12.83 -39.04
CA GLU I 194 51.21 -12.77 -38.60
C GLU I 194 51.38 -13.32 -37.19
N ILE I 195 50.48 -12.91 -36.29
CA ILE I 195 50.49 -13.40 -34.91
C ILE I 195 50.36 -14.92 -34.89
N LEU I 196 49.48 -15.45 -35.74
CA LEU I 196 49.31 -16.89 -35.85
C LEU I 196 50.59 -17.54 -36.35
N PHE I 197 51.19 -16.94 -37.37
CA PHE I 197 52.39 -17.51 -37.98
C PHE I 197 53.57 -17.32 -37.02
N LYS I 198 53.89 -16.08 -36.66
CA LYS I 198 55.11 -15.81 -35.89
C LYS I 198 55.06 -16.26 -34.44
N GLU I 199 53.91 -16.10 -33.79
CA GLU I 199 53.81 -16.37 -32.37
C GLU I 199 53.19 -17.72 -31.98
N CYS I 200 52.33 -18.27 -32.82
CA CYS I 200 51.63 -19.50 -32.44
C CYS I 200 52.10 -20.66 -33.31
N GLY I 201 52.88 -20.34 -34.33
CA GLY I 201 53.37 -21.33 -35.27
C GLY I 201 52.29 -21.99 -36.11
N VAL I 202 51.24 -21.24 -36.43
CA VAL I 202 50.15 -21.79 -37.23
C VAL I 202 50.00 -21.06 -38.56
N ASN I 203 50.03 -21.82 -39.65
CA ASN I 203 49.77 -21.28 -40.99
C ASN I 203 48.27 -21.38 -41.25
N TYR I 204 47.58 -20.24 -41.26
CA TYR I 204 46.12 -20.21 -41.37
C TYR I 204 45.61 -20.81 -42.69
N ASN I 205 46.33 -20.60 -43.78
CA ASN I 205 45.90 -21.13 -45.08
C ASN I 205 45.77 -22.65 -45.12
N ASN I 206 46.46 -23.34 -44.21
CA ASN I 206 46.39 -24.80 -44.17
C ASN I 206 45.25 -25.34 -43.33
N GLU I 207 44.50 -24.45 -42.68
CA GLU I 207 43.28 -24.86 -41.98
C GLU I 207 42.26 -25.47 -42.92
N SER I 208 41.42 -26.35 -42.37
CA SER I 208 40.35 -26.98 -43.14
C SER I 208 39.53 -25.96 -43.94
N GLU I 209 39.19 -26.33 -45.17
CA GLU I 209 38.36 -25.48 -46.02
C GLU I 209 36.99 -25.17 -45.44
N MET I 210 36.39 -26.13 -44.73
CA MET I 210 35.11 -25.88 -44.09
C MET I 210 35.21 -24.75 -43.07
N TYR I 211 36.28 -24.76 -42.29
CA TYR I 211 36.51 -23.72 -41.27
C TYR I 211 36.76 -22.36 -41.94
N LYS I 212 37.47 -22.40 -43.05
CA LYS I 212 37.90 -21.18 -43.71
C LYS I 212 36.76 -20.55 -44.53
N LYS I 213 35.97 -21.40 -45.16
CA LYS I 213 34.97 -20.95 -46.13
C LYS I 213 33.51 -21.09 -45.65
N GLY I 214 33.30 -21.97 -44.67
CA GLY I 214 31.95 -22.31 -44.23
C GLY I 214 31.39 -23.41 -45.11
N THR I 215 30.08 -23.62 -45.08
CA THR I 215 29.50 -24.72 -45.83
C THR I 215 28.35 -24.29 -46.74
N ILE I 216 28.45 -24.62 -48.03
CA ILE I 216 27.39 -24.37 -48.99
C ILE I 216 26.68 -25.66 -49.37
N ILE I 217 25.37 -25.70 -49.19
CA ILE I 217 24.56 -26.81 -49.66
C ILE I 217 23.69 -26.32 -50.80
N VAL I 218 23.87 -26.90 -51.99
CA VAL I 218 23.14 -26.43 -53.15
C VAL I 218 22.41 -27.57 -53.84
N ARG I 219 21.21 -27.29 -54.33
CA ARG I 219 20.41 -28.23 -55.12
C ARG I 219 20.93 -28.33 -56.55
N GLU I 220 21.26 -29.56 -56.97
CA GLU I 220 21.80 -29.74 -58.32
C GLU I 220 20.81 -30.37 -59.27
N PHE I 221 20.67 -29.71 -60.42
CA PHE I 221 19.86 -30.14 -61.55
C PHE I 221 20.75 -30.45 -62.74
N GLU I 222 20.39 -31.45 -63.54
CA GLU I 222 21.23 -31.82 -64.66
C GLU I 222 20.78 -31.10 -65.93
N ASN I 223 19.53 -31.27 -66.32
CA ASN I 223 19.04 -30.64 -67.55
C ASN I 223 18.18 -29.42 -67.27
N ALA I 247 15.97 -33.84 -57.75
CA ALA I 247 17.28 -33.19 -57.79
C ALA I 247 18.13 -33.60 -56.60
N GLU I 248 19.43 -33.34 -56.68
CA GLU I 248 20.39 -33.82 -55.69
C GLU I 248 21.09 -32.71 -54.90
N LEU I 249 21.28 -32.95 -53.60
CA LEU I 249 21.90 -31.99 -52.70
C LEU I 249 23.41 -32.24 -52.64
N LYS I 250 24.20 -31.25 -53.03
CA LYS I 250 25.65 -31.37 -52.98
C LYS I 250 26.26 -30.35 -52.02
N ILE I 251 27.31 -30.76 -51.33
CA ILE I 251 27.94 -29.92 -50.32
C ILE I 251 29.30 -29.42 -50.82
N TYR I 252 29.54 -28.12 -50.66
CA TYR I 252 30.78 -27.51 -51.09
C TYR I 252 31.38 -26.65 -49.99
N HIS I 253 32.70 -26.46 -50.03
CA HIS I 253 33.36 -25.54 -49.13
C HIS I 253 34.24 -24.63 -49.97
N VAL I 254 33.61 -23.79 -50.76
CA VAL I 254 34.32 -22.99 -51.75
C VAL I 254 33.94 -21.51 -51.69
N ASP I 255 34.76 -20.67 -52.33
CA ASP I 255 34.44 -19.27 -52.50
C ASP I 255 33.23 -19.01 -53.40
N ILE I 256 32.29 -18.19 -52.91
CA ILE I 256 31.17 -17.73 -53.74
C ILE I 256 31.14 -16.20 -53.87
N ILE I 257 32.10 -15.55 -53.23
CA ILE I 257 32.19 -14.10 -53.28
C ILE I 257 32.64 -13.63 -54.67
N ASN I 258 33.74 -14.20 -55.15
CA ASN I 258 34.33 -13.70 -56.38
C ASN I 258 34.17 -14.64 -57.57
N ASP I 259 33.69 -15.86 -57.30
CA ASP I 259 33.53 -16.83 -58.38
C ASP I 259 32.14 -16.66 -58.99
N ASP I 260 32.03 -15.69 -59.90
CA ASP I 260 30.77 -15.40 -60.58
C ASP I 260 30.22 -16.55 -61.42
N SER I 261 31.12 -17.33 -62.03
CA SER I 261 30.72 -18.44 -62.88
C SER I 261 29.99 -19.52 -62.10
N TRP I 262 30.32 -19.65 -60.82
CA TRP I 262 29.67 -20.59 -59.92
C TRP I 262 28.17 -20.35 -59.86
N TRP I 263 27.81 -19.07 -59.82
CA TRP I 263 26.41 -18.67 -59.80
C TRP I 263 25.78 -18.74 -61.19
N LYS I 264 26.50 -18.25 -62.20
CA LYS I 264 25.98 -18.26 -63.56
C LYS I 264 25.67 -19.66 -64.07
N SER I 265 26.46 -20.64 -63.63
CA SER I 265 26.25 -22.02 -64.04
C SER I 265 25.16 -22.73 -63.25
N ARG I 266 24.49 -21.99 -62.37
CA ARG I 266 23.39 -22.52 -61.59
C ARG I 266 22.19 -21.58 -61.74
N PRO I 267 21.69 -21.43 -62.98
CA PRO I 267 20.65 -20.43 -63.25
C PRO I 267 19.32 -20.69 -62.55
N TRP I 268 19.08 -21.91 -62.11
CA TRP I 268 17.82 -22.24 -61.43
C TRP I 268 17.77 -21.58 -60.06
N LEU I 269 18.91 -21.09 -59.60
CA LEU I 269 18.95 -20.36 -58.34
C LEU I 269 18.22 -19.04 -58.46
N LYS I 270 18.26 -18.40 -59.63
CA LYS I 270 17.60 -17.10 -59.74
C LYS I 270 16.10 -17.21 -60.04
N ASP I 271 15.65 -18.36 -60.53
CA ASP I 271 14.27 -18.43 -61.01
C ASP I 271 13.41 -19.27 -60.07
N SER J 7 32.73 -3.00 -44.80
CA SER J 7 32.23 -4.02 -45.72
C SER J 7 31.32 -3.41 -46.79
N LYS J 8 31.48 -3.85 -48.03
CA LYS J 8 30.68 -3.36 -49.16
C LYS J 8 29.39 -4.16 -49.32
N TYR J 9 29.23 -5.21 -48.51
CA TYR J 9 28.09 -6.11 -48.62
C TYR J 9 27.13 -6.03 -47.43
N GLU J 10 27.54 -5.38 -46.35
CA GLU J 10 26.77 -5.41 -45.11
C GLU J 10 25.49 -4.58 -45.23
N TYR J 11 25.37 -3.82 -46.32
CA TYR J 11 24.17 -3.06 -46.57
C TYR J 11 22.92 -3.95 -46.63
N VAL J 12 23.10 -5.23 -46.95
CA VAL J 12 21.97 -6.15 -47.08
C VAL J 12 21.25 -6.33 -45.75
N LYS J 13 21.90 -5.95 -44.67
CA LYS J 13 21.28 -5.97 -43.36
C LYS J 13 20.11 -4.97 -43.30
N LEU J 14 20.16 -3.94 -44.15
CA LEU J 14 19.15 -2.88 -44.14
C LEU J 14 17.79 -3.34 -44.70
N PHE J 15 17.74 -4.53 -45.27
CA PHE J 15 16.50 -5.05 -45.81
C PHE J 15 15.61 -5.75 -44.77
N GLU J 16 16.15 -5.99 -43.57
CA GLU J 16 15.36 -6.63 -42.52
C GLU J 16 14.32 -5.67 -41.95
N LYS J 17 13.14 -6.16 -41.59
CA LYS J 17 12.15 -5.29 -40.97
C LYS J 17 11.72 -5.96 -39.66
N GLU J 18 12.01 -5.32 -38.55
CA GLU J 18 11.58 -5.83 -37.26
C GLU J 18 10.18 -5.32 -36.94
N ASN J 19 9.43 -6.15 -36.23
CA ASN J 19 8.10 -5.79 -35.77
C ASN J 19 8.06 -5.79 -34.26
N TYR J 20 8.07 -4.59 -33.70
CA TYR J 20 7.98 -4.38 -32.26
C TYR J 20 6.54 -4.33 -31.78
N LEU J 21 6.14 -5.30 -30.97
CA LEU J 21 4.75 -5.38 -30.54
C LEU J 21 4.37 -4.22 -29.62
N LEU J 22 3.21 -3.64 -29.90
CA LEU J 22 2.64 -2.53 -29.16
C LEU J 22 2.81 -2.66 -27.65
N PRO J 23 3.43 -1.66 -27.02
CA PRO J 23 3.68 -1.66 -25.57
C PRO J 23 2.38 -1.79 -24.76
N ASP J 24 2.48 -2.28 -23.53
CA ASP J 24 1.34 -2.29 -22.60
C ASP J 24 0.14 -3.08 -23.13
N THR J 25 0.41 -4.12 -23.90
CA THR J 25 -0.66 -4.95 -24.44
C THR J 25 -0.45 -6.41 -24.02
N TYR J 26 -1.53 -7.13 -23.74
CA TYR J 26 -1.42 -8.53 -23.40
C TYR J 26 -0.95 -9.28 -24.64
N ILE J 27 0.00 -10.19 -24.49
CA ILE J 27 0.41 -11.03 -25.61
C ILE J 27 0.02 -12.47 -25.34
N ILE J 28 -0.68 -13.06 -26.29
CA ILE J 28 -0.91 -14.49 -26.30
C ILE J 28 0.00 -15.12 -27.33
N ILE J 29 0.75 -16.13 -26.92
CA ILE J 29 1.50 -16.92 -27.87
C ILE J 29 0.87 -18.30 -27.96
N ARG J 30 0.44 -18.68 -29.16
CA ARG J 30 -0.17 -19.99 -29.33
C ARG J 30 0.74 -20.87 -30.17
N VAL J 31 1.01 -22.05 -29.63
CA VAL J 31 1.77 -23.06 -30.34
C VAL J 31 0.87 -24.26 -30.66
N ASP J 32 1.06 -24.86 -31.84
CA ASP J 32 0.29 -26.01 -32.27
C ASP J 32 1.12 -27.02 -33.04
N GLY J 33 0.99 -28.29 -32.68
CA GLY J 33 1.79 -29.33 -33.32
C GLY J 33 1.59 -29.39 -34.81
N LYS J 34 2.69 -29.44 -35.54
CA LYS J 34 2.62 -29.54 -36.99
C LYS J 34 2.38 -30.98 -37.44
N GLY J 35 1.27 -31.22 -38.13
CA GLY J 35 1.00 -32.56 -38.63
C GLY J 35 0.93 -33.63 -37.56
N PHE J 36 0.27 -33.33 -36.44
CA PHE J 36 0.18 -34.27 -35.32
C PHE J 36 -0.86 -35.37 -35.50
N HIS J 37 -1.70 -35.27 -36.52
CA HIS J 37 -2.52 -36.41 -36.85
C HIS J 37 -1.66 -37.58 -37.30
N LYS J 38 -0.78 -37.32 -38.26
CA LYS J 38 0.17 -38.32 -38.72
C LYS J 38 1.09 -38.76 -37.58
N PHE J 39 1.51 -37.80 -36.77
CA PHE J 39 2.43 -38.07 -35.67
C PHE J 39 1.81 -39.07 -34.67
N SER J 40 0.55 -38.86 -34.35
CA SER J 40 -0.17 -39.71 -33.39
C SER J 40 -0.47 -41.09 -33.95
N GLN J 41 -0.57 -41.18 -35.27
CA GLN J 41 -0.72 -42.47 -35.93
C GLN J 41 0.59 -43.22 -35.92
N PHE J 42 1.66 -42.54 -36.30
CA PHE J 42 2.97 -43.18 -36.40
C PHE J 42 3.40 -43.78 -35.06
N TYR J 43 3.18 -43.06 -33.97
CA TYR J 43 3.62 -43.53 -32.66
C TYR J 43 2.48 -44.19 -31.89
N GLU J 44 1.39 -44.49 -32.59
CA GLU J 44 0.28 -45.27 -32.05
C GLU J 44 -0.29 -44.76 -30.72
N PHE J 45 -0.66 -43.48 -30.69
CA PHE J 45 -1.36 -42.91 -29.54
C PHE J 45 -2.63 -43.74 -29.28
N GLU J 46 -2.95 -43.95 -28.01
CA GLU J 46 -4.26 -44.48 -27.64
C GLU J 46 -5.36 -43.54 -28.06
N LYS J 47 -6.52 -44.11 -28.38
CA LYS J 47 -7.64 -43.31 -28.80
C LYS J 47 -8.82 -43.50 -27.86
N PRO J 48 -9.58 -42.43 -27.61
CA PRO J 48 -9.42 -41.09 -28.19
C PRO J 48 -8.26 -40.27 -27.63
N ASN J 49 -7.89 -40.48 -26.37
CA ASN J 49 -6.83 -39.72 -25.74
C ASN J 49 -5.68 -40.58 -25.21
N ASP J 50 -4.46 -40.17 -25.54
CA ASP J 50 -3.26 -40.81 -25.02
C ASP J 50 -2.71 -40.03 -23.83
N LEU J 51 -2.82 -40.62 -22.65
CA LEU J 51 -2.48 -39.96 -21.38
C LEU J 51 -1.03 -39.49 -21.28
N LYS J 52 -0.09 -40.37 -21.61
CA LYS J 52 1.32 -40.05 -21.46
C LYS J 52 1.74 -38.98 -22.47
N ALA J 53 1.11 -38.98 -23.63
CA ALA J 53 1.36 -37.96 -24.66
C ALA J 53 0.99 -36.56 -24.20
N LEU J 54 -0.13 -36.44 -23.50
CA LEU J 54 -0.55 -35.16 -22.93
C LEU J 54 0.36 -34.73 -21.79
N GLN J 55 0.89 -35.71 -21.06
CA GLN J 55 1.79 -35.41 -19.96
C GLN J 55 3.12 -34.90 -20.49
N VAL J 56 3.50 -35.37 -21.69
CA VAL J 56 4.65 -34.82 -22.37
C VAL J 56 4.45 -33.35 -22.71
N MET J 57 3.29 -33.01 -23.27
CA MET J 57 2.94 -31.62 -23.60
C MET J 57 2.96 -30.75 -22.35
N ASN J 58 2.34 -31.25 -21.30
CA ASN J 58 2.18 -30.50 -20.07
C ASN J 58 3.50 -30.24 -19.39
N SER J 59 4.38 -31.24 -19.44
CA SER J 59 5.72 -31.12 -18.89
C SER J 59 6.52 -30.09 -19.67
N ALA J 60 6.40 -30.16 -20.98
CA ALA J 60 7.05 -29.22 -21.87
C ALA J 60 6.62 -27.79 -21.54
N ALA J 61 5.31 -27.59 -21.45
CA ALA J 61 4.73 -26.28 -21.19
C ALA J 61 5.11 -25.72 -19.82
N GLU J 62 5.07 -26.57 -18.80
CA GLU J 62 5.42 -26.14 -17.45
C GLU J 62 6.90 -25.75 -17.37
N LYS J 63 7.74 -26.49 -18.06
CA LYS J 63 9.17 -26.21 -18.08
C LYS J 63 9.48 -24.88 -18.75
N LEU J 64 8.84 -24.63 -19.90
CA LEU J 64 8.99 -23.35 -20.60
C LEU J 64 8.57 -22.19 -19.72
N MET J 65 7.42 -22.37 -19.09
CA MET J 65 6.81 -21.33 -18.28
C MET J 65 7.67 -21.00 -17.06
N SER J 66 8.40 -21.99 -16.55
CA SER J 66 9.25 -21.74 -15.39
C SER J 66 10.56 -21.01 -15.74
N LYS J 67 10.93 -21.03 -17.01
CA LYS J 67 12.15 -20.35 -17.45
C LYS J 67 11.90 -18.86 -17.70
N TYR J 68 10.65 -18.54 -18.06
CA TYR J 68 10.29 -17.17 -18.42
C TYR J 68 9.18 -16.62 -17.56
N SER J 69 9.57 -15.80 -16.59
CA SER J 69 8.67 -15.26 -15.59
C SER J 69 7.57 -14.32 -16.11
N ASP J 70 7.69 -13.87 -17.36
CA ASP J 70 6.63 -13.05 -17.94
C ASP J 70 5.39 -13.85 -18.31
N VAL J 71 5.52 -15.16 -18.48
CA VAL J 71 4.36 -16.00 -18.73
C VAL J 71 3.54 -16.21 -17.45
N MET J 72 2.31 -15.71 -17.45
CA MET J 72 1.48 -15.70 -16.25
C MET J 72 0.52 -16.87 -16.22
N LEU J 73 0.15 -17.36 -17.39
CA LEU J 73 -0.91 -18.36 -17.50
C LEU J 73 -0.77 -19.18 -18.77
N ALA J 74 -1.02 -20.47 -18.66
CA ALA J 74 -0.98 -21.38 -19.81
C ALA J 74 -2.19 -22.30 -19.84
N TYR J 75 -2.71 -22.54 -21.03
CA TYR J 75 -3.84 -23.42 -21.25
C TYR J 75 -3.53 -24.37 -22.37
N GLY J 76 -3.73 -25.66 -22.17
CA GLY J 76 -3.40 -26.60 -23.20
C GLY J 76 -4.48 -27.64 -23.41
N ASP J 77 -4.58 -28.08 -24.66
CA ASP J 77 -5.37 -29.25 -25.01
C ASP J 77 -4.92 -29.74 -26.39
N SER J 78 -5.16 -31.02 -26.67
CA SER J 78 -4.76 -31.64 -27.93
C SER J 78 -3.27 -31.45 -28.17
N ASP J 79 -2.94 -30.94 -29.35
CA ASP J 79 -1.56 -30.69 -29.71
C ASP J 79 -1.20 -29.21 -29.61
N GLU J 80 -1.93 -28.47 -28.77
CA GLU J 80 -1.72 -27.03 -28.68
C GLU J 80 -1.51 -26.56 -27.25
N TYR J 81 -0.79 -25.45 -27.11
CA TYR J 81 -0.66 -24.73 -25.85
C TYR J 81 -0.68 -23.22 -26.09
N SER J 82 -1.36 -22.49 -25.22
CA SER J 82 -1.40 -21.04 -25.29
C SER J 82 -0.77 -20.41 -24.06
N PHE J 83 0.09 -19.42 -24.26
CA PHE J 83 0.75 -18.78 -23.14
C PHE J 83 0.38 -17.30 -23.05
N LEU J 84 -0.08 -16.88 -21.88
CA LEU J 84 -0.38 -15.48 -21.60
C LEU J 84 0.82 -14.79 -21.00
N LEU J 85 1.31 -13.77 -21.67
CA LEU J 85 2.40 -12.93 -21.18
C LEU J 85 1.83 -11.68 -20.52
N ARG J 86 2.38 -11.31 -19.36
CA ARG J 86 1.91 -10.13 -18.64
C ARG J 86 2.07 -8.89 -19.52
N LYS J 87 1.21 -7.92 -19.29
CA LYS J 87 1.08 -6.79 -20.20
C LYS J 87 2.29 -5.84 -20.31
N ASN J 88 3.14 -5.83 -19.30
CA ASN J 88 4.34 -4.99 -19.29
C ASN J 88 5.58 -5.79 -19.67
N CYS J 89 5.37 -6.96 -20.26
CA CYS J 89 6.46 -7.80 -20.74
C CYS J 89 7.39 -7.10 -21.71
N GLN J 90 8.69 -7.18 -21.41
CA GLN J 90 9.73 -6.60 -22.24
C GLN J 90 10.70 -7.67 -22.76
N LEU J 91 10.28 -8.93 -22.69
CA LEU J 91 11.06 -10.04 -23.24
C LEU J 91 11.42 -9.84 -24.71
N TYR J 92 12.72 -9.82 -25.00
CA TYR J 92 13.23 -9.57 -26.36
C TYR J 92 12.68 -8.28 -26.96
N GLU J 93 12.46 -7.28 -26.11
CA GLU J 93 11.90 -6.00 -26.52
C GLU J 93 10.59 -6.12 -27.30
N ARG J 94 9.80 -7.13 -26.96
CA ARG J 94 8.51 -7.37 -27.59
C ARG J 94 8.64 -7.56 -29.10
N ARG J 95 9.81 -8.00 -29.55
CA ARG J 95 10.04 -8.29 -30.96
C ARG J 95 9.30 -9.57 -31.37
N GLU J 96 8.41 -9.45 -32.36
CA GLU J 96 7.57 -10.58 -32.74
C GLU J 96 8.33 -11.79 -33.27
N MET J 97 9.34 -11.52 -34.09
CA MET J 97 10.18 -12.58 -34.63
C MET J 97 10.86 -13.41 -33.54
N LYS J 98 11.43 -12.74 -32.55
CA LYS J 98 12.13 -13.42 -31.46
C LYS J 98 11.18 -14.24 -30.60
N LEU J 99 10.08 -13.61 -30.20
CA LEU J 99 9.10 -14.23 -29.30
C LEU J 99 8.51 -15.50 -29.91
N THR J 100 8.14 -15.46 -31.18
CA THR J 100 7.45 -16.60 -31.78
C THR J 100 8.44 -17.72 -32.08
N THR J 101 9.59 -17.39 -32.62
CA THR J 101 10.55 -18.41 -33.04
C THR J 101 11.24 -19.04 -31.82
N LEU J 102 11.33 -18.29 -30.72
CA LEU J 102 11.86 -18.87 -29.51
C LEU J 102 10.89 -19.84 -28.85
N PHE J 103 9.62 -19.49 -28.87
CA PHE J 103 8.59 -20.37 -28.31
C PHE J 103 8.42 -21.65 -29.09
N SER J 104 8.42 -21.57 -30.42
CA SER J 104 8.25 -22.78 -31.22
C SER J 104 9.46 -23.70 -31.12
N SER J 105 10.64 -23.10 -31.00
CA SER J 105 11.86 -23.86 -30.82
C SER J 105 11.87 -24.59 -29.47
N LEU J 106 11.55 -23.84 -28.42
CA LEU J 106 11.52 -24.36 -27.06
C LEU J 106 10.51 -25.49 -26.88
N MET J 107 9.28 -25.29 -27.36
CA MET J 107 8.25 -26.32 -27.22
C MET J 107 8.68 -27.58 -27.94
N SER J 108 9.30 -27.41 -29.10
CA SER J 108 9.76 -28.54 -29.90
C SER J 108 10.81 -29.36 -29.16
N THR J 109 11.80 -28.68 -28.60
CA THR J 109 12.92 -29.38 -27.94
C THR J 109 12.54 -29.95 -26.58
N TYR J 110 11.74 -29.21 -25.81
CA TYR J 110 11.23 -29.73 -24.54
C TYR J 110 10.35 -30.96 -24.78
N TYR J 111 9.55 -30.94 -25.83
CA TYR J 111 8.69 -32.07 -26.15
C TYR J 111 9.56 -33.27 -26.45
N MET J 112 10.57 -33.05 -27.29
CA MET J 112 11.54 -34.08 -27.64
C MET J 112 12.25 -34.64 -26.41
N TYR J 113 12.64 -33.76 -25.50
CA TYR J 113 13.32 -34.18 -24.26
C TYR J 113 12.39 -35.08 -23.47
N PHE J 114 11.19 -34.57 -23.20
CA PHE J 114 10.20 -35.21 -22.36
C PHE J 114 9.65 -36.46 -23.06
N TRP J 115 9.72 -36.50 -24.38
CA TRP J 115 9.33 -37.71 -25.09
C TRP J 115 10.24 -38.89 -24.73
N SER J 116 11.55 -38.66 -24.68
CA SER J 116 12.50 -39.74 -24.36
C SER J 116 12.35 -40.20 -22.91
N GLN J 117 11.79 -39.32 -22.08
CA GLN J 117 11.54 -39.67 -20.69
C GLN J 117 10.29 -40.51 -20.52
N TYR J 118 9.19 -40.10 -21.16
CA TYR J 118 7.92 -40.81 -21.01
C TYR J 118 7.79 -42.01 -21.94
N PHE J 119 8.48 -41.95 -23.07
CA PHE J 119 8.42 -43.05 -24.04
C PHE J 119 9.79 -43.59 -24.46
N PRO J 120 10.52 -44.20 -23.53
CA PRO J 120 11.85 -44.75 -23.82
C PRO J 120 11.81 -45.86 -24.87
N ASP J 121 10.68 -46.54 -24.98
CA ASP J 121 10.50 -47.62 -25.96
C ASP J 121 9.96 -47.14 -27.31
N LYS J 122 9.70 -45.85 -27.43
CA LYS J 122 9.32 -45.29 -28.72
C LYS J 122 10.33 -44.22 -29.16
N PRO J 123 11.54 -44.64 -29.55
CA PRO J 123 12.55 -43.67 -29.98
C PRO J 123 12.06 -42.91 -31.21
N LEU J 124 12.39 -41.63 -31.31
CA LEU J 124 11.88 -40.82 -32.39
C LEU J 124 12.51 -41.14 -33.75
N HIS J 125 11.67 -41.17 -34.77
CA HIS J 125 12.10 -41.39 -36.14
C HIS J 125 12.36 -40.05 -36.80
N ILE J 126 13.40 -39.96 -37.62
CA ILE J 126 13.81 -38.68 -38.18
C ILE J 126 12.74 -38.00 -39.06
N ASP J 127 11.81 -38.78 -39.59
CA ASP J 127 10.78 -38.20 -40.45
C ASP J 127 9.53 -37.87 -39.67
N HIS J 128 9.60 -38.09 -38.36
CA HIS J 128 8.49 -37.77 -37.49
C HIS J 128 8.96 -37.16 -36.18
N LEU J 129 9.70 -36.06 -36.29
CA LEU J 129 10.13 -35.32 -35.12
C LEU J 129 9.01 -34.35 -34.76
N PRO J 130 8.89 -33.99 -33.49
CA PRO J 130 7.81 -33.08 -33.07
C PRO J 130 8.06 -31.61 -33.36
N ASN J 131 7.31 -31.05 -34.32
CA ASN J 131 7.45 -29.65 -34.64
C ASN J 131 6.23 -28.82 -34.27
N PHE J 132 6.46 -27.55 -33.98
CA PHE J 132 5.40 -26.65 -33.57
C PHE J 132 5.49 -25.34 -34.32
N ASP J 133 4.35 -24.74 -34.65
CA ASP J 133 4.35 -23.36 -35.10
C ASP J 133 4.17 -22.45 -33.88
N ALA J 134 4.21 -21.14 -34.09
CA ALA J 134 3.93 -20.20 -33.02
C ALA J 134 3.50 -18.86 -33.61
N ARG J 135 2.46 -18.27 -33.04
CA ARG J 135 2.01 -16.95 -33.46
C ARG J 135 1.80 -16.07 -32.23
N ALA J 136 2.03 -14.78 -32.38
CA ALA J 136 1.77 -13.84 -31.30
C ALA J 136 0.51 -13.05 -31.59
N VAL J 137 -0.36 -12.92 -30.59
CA VAL J 137 -1.56 -12.13 -30.75
C VAL J 137 -1.70 -11.10 -29.64
N LEU J 138 -2.08 -9.89 -30.03
CA LEU J 138 -2.26 -8.81 -29.07
C LEU J 138 -3.72 -8.64 -28.63
N TYR J 139 -3.91 -8.46 -27.33
CA TYR J 139 -5.23 -8.17 -26.81
C TYR J 139 -5.15 -6.95 -25.91
N PRO J 140 -5.90 -5.89 -26.24
CA PRO J 140 -5.76 -4.61 -25.54
C PRO J 140 -6.52 -4.55 -24.21
N ASP J 141 -7.33 -5.56 -23.94
CA ASP J 141 -8.16 -5.55 -22.74
C ASP J 141 -8.28 -6.98 -22.19
N PHE J 142 -8.28 -7.09 -20.86
CA PHE J 142 -8.30 -8.39 -20.22
C PHE J 142 -9.57 -9.19 -20.47
N LYS J 143 -10.67 -8.51 -20.82
CA LYS J 143 -11.90 -9.23 -21.15
C LYS J 143 -11.72 -10.12 -22.36
N HIS J 144 -10.80 -9.73 -23.23
CA HIS J 144 -10.50 -10.52 -24.43
C HIS J 144 -9.65 -11.74 -24.06
N ILE J 145 -8.85 -11.60 -23.00
CA ILE J 145 -8.05 -12.69 -22.50
C ILE J 145 -8.95 -13.78 -21.91
N ARG J 146 -9.91 -13.37 -21.09
CA ARG J 146 -10.91 -14.30 -20.55
C ARG J 146 -11.63 -15.00 -21.69
N ASN J 147 -12.06 -14.22 -22.67
CA ASN J 147 -12.81 -14.78 -23.79
C ASN J 147 -11.92 -15.70 -24.63
N TYR J 148 -10.62 -15.41 -24.67
CA TYR J 148 -9.71 -16.26 -25.45
C TYR J 148 -9.62 -17.65 -24.85
N PHE J 149 -9.39 -17.73 -23.55
CA PHE J 149 -9.25 -19.03 -22.91
C PHE J 149 -10.59 -19.75 -22.86
N SER J 150 -11.67 -18.99 -22.73
CA SER J 150 -13.02 -19.53 -22.83
C SER J 150 -13.28 -20.17 -24.20
N TRP J 151 -12.83 -19.48 -25.25
CA TRP J 151 -12.92 -19.99 -26.61
C TRP J 151 -12.22 -21.33 -26.73
N ARG J 152 -11.05 -21.43 -26.14
CA ARG J 152 -10.22 -22.62 -26.23
C ARG J 152 -10.76 -23.77 -25.41
N GLN J 153 -11.35 -23.47 -24.27
CA GLN J 153 -11.89 -24.53 -23.43
C GLN J 153 -13.18 -25.09 -24.02
N VAL J 154 -13.99 -24.22 -24.61
CA VAL J 154 -15.21 -24.68 -25.29
C VAL J 154 -14.88 -25.63 -26.42
N ASP J 155 -13.81 -25.31 -27.15
CA ASP J 155 -13.35 -26.14 -28.26
C ASP J 155 -12.82 -27.49 -27.76
N CYS J 156 -12.19 -27.47 -26.59
CA CYS J 156 -11.70 -28.68 -25.98
C CYS J 156 -12.86 -29.61 -25.63
N HIS J 157 -13.93 -29.03 -25.07
CA HIS J 157 -15.12 -29.80 -24.76
C HIS J 157 -15.71 -30.46 -25.99
N ILE J 158 -15.94 -29.64 -27.01
CA ILE J 158 -16.55 -30.07 -28.26
C ILE J 158 -15.71 -31.16 -28.90
N ASN J 159 -14.38 -30.96 -28.93
CA ASN J 159 -13.51 -31.92 -29.58
C ASN J 159 -13.37 -33.23 -28.81
N ASN J 160 -13.34 -33.14 -27.48
CA ASN J 160 -13.18 -34.37 -26.72
C ASN J 160 -14.43 -35.23 -26.76
N LEU J 161 -15.58 -34.57 -26.63
CA LEU J 161 -16.86 -35.26 -26.68
C LEU J 161 -17.09 -35.97 -28.01
N TYR J 162 -16.75 -35.29 -29.11
CA TYR J 162 -16.88 -35.86 -30.44
C TYR J 162 -15.97 -37.05 -30.61
N ASN J 163 -14.70 -36.86 -30.29
CA ASN J 163 -13.70 -37.88 -30.49
C ASN J 163 -13.95 -39.07 -29.60
N THR J 164 -14.44 -38.82 -28.39
CA THR J 164 -14.70 -39.92 -27.47
C THR J 164 -15.85 -40.76 -28.02
N THR J 165 -16.86 -40.08 -28.54
CA THR J 165 -18.00 -40.75 -29.16
C THR J 165 -17.59 -41.48 -30.45
N PHE J 166 -16.86 -40.77 -31.30
CA PHE J 166 -16.41 -41.30 -32.58
C PHE J 166 -15.63 -42.61 -32.42
N TRP J 167 -14.64 -42.59 -31.54
CA TRP J 167 -13.73 -43.71 -31.40
C TRP J 167 -14.38 -44.89 -30.69
N ASN J 168 -15.40 -44.62 -29.89
CA ASN J 168 -16.15 -45.72 -29.31
C ASN J 168 -17.02 -46.42 -30.34
N LEU J 169 -17.58 -45.66 -31.29
CA LEU J 169 -18.31 -46.27 -32.39
C LEU J 169 -17.41 -47.20 -33.24
N VAL J 170 -16.18 -46.75 -33.47
CA VAL J 170 -15.21 -47.48 -34.29
C VAL J 170 -14.63 -48.71 -33.58
N LEU J 171 -14.25 -48.53 -32.33
CA LEU J 171 -13.54 -49.57 -31.58
C LEU J 171 -14.44 -50.60 -30.91
N LYS J 172 -15.55 -50.16 -30.34
CA LYS J 172 -16.46 -51.08 -29.68
C LYS J 172 -17.42 -51.77 -30.67
N LEU J 173 -18.04 -50.98 -31.54
CA LEU J 173 -18.98 -51.50 -32.54
C LEU J 173 -18.38 -51.95 -33.87
N LYS J 174 -17.05 -51.94 -33.98
CA LYS J 174 -16.36 -52.40 -35.19
C LYS J 174 -16.86 -51.68 -36.44
N MET J 175 -17.29 -50.43 -36.26
CA MET J 175 -17.60 -49.57 -37.39
C MET J 175 -16.32 -49.13 -38.09
N THR J 176 -16.42 -48.87 -39.39
CA THR J 176 -15.33 -48.21 -40.08
C THR J 176 -15.41 -46.72 -39.75
N PRO J 177 -14.28 -46.01 -39.86
CA PRO J 177 -14.23 -44.56 -39.66
C PRO J 177 -15.35 -43.87 -40.45
N GLN J 178 -15.59 -44.32 -41.68
CA GLN J 178 -16.58 -43.68 -42.53
C GLN J 178 -17.96 -43.84 -41.92
N GLN J 179 -18.26 -45.01 -41.37
CA GLN J 179 -19.58 -45.22 -40.80
C GLN J 179 -19.78 -44.59 -39.42
N ALA J 180 -18.70 -44.46 -38.65
CA ALA J 180 -18.78 -43.75 -37.38
C ALA J 180 -19.15 -42.29 -37.60
N GLU J 181 -18.52 -41.71 -38.62
CA GLU J 181 -18.73 -40.32 -38.99
C GLU J 181 -20.17 -40.10 -39.47
N GLN J 182 -20.65 -41.02 -40.30
CA GLN J 182 -22.01 -40.93 -40.81
C GLN J 182 -23.02 -41.03 -39.66
N ARG J 183 -22.68 -41.84 -38.66
CA ARG J 183 -23.53 -42.02 -37.49
C ARG J 183 -23.65 -40.72 -36.69
N LEU J 184 -22.60 -39.91 -36.74
CA LEU J 184 -22.54 -38.70 -35.94
C LEU J 184 -23.07 -37.48 -36.67
N MET J 185 -23.18 -37.55 -37.98
CA MET J 185 -23.71 -36.42 -38.75
C MET J 185 -25.11 -36.09 -38.24
N GLY J 186 -25.36 -34.84 -37.86
CA GLY J 186 -26.70 -34.51 -37.39
C GLY J 186 -26.90 -34.58 -35.89
N THR J 187 -25.82 -34.57 -35.15
CA THR J 187 -25.91 -34.72 -33.71
C THR J 187 -25.53 -33.49 -32.87
N VAL J 188 -26.31 -33.28 -31.80
CA VAL J 188 -26.01 -32.25 -30.82
C VAL J 188 -25.40 -32.85 -29.54
N ALA J 189 -25.04 -31.99 -28.59
CA ALA J 189 -24.31 -32.43 -27.41
C ALA J 189 -25.03 -33.51 -26.59
N SER J 190 -26.33 -33.35 -26.39
CA SER J 190 -27.12 -34.31 -25.63
C SER J 190 -27.19 -35.67 -26.30
N ASP J 191 -27.24 -35.64 -27.63
CA ASP J 191 -27.28 -36.86 -28.43
C ASP J 191 -26.01 -37.71 -28.29
N LYS J 192 -24.85 -37.08 -28.37
CA LYS J 192 -23.59 -37.82 -28.30
C LYS J 192 -23.42 -38.49 -26.95
N ASN J 193 -23.83 -37.77 -25.90
CA ASN J 193 -23.79 -38.27 -24.54
C ASN J 193 -24.67 -39.52 -24.38
N GLU J 194 -25.87 -39.45 -24.98
CA GLU J 194 -26.84 -40.54 -24.95
C GLU J 194 -26.34 -41.78 -25.69
N ILE J 195 -25.76 -41.55 -26.86
CA ILE J 195 -25.17 -42.60 -27.70
C ILE J 195 -24.09 -43.36 -26.96
N LEU J 196 -23.26 -42.61 -26.23
CA LEU J 196 -22.18 -43.19 -25.43
C LEU J 196 -22.73 -44.10 -24.35
N PHE J 197 -23.77 -43.65 -23.65
CA PHE J 197 -24.30 -44.43 -22.55
C PHE J 197 -25.09 -45.65 -23.04
N LYS J 198 -26.11 -45.43 -23.86
CA LYS J 198 -27.02 -46.50 -24.23
C LYS J 198 -26.41 -47.54 -25.18
N GLU J 199 -25.59 -47.09 -26.11
CA GLU J 199 -25.06 -48.01 -27.11
C GLU J 199 -23.64 -48.51 -26.82
N CYS J 200 -22.83 -47.72 -26.11
CA CYS J 200 -21.44 -48.09 -25.89
C CYS J 200 -21.14 -48.39 -24.42
N GLY J 201 -22.10 -48.10 -23.55
CA GLY J 201 -21.93 -48.29 -22.13
C GLY J 201 -20.88 -47.37 -21.54
N VAL J 202 -20.75 -46.16 -22.09
CA VAL J 202 -19.76 -45.22 -21.58
C VAL J 202 -20.37 -43.94 -21.01
N ASN J 203 -20.02 -43.65 -19.76
CA ASN J 203 -20.39 -42.40 -19.11
C ASN J 203 -19.34 -41.32 -19.34
N TYR J 204 -19.69 -40.32 -20.15
CA TYR J 204 -18.70 -39.30 -20.53
C TYR J 204 -18.20 -38.51 -19.31
N ASN J 205 -19.09 -38.24 -18.35
CA ASN J 205 -18.72 -37.49 -17.15
C ASN J 205 -17.62 -38.17 -16.32
N ASN J 206 -17.46 -39.46 -16.51
CA ASN J 206 -16.45 -40.22 -15.77
C ASN J 206 -15.09 -40.19 -16.46
N GLU J 207 -15.04 -39.57 -17.64
CA GLU J 207 -13.77 -39.34 -18.33
C GLU J 207 -12.87 -38.48 -17.47
N SER J 208 -11.56 -38.63 -17.64
CA SER J 208 -10.58 -37.83 -16.92
C SER J 208 -10.94 -36.36 -17.01
N GLU J 209 -10.78 -35.64 -15.89
CA GLU J 209 -11.03 -34.21 -15.86
C GLU J 209 -10.13 -33.45 -16.85
N MET J 210 -8.89 -33.94 -17.01
CA MET J 210 -7.96 -33.36 -17.96
C MET J 210 -8.47 -33.48 -19.40
N TYR J 211 -9.04 -34.63 -19.74
CA TYR J 211 -9.57 -34.85 -21.07
C TYR J 211 -10.78 -33.94 -21.31
N LYS J 212 -11.60 -33.76 -20.28
CA LYS J 212 -12.86 -33.03 -20.42
C LYS J 212 -12.66 -31.52 -20.41
N LYS J 213 -11.74 -31.04 -19.58
CA LYS J 213 -11.58 -29.61 -19.32
C LYS J 213 -10.30 -29.04 -19.92
N GLY J 214 -9.33 -29.90 -20.20
CA GLY J 214 -8.01 -29.46 -20.64
C GLY J 214 -7.10 -29.14 -19.47
N THR J 215 -6.01 -28.40 -19.72
CA THR J 215 -5.03 -28.13 -18.67
C THR J 215 -4.68 -26.66 -18.47
N ILE J 216 -4.83 -26.19 -17.23
CA ILE J 216 -4.43 -24.83 -16.87
C ILE J 216 -3.16 -24.84 -16.03
N ILE J 217 -2.13 -24.14 -16.48
CA ILE J 217 -0.93 -23.94 -15.66
C ILE J 217 -0.88 -22.47 -15.28
N VAL J 218 -0.96 -22.15 -13.99
CA VAL J 218 -0.98 -20.74 -13.60
C VAL J 218 0.09 -20.42 -12.56
N ARG J 219 0.68 -19.24 -12.69
CA ARG J 219 1.63 -18.75 -11.70
C ARG J 219 0.88 -18.25 -10.47
N GLU J 220 1.22 -18.81 -9.32
CA GLU J 220 0.57 -18.47 -8.04
C GLU J 220 1.44 -17.61 -7.13
N PHE J 221 0.86 -16.52 -6.64
CA PHE J 221 1.48 -15.62 -5.69
C PHE J 221 0.78 -15.66 -4.32
N GLU J 222 1.55 -15.55 -3.25
CA GLU J 222 0.95 -15.64 -1.91
C GLU J 222 0.61 -14.28 -1.33
N ASN J 223 1.60 -13.40 -1.21
CA ASN J 223 1.34 -12.10 -0.60
C ASN J 223 1.27 -11.03 -1.69
N TYR J 224 0.31 -11.18 -2.59
CA TYR J 224 0.23 -10.26 -3.71
C TYR J 224 -0.55 -8.98 -3.41
N GLU J 225 0.06 -7.84 -3.75
CA GLU J 225 -0.65 -6.58 -3.81
C GLU J 225 -0.33 -5.91 -5.15
N THR J 226 -1.30 -5.20 -5.72
CA THR J 226 -1.12 -4.58 -7.04
C THR J 226 -0.17 -3.37 -6.91
N GLU J 227 0.97 -3.59 -6.27
CA GLU J 227 1.95 -2.54 -6.01
C GLU J 227 2.68 -2.17 -7.29
N ASP J 228 2.63 -3.06 -8.27
CA ASP J 228 3.35 -2.89 -9.52
C ASP J 228 2.71 -1.79 -10.38
N GLU J 229 3.48 -0.75 -10.63
CA GLU J 229 3.04 0.38 -11.43
C GLU J 229 4.25 0.95 -12.15
N ALA J 230 4.02 1.75 -13.18
CA ALA J 230 5.09 2.37 -13.94
C ALA J 230 5.90 3.31 -13.05
N GLU J 231 5.26 3.77 -11.97
CA GLU J 231 5.82 4.78 -11.07
C GLU J 231 7.15 4.37 -10.45
N LEU J 232 7.16 3.26 -9.74
CA LEU J 232 8.38 2.74 -9.12
C LEU J 232 9.30 2.13 -10.17
N SER J 233 10.60 2.31 -9.99
CA SER J 233 11.58 1.82 -10.95
C SER J 233 12.92 1.53 -10.27
N LYS J 234 13.93 1.18 -11.06
CA LYS J 234 15.28 0.88 -10.60
C LYS J 234 15.31 -0.44 -9.80
N ARG J 235 15.61 -0.36 -8.51
CA ARG J 235 15.69 -1.54 -7.65
C ARG J 235 14.34 -2.23 -7.42
N GLN J 236 13.26 -1.44 -7.45
CA GLN J 236 11.91 -1.98 -7.30
C GLN J 236 11.55 -2.97 -8.42
N VAL J 237 11.82 -2.57 -9.66
CA VAL J 237 11.53 -3.39 -10.83
C VAL J 237 12.40 -4.66 -10.82
N GLN J 238 13.67 -4.50 -10.45
CA GLN J 238 14.62 -5.60 -10.44
C GLN J 238 14.25 -6.66 -9.37
N ARG J 239 13.64 -6.21 -8.28
CA ARG J 239 13.19 -7.09 -7.21
C ARG J 239 11.93 -7.91 -7.57
N LEU J 240 10.98 -7.27 -8.24
CA LEU J 240 9.74 -7.94 -8.66
C LEU J 240 9.95 -9.02 -9.72
N GLU J 241 10.93 -8.84 -10.59
CA GLU J 241 11.24 -9.84 -11.60
C GLU J 241 11.72 -11.14 -10.95
N LYS J 242 12.49 -11.02 -9.87
CA LYS J 242 13.00 -12.19 -9.16
C LYS J 242 11.93 -12.93 -8.35
N LYS J 243 11.03 -12.20 -7.68
CA LYS J 243 9.91 -12.82 -6.98
C LYS J 243 8.99 -13.53 -7.94
N ARG J 244 8.83 -12.94 -9.13
CA ARG J 244 8.04 -13.50 -10.21
C ARG J 244 8.69 -14.78 -10.68
N LYS J 245 10.03 -14.79 -10.73
CA LYS J 245 10.79 -16.01 -11.03
C LYS J 245 10.67 -17.05 -9.91
N LYS J 246 10.62 -16.60 -8.66
CA LYS J 246 10.50 -17.52 -7.52
C LYS J 246 9.04 -17.59 -7.05
N ALA J 247 8.18 -17.91 -8.00
CA ALA J 247 6.73 -18.06 -7.82
C ALA J 247 6.39 -19.51 -8.08
N GLU J 248 5.21 -19.96 -7.68
CA GLU J 248 4.96 -21.37 -7.81
C GLU J 248 3.87 -21.65 -8.84
N LEU J 249 4.13 -22.69 -9.61
CA LEU J 249 3.28 -23.16 -10.70
C LEU J 249 2.32 -24.27 -10.29
N LYS J 250 1.02 -24.03 -10.44
CA LYS J 250 0.04 -25.05 -10.09
C LYS J 250 -0.72 -25.45 -11.34
N ILE J 251 -1.04 -26.74 -11.43
CA ILE J 251 -1.71 -27.30 -12.60
C ILE J 251 -3.15 -27.61 -12.25
N TYR J 252 -4.07 -27.22 -13.11
CA TYR J 252 -5.49 -27.45 -12.85
C TYR J 252 -6.20 -28.06 -14.03
N HIS J 253 -7.27 -28.77 -13.74
CA HIS J 253 -8.14 -29.28 -14.77
C HIS J 253 -9.54 -28.87 -14.37
N VAL J 254 -9.80 -27.56 -14.43
CA VAL J 254 -11.04 -27.02 -13.91
C VAL J 254 -11.70 -26.12 -14.93
N ASP J 255 -12.97 -25.82 -14.73
CA ASP J 255 -13.67 -24.82 -15.53
C ASP J 255 -13.12 -23.40 -15.32
N ILE J 256 -12.81 -22.71 -16.41
CA ILE J 256 -12.43 -21.29 -16.33
C ILE J 256 -13.36 -20.38 -17.15
N ILE J 257 -14.35 -20.95 -17.82
CA ILE J 257 -15.28 -20.15 -18.61
C ILE J 257 -16.21 -19.30 -17.77
N ASN J 258 -16.90 -19.94 -16.83
CA ASN J 258 -17.95 -19.32 -16.04
C ASN J 258 -17.58 -19.11 -14.57
N ASP J 259 -16.43 -19.64 -14.16
CA ASP J 259 -16.00 -19.52 -12.77
C ASP J 259 -15.21 -18.21 -12.62
N ASP J 260 -15.96 -17.12 -12.44
CA ASP J 260 -15.41 -15.78 -12.28
C ASP J 260 -14.49 -15.59 -11.09
N SER J 261 -14.77 -16.28 -10.00
CA SER J 261 -13.96 -16.14 -8.80
C SER J 261 -12.54 -16.64 -9.05
N TRP J 262 -12.40 -17.62 -9.95
CA TRP J 262 -11.08 -18.12 -10.30
C TRP J 262 -10.17 -17.02 -10.85
N TRP J 263 -10.73 -16.16 -11.72
CA TRP J 263 -9.97 -15.05 -12.27
C TRP J 263 -9.83 -13.87 -11.32
N LYS J 264 -10.94 -13.53 -10.69
CA LYS J 264 -11.01 -12.39 -9.78
C LYS J 264 -10.06 -12.52 -8.59
N SER J 265 -9.86 -13.73 -8.11
CA SER J 265 -8.95 -13.99 -6.99
C SER J 265 -7.51 -14.05 -7.46
N ARG J 266 -7.29 -13.80 -8.74
CA ARG J 266 -5.96 -13.78 -9.32
C ARG J 266 -5.65 -12.51 -10.12
N PRO J 267 -5.65 -11.35 -9.43
CA PRO J 267 -5.52 -10.04 -10.09
C PRO J 267 -4.16 -9.83 -10.77
N TRP J 268 -3.15 -10.61 -10.39
CA TRP J 268 -1.82 -10.47 -10.99
C TRP J 268 -1.78 -10.93 -12.45
N LEU J 269 -2.82 -11.64 -12.86
CA LEU J 269 -2.97 -12.06 -14.25
C LEU J 269 -3.20 -10.87 -15.18
N LYS J 270 -3.88 -9.84 -14.67
CA LYS J 270 -4.22 -8.66 -15.45
C LYS J 270 -3.05 -7.69 -15.46
N ASP J 271 -2.13 -7.88 -14.52
CA ASP J 271 -1.07 -6.91 -14.28
C ASP J 271 0.29 -7.42 -14.78
N SER K 7 10.45 14.74 -18.94
CA SER K 7 9.01 14.79 -19.08
C SER K 7 8.37 13.44 -18.76
N LYS K 8 7.25 13.48 -18.04
CA LYS K 8 6.52 12.29 -17.66
C LYS K 8 5.48 11.82 -18.69
N TYR K 9 5.25 12.61 -19.75
CA TYR K 9 4.24 12.24 -20.74
C TYR K 9 4.77 11.85 -22.11
N GLU K 10 6.04 12.13 -22.39
CA GLU K 10 6.57 11.96 -23.74
C GLU K 10 6.78 10.49 -24.13
N TYR K 11 6.66 9.58 -23.17
CA TYR K 11 6.76 8.15 -23.44
C TYR K 11 5.77 7.68 -24.49
N VAL K 12 4.66 8.40 -24.65
CA VAL K 12 3.60 8.01 -25.58
C VAL K 12 4.13 8.00 -27.01
N LYS K 13 5.26 8.65 -27.23
CA LYS K 13 5.91 8.65 -28.53
C LYS K 13 6.37 7.24 -28.90
N LEU K 14 6.61 6.41 -27.89
CA LEU K 14 7.12 5.05 -28.11
C LEU K 14 6.10 4.10 -28.72
N PHE K 15 4.84 4.53 -28.81
CA PHE K 15 3.80 3.69 -29.39
C PHE K 15 3.75 3.81 -30.90
N GLU K 16 4.46 4.78 -31.46
CA GLU K 16 4.47 4.95 -32.90
C GLU K 16 5.25 3.86 -33.61
N LYS K 17 4.76 3.43 -34.78
CA LYS K 17 5.44 2.45 -35.60
C LYS K 17 5.65 2.94 -37.03
N GLU K 18 6.90 3.10 -37.45
CA GLU K 18 7.17 3.45 -38.84
C GLU K 18 7.27 2.20 -39.69
N ASN K 19 6.86 2.32 -40.95
CA ASN K 19 6.98 1.25 -41.91
C ASN K 19 7.88 1.72 -43.05
N TYR K 20 9.11 1.23 -43.04
CA TYR K 20 10.07 1.53 -44.08
C TYR K 20 9.94 0.56 -45.23
N LEU K 21 9.56 1.09 -46.40
CA LEU K 21 9.32 0.26 -47.57
C LEU K 21 10.62 -0.37 -48.07
N LEU K 22 10.56 -1.66 -48.39
CA LEU K 22 11.69 -2.43 -48.89
C LEU K 22 12.60 -1.69 -49.90
N PRO K 23 13.90 -1.60 -49.59
CA PRO K 23 14.87 -0.92 -50.46
C PRO K 23 14.94 -1.53 -51.85
N ASP K 24 15.37 -0.75 -52.83
CA ASP K 24 15.65 -1.24 -54.18
C ASP K 24 14.40 -1.87 -54.81
N THR K 25 13.23 -1.37 -54.44
CA THR K 25 11.97 -1.87 -54.98
C THR K 25 11.17 -0.74 -55.61
N TYR K 26 10.48 -1.02 -56.72
CA TYR K 26 9.64 0.00 -57.35
C TYR K 26 8.47 0.35 -56.45
N ILE K 27 8.18 1.65 -56.33
CA ILE K 27 7.01 2.05 -55.57
C ILE K 27 6.01 2.65 -56.53
N ILE K 28 4.79 2.16 -56.47
CA ILE K 28 3.69 2.80 -57.15
C ILE K 28 2.86 3.50 -56.11
N ILE K 29 2.60 4.79 -56.30
CA ILE K 29 1.62 5.44 -55.44
C ILE K 29 0.38 5.76 -56.24
N ARG K 30 -0.74 5.22 -55.82
CA ARG K 30 -1.99 5.47 -56.52
C ARG K 30 -2.87 6.32 -55.62
N VAL K 31 -3.37 7.41 -56.16
CA VAL K 31 -4.35 8.20 -55.41
C VAL K 31 -5.67 8.11 -56.17
N ASP K 32 -6.76 8.05 -55.41
CA ASP K 32 -8.06 7.95 -56.03
C ASP K 32 -9.05 8.79 -55.24
N GLY K 33 -9.84 9.59 -55.96
CA GLY K 33 -10.79 10.51 -55.38
C GLY K 33 -11.89 9.95 -54.49
N LYS K 34 -12.12 10.58 -53.33
CA LYS K 34 -13.18 10.14 -52.44
C LYS K 34 -14.55 10.70 -52.86
N GLY K 35 -15.49 9.80 -53.16
CA GLY K 35 -16.82 10.23 -53.53
C GLY K 35 -16.88 11.14 -54.74
N PHE K 36 -16.12 10.84 -55.80
CA PHE K 36 -16.12 11.70 -56.97
C PHE K 36 -17.33 11.49 -57.86
N HIS K 37 -18.11 10.45 -57.58
CA HIS K 37 -19.41 10.29 -58.21
C HIS K 37 -20.32 11.45 -57.78
N LYS K 38 -20.43 11.65 -56.46
CA LYS K 38 -21.19 12.75 -55.90
C LYS K 38 -20.58 14.10 -56.34
N PHE K 39 -19.25 14.16 -56.36
CA PHE K 39 -18.51 15.38 -56.72
C PHE K 39 -18.80 15.85 -58.14
N SER K 40 -18.82 14.92 -59.09
CA SER K 40 -19.05 15.23 -60.50
C SER K 40 -20.48 15.64 -60.83
N GLN K 41 -21.43 15.18 -60.03
CA GLN K 41 -22.81 15.59 -60.16
C GLN K 41 -22.98 17.01 -59.63
N PHE K 42 -22.44 17.24 -58.44
CA PHE K 42 -22.55 18.52 -57.77
C PHE K 42 -22.01 19.67 -58.59
N TYR K 43 -20.88 19.45 -59.25
CA TYR K 43 -20.28 20.52 -60.02
C TYR K 43 -20.67 20.37 -61.47
N GLU K 44 -21.65 19.50 -61.70
CA GLU K 44 -22.27 19.35 -63.01
C GLU K 44 -21.23 19.11 -64.10
N PHE K 45 -20.37 18.11 -63.90
CA PHE K 45 -19.44 17.70 -64.96
C PHE K 45 -20.23 17.36 -66.22
N GLU K 46 -19.72 17.72 -67.39
CA GLU K 46 -20.27 17.18 -68.62
C GLU K 46 -20.08 15.67 -68.63
N LYS K 47 -21.01 14.96 -69.26
CA LYS K 47 -20.94 13.51 -69.36
C LYS K 47 -20.93 13.10 -70.82
N PRO K 48 -20.20 12.03 -71.15
CA PRO K 48 -19.42 11.18 -70.24
C PRO K 48 -18.12 11.81 -69.73
N ASN K 49 -17.48 12.65 -70.54
CA ASN K 49 -16.21 13.23 -70.14
C ASN K 49 -16.20 14.76 -70.11
N ASP K 50 -15.73 15.32 -69.00
CA ASP K 50 -15.53 16.75 -68.87
C ASP K 50 -14.07 17.10 -69.13
N LEU K 51 -13.79 17.77 -70.25
CA LEU K 51 -12.42 18.04 -70.66
C LEU K 51 -11.63 18.85 -69.63
N LYS K 52 -12.23 19.93 -69.15
CA LYS K 52 -11.54 20.82 -68.22
C LYS K 52 -11.34 20.12 -66.88
N ALA K 53 -12.29 19.24 -66.52
CA ALA K 53 -12.16 18.46 -65.30
C ALA K 53 -10.96 17.51 -65.35
N LEU K 54 -10.73 16.89 -66.50
CA LEU K 54 -9.54 16.05 -66.70
C LEU K 54 -8.27 16.88 -66.73
N GLN K 55 -8.38 18.10 -67.25
CA GLN K 55 -7.23 19.00 -67.33
C GLN K 55 -6.82 19.49 -65.95
N VAL K 56 -7.80 19.61 -65.04
CA VAL K 56 -7.46 19.88 -63.64
C VAL K 56 -6.64 18.74 -63.03
N MET K 57 -7.08 17.51 -63.23
CA MET K 57 -6.34 16.35 -62.72
C MET K 57 -4.94 16.31 -63.29
N ASN K 58 -4.85 16.51 -64.60
CA ASN K 58 -3.59 16.40 -65.31
C ASN K 58 -2.62 17.49 -64.89
N SER K 59 -3.14 18.70 -64.66
CA SER K 59 -2.31 19.80 -64.19
C SER K 59 -1.77 19.52 -62.79
N ALA K 60 -2.64 19.02 -61.92
CA ALA K 60 -2.27 18.65 -60.55
C ALA K 60 -1.15 17.62 -60.51
N ALA K 61 -1.32 16.55 -61.27
CA ALA K 61 -0.37 15.45 -61.33
C ALA K 61 0.98 15.89 -61.89
N GLU K 62 0.93 16.69 -62.96
CA GLU K 62 2.15 17.18 -63.57
C GLU K 62 2.92 18.09 -62.60
N LYS K 63 2.17 18.90 -61.84
CA LYS K 63 2.79 19.78 -60.86
C LYS K 63 3.48 19.00 -59.74
N LEU K 64 2.77 18.00 -59.22
CA LEU K 64 3.32 17.12 -58.19
C LEU K 64 4.58 16.44 -58.71
N MET K 65 4.46 15.92 -59.91
CA MET K 65 5.53 15.15 -60.54
C MET K 65 6.73 16.06 -60.79
N SER K 66 6.46 17.33 -61.03
CA SER K 66 7.54 18.29 -61.27
C SER K 66 8.21 18.68 -59.96
N LYS K 67 7.52 18.43 -58.85
CA LYS K 67 8.06 18.74 -57.54
C LYS K 67 8.98 17.64 -57.04
N TYR K 68 8.72 16.40 -57.46
CA TYR K 68 9.47 15.25 -56.97
C TYR K 68 10.14 14.48 -58.09
N SER K 69 11.43 14.74 -58.23
CA SER K 69 12.24 14.18 -59.29
C SER K 69 12.39 12.66 -59.22
N ASP K 70 12.03 12.07 -58.08
CA ASP K 70 12.06 10.62 -57.98
C ASP K 70 10.91 9.98 -58.74
N VAL K 71 9.87 10.76 -58.99
CA VAL K 71 8.76 10.28 -59.80
C VAL K 71 9.12 10.23 -61.27
N MET K 72 9.13 9.03 -61.84
CA MET K 72 9.61 8.83 -63.20
C MET K 72 8.47 8.81 -64.21
N LEU K 73 7.29 8.40 -63.75
CA LEU K 73 6.19 8.14 -64.66
C LEU K 73 4.86 8.28 -63.92
N ALA K 74 3.88 8.89 -64.57
CA ALA K 74 2.57 9.02 -63.97
C ALA K 74 1.46 8.68 -64.94
N TYR K 75 0.42 8.01 -64.45
CA TYR K 75 -0.71 7.67 -65.29
C TYR K 75 -2.03 8.01 -64.62
N GLY K 76 -2.88 8.74 -65.34
CA GLY K 76 -4.16 9.15 -64.78
C GLY K 76 -5.33 8.98 -65.73
N ASP K 77 -6.49 8.72 -65.14
CA ASP K 77 -7.76 8.79 -65.83
C ASP K 77 -8.83 8.86 -64.77
N SER K 78 -10.00 9.39 -65.13
CA SER K 78 -11.09 9.52 -64.18
C SER K 78 -10.62 10.29 -62.95
N ASP K 79 -10.86 9.72 -61.77
CA ASP K 79 -10.44 10.35 -60.54
C ASP K 79 -9.19 9.72 -59.94
N GLU K 80 -8.36 9.10 -60.77
CA GLU K 80 -7.21 8.42 -60.22
C GLU K 80 -5.92 8.83 -60.90
N TYR K 81 -4.82 8.73 -60.15
CA TYR K 81 -3.51 8.88 -60.74
C TYR K 81 -2.54 7.90 -60.12
N SER K 82 -1.68 7.32 -60.95
CA SER K 82 -0.66 6.42 -60.46
C SER K 82 0.72 7.00 -60.74
N PHE K 83 1.57 6.98 -59.72
CA PHE K 83 2.92 7.52 -59.86
C PHE K 83 3.97 6.43 -59.64
N LEU K 84 4.87 6.31 -60.60
CA LEU K 84 6.01 5.39 -60.49
C LEU K 84 7.18 6.14 -59.90
N LEU K 85 7.65 5.67 -58.75
CA LEU K 85 8.85 6.22 -58.12
C LEU K 85 10.01 5.33 -58.52
N ARG K 86 11.14 5.94 -58.88
CA ARG K 86 12.31 5.16 -59.27
C ARG K 86 12.69 4.27 -58.12
N LYS K 87 13.28 3.13 -58.46
CA LYS K 87 13.48 2.07 -57.50
C LYS K 87 14.46 2.35 -56.36
N ASN K 88 15.38 3.29 -56.56
CA ASN K 88 16.35 3.65 -55.53
C ASN K 88 15.94 4.92 -54.80
N CYS K 89 14.67 5.26 -54.94
CA CYS K 89 14.10 6.41 -54.25
C CYS K 89 14.30 6.32 -52.74
N GLN K 90 14.84 7.40 -52.19
CA GLN K 90 15.09 7.54 -50.76
C GLN K 90 14.29 8.70 -50.18
N LEU K 91 13.30 9.14 -50.93
CA LEU K 91 12.37 10.16 -50.48
C LEU K 91 11.74 9.83 -49.13
N TYR K 92 11.96 10.70 -48.15
CA TYR K 92 11.46 10.48 -46.78
C TYR K 92 11.91 9.16 -46.19
N GLU K 93 13.10 8.73 -46.57
CA GLU K 93 13.66 7.45 -46.12
C GLU K 93 12.70 6.30 -46.38
N ARG K 94 11.94 6.43 -47.47
CA ARG K 94 10.96 5.42 -47.87
C ARG K 94 9.90 5.15 -46.79
N ARG K 95 9.61 6.14 -45.93
CA ARG K 95 8.55 5.95 -44.95
C ARG K 95 7.19 5.97 -45.60
N GLU K 96 6.45 4.89 -45.44
CA GLU K 96 5.18 4.71 -46.11
C GLU K 96 4.17 5.75 -45.70
N MET K 97 4.15 6.06 -44.40
CA MET K 97 3.25 7.08 -43.86
C MET K 97 3.47 8.45 -44.49
N LYS K 98 4.74 8.85 -44.61
CA LYS K 98 5.07 10.13 -45.18
C LYS K 98 4.71 10.15 -46.66
N LEU K 99 5.10 9.12 -47.40
CA LEU K 99 4.87 9.08 -48.83
C LEU K 99 3.39 9.14 -49.20
N THR K 100 2.56 8.36 -48.53
CA THR K 100 1.16 8.29 -48.95
C THR K 100 0.40 9.55 -48.51
N THR K 101 0.63 9.98 -47.28
CA THR K 101 -0.16 11.10 -46.78
C THR K 101 0.31 12.40 -47.41
N LEU K 102 1.57 12.45 -47.83
CA LEU K 102 2.02 13.61 -48.57
C LEU K 102 1.43 13.63 -49.96
N PHE K 103 1.36 12.47 -50.60
CA PHE K 103 0.77 12.42 -51.93
C PHE K 103 -0.72 12.75 -51.91
N SER K 104 -1.46 12.22 -50.96
CA SER K 104 -2.87 12.52 -50.92
C SER K 104 -3.12 13.97 -50.58
N SER K 105 -2.27 14.54 -49.72
CA SER K 105 -2.37 15.94 -49.38
C SER K 105 -2.07 16.83 -50.59
N LEU K 106 -0.97 16.55 -51.27
CA LEU K 106 -0.58 17.32 -52.44
C LEU K 106 -1.58 17.28 -53.58
N MET K 107 -2.07 16.08 -53.91
CA MET K 107 -3.04 15.97 -54.99
C MET K 107 -4.30 16.72 -54.64
N SER K 108 -4.70 16.67 -53.38
CA SER K 108 -5.91 17.36 -52.93
C SER K 108 -5.78 18.88 -53.12
N THR K 109 -4.65 19.44 -52.68
CA THR K 109 -4.46 20.88 -52.72
C THR K 109 -4.13 21.38 -54.11
N TYR K 110 -3.34 20.64 -54.87
CA TYR K 110 -3.10 20.98 -56.26
C TYR K 110 -4.38 20.96 -57.10
N TYR K 111 -5.23 19.98 -56.85
CA TYR K 111 -6.50 19.86 -57.56
C TYR K 111 -7.37 21.08 -57.28
N MET K 112 -7.47 21.41 -56.00
CA MET K 112 -8.21 22.58 -55.55
C MET K 112 -7.68 23.86 -56.18
N TYR K 113 -6.35 23.98 -56.24
CA TYR K 113 -5.72 25.16 -56.84
C TYR K 113 -6.11 25.29 -58.30
N PHE K 114 -5.88 24.23 -59.07
CA PHE K 114 -6.09 24.25 -60.51
C PHE K 114 -7.56 24.32 -60.84
N TRP K 115 -8.41 23.86 -59.92
CA TRP K 115 -9.84 23.99 -60.11
C TRP K 115 -10.26 25.45 -60.13
N SER K 116 -9.70 26.26 -59.23
CA SER K 116 -10.07 27.67 -59.17
C SER K 116 -9.60 28.43 -60.42
N GLN K 117 -8.58 27.91 -61.09
CA GLN K 117 -8.11 28.48 -62.35
C GLN K 117 -8.99 28.09 -63.53
N TYR K 118 -9.32 26.80 -63.63
CA TYR K 118 -10.09 26.28 -64.76
C TYR K 118 -11.60 26.46 -64.60
N PHE K 119 -12.05 26.51 -63.36
CA PHE K 119 -13.48 26.72 -63.08
C PHE K 119 -13.73 27.88 -62.12
N PRO K 120 -13.39 29.11 -62.54
CA PRO K 120 -13.57 30.31 -61.70
C PRO K 120 -15.03 30.55 -61.36
N ASP K 121 -15.91 30.07 -62.24
CA ASP K 121 -17.35 30.21 -62.06
C ASP K 121 -17.99 29.08 -61.27
N LYS K 122 -17.18 28.11 -60.89
CA LYS K 122 -17.66 27.04 -60.02
C LYS K 122 -16.89 27.00 -58.71
N PRO K 123 -17.12 28.00 -57.83
CA PRO K 123 -16.41 28.01 -56.55
C PRO K 123 -16.74 26.77 -55.74
N LEU K 124 -15.75 26.25 -55.03
CA LEU K 124 -15.90 25.01 -54.30
C LEU K 124 -16.79 25.13 -53.05
N HIS K 125 -17.66 24.15 -52.85
CA HIS K 125 -18.51 24.09 -51.66
C HIS K 125 -17.79 23.29 -50.57
N ILE K 126 -17.92 23.72 -49.33
CA ILE K 126 -17.17 23.12 -48.24
C ILE K 126 -17.51 21.63 -48.04
N ASP K 127 -18.69 21.21 -48.51
CA ASP K 127 -19.10 19.82 -48.36
C ASP K 127 -18.78 19.00 -49.60
N HIS K 128 -18.13 19.64 -50.57
CA HIS K 128 -17.74 18.93 -51.78
C HIS K 128 -16.35 19.37 -52.25
N LEU K 129 -15.37 19.24 -51.36
CA LEU K 129 -13.98 19.52 -51.69
C LEU K 129 -13.31 18.30 -52.29
N PRO K 130 -12.31 18.50 -53.15
CA PRO K 130 -11.69 17.31 -53.74
C PRO K 130 -10.73 16.61 -52.78
N ASN K 131 -11.13 15.44 -52.31
CA ASN K 131 -10.27 14.67 -51.43
C ASN K 131 -9.78 13.40 -52.10
N PHE K 132 -8.61 12.96 -51.68
CA PHE K 132 -8.01 11.77 -52.26
C PHE K 132 -7.49 10.86 -51.16
N ASP K 133 -7.62 9.55 -51.36
CA ASP K 133 -6.89 8.62 -50.53
C ASP K 133 -5.57 8.43 -51.25
N ALA K 134 -4.66 7.65 -50.68
CA ALA K 134 -3.44 7.32 -51.37
C ALA K 134 -2.89 6.04 -50.79
N ARG K 135 -2.41 5.17 -51.68
CA ARG K 135 -1.78 3.94 -51.21
C ARG K 135 -0.46 3.73 -51.95
N ALA K 136 0.49 3.12 -51.25
CA ALA K 136 1.77 2.74 -51.83
C ALA K 136 1.79 1.24 -52.07
N VAL K 137 2.27 0.83 -53.23
CA VAL K 137 2.41 -0.59 -53.51
C VAL K 137 3.82 -0.90 -53.98
N LEU K 138 4.42 -1.96 -53.47
CA LEU K 138 5.76 -2.35 -53.87
C LEU K 138 5.78 -3.42 -54.97
N TYR K 139 6.63 -3.21 -55.97
CA TYR K 139 6.85 -4.20 -57.04
C TYR K 139 8.33 -4.50 -57.23
N PRO K 140 8.73 -5.77 -57.08
CA PRO K 140 10.15 -6.14 -57.08
C PRO K 140 10.77 -6.28 -58.47
N ASP K 141 9.93 -6.22 -59.51
CA ASP K 141 10.38 -6.42 -60.88
C ASP K 141 9.63 -5.51 -61.83
N PHE K 142 10.34 -5.00 -62.82
CA PHE K 142 9.77 -4.03 -63.75
C PHE K 142 8.65 -4.60 -64.61
N LYS K 143 8.62 -5.92 -64.80
CA LYS K 143 7.53 -6.52 -65.56
C LYS K 143 6.21 -6.30 -64.86
N HIS K 144 6.26 -6.17 -63.53
CA HIS K 144 5.06 -5.93 -62.75
C HIS K 144 4.64 -4.47 -62.90
N ILE K 145 5.62 -3.60 -63.15
CA ILE K 145 5.32 -2.20 -63.39
C ILE K 145 4.58 -2.01 -64.71
N ARG K 146 5.08 -2.65 -65.76
CA ARG K 146 4.40 -2.66 -67.05
C ARG K 146 2.99 -3.21 -66.94
N ASN K 147 2.85 -4.34 -66.27
CA ASN K 147 1.55 -4.97 -66.13
C ASN K 147 0.64 -4.10 -65.29
N TYR K 148 1.21 -3.36 -64.36
CA TYR K 148 0.39 -2.49 -63.53
C TYR K 148 -0.25 -1.40 -64.37
N PHE K 149 0.56 -0.72 -65.19
CA PHE K 149 0.01 0.35 -66.01
C PHE K 149 -0.88 -0.20 -67.11
N SER K 150 -0.54 -1.37 -67.60
CA SER K 150 -1.40 -2.07 -68.56
C SER K 150 -2.75 -2.36 -67.95
N TRP K 151 -2.75 -2.81 -66.71
CA TRP K 151 -3.98 -3.05 -65.96
C TRP K 151 -4.86 -1.81 -65.87
N ARG K 152 -4.25 -0.67 -65.58
CA ARG K 152 -5.00 0.56 -65.37
C ARG K 152 -5.54 1.14 -66.68
N GLN K 153 -4.80 0.98 -67.77
CA GLN K 153 -5.28 1.50 -69.04
C GLN K 153 -6.41 0.63 -69.57
N VAL K 154 -6.31 -0.69 -69.35
CA VAL K 154 -7.39 -1.59 -69.74
C VAL K 154 -8.64 -1.21 -68.97
N ASP K 155 -8.45 -0.88 -67.68
CA ASP K 155 -9.54 -0.45 -66.81
C ASP K 155 -10.12 0.89 -67.26
N CYS K 156 -9.25 1.77 -67.76
CA CYS K 156 -9.66 3.06 -68.30
C CYS K 156 -10.52 2.84 -69.53
N HIS K 157 -10.10 1.91 -70.37
CA HIS K 157 -10.84 1.54 -71.57
C HIS K 157 -12.26 1.04 -71.25
N ILE K 158 -12.36 0.07 -70.34
CA ILE K 158 -13.65 -0.53 -69.98
C ILE K 158 -14.62 0.50 -69.38
N ASN K 159 -14.12 1.32 -68.47
CA ASN K 159 -14.95 2.32 -67.80
C ASN K 159 -15.39 3.47 -68.70
N ASN K 160 -14.50 3.92 -69.58
CA ASN K 160 -14.83 5.04 -70.46
C ASN K 160 -15.85 4.59 -71.49
N LEU K 161 -15.65 3.39 -72.01
CA LEU K 161 -16.55 2.80 -72.99
C LEU K 161 -17.96 2.67 -72.41
N TYR K 162 -18.06 2.22 -71.17
CA TYR K 162 -19.34 2.08 -70.49
C TYR K 162 -20.02 3.43 -70.31
N ASN K 163 -19.31 4.40 -69.75
CA ASN K 163 -19.90 5.70 -69.47
C ASN K 163 -20.29 6.42 -70.75
N THR K 164 -19.50 6.25 -71.80
CA THR K 164 -19.83 6.91 -73.04
C THR K 164 -21.12 6.29 -73.59
N THR K 165 -21.25 4.98 -73.50
CA THR K 165 -22.47 4.30 -73.92
C THR K 165 -23.64 4.66 -73.01
N PHE K 166 -23.43 4.56 -71.70
CA PHE K 166 -24.47 4.83 -70.71
C PHE K 166 -25.03 6.24 -70.87
N TRP K 167 -24.15 7.23 -70.91
CA TRP K 167 -24.53 8.64 -70.91
C TRP K 167 -25.07 9.11 -72.26
N ASN K 168 -24.67 8.44 -73.33
CA ASN K 168 -25.25 8.76 -74.62
C ASN K 168 -26.68 8.25 -74.67
N LEU K 169 -26.95 7.11 -74.03
CA LEU K 169 -28.32 6.66 -73.93
C LEU K 169 -29.15 7.69 -73.16
N VAL K 170 -28.60 8.23 -72.07
CA VAL K 170 -29.34 9.22 -71.27
C VAL K 170 -29.45 10.63 -71.87
N LEU K 171 -28.33 11.15 -72.36
CA LEU K 171 -28.28 12.54 -72.82
C LEU K 171 -28.71 12.77 -74.26
N LYS K 172 -28.28 11.88 -75.15
CA LYS K 172 -28.63 11.99 -76.56
C LYS K 172 -30.00 11.38 -76.82
N LEU K 173 -30.21 10.19 -76.28
CA LEU K 173 -31.49 9.50 -76.43
C LEU K 173 -32.36 9.98 -75.28
N LYS K 174 -33.54 9.38 -75.09
CA LYS K 174 -34.38 9.79 -73.97
C LYS K 174 -34.62 8.69 -72.94
N MET K 175 -33.66 7.79 -72.78
CA MET K 175 -33.74 6.84 -71.67
C MET K 175 -33.46 7.51 -70.34
N THR K 176 -34.05 6.96 -69.27
CA THR K 176 -33.69 7.35 -67.92
C THR K 176 -32.39 6.66 -67.53
N PRO K 177 -31.65 7.22 -66.56
CA PRO K 177 -30.42 6.58 -66.06
C PRO K 177 -30.63 5.11 -65.70
N GLN K 178 -31.75 4.82 -65.06
CA GLN K 178 -32.03 3.46 -64.60
C GLN K 178 -32.19 2.45 -65.73
N GLN K 179 -32.87 2.83 -66.80
CA GLN K 179 -33.09 1.90 -67.91
C GLN K 179 -31.87 1.77 -68.81
N ALA K 180 -31.06 2.82 -68.86
CA ALA K 180 -29.79 2.78 -69.57
C ALA K 180 -28.87 1.75 -68.94
N GLU K 181 -28.87 1.75 -67.61
CA GLU K 181 -28.04 0.82 -66.84
C GLU K 181 -28.47 -0.62 -67.06
N GLN K 182 -29.78 -0.85 -67.02
CA GLN K 182 -30.34 -2.18 -67.25
C GLN K 182 -30.06 -2.70 -68.65
N ARG K 183 -30.06 -1.79 -69.61
CA ARG K 183 -29.79 -2.12 -71.01
C ARG K 183 -28.38 -2.65 -71.22
N LEU K 184 -27.46 -2.20 -70.38
CA LEU K 184 -26.05 -2.55 -70.54
C LEU K 184 -25.56 -3.79 -69.79
N MET K 185 -26.30 -4.27 -68.79
CA MET K 185 -25.85 -5.46 -68.06
C MET K 185 -25.66 -6.69 -68.95
N GLY K 186 -24.48 -7.32 -68.93
CA GLY K 186 -24.28 -8.50 -69.74
C GLY K 186 -23.65 -8.28 -71.10
N THR K 187 -23.07 -7.11 -71.29
CA THR K 187 -22.51 -6.73 -72.58
C THR K 187 -20.99 -6.63 -72.66
N VAL K 188 -20.44 -7.07 -73.79
CA VAL K 188 -19.01 -6.92 -74.05
C VAL K 188 -18.74 -5.77 -75.02
N ALA K 189 -17.47 -5.51 -75.30
CA ALA K 189 -17.04 -4.33 -76.06
C ALA K 189 -17.63 -4.16 -77.46
N SER K 190 -17.73 -5.21 -78.25
CA SER K 190 -18.29 -5.07 -79.59
C SER K 190 -19.76 -4.67 -79.56
N ASP K 191 -20.47 -5.18 -78.55
CA ASP K 191 -21.88 -4.87 -78.36
C ASP K 191 -22.13 -3.39 -78.04
N LYS K 192 -21.35 -2.83 -77.11
CA LYS K 192 -21.50 -1.43 -76.69
C LYS K 192 -21.24 -0.49 -77.86
N ASN K 193 -20.24 -0.83 -78.66
CA ASN K 193 -19.90 -0.06 -79.85
C ASN K 193 -21.07 -0.05 -80.83
N GLU K 194 -21.70 -1.20 -80.99
CA GLU K 194 -22.83 -1.34 -81.90
C GLU K 194 -23.99 -0.50 -81.38
N ILE K 195 -24.25 -0.58 -80.08
CA ILE K 195 -25.30 0.21 -79.43
C ILE K 195 -25.08 1.71 -79.62
N LEU K 196 -23.82 2.16 -79.48
CA LEU K 196 -23.48 3.55 -79.68
C LEU K 196 -23.73 4.02 -81.10
N PHE K 197 -23.32 3.21 -82.08
CA PHE K 197 -23.47 3.61 -83.47
C PHE K 197 -24.93 3.54 -83.92
N LYS K 198 -25.54 2.37 -83.80
CA LYS K 198 -26.87 2.15 -84.36
C LYS K 198 -27.99 2.89 -83.62
N GLU K 199 -27.92 2.94 -82.29
CA GLU K 199 -29.03 3.54 -81.54
C GLU K 199 -28.75 4.98 -81.11
N CYS K 200 -27.48 5.34 -80.92
CA CYS K 200 -27.17 6.66 -80.41
C CYS K 200 -26.45 7.53 -81.44
N GLY K 201 -26.04 6.93 -82.55
CA GLY K 201 -25.31 7.64 -83.58
C GLY K 201 -23.91 8.12 -83.20
N VAL K 202 -23.23 7.40 -82.33
CA VAL K 202 -21.87 7.81 -81.92
C VAL K 202 -20.78 6.83 -82.30
N ASN K 203 -19.77 7.33 -83.00
CA ASN K 203 -18.57 6.56 -83.33
C ASN K 203 -17.52 6.71 -82.23
N TYR K 204 -17.32 5.63 -81.46
CA TYR K 204 -16.43 5.69 -80.30
C TYR K 204 -14.99 6.01 -80.68
N ASN K 205 -14.52 5.49 -81.81
CA ASN K 205 -13.16 5.73 -82.26
C ASN K 205 -12.83 7.20 -82.50
N ASN K 206 -13.86 8.02 -82.71
CA ASN K 206 -13.63 9.44 -82.93
C ASN K 206 -13.59 10.22 -81.62
N GLU K 207 -13.82 9.54 -80.50
CA GLU K 207 -13.66 10.14 -79.19
C GLU K 207 -12.23 10.61 -78.98
N SER K 208 -12.05 11.63 -78.16
CA SER K 208 -10.72 12.14 -77.81
C SER K 208 -9.80 10.99 -77.37
N GLU K 209 -8.54 11.04 -77.79
CA GLU K 209 -7.54 10.04 -77.41
C GLU K 209 -7.35 9.95 -75.90
N MET K 210 -7.45 11.09 -75.23
CA MET K 210 -7.36 11.16 -73.77
C MET K 210 -8.46 10.35 -73.08
N TYR K 211 -9.67 10.43 -73.59
CA TYR K 211 -10.78 9.70 -73.00
C TYR K 211 -10.56 8.20 -73.18
N LYS K 212 -10.05 7.81 -74.34
CA LYS K 212 -9.90 6.40 -74.69
C LYS K 212 -8.69 5.76 -74.01
N LYS K 213 -7.61 6.52 -73.90
CA LYS K 213 -6.32 5.99 -73.47
C LYS K 213 -5.90 6.47 -72.08
N GLY K 214 -6.48 7.59 -71.63
CA GLY K 214 -6.05 8.19 -70.38
C GLY K 214 -4.86 9.12 -70.58
N THR K 215 -4.16 9.46 -69.51
CA THR K 215 -3.08 10.41 -69.63
C THR K 215 -1.79 9.86 -69.02
N ILE K 216 -0.75 9.86 -69.84
CA ILE K 216 0.60 9.45 -69.42
C ILE K 216 1.51 10.67 -69.32
N ILE K 217 2.11 10.85 -68.15
CA ILE K 217 3.12 11.89 -67.96
C ILE K 217 4.48 11.26 -67.74
N VAL K 218 5.46 11.53 -68.60
CA VAL K 218 6.76 10.86 -68.46
C VAL K 218 7.95 11.81 -68.39
N ARG K 219 8.91 11.47 -67.54
CA ARG K 219 10.15 12.21 -67.49
C ARG K 219 11.02 11.79 -68.67
N GLU K 220 11.41 12.77 -69.49
CA GLU K 220 12.21 12.50 -70.69
C GLU K 220 13.67 12.92 -70.51
N PHE K 221 14.57 12.00 -70.83
CA PHE K 221 16.01 12.23 -70.83
C PHE K 221 16.57 12.14 -72.25
N GLU K 222 17.56 12.96 -72.56
CA GLU K 222 18.09 12.96 -73.92
C GLU K 222 19.33 12.05 -74.05
N ASN K 223 20.35 12.30 -73.25
CA ASN K 223 21.58 11.51 -73.38
C ASN K 223 21.73 10.47 -72.27
N TYR K 224 20.79 9.54 -72.18
CA TYR K 224 20.82 8.57 -71.08
C TYR K 224 21.72 7.40 -71.38
N GLU K 225 22.57 7.06 -70.42
CA GLU K 225 23.31 5.81 -70.45
C GLU K 225 23.10 5.11 -69.12
N THR K 226 22.98 3.78 -69.14
CA THR K 226 22.68 3.06 -67.90
C THR K 226 23.92 2.97 -67.01
N GLU K 227 24.62 4.09 -66.87
CA GLU K 227 25.84 4.19 -66.07
C GLU K 227 25.50 4.18 -64.59
N ASP K 228 24.22 4.39 -64.30
CA ASP K 228 23.76 4.56 -62.92
C ASP K 228 23.94 3.27 -62.12
N GLU K 229 24.81 3.35 -61.12
CA GLU K 229 25.16 2.23 -60.26
C GLU K 229 25.54 2.72 -58.87
N ALA K 230 25.56 1.81 -57.91
CA ALA K 230 25.92 2.12 -56.53
C ALA K 230 27.37 2.57 -56.43
N GLU K 231 28.16 2.13 -57.41
CA GLU K 231 29.61 2.36 -57.44
C GLU K 231 29.99 3.84 -57.41
N LEU K 232 29.44 4.64 -58.33
CA LEU K 232 29.71 6.07 -58.35
C LEU K 232 29.01 6.79 -57.19
N SER K 233 29.69 7.79 -56.62
CA SER K 233 29.15 8.48 -55.45
C SER K 233 29.69 9.91 -55.29
N LYS K 234 29.33 10.52 -54.17
CA LYS K 234 29.76 11.87 -53.79
C LYS K 234 29.15 12.93 -54.71
N ARG K 235 29.97 13.64 -55.48
CA ARG K 235 29.45 14.67 -56.36
C ARG K 235 28.62 14.05 -57.50
N GLN K 236 28.94 12.81 -57.83
CA GLN K 236 28.26 12.06 -58.89
C GLN K 236 26.75 11.97 -58.66
N VAL K 237 26.35 11.64 -57.44
CA VAL K 237 24.94 11.55 -57.09
C VAL K 237 24.30 12.93 -57.17
N GLN K 238 25.01 13.94 -56.67
CA GLN K 238 24.51 15.32 -56.70
C GLN K 238 24.38 15.80 -58.13
N ARG K 239 25.25 15.29 -58.99
CA ARG K 239 25.23 15.62 -60.41
C ARG K 239 24.07 14.96 -61.17
N LEU K 240 23.82 13.69 -60.89
CA LEU K 240 22.70 12.99 -61.53
C LEU K 240 21.32 13.44 -61.08
N GLU K 241 21.20 13.82 -59.80
CA GLU K 241 19.91 14.28 -59.28
C GLU K 241 19.47 15.58 -59.93
N LYS K 242 20.40 16.48 -60.14
CA LYS K 242 20.06 17.78 -60.72
C LYS K 242 19.73 17.59 -62.19
N LYS K 243 20.43 16.66 -62.84
CA LYS K 243 20.10 16.32 -64.22
C LYS K 243 18.68 15.74 -64.28
N ARG K 244 18.32 14.95 -63.27
CA ARG K 244 16.96 14.43 -63.16
C ARG K 244 15.91 15.49 -62.81
N LYS K 245 16.26 16.40 -61.92
CA LYS K 245 15.35 17.49 -61.57
C LYS K 245 15.11 18.39 -62.77
N LYS K 246 16.14 18.60 -63.58
CA LYS K 246 16.04 19.44 -64.77
C LYS K 246 15.81 18.57 -66.01
N ALA K 247 14.78 17.75 -65.91
CA ALA K 247 14.33 16.83 -66.94
C ALA K 247 12.97 17.31 -67.40
N GLU K 248 12.50 16.84 -68.54
CA GLU K 248 11.29 17.41 -69.09
C GLU K 248 10.11 16.48 -69.09
N LEU K 249 8.95 17.05 -68.76
CA LEU K 249 7.70 16.31 -68.66
C LEU K 249 6.91 16.37 -69.96
N LYS K 250 6.66 15.20 -70.54
CA LYS K 250 5.87 15.16 -71.77
C LYS K 250 4.61 14.35 -71.51
N ILE K 251 3.52 14.78 -72.12
CA ILE K 251 2.22 14.15 -71.93
C ILE K 251 1.82 13.39 -73.18
N TYR K 252 1.35 12.16 -73.01
CA TYR K 252 0.96 11.35 -74.15
C TYR K 252 -0.42 10.74 -73.94
N HIS K 253 -1.10 10.44 -75.03
CA HIS K 253 -2.37 9.72 -74.97
C HIS K 253 -2.30 8.56 -75.94
N VAL K 254 -1.45 7.60 -75.61
CA VAL K 254 -1.15 6.51 -76.51
C VAL K 254 -1.28 5.17 -75.79
N ASP K 255 -1.34 4.10 -76.57
CA ASP K 255 -1.28 2.74 -76.02
C ASP K 255 0.07 2.47 -75.36
N ILE K 256 0.06 1.96 -74.12
CA ILE K 256 1.30 1.51 -73.48
C ILE K 256 1.20 0.03 -73.13
N ILE K 257 0.05 -0.55 -73.44
CA ILE K 257 -0.20 -1.97 -73.18
C ILE K 257 0.60 -2.86 -74.12
N ASN K 258 0.47 -2.58 -75.41
CA ASN K 258 1.03 -3.43 -76.45
C ASN K 258 2.22 -2.81 -77.17
N ASP K 259 2.48 -1.53 -76.90
CA ASP K 259 3.59 -0.86 -77.56
C ASP K 259 4.89 -1.05 -76.77
N ASP K 260 5.54 -2.19 -77.00
CA ASP K 260 6.80 -2.52 -76.31
C ASP K 260 7.93 -1.53 -76.60
N SER K 261 7.98 -1.01 -77.81
CA SER K 261 9.05 -0.08 -78.17
C SER K 261 8.99 1.21 -77.36
N TRP K 262 7.78 1.60 -76.96
CA TRP K 262 7.58 2.79 -76.14
C TRP K 262 8.34 2.71 -74.81
N TRP K 263 8.32 1.54 -74.20
CA TRP K 263 9.02 1.31 -72.95
C TRP K 263 10.52 1.10 -73.12
N LYS K 264 10.87 0.28 -74.10
CA LYS K 264 12.27 -0.05 -74.37
C LYS K 264 13.14 1.16 -74.71
N SER K 265 12.57 2.17 -75.37
CA SER K 265 13.32 3.37 -75.71
C SER K 265 13.40 4.34 -74.52
N ARG K 266 12.90 3.90 -73.37
CA ARG K 266 12.93 4.67 -72.13
C ARG K 266 13.49 3.86 -70.95
N PRO K 267 14.76 3.42 -71.04
CA PRO K 267 15.36 2.50 -70.05
C PRO K 267 15.51 3.08 -68.65
N TRP K 268 15.48 4.41 -68.53
CA TRP K 268 15.63 5.06 -67.23
C TRP K 268 14.42 4.84 -66.33
N LEU K 269 13.34 4.36 -66.94
CA LEU K 269 12.15 4.01 -66.19
C LEU K 269 12.42 2.83 -65.27
N LYS K 270 13.30 1.93 -65.70
CA LYS K 270 13.59 0.72 -64.92
C LYS K 270 14.62 0.98 -63.83
N ASP K 271 15.36 2.07 -63.94
CA ASP K 271 16.52 2.30 -63.06
C ASP K 271 16.25 3.40 -62.02
N SER L 7 -9.15 -10.45 -66.72
CA SER L 7 -7.97 -9.68 -67.10
C SER L 7 -6.68 -10.42 -66.73
N LYS L 8 -5.70 -10.33 -67.63
CA LYS L 8 -4.39 -10.97 -67.46
C LYS L 8 -3.42 -10.07 -66.70
N TYR L 9 -3.85 -8.86 -66.40
CA TYR L 9 -2.98 -7.89 -65.74
C TYR L 9 -3.44 -7.61 -64.31
N GLU L 10 -4.65 -8.02 -63.96
CA GLU L 10 -5.22 -7.63 -62.68
C GLU L 10 -4.55 -8.36 -61.51
N TYR L 11 -3.70 -9.34 -61.82
CA TYR L 11 -2.94 -10.06 -60.80
C TYR L 11 -2.07 -9.11 -59.95
N VAL L 12 -1.73 -7.96 -60.51
CA VAL L 12 -0.87 -6.98 -59.86
C VAL L 12 -1.51 -6.48 -58.56
N LYS L 13 -2.81 -6.69 -58.43
CA LYS L 13 -3.53 -6.34 -57.23
C LYS L 13 -3.04 -7.16 -56.03
N LEU L 14 -2.48 -8.33 -56.29
CA LEU L 14 -2.05 -9.19 -55.18
C LEU L 14 -0.81 -8.64 -54.47
N PHE L 15 -0.20 -7.61 -55.04
CA PHE L 15 0.97 -7.02 -54.40
C PHE L 15 0.58 -5.98 -53.36
N GLU L 16 -0.70 -5.60 -53.33
CA GLU L 16 -1.13 -4.62 -52.35
C GLU L 16 -1.16 -5.26 -50.97
N LYS L 17 -0.78 -4.48 -49.96
CA LYS L 17 -0.80 -4.94 -48.58
C LYS L 17 -1.60 -3.99 -47.68
N GLU L 18 -2.69 -4.48 -47.11
CA GLU L 18 -3.46 -3.67 -46.17
C GLU L 18 -2.96 -3.83 -44.72
N ASN L 19 -3.08 -2.76 -43.94
CA ASN L 19 -2.75 -2.79 -42.52
C ASN L 19 -3.98 -2.45 -41.69
N TYR L 20 -4.59 -3.46 -41.10
CA TYR L 20 -5.74 -3.27 -40.22
C TYR L 20 -5.35 -2.99 -38.78
N LEU L 21 -5.67 -1.79 -38.31
CA LEU L 21 -5.27 -1.40 -36.96
C LEU L 21 -6.03 -2.27 -35.95
N LEU L 22 -5.29 -2.77 -34.95
CA LEU L 22 -5.80 -3.63 -33.88
C LEU L 22 -7.17 -3.20 -33.35
N PRO L 23 -8.14 -4.13 -33.40
CA PRO L 23 -9.51 -3.86 -32.93
C PRO L 23 -9.56 -3.43 -31.46
N ASP L 24 -10.62 -2.71 -31.10
CA ASP L 24 -10.92 -2.36 -29.71
C ASP L 24 -9.77 -1.55 -29.10
N THR L 25 -9.08 -0.78 -29.93
CA THR L 25 -7.99 0.05 -29.46
C THR L 25 -8.22 1.52 -29.83
N TYR L 26 -7.83 2.43 -28.93
CA TYR L 26 -7.95 3.85 -29.21
C TYR L 26 -7.02 4.22 -30.35
N ILE L 27 -7.52 5.02 -31.28
CA ILE L 27 -6.69 5.52 -32.36
C ILE L 27 -6.47 7.02 -32.27
N ILE L 28 -5.22 7.44 -32.30
CA ILE L 28 -4.91 8.85 -32.46
C ILE L 28 -4.44 9.14 -33.87
N ILE L 29 -5.06 10.10 -34.53
CA ILE L 29 -4.51 10.54 -35.79
C ILE L 29 -3.98 11.95 -35.53
N ARG L 30 -2.69 12.14 -35.75
CA ARG L 30 -2.07 13.43 -35.56
C ARG L 30 -1.70 13.93 -36.93
N VAL L 31 -2.12 15.14 -37.20
CA VAL L 31 -1.77 15.82 -38.42
C VAL L 31 -0.86 17.00 -38.08
N ASP L 32 0.14 17.26 -38.94
CA ASP L 32 1.06 18.36 -38.74
C ASP L 32 1.42 19.01 -40.07
N GLY L 33 1.35 20.34 -40.14
CA GLY L 33 1.61 21.06 -41.38
C GLY L 33 2.99 20.83 -41.95
N LYS L 34 3.08 20.53 -43.25
CA LYS L 34 4.40 20.33 -43.87
C LYS L 34 5.05 21.65 -44.24
N GLY L 35 6.22 21.93 -43.67
CA GLY L 35 6.93 23.15 -43.99
C GLY L 35 6.13 24.41 -43.70
N PHE L 36 5.48 24.44 -42.54
CA PHE L 36 4.66 25.58 -42.18
C PHE L 36 5.48 26.77 -41.66
N HIS L 37 6.77 26.57 -41.41
CA HIS L 37 7.65 27.70 -41.15
C HIS L 37 7.74 28.59 -42.38
N LYS L 38 8.06 27.98 -43.52
CA LYS L 38 8.08 28.72 -44.77
C LYS L 38 6.71 29.28 -45.09
N PHE L 39 5.69 28.48 -44.82
CA PHE L 39 4.31 28.85 -45.10
C PHE L 39 3.93 30.12 -44.33
N SER L 40 4.31 30.17 -43.07
CA SER L 40 3.97 31.33 -42.23
C SER L 40 4.76 32.59 -42.60
N GLN L 41 5.95 32.40 -43.18
CA GLN L 41 6.70 33.55 -43.65
C GLN L 41 6.15 34.12 -44.96
N PHE L 42 5.91 33.24 -45.91
CA PHE L 42 5.44 33.63 -47.24
C PHE L 42 4.13 34.39 -47.17
N TYR L 43 3.23 33.93 -46.31
CA TYR L 43 1.91 34.50 -46.16
C TYR L 43 1.84 35.45 -44.99
N GLU L 44 3.02 35.83 -44.48
CA GLU L 44 3.13 36.87 -43.46
C GLU L 44 2.27 36.66 -42.23
N PHE L 45 2.38 35.48 -41.60
CA PHE L 45 1.70 35.25 -40.32
C PHE L 45 2.11 36.31 -39.31
N GLU L 46 1.14 36.71 -38.51
CA GLU L 46 1.37 37.52 -37.33
C GLU L 46 2.23 36.77 -36.32
N LYS L 47 3.03 37.52 -35.56
CA LYS L 47 3.89 36.92 -34.54
C LYS L 47 3.63 37.46 -33.14
N PRO L 48 3.75 36.61 -32.12
CA PRO L 48 4.14 35.19 -32.16
C PRO L 48 3.04 34.27 -32.70
N ASN L 49 1.80 34.65 -32.45
CA ASN L 49 0.63 33.87 -32.85
C ASN L 49 -0.26 34.69 -33.75
N ASP L 50 -0.67 34.09 -34.88
CA ASP L 50 -1.62 34.71 -35.78
C ASP L 50 -3.00 34.15 -35.48
N LEU L 51 -3.84 35.02 -34.93
CA LEU L 51 -5.17 34.63 -34.45
C LEU L 51 -6.01 34.05 -35.58
N LYS L 52 -6.04 34.74 -36.71
CA LYS L 52 -6.87 34.31 -37.83
C LYS L 52 -6.36 33.00 -38.45
N ALA L 53 -5.05 32.81 -38.43
CA ALA L 53 -4.43 31.58 -38.90
C ALA L 53 -4.81 30.36 -38.09
N LEU L 54 -4.88 30.54 -36.78
CA LEU L 54 -5.31 29.48 -35.88
C LEU L 54 -6.79 29.20 -36.05
N GLN L 55 -7.53 30.23 -36.41
CA GLN L 55 -8.95 30.08 -36.61
C GLN L 55 -9.23 29.29 -37.88
N VAL L 56 -8.34 29.42 -38.86
CA VAL L 56 -8.44 28.57 -40.04
C VAL L 56 -8.27 27.09 -39.66
N MET L 57 -7.25 26.79 -38.85
CA MET L 57 -7.02 25.42 -38.39
C MET L 57 -8.21 24.91 -37.61
N ASN L 58 -8.71 25.75 -36.71
CA ASN L 58 -9.78 25.38 -35.82
C ASN L 58 -11.07 25.10 -36.59
N SER L 59 -11.32 25.90 -37.62
CA SER L 59 -12.49 25.70 -38.46
C SER L 59 -12.36 24.38 -39.23
N ALA L 60 -11.16 24.13 -39.74
CA ALA L 60 -10.85 22.90 -40.46
C ALA L 60 -11.10 21.69 -39.56
N ALA L 61 -10.56 21.74 -38.35
CA ALA L 61 -10.68 20.65 -37.39
C ALA L 61 -12.12 20.40 -36.97
N GLU L 62 -12.84 21.48 -36.69
CA GLU L 62 -14.23 21.35 -36.28
C GLU L 62 -15.09 20.77 -37.41
N LYS L 63 -14.82 21.19 -38.64
CA LYS L 63 -15.55 20.68 -39.82
C LYS L 63 -15.31 19.20 -40.07
N LEU L 64 -14.03 18.81 -40.02
CA LEU L 64 -13.65 17.42 -40.19
C LEU L 64 -14.33 16.58 -39.14
N MET L 65 -14.27 17.06 -37.91
CA MET L 65 -14.80 16.34 -36.78
C MET L 65 -16.32 16.18 -36.86
N SER L 66 -16.99 17.16 -37.48
CA SER L 66 -18.45 17.11 -37.65
C SER L 66 -18.90 16.18 -38.77
N LYS L 67 -17.97 15.83 -39.65
CA LYS L 67 -18.25 14.94 -40.76
C LYS L 67 -18.17 13.50 -40.28
N TYR L 68 -17.33 13.29 -39.26
CA TYR L 68 -17.05 11.94 -38.73
C TYR L 68 -17.37 11.81 -37.24
N SER L 69 -18.52 11.21 -36.96
CA SER L 69 -19.06 11.06 -35.62
C SER L 69 -18.18 10.20 -34.70
N ASP L 70 -17.24 9.46 -35.26
CA ASP L 70 -16.33 8.67 -34.44
C ASP L 70 -15.28 9.50 -33.71
N VAL L 71 -15.01 10.71 -34.19
CA VAL L 71 -14.08 11.58 -33.48
C VAL L 71 -14.71 12.16 -32.24
N MET L 72 -14.15 11.81 -31.10
CA MET L 72 -14.74 12.16 -29.81
C MET L 72 -14.09 13.41 -29.26
N LEU L 73 -12.85 13.65 -29.66
CA LEU L 73 -12.03 14.71 -29.08
C LEU L 73 -10.93 15.14 -30.03
N ALA L 74 -10.68 16.44 -30.12
CA ALA L 74 -9.60 16.93 -30.96
C ALA L 74 -8.79 17.99 -30.23
N TYR L 75 -7.48 17.95 -30.41
CA TYR L 75 -6.59 18.93 -29.80
C TYR L 75 -5.61 19.48 -30.81
N GLY L 76 -5.53 20.80 -30.87
CA GLY L 76 -4.66 21.45 -31.82
C GLY L 76 -3.88 22.56 -31.18
N ASP L 77 -2.68 22.77 -31.72
CA ASP L 77 -1.87 23.94 -31.42
C ASP L 77 -0.84 24.05 -32.54
N SER L 78 -0.31 25.27 -32.75
CA SER L 78 0.67 25.53 -33.80
C SER L 78 0.12 25.06 -35.13
N ASP L 79 0.88 24.25 -35.86
CA ASP L 79 0.42 23.75 -37.15
C ASP L 79 -0.04 22.30 -37.05
N GLU L 80 -0.43 21.89 -35.85
CA GLU L 80 -0.81 20.50 -35.65
C GLU L 80 -2.18 20.34 -34.99
N TYR L 81 -2.81 19.21 -35.27
CA TYR L 81 -4.02 18.81 -34.58
C TYR L 81 -3.98 17.31 -34.33
N SER L 82 -4.43 16.88 -33.15
CA SER L 82 -4.50 15.45 -32.85
C SER L 82 -5.95 15.06 -32.67
N PHE L 83 -6.35 13.97 -33.31
CA PHE L 83 -7.74 13.52 -33.22
C PHE L 83 -7.85 12.15 -32.57
N LEU L 84 -8.69 12.07 -31.54
CA LEU L 84 -8.98 10.80 -30.88
C LEU L 84 -10.19 10.06 -31.43
N LEU L 85 -9.97 8.86 -31.94
CA LEU L 85 -11.05 7.98 -32.39
C LEU L 85 -11.40 6.95 -31.32
N ARG L 86 -12.70 6.76 -31.09
CA ARG L 86 -13.18 5.80 -30.11
C ARG L 86 -12.71 4.37 -30.43
N LYS L 87 -12.53 3.56 -29.40
CA LYS L 87 -11.85 2.28 -29.59
C LYS L 87 -12.65 1.30 -30.45
N ASN L 88 -13.96 1.49 -30.55
CA ASN L 88 -14.74 0.58 -31.37
C ASN L 88 -15.03 1.14 -32.74
N CYS L 89 -14.28 2.17 -33.12
CA CYS L 89 -14.38 2.78 -34.45
C CYS L 89 -14.13 1.74 -35.54
N GLN L 90 -15.04 1.69 -36.50
CA GLN L 90 -14.93 0.77 -37.63
C GLN L 90 -14.83 1.53 -38.96
N LEU L 91 -14.52 2.83 -38.88
CA LEU L 91 -14.29 3.68 -40.04
C LEU L 91 -13.24 3.10 -41.00
N TYR L 92 -13.66 2.86 -42.24
CA TYR L 92 -12.82 2.24 -43.26
C TYR L 92 -12.22 0.92 -42.80
N GLU L 93 -12.98 0.18 -41.99
CA GLU L 93 -12.53 -1.09 -41.43
C GLU L 93 -11.18 -0.98 -40.70
N ARG L 94 -10.95 0.18 -40.09
CA ARG L 94 -9.74 0.47 -39.35
C ARG L 94 -8.49 0.34 -40.21
N ARG L 95 -8.63 0.51 -41.52
CA ARG L 95 -7.45 0.47 -42.39
C ARG L 95 -6.62 1.74 -42.18
N GLU L 96 -5.37 1.56 -41.78
CA GLU L 96 -4.51 2.68 -41.42
C GLU L 96 -4.23 3.62 -42.57
N MET L 97 -4.01 3.04 -43.74
CA MET L 97 -3.77 3.78 -44.97
C MET L 97 -4.94 4.73 -45.29
N LYS L 98 -6.15 4.24 -45.18
CA LYS L 98 -7.33 5.04 -45.47
C LYS L 98 -7.49 6.16 -44.48
N LEU L 99 -7.39 5.84 -43.20
CA LEU L 99 -7.61 6.81 -42.14
C LEU L 99 -6.63 7.98 -42.22
N THR L 100 -5.36 7.69 -42.41
CA THR L 100 -4.35 8.74 -42.38
C THR L 100 -4.37 9.60 -43.64
N THR L 101 -4.46 8.98 -44.81
CA THR L 101 -4.35 9.74 -46.05
C THR L 101 -5.63 10.55 -46.29
N LEU L 102 -6.74 10.05 -45.75
CA LEU L 102 -7.98 10.82 -45.81
C LEU L 102 -7.94 12.01 -44.88
N PHE L 103 -7.38 11.80 -43.70
CA PHE L 103 -7.25 12.90 -42.75
C PHE L 103 -6.32 14.00 -43.23
N SER L 104 -5.18 13.64 -43.79
CA SER L 104 -4.27 14.68 -44.25
C SER L 104 -4.89 15.41 -45.44
N SER L 105 -5.63 14.69 -46.27
CA SER L 105 -6.34 15.27 -47.40
C SER L 105 -7.47 16.22 -46.95
N LEU L 106 -8.28 15.77 -46.02
CA LEU L 106 -9.38 16.57 -45.49
C LEU L 106 -8.85 17.84 -44.84
N MET L 107 -7.81 17.70 -44.02
CA MET L 107 -7.24 18.86 -43.35
C MET L 107 -6.68 19.83 -44.38
N SER L 108 -6.07 19.28 -45.42
CA SER L 108 -5.50 20.12 -46.46
C SER L 108 -6.55 20.97 -47.16
N THR L 109 -7.64 20.36 -47.56
CA THR L 109 -8.66 21.05 -48.32
C THR L 109 -9.52 21.98 -47.47
N TYR L 110 -9.86 21.56 -46.25
CA TYR L 110 -10.56 22.46 -45.35
C TYR L 110 -9.73 23.69 -45.01
N TYR L 111 -8.43 23.51 -44.82
CA TYR L 111 -7.55 24.62 -44.52
C TYR L 111 -7.53 25.60 -45.69
N MET L 112 -7.39 25.07 -46.91
CA MET L 112 -7.41 25.90 -48.10
C MET L 112 -8.73 26.68 -48.23
N TYR L 113 -9.84 26.02 -47.95
CA TYR L 113 -11.17 26.65 -48.02
C TYR L 113 -11.31 27.81 -47.04
N PHE L 114 -11.04 27.55 -45.76
CA PHE L 114 -11.23 28.54 -44.72
C PHE L 114 -10.21 29.66 -44.83
N TRP L 115 -9.07 29.37 -45.43
CA TRP L 115 -8.08 30.40 -45.68
C TRP L 115 -8.61 31.45 -46.65
N SER L 116 -9.29 31.03 -47.72
CA SER L 116 -9.83 31.97 -48.70
C SER L 116 -10.95 32.79 -48.09
N GLN L 117 -11.57 32.27 -47.04
CA GLN L 117 -12.61 32.98 -46.31
C GLN L 117 -12.01 34.02 -45.36
N TYR L 118 -10.98 33.62 -44.62
CA TYR L 118 -10.35 34.51 -43.63
C TYR L 118 -9.31 35.44 -44.25
N PHE L 119 -8.72 35.00 -45.36
CA PHE L 119 -7.72 35.81 -46.04
C PHE L 119 -8.01 36.01 -47.53
N PRO L 120 -9.11 36.72 -47.86
CA PRO L 120 -9.47 36.96 -49.27
C PRO L 120 -8.38 37.75 -50.00
N ASP L 121 -7.63 38.53 -49.23
CA ASP L 121 -6.53 39.35 -49.74
C ASP L 121 -5.15 38.67 -49.79
N LYS L 122 -5.07 37.43 -49.33
CA LYS L 122 -3.84 36.64 -49.43
C LYS L 122 -4.04 35.38 -50.27
N PRO L 123 -4.19 35.54 -51.59
CA PRO L 123 -4.40 34.35 -52.40
C PRO L 123 -3.24 33.39 -52.31
N LEU L 124 -3.55 32.10 -52.32
CA LEU L 124 -2.54 31.07 -52.15
C LEU L 124 -1.66 30.91 -53.37
N HIS L 125 -0.36 30.76 -53.15
CA HIS L 125 0.54 30.51 -54.25
C HIS L 125 0.70 29.01 -54.45
N ILE L 126 0.79 28.58 -55.71
CA ILE L 126 0.81 27.15 -56.01
C ILE L 126 2.00 26.44 -55.39
N ASP L 127 3.06 27.19 -55.08
CA ASP L 127 4.25 26.59 -54.50
C ASP L 127 4.20 26.69 -52.98
N HIS L 128 3.10 27.23 -52.48
CA HIS L 128 2.90 27.33 -51.04
C HIS L 128 1.47 27.01 -50.64
N LEU L 129 1.01 25.83 -51.01
CA LEU L 129 -0.31 25.37 -50.59
C LEU L 129 -0.18 24.70 -49.23
N PRO L 130 -1.24 24.73 -48.42
CA PRO L 130 -1.12 24.12 -47.10
C PRO L 130 -1.23 22.60 -47.10
N ASN L 131 -0.12 21.92 -46.86
CA ASN L 131 -0.15 20.47 -46.81
C ASN L 131 0.12 19.94 -45.42
N PHE L 132 -0.44 18.77 -45.15
CA PHE L 132 -0.31 18.16 -43.84
C PHE L 132 0.07 16.71 -44.02
N ASP L 133 0.92 16.17 -43.13
CA ASP L 133 1.09 14.72 -43.07
C ASP L 133 0.07 14.18 -42.06
N ALA L 134 0.01 12.87 -41.92
CA ALA L 134 -0.83 12.27 -40.89
C ALA L 134 -0.32 10.90 -40.52
N ARG L 135 -0.32 10.62 -39.22
CA ARG L 135 0.07 9.31 -38.72
C ARG L 135 -0.97 8.83 -37.73
N ALA L 136 -1.12 7.50 -37.69
CA ALA L 136 -1.99 6.83 -36.74
C ALA L 136 -1.19 6.16 -35.64
N VAL L 137 -1.65 6.33 -34.41
CA VAL L 137 -1.01 5.67 -33.28
C VAL L 137 -2.03 4.90 -32.45
N LEU L 138 -1.69 3.67 -32.07
CA LEU L 138 -2.60 2.86 -31.26
C LEU L 138 -2.26 2.96 -29.77
N TYR L 139 -3.29 3.14 -28.94
CA TYR L 139 -3.13 3.14 -27.50
C TYR L 139 -4.13 2.18 -26.85
N PRO L 140 -3.63 1.19 -26.10
CA PRO L 140 -4.49 0.11 -25.60
C PRO L 140 -5.28 0.46 -24.35
N ASP L 141 -5.01 1.60 -23.75
CA ASP L 141 -5.67 1.99 -22.50
C ASP L 141 -5.90 3.49 -22.50
N PHE L 142 -7.02 3.92 -21.95
CA PHE L 142 -7.40 5.33 -21.95
C PHE L 142 -6.43 6.19 -21.16
N LYS L 143 -5.70 5.60 -20.21
CA LYS L 143 -4.71 6.38 -19.46
C LYS L 143 -3.63 6.89 -20.39
N HIS L 144 -3.39 6.19 -21.49
CA HIS L 144 -2.39 6.60 -22.46
C HIS L 144 -2.93 7.73 -23.34
N ILE L 145 -4.24 7.76 -23.52
CA ILE L 145 -4.86 8.84 -24.27
C ILE L 145 -4.74 10.14 -23.48
N ARG L 146 -5.03 10.08 -22.19
CA ARG L 146 -4.82 11.22 -21.30
C ARG L 146 -3.38 11.72 -21.33
N ASN L 147 -2.42 10.80 -21.20
CA ASN L 147 -1.02 11.21 -21.18
C ASN L 147 -0.59 11.79 -22.52
N TYR L 148 -1.21 11.31 -23.59
CA TYR L 148 -0.89 11.83 -24.92
C TYR L 148 -1.30 13.29 -25.07
N PHE L 149 -2.53 13.60 -24.68
CA PHE L 149 -3.00 14.96 -24.82
C PHE L 149 -2.29 15.84 -23.80
N SER L 150 -1.98 15.27 -22.65
CA SER L 150 -1.14 15.96 -21.68
C SER L 150 0.21 16.27 -22.29
N TRP L 151 0.78 15.30 -23.00
CA TRP L 151 2.03 15.50 -23.72
C TRP L 151 1.96 16.66 -24.71
N ARG L 152 0.86 16.72 -25.47
CA ARG L 152 0.72 17.76 -26.50
C ARG L 152 0.46 19.14 -25.93
N GLN L 153 -0.29 19.22 -24.82
CA GLN L 153 -0.57 20.52 -24.24
C GLN L 153 0.63 21.09 -23.50
N VAL L 154 1.42 20.24 -22.84
CA VAL L 154 2.64 20.70 -22.19
C VAL L 154 3.60 21.29 -23.23
N ASP L 155 3.66 20.64 -24.37
CA ASP L 155 4.51 21.09 -25.47
C ASP L 155 4.00 22.40 -26.04
N CYS L 156 2.68 22.56 -26.03
CA CYS L 156 2.07 23.79 -26.47
C CYS L 156 2.43 24.97 -25.56
N HIS L 157 2.41 24.71 -24.26
CA HIS L 157 2.80 25.72 -23.28
C HIS L 157 4.27 26.14 -23.48
N ILE L 158 5.15 25.15 -23.55
CA ILE L 158 6.60 25.38 -23.67
C ILE L 158 7.01 26.14 -24.93
N ASN L 159 6.45 25.75 -26.07
CA ASN L 159 6.82 26.39 -27.34
C ASN L 159 6.26 27.80 -27.42
N ASN L 160 5.06 28.01 -26.89
CA ASN L 160 4.44 29.31 -26.96
C ASN L 160 5.16 30.28 -26.03
N LEU L 161 5.52 29.80 -24.86
CA LEU L 161 6.24 30.60 -23.88
C LEU L 161 7.58 31.02 -24.52
N TYR L 162 8.23 30.09 -25.21
CA TYR L 162 9.47 30.37 -25.91
C TYR L 162 9.24 31.38 -27.02
N ASN L 163 8.24 31.11 -27.86
CA ASN L 163 7.98 31.96 -29.01
C ASN L 163 7.52 33.36 -28.65
N THR L 164 6.73 33.47 -27.58
CA THR L 164 6.24 34.77 -27.16
C THR L 164 7.40 35.61 -26.65
N THR L 165 8.29 34.96 -25.92
CA THR L 165 9.50 35.60 -25.42
C THR L 165 10.43 35.98 -26.56
N PHE L 166 10.67 35.03 -27.45
CA PHE L 166 11.57 35.21 -28.58
C PHE L 166 11.18 36.42 -29.43
N TRP L 167 9.92 36.47 -29.85
CA TRP L 167 9.43 37.48 -30.79
C TRP L 167 9.25 38.84 -30.14
N ASN L 168 9.05 38.86 -28.84
CA ASN L 168 9.02 40.15 -28.15
C ASN L 168 10.43 40.70 -28.09
N LEU L 169 11.42 39.82 -27.96
CA LEU L 169 12.82 40.25 -28.04
C LEU L 169 13.11 40.85 -29.42
N VAL L 170 12.57 40.22 -30.46
CA VAL L 170 12.80 40.69 -31.83
C VAL L 170 12.04 41.96 -32.14
N LEU L 171 10.77 42.00 -31.79
CA LEU L 171 9.93 43.13 -32.19
C LEU L 171 10.05 44.32 -31.24
N LYS L 172 10.05 44.07 -29.94
CA LYS L 172 10.18 45.16 -28.97
C LYS L 172 11.61 45.61 -28.68
N LEU L 173 12.50 44.66 -28.41
CA LEU L 173 13.89 45.04 -28.13
C LEU L 173 14.74 45.14 -29.39
N LYS L 174 14.09 44.96 -30.54
CA LYS L 174 14.73 45.09 -31.84
C LYS L 174 15.99 44.23 -32.02
N MET L 175 16.03 43.08 -31.35
CA MET L 175 17.08 42.08 -31.59
C MET L 175 16.85 41.39 -32.93
N THR L 176 17.92 40.92 -33.57
CA THR L 176 17.75 40.05 -34.73
C THR L 176 17.41 38.65 -34.22
N PRO L 177 16.76 37.82 -35.07
CA PRO L 177 16.45 36.44 -34.68
C PRO L 177 17.62 35.65 -34.09
N GLN L 178 18.82 35.76 -34.65
CA GLN L 178 19.94 34.98 -34.16
C GLN L 178 20.29 35.44 -32.75
N GLN L 179 20.22 36.75 -32.49
CA GLN L 179 20.57 37.23 -31.16
C GLN L 179 19.48 36.98 -30.13
N ALA L 180 18.22 36.93 -30.58
CA ALA L 180 17.12 36.56 -29.70
C ALA L 180 17.23 35.13 -29.19
N GLU L 181 17.60 34.24 -30.11
CA GLU L 181 17.77 32.83 -29.80
C GLU L 181 18.90 32.58 -28.82
N GLN L 182 20.00 33.27 -29.08
CA GLN L 182 21.18 33.18 -28.25
C GLN L 182 20.87 33.68 -26.85
N ARG L 183 20.01 34.69 -26.77
CA ARG L 183 19.60 35.24 -25.50
C ARG L 183 18.82 34.20 -24.68
N LEU L 184 18.11 33.32 -25.39
CA LEU L 184 17.25 32.35 -24.72
C LEU L 184 17.88 30.98 -24.45
N MET L 185 18.97 30.65 -25.12
CA MET L 185 19.62 29.36 -24.87
C MET L 185 20.06 29.22 -23.42
N GLY L 186 19.64 28.16 -22.74
CA GLY L 186 20.04 27.97 -21.36
C GLY L 186 19.03 28.53 -20.38
N THR L 187 17.81 28.79 -20.85
CA THR L 187 16.77 29.40 -20.02
C THR L 187 15.59 28.50 -19.68
N VAL L 188 15.11 28.62 -18.44
CA VAL L 188 13.90 27.94 -18.02
C VAL L 188 12.72 28.91 -18.00
N ALA L 189 11.54 28.42 -17.65
CA ALA L 189 10.30 29.18 -17.74
C ALA L 189 10.34 30.48 -16.95
N SER L 190 10.89 30.45 -15.75
CA SER L 190 10.96 31.66 -14.94
C SER L 190 11.89 32.70 -15.58
N ASP L 191 12.95 32.25 -16.25
CA ASP L 191 13.86 33.19 -16.93
C ASP L 191 13.14 33.91 -18.03
N LYS L 192 12.41 33.13 -18.84
CA LYS L 192 11.68 33.67 -19.97
C LYS L 192 10.59 34.63 -19.52
N ASN L 193 9.92 34.26 -18.45
CA ASN L 193 8.89 35.08 -17.84
C ASN L 193 9.45 36.44 -17.38
N GLU L 194 10.62 36.40 -16.75
CA GLU L 194 11.28 37.61 -16.24
C GLU L 194 11.70 38.54 -17.37
N ILE L 195 12.29 37.97 -18.41
CA ILE L 195 12.69 38.73 -19.59
C ILE L 195 11.47 39.42 -20.17
N LEU L 196 10.37 38.69 -20.24
CA LEU L 196 9.11 39.25 -20.75
C LEU L 196 8.61 40.35 -19.86
N PHE L 197 8.64 40.14 -18.55
CA PHE L 197 8.11 41.12 -17.62
C PHE L 197 9.05 42.32 -17.53
N LYS L 198 10.29 42.06 -17.13
CA LYS L 198 11.23 43.15 -16.85
C LYS L 198 11.72 43.90 -18.10
N GLU L 199 11.94 43.17 -19.18
CA GLU L 199 12.52 43.76 -20.38
C GLU L 199 11.52 44.10 -21.47
N CYS L 200 10.39 43.40 -21.55
CA CYS L 200 9.47 43.64 -22.64
C CYS L 200 8.15 44.26 -22.18
N GLY L 201 7.94 44.31 -20.86
CA GLY L 201 6.71 44.82 -20.29
C GLY L 201 5.51 43.97 -20.64
N VAL L 202 5.72 42.67 -20.77
CA VAL L 202 4.63 41.77 -21.10
C VAL L 202 4.30 40.73 -20.03
N ASN L 203 3.05 40.72 -19.63
CA ASN L 203 2.49 39.73 -18.73
C ASN L 203 1.99 38.56 -19.57
N TYR L 204 2.66 37.41 -19.50
CA TYR L 204 2.36 36.27 -20.35
C TYR L 204 0.94 35.79 -20.13
N ASN L 205 0.46 35.88 -18.90
CA ASN L 205 -0.88 35.44 -18.56
C ASN L 205 -1.98 36.21 -19.33
N ASN L 206 -1.66 37.38 -19.87
CA ASN L 206 -2.66 38.15 -20.62
C ASN L 206 -2.72 37.74 -22.08
N GLU L 207 -1.83 36.84 -22.47
CA GLU L 207 -1.88 36.27 -23.80
C GLU L 207 -3.23 35.56 -23.92
N SER L 208 -3.75 35.45 -25.14
CA SER L 208 -5.01 34.74 -25.37
C SER L 208 -4.96 33.37 -24.68
N GLU L 209 -6.09 32.97 -24.09
CA GLU L 209 -6.17 31.68 -23.44
C GLU L 209 -5.88 30.60 -24.48
N MET L 210 -6.32 30.84 -25.70
CA MET L 210 -6.06 29.94 -26.81
C MET L 210 -4.55 29.78 -27.08
N TYR L 211 -3.80 30.89 -27.04
CA TYR L 211 -2.35 30.81 -27.28
C TYR L 211 -1.59 30.03 -26.20
N LYS L 212 -2.00 30.20 -24.95
CA LYS L 212 -1.27 29.61 -23.83
C LYS L 212 -1.63 28.14 -23.73
N LYS L 213 -2.90 27.82 -24.00
CA LYS L 213 -3.44 26.49 -23.76
C LYS L 213 -3.72 25.67 -25.03
N GLY L 214 -3.87 26.34 -26.18
CA GLY L 214 -4.27 25.65 -27.39
C GLY L 214 -5.77 25.50 -27.52
N THR L 215 -6.22 24.60 -28.40
CA THR L 215 -7.64 24.45 -28.66
C THR L 215 -8.15 23.02 -28.53
N ILE L 216 -9.16 22.84 -27.68
CA ILE L 216 -9.83 21.55 -27.52
C ILE L 216 -11.21 21.54 -28.16
N ILE L 217 -11.44 20.60 -29.06
CA ILE L 217 -12.76 20.39 -29.62
C ILE L 217 -13.28 19.05 -29.13
N VAL L 218 -14.38 19.05 -28.39
CA VAL L 218 -14.87 17.80 -27.83
C VAL L 218 -16.34 17.59 -28.20
N ARG L 219 -16.71 16.35 -28.49
CA ARG L 219 -18.10 15.98 -28.75
C ARG L 219 -18.88 15.87 -27.44
N GLU L 220 -19.97 16.63 -27.34
CA GLU L 220 -20.75 16.61 -26.11
C GLU L 220 -22.06 15.85 -26.25
N PHE L 221 -22.25 14.93 -25.30
CA PHE L 221 -23.46 14.14 -25.13
C PHE L 221 -24.11 14.54 -23.81
N GLU L 222 -25.44 14.56 -23.77
CA GLU L 222 -26.13 14.99 -22.56
C GLU L 222 -26.51 13.82 -21.67
N ASN L 223 -27.25 12.87 -22.22
CA ASN L 223 -27.71 11.74 -21.44
C ASN L 223 -26.92 10.47 -21.72
N ALA L 247 -25.05 14.95 -32.03
CA ALA L 247 -24.33 15.55 -30.92
C ALA L 247 -23.74 16.90 -31.32
N GLU L 248 -23.35 17.70 -30.32
CA GLU L 248 -22.92 19.06 -30.59
C GLU L 248 -21.44 19.23 -30.24
N LEU L 249 -20.75 19.99 -31.09
CA LEU L 249 -19.33 20.23 -30.95
C LEU L 249 -19.03 21.49 -30.18
N LYS L 250 -18.32 21.34 -29.07
CA LYS L 250 -17.98 22.51 -28.26
C LYS L 250 -16.46 22.69 -28.24
N ILE L 251 -16.04 23.94 -28.26
CA ILE L 251 -14.63 24.31 -28.30
C ILE L 251 -14.20 24.88 -26.96
N TYR L 252 -13.05 24.42 -26.45
CA TYR L 252 -12.54 24.87 -25.17
C TYR L 252 -11.09 25.27 -25.27
N HIS L 253 -10.67 26.14 -24.36
CA HIS L 253 -9.26 26.50 -24.24
C HIS L 253 -8.82 26.40 -22.78
N VAL L 254 -8.77 25.17 -22.27
CA VAL L 254 -8.53 24.95 -20.85
C VAL L 254 -7.43 23.92 -20.59
N ASP L 255 -6.94 23.89 -19.35
CA ASP L 255 -6.02 22.85 -18.91
C ASP L 255 -6.74 21.50 -18.91
N ILE L 256 -6.13 20.49 -19.51
CA ILE L 256 -6.66 19.13 -19.43
C ILE L 256 -5.65 18.18 -18.78
N ILE L 257 -4.49 18.73 -18.42
CA ILE L 257 -3.43 17.96 -17.79
C ILE L 257 -3.78 17.56 -16.36
N ASN L 258 -4.19 18.54 -15.55
CA ASN L 258 -4.39 18.30 -14.12
C ASN L 258 -5.87 18.33 -13.69
N ASP L 259 -6.76 18.72 -14.60
CA ASP L 259 -8.18 18.79 -14.28
C ASP L 259 -8.81 17.43 -14.58
N ASP L 260 -8.70 16.51 -13.62
CA ASP L 260 -9.25 15.16 -13.76
C ASP L 260 -10.76 15.12 -13.96
N SER L 261 -11.46 16.04 -13.29
CA SER L 261 -12.91 16.09 -13.37
C SER L 261 -13.42 16.40 -14.78
N TRP L 262 -12.62 17.14 -15.54
CA TRP L 262 -12.98 17.48 -16.92
C TRP L 262 -13.17 16.20 -17.76
N TRP L 263 -12.27 15.24 -17.55
CA TRP L 263 -12.33 13.95 -18.23
C TRP L 263 -13.36 13.02 -17.62
N LYS L 264 -13.37 12.97 -16.30
CA LYS L 264 -14.27 12.11 -15.56
C LYS L 264 -15.72 12.43 -15.88
N SER L 265 -16.00 13.71 -16.11
CA SER L 265 -17.34 14.15 -16.44
C SER L 265 -17.67 13.95 -17.91
N ARG L 266 -16.74 13.32 -18.63
CA ARG L 266 -16.94 13.01 -20.05
C ARG L 266 -16.63 11.55 -20.34
N PRO L 267 -17.39 10.63 -19.71
CA PRO L 267 -17.09 9.19 -19.80
C PRO L 267 -17.25 8.58 -21.19
N TRP L 268 -18.00 9.23 -22.09
CA TRP L 268 -18.20 8.69 -23.44
C TRP L 268 -16.93 8.74 -24.30
N LEU L 269 -15.95 9.50 -23.84
CA LEU L 269 -14.63 9.57 -24.49
C LEU L 269 -13.85 8.28 -24.39
N LYS L 270 -14.04 7.56 -23.29
CA LYS L 270 -13.29 6.33 -23.04
C LYS L 270 -13.92 5.13 -23.73
N ASP L 271 -15.18 5.26 -24.13
CA ASP L 271 -15.95 4.13 -24.62
C ASP L 271 -16.16 4.20 -26.13
N SER M 7 -27.88 -12.73 34.85
CA SER M 7 -27.47 -12.82 36.25
C SER M 7 -27.74 -11.50 36.98
N LYS M 8 -28.24 -11.62 38.20
CA LYS M 8 -28.56 -10.49 39.07
C LYS M 8 -27.36 -10.03 39.91
N TYR M 9 -26.27 -10.77 39.83
CA TYR M 9 -25.11 -10.48 40.65
C TYR M 9 -23.91 -9.96 39.85
N GLU M 10 -23.95 -10.09 38.52
CA GLU M 10 -22.78 -9.78 37.71
C GLU M 10 -22.48 -8.28 37.61
N TYR M 11 -23.40 -7.46 38.09
CA TYR M 11 -23.17 -6.00 38.13
C TYR M 11 -21.94 -5.61 38.95
N VAL M 12 -21.55 -6.45 39.88
CA VAL M 12 -20.44 -6.17 40.78
C VAL M 12 -19.11 -6.02 40.02
N LYS M 13 -19.08 -6.50 38.79
CA LYS M 13 -17.91 -6.35 37.92
C LYS M 13 -17.64 -4.87 37.60
N LEU M 14 -18.69 -4.05 37.67
CA LEU M 14 -18.60 -2.64 37.32
C LEU M 14 -17.82 -1.81 38.35
N PHE M 15 -17.49 -2.42 39.49
CA PHE M 15 -16.74 -1.70 40.51
C PHE M 15 -15.23 -1.73 40.26
N GLU M 16 -14.82 -2.55 39.31
CA GLU M 16 -13.39 -2.64 39.00
C GLU M 16 -12.92 -1.38 38.28
N LYS M 17 -11.68 -0.97 38.59
CA LYS M 17 -11.04 0.18 37.96
C LYS M 17 -9.69 -0.24 37.39
N GLU M 18 -9.57 -0.17 36.06
CA GLU M 18 -8.33 -0.46 35.38
C GLU M 18 -7.48 0.81 35.27
N ASN M 19 -6.16 0.66 35.31
CA ASN M 19 -5.30 1.80 35.12
C ASN M 19 -4.45 1.56 33.89
N TYR M 20 -4.80 2.22 32.79
CA TYR M 20 -4.04 2.14 31.56
C TYR M 20 -2.90 3.14 31.50
N LEU M 21 -1.68 2.63 31.46
CA LEU M 21 -0.49 3.48 31.49
C LEU M 21 -0.35 4.32 30.21
N LEU M 22 -0.04 5.60 30.40
CA LEU M 22 0.16 6.60 29.34
C LEU M 22 0.92 6.03 28.14
N PRO M 23 0.33 6.12 26.94
CA PRO M 23 0.96 5.60 25.72
C PRO M 23 2.31 6.23 25.43
N ASP M 24 3.15 5.54 24.68
CA ASP M 24 4.39 6.12 24.17
C ASP M 24 5.29 6.60 25.31
N THR M 25 5.22 5.94 26.45
CA THR M 25 6.06 6.33 27.57
C THR M 25 6.90 5.15 27.99
N TYR M 26 8.14 5.40 28.39
CA TYR M 26 8.98 4.33 28.87
C TYR M 26 8.43 3.78 30.17
N ILE M 27 8.40 2.46 30.28
CA ILE M 27 7.99 1.83 31.52
C ILE M 27 9.15 1.10 32.18
N ILE M 28 9.38 1.41 33.45
CA ILE M 28 10.28 0.63 34.27
C ILE M 28 9.47 -0.23 35.21
N ILE M 29 9.75 -1.52 35.22
CA ILE M 29 9.18 -2.35 36.25
C ILE M 29 10.31 -2.77 37.17
N ARG M 30 10.19 -2.41 38.43
CA ARG M 30 11.22 -2.77 39.39
C ARG M 30 10.62 -3.79 40.30
N VAL M 31 11.33 -4.89 40.43
CA VAL M 31 10.95 -5.91 41.34
C VAL M 31 11.99 -5.97 42.45
N ASP M 32 11.52 -6.22 43.69
CA ASP M 32 12.40 -6.31 44.85
C ASP M 32 11.94 -7.39 45.82
N GLY M 33 12.87 -8.22 46.26
CA GLY M 33 12.53 -9.32 47.14
C GLY M 33 11.90 -8.92 48.44
N LYS M 34 10.82 -9.58 48.83
CA LYS M 34 10.19 -9.25 50.10
C LYS M 34 10.89 -9.94 51.27
N GLY M 35 11.40 -9.13 52.21
CA GLY M 35 12.05 -9.67 53.38
C GLY M 35 13.26 -10.55 53.09
N PHE M 36 14.10 -10.12 52.15
CA PHE M 36 15.25 -10.91 51.77
C PHE M 36 16.39 -10.79 52.78
N HIS M 37 16.28 -9.87 53.72
CA HIS M 37 17.20 -9.91 54.85
C HIS M 37 16.99 -11.19 55.63
N LYS M 38 15.75 -11.42 56.04
CA LYS M 38 15.39 -12.65 56.72
C LYS M 38 15.63 -13.87 55.82
N PHE M 39 15.31 -13.74 54.54
CA PHE M 39 15.46 -14.85 53.59
C PHE M 39 16.93 -15.28 53.51
N SER M 40 17.83 -14.31 53.43
CA SER M 40 19.25 -14.60 53.32
C SER M 40 19.84 -15.16 54.60
N GLN M 41 19.23 -14.83 55.74
CA GLN M 41 19.65 -15.40 57.02
C GLN M 41 19.20 -16.85 57.12
N PHE M 42 17.92 -17.08 56.82
CA PHE M 42 17.38 -18.42 56.93
C PHE M 42 18.14 -19.41 56.05
N TYR M 43 18.48 -18.99 54.84
CA TYR M 43 19.15 -19.90 53.95
C TYR M 43 20.67 -19.71 53.95
N GLU M 44 21.15 -18.96 54.94
CA GLU M 44 22.59 -18.83 55.19
C GLU M 44 23.43 -18.40 53.99
N PHE M 45 23.03 -17.30 53.37
CA PHE M 45 23.79 -16.65 52.31
C PHE M 45 25.20 -16.33 52.76
N GLU M 46 26.16 -16.48 51.85
CA GLU M 46 27.50 -15.96 52.06
C GLU M 46 27.41 -14.45 52.20
N LYS M 47 28.31 -13.88 53.00
CA LYS M 47 28.32 -12.43 53.20
C LYS M 47 29.69 -11.89 52.78
N PRO M 48 29.73 -10.67 52.20
CA PRO M 48 28.63 -9.76 51.92
C PRO M 48 27.79 -10.22 50.73
N ASN M 49 28.44 -10.90 49.79
CA ASN M 49 27.77 -11.37 48.58
C ASN M 49 27.84 -12.87 48.38
N ASP M 50 26.68 -13.48 48.11
CA ASP M 50 26.57 -14.89 47.77
C ASP M 50 26.48 -15.05 46.26
N LEU M 51 27.52 -15.60 45.65
CA LEU M 51 27.59 -15.68 44.20
C LEU M 51 26.43 -16.49 43.61
N LYS M 52 26.15 -17.66 44.16
CA LYS M 52 25.11 -18.49 43.58
C LYS M 52 23.71 -17.88 43.78
N ALA M 53 23.51 -17.19 44.89
CA ALA M 53 22.24 -16.51 45.13
C ALA M 53 21.98 -15.42 44.11
N LEU M 54 23.04 -14.69 43.76
CA LEU M 54 22.94 -13.67 42.71
C LEU M 54 22.75 -14.27 41.33
N GLN M 55 23.33 -15.45 41.12
CA GLN M 55 23.20 -16.12 39.84
C GLN M 55 21.80 -16.67 39.67
N VAL M 56 21.15 -17.04 40.78
CA VAL M 56 19.74 -17.42 40.75
C VAL M 56 18.89 -16.22 40.30
N MET M 57 19.14 -15.03 40.85
CA MET M 57 18.41 -13.82 40.43
C MET M 57 18.63 -13.56 38.96
N ASN M 58 19.88 -13.65 38.56
CA ASN M 58 20.28 -13.33 37.20
C ASN M 58 19.67 -14.32 36.22
N SER M 59 19.61 -15.58 36.62
CA SER M 59 18.99 -16.60 35.78
C SER M 59 17.50 -16.32 35.64
N ALA M 60 16.86 -15.97 36.76
CA ALA M 60 15.45 -15.63 36.79
C ALA M 60 15.11 -14.46 35.84
N ALA M 61 15.87 -13.38 35.96
CA ALA M 61 15.63 -12.17 35.15
C ALA M 61 15.81 -12.42 33.66
N GLU M 62 16.86 -13.14 33.30
CA GLU M 62 17.10 -13.43 31.89
C GLU M 62 15.98 -14.31 31.30
N LYS M 63 15.49 -15.26 32.08
CA LYS M 63 14.42 -16.13 31.62
C LYS M 63 13.15 -15.33 31.36
N LEU M 64 12.81 -14.45 32.31
CA LEU M 64 11.66 -13.57 32.14
C LEU M 64 11.85 -12.74 30.89
N MET M 65 13.05 -12.18 30.76
CA MET M 65 13.37 -11.27 29.68
C MET M 65 13.33 -11.92 28.31
N SER M 66 13.66 -13.21 28.23
CA SER M 66 13.63 -13.91 26.96
C SER M 66 12.19 -14.26 26.58
N LYS M 67 11.31 -14.21 27.58
CA LYS M 67 9.90 -14.51 27.37
C LYS M 67 9.16 -13.27 26.86
N TYR M 68 9.63 -12.09 27.22
CA TYR M 68 8.95 -10.86 26.84
C TYR M 68 9.84 -9.93 26.05
N SER M 69 9.65 -9.95 24.74
CA SER M 69 10.48 -9.20 23.82
C SER M 69 10.35 -7.68 24.01
N ASP M 70 9.33 -7.25 24.74
CA ASP M 70 9.19 -5.82 25.02
C ASP M 70 10.21 -5.36 26.05
N VAL M 71 10.74 -6.28 26.83
CA VAL M 71 11.80 -5.93 27.77
C VAL M 71 13.11 -5.73 27.03
N MET M 72 13.63 -4.50 27.08
CA MET M 72 14.81 -4.14 26.30
C MET M 72 16.10 -4.21 27.10
N LEU M 73 15.99 -4.01 28.41
CA LEU M 73 17.14 -3.86 29.26
C LEU M 73 16.80 -4.23 30.68
N ALA M 74 17.70 -4.94 31.35
CA ALA M 74 17.45 -5.27 32.74
C ALA M 74 18.68 -5.01 33.59
N TYR M 75 18.45 -4.49 34.78
CA TYR M 75 19.52 -4.23 35.72
C TYR M 75 19.15 -4.78 37.08
N GLY M 76 20.05 -5.57 37.66
CA GLY M 76 19.79 -6.16 38.94
C GLY M 76 20.99 -6.04 39.83
N ASP M 77 20.70 -5.94 41.12
CA ASP M 77 21.70 -6.06 42.15
C ASP M 77 20.93 -6.34 43.45
N SER M 78 21.61 -6.95 44.41
CA SER M 78 21.01 -7.32 45.69
C SER M 78 19.76 -8.19 45.43
N ASP M 79 18.62 -7.84 46.02
CA ASP M 79 17.41 -8.62 45.81
C ASP M 79 16.45 -7.93 44.84
N GLU M 80 16.99 -7.08 43.98
CA GLU M 80 16.13 -6.33 43.09
C GLU M 80 16.51 -6.44 41.63
N TYR M 81 15.51 -6.27 40.78
CA TYR M 81 15.74 -6.14 39.34
C TYR M 81 14.83 -5.10 38.76
N SER M 82 15.36 -4.32 37.82
CA SER M 82 14.57 -3.33 37.12
C SER M 82 14.51 -3.69 35.65
N PHE M 83 13.31 -3.66 35.07
CA PHE M 83 13.14 -4.01 33.66
C PHE M 83 12.61 -2.81 32.88
N LEU M 84 13.33 -2.48 31.81
CA LEU M 84 12.93 -1.43 30.88
C LEU M 84 12.10 -2.00 29.75
N LEU M 85 10.88 -1.51 29.64
CA LEU M 85 10.00 -1.87 28.53
C LEU M 85 10.05 -0.80 27.44
N ARG M 86 10.13 -1.24 26.19
CA ARG M 86 10.20 -0.29 25.09
C ARG M 86 8.95 0.58 25.12
N LYS M 87 9.12 1.80 24.64
CA LYS M 87 8.13 2.84 24.81
C LYS M 87 6.80 2.62 24.11
N ASN M 88 6.80 1.79 23.07
CA ASN M 88 5.59 1.48 22.31
C ASN M 88 4.99 0.14 22.71
N CYS M 89 5.40 -0.36 23.87
CA CYS M 89 4.84 -1.59 24.43
C CYS M 89 3.32 -1.59 24.61
N GLN M 90 2.68 -2.64 24.09
CA GLN M 90 1.24 -2.81 24.22
C GLN M 90 0.90 -4.09 24.97
N LEU M 91 1.88 -4.64 25.66
CA LEU M 91 1.71 -5.81 26.52
C LEU M 91 0.58 -5.58 27.53
N TYR M 92 -0.43 -6.45 27.46
CA TYR M 92 -1.63 -6.35 28.30
C TYR M 92 -2.28 -4.98 28.19
N GLU M 93 -2.21 -4.38 27.01
CA GLU M 93 -2.75 -3.04 26.76
C GLU M 93 -2.27 -2.02 27.76
N ARG M 94 -1.02 -2.21 28.20
CA ARG M 94 -0.39 -1.31 29.16
C ARG M 94 -1.17 -1.19 30.47
N ARG M 95 -1.93 -2.23 30.80
CA ARG M 95 -2.68 -2.26 32.07
C ARG M 95 -1.69 -2.49 33.21
N GLU M 96 -1.65 -1.55 34.14
CA GLU M 96 -0.66 -1.59 35.22
C GLU M 96 -0.78 -2.82 36.11
N MET M 97 -2.02 -3.17 36.45
CA MET M 97 -2.31 -4.34 37.25
C MET M 97 -1.77 -5.61 36.65
N LYS M 98 -1.99 -5.78 35.35
CA LYS M 98 -1.55 -6.98 34.66
C LYS M 98 -0.03 -7.02 34.63
N LEU M 99 0.59 -5.92 34.26
CA LEU M 99 2.04 -5.84 34.12
C LEU M 99 2.77 -6.12 35.44
N THR M 100 2.31 -5.49 36.52
CA THR M 100 3.01 -5.59 37.78
C THR M 100 2.78 -6.94 38.43
N THR M 101 1.56 -7.43 38.43
CA THR M 101 1.30 -8.67 39.15
C THR M 101 1.87 -9.86 38.38
N LEU M 102 2.00 -9.73 37.06
CA LEU M 102 2.67 -10.78 36.31
C LEU M 102 4.18 -10.82 36.52
N PHE M 103 4.82 -9.65 36.60
CA PHE M 103 6.26 -9.62 36.85
C PHE M 103 6.59 -10.15 38.23
N SER M 104 5.81 -9.76 39.24
CA SER M 104 6.10 -10.24 40.59
C SER M 104 5.83 -11.74 40.71
N SER M 105 4.82 -12.20 39.99
CA SER M 105 4.53 -13.62 39.95
C SER M 105 5.65 -14.39 39.25
N LEU M 106 6.06 -13.89 38.08
CA LEU M 106 7.12 -14.51 37.29
C LEU M 106 8.47 -14.54 38.00
N MET M 107 8.88 -13.42 38.58
CA MET M 107 10.18 -13.41 39.26
C MET M 107 10.16 -14.37 40.43
N SER M 108 9.03 -14.44 41.12
CA SER M 108 8.88 -15.34 42.25
C SER M 108 9.05 -16.80 41.86
N THR M 109 8.35 -17.20 40.81
CA THR M 109 8.35 -18.61 40.40
C THR M 109 9.62 -19.05 39.67
N TYR M 110 10.18 -18.19 38.83
CA TYR M 110 11.46 -18.49 38.20
C TYR M 110 12.57 -18.61 39.26
N TYR M 111 12.52 -17.75 40.26
CA TYR M 111 13.49 -17.77 41.35
C TYR M 111 13.41 -19.08 42.08
N MET M 112 12.18 -19.48 42.41
CA MET M 112 11.94 -20.74 43.07
C MET M 112 12.47 -21.90 42.25
N TYR M 113 12.24 -21.84 40.94
CA TYR M 113 12.73 -22.87 40.02
C TYR M 113 14.25 -23.01 40.02
N PHE M 114 14.93 -21.89 39.78
CA PHE M 114 16.38 -21.85 39.63
C PHE M 114 17.15 -22.11 40.93
N TRP M 115 16.51 -21.84 42.06
CA TRP M 115 17.09 -22.13 43.36
C TRP M 115 17.31 -23.63 43.53
N SER M 116 16.35 -24.44 43.11
CA SER M 116 16.47 -25.89 43.26
C SER M 116 17.62 -26.41 42.38
N GLN M 117 17.98 -25.64 41.34
CA GLN M 117 19.11 -26.00 40.50
C GLN M 117 20.44 -25.65 41.17
N TYR M 118 20.55 -24.44 41.72
CA TYR M 118 21.81 -24.01 42.32
C TYR M 118 22.02 -24.50 43.75
N PHE M 119 20.92 -24.74 44.46
CA PHE M 119 20.99 -25.21 45.83
C PHE M 119 20.16 -26.46 46.08
N PRO M 120 20.55 -27.58 45.43
CA PRO M 120 19.80 -28.82 45.61
C PRO M 120 19.80 -29.26 47.05
N ASP M 121 20.84 -28.86 47.79
CA ASP M 121 21.01 -29.18 49.20
C ASP M 121 20.40 -28.19 50.19
N LYS M 122 19.80 -27.11 49.70
CA LYS M 122 19.07 -26.20 50.55
C LYS M 122 17.63 -26.15 50.12
N PRO M 123 16.86 -27.22 50.37
CA PRO M 123 15.47 -27.16 49.93
C PRO M 123 14.70 -26.03 50.58
N LEU M 124 13.80 -25.40 49.81
CA LEU M 124 13.08 -24.24 50.30
C LEU M 124 12.03 -24.64 51.33
N HIS M 125 11.94 -23.83 52.38
CA HIS M 125 10.94 -24.01 53.42
C HIS M 125 9.69 -23.19 53.08
N ILE M 126 8.51 -23.75 53.36
CA ILE M 126 7.26 -23.09 52.95
C ILE M 126 7.06 -21.72 53.59
N ASP M 127 7.74 -21.47 54.71
CA ASP M 127 7.58 -20.19 55.40
C ASP M 127 8.68 -19.23 54.97
N HIS M 128 9.50 -19.68 54.04
CA HIS M 128 10.56 -18.86 53.50
C HIS M 128 10.71 -19.07 51.98
N LEU M 129 9.61 -18.86 51.26
CA LEU M 129 9.63 -18.91 49.80
C LEU M 129 10.00 -17.53 49.28
N PRO M 130 10.63 -17.47 48.10
CA PRO M 130 11.04 -16.17 47.57
C PRO M 130 9.91 -15.36 46.95
N ASN M 131 9.52 -14.28 47.62
CA ASN M 131 8.47 -13.42 47.09
C ASN M 131 9.01 -12.05 46.70
N PHE M 132 8.34 -11.44 45.73
CA PHE M 132 8.73 -10.14 45.20
C PHE M 132 7.54 -9.22 45.10
N ASP M 133 7.76 -7.93 45.35
CA ASP M 133 6.77 -6.94 44.98
C ASP M 133 7.11 -6.51 43.55
N ALA M 134 6.29 -5.65 42.97
CA ALA M 134 6.61 -5.07 41.67
C ALA M 134 5.87 -3.75 41.51
N ARG M 135 6.56 -2.75 40.97
CA ARG M 135 5.95 -1.47 40.69
C ARG M 135 6.30 -1.03 39.30
N ALA M 136 5.38 -0.32 38.67
CA ALA M 136 5.60 0.26 37.36
C ALA M 136 5.81 1.76 37.52
N VAL M 137 6.82 2.28 36.82
CA VAL M 137 7.05 3.72 36.83
C VAL M 137 7.16 4.22 35.40
N LEU M 138 6.52 5.35 35.11
CA LEU M 138 6.56 5.92 33.78
C LEU M 138 7.63 6.99 33.65
N TYR M 139 8.40 6.94 32.56
CA TYR M 139 9.38 7.99 32.29
C TYR M 139 9.23 8.54 30.89
N PRO M 140 8.98 9.86 30.77
CA PRO M 140 8.63 10.48 29.48
C PRO M 140 9.81 10.78 28.56
N ASP M 141 11.05 10.63 29.03
CA ASP M 141 12.22 10.97 28.23
C ASP M 141 13.33 9.98 28.52
N PHE M 142 14.09 9.61 27.51
CA PHE M 142 15.12 8.60 27.69
C PHE M 142 16.22 9.07 28.64
N LYS M 143 16.38 10.38 28.79
CA LYS M 143 17.35 10.91 29.74
C LYS M 143 16.98 10.50 31.17
N HIS M 144 15.70 10.26 31.42
CA HIS M 144 15.28 9.82 32.74
C HIS M 144 15.60 8.35 32.89
N ILE M 145 15.62 7.63 31.77
CA ILE M 145 16.00 6.23 31.75
C ILE M 145 17.48 6.04 32.05
N ARG M 146 18.31 6.85 31.42
CA ARG M 146 19.75 6.87 31.70
C ARG M 146 19.98 7.14 33.18
N ASN M 147 19.31 8.15 33.70
CA ASN M 147 19.49 8.52 35.09
C ASN M 147 18.94 7.46 36.05
N TYR M 148 17.90 6.74 35.64
CA TYR M 148 17.34 5.70 36.51
C TYR M 148 18.34 4.58 36.72
N PHE M 149 18.92 4.08 35.64
CA PHE M 149 19.86 2.99 35.78
C PHE M 149 21.14 3.48 36.43
N SER M 150 21.50 4.73 36.17
CA SER M 150 22.61 5.37 36.86
C SER M 150 22.36 5.45 38.36
N TRP M 151 21.13 5.81 38.73
CA TRP M 151 20.71 5.84 40.13
C TRP M 151 20.91 4.49 40.82
N ARG M 152 20.52 3.42 40.15
CA ARG M 152 20.57 2.08 40.74
C ARG M 152 22.01 1.52 40.83
N GLN M 153 22.85 1.87 39.84
CA GLN M 153 24.23 1.40 39.85
C GLN M 153 25.05 2.14 40.88
N VAL M 154 24.78 3.41 41.09
CA VAL M 154 25.47 4.16 42.13
C VAL M 154 25.21 3.50 43.49
N ASP M 155 23.96 3.06 43.67
CA ASP M 155 23.55 2.39 44.89
C ASP M 155 24.23 1.04 45.07
N CYS M 156 24.47 0.35 43.96
CA CYS M 156 25.16 -0.92 44.02
C CYS M 156 26.60 -0.70 44.49
N HIS M 157 27.26 0.34 43.98
CA HIS M 157 28.60 0.70 44.43
C HIS M 157 28.65 1.04 45.93
N ILE M 158 27.75 1.95 46.33
CA ILE M 158 27.71 2.43 47.70
C ILE M 158 27.43 1.33 48.72
N ASN M 159 26.45 0.48 48.41
CA ASN M 159 26.08 -0.59 49.33
C ASN M 159 27.13 -1.68 49.41
N ASN M 160 27.75 -1.97 48.28
CA ASN M 160 28.73 -3.03 48.25
C ASN M 160 29.97 -2.58 48.99
N LEU M 161 30.36 -1.33 48.77
CA LEU M 161 31.51 -0.79 49.47
C LEU M 161 31.27 -0.80 50.99
N TYR M 162 30.07 -0.39 51.41
CA TYR M 162 29.72 -0.38 52.83
C TYR M 162 29.70 -1.79 53.42
N ASN M 163 28.96 -2.70 52.78
CA ASN M 163 28.80 -4.05 53.30
C ASN M 163 30.09 -4.88 53.29
N THR M 164 30.93 -4.67 52.27
CA THR M 164 32.18 -5.41 52.18
C THR M 164 33.08 -4.97 53.32
N THR M 165 33.07 -3.67 53.57
CA THR M 165 33.81 -3.09 54.67
C THR M 165 33.24 -3.56 56.00
N PHE M 166 31.92 -3.49 56.11
CA PHE M 166 31.21 -3.88 57.32
C PHE M 166 31.54 -5.31 57.72
N TRP M 167 31.41 -6.24 56.78
CA TRP M 167 31.55 -7.66 57.07
C TRP M 167 32.99 -8.09 57.27
N ASN M 168 33.93 -7.35 56.68
CA ASN M 168 35.34 -7.61 56.94
C ASN M 168 35.72 -7.14 58.34
N LEU M 169 35.10 -6.05 58.82
CA LEU M 169 35.28 -5.61 60.20
C LEU M 169 34.82 -6.70 61.17
N VAL M 170 33.71 -7.34 60.84
CA VAL M 170 33.13 -8.38 61.69
C VAL M 170 33.94 -9.67 61.64
N LEU M 171 34.36 -10.10 60.46
CA LEU M 171 34.99 -11.41 60.37
C LEU M 171 36.50 -11.41 60.67
N LYS M 172 37.21 -10.42 60.15
CA LYS M 172 38.65 -10.33 60.42
C LYS M 172 39.01 -9.67 61.74
N LEU M 173 38.41 -8.52 62.02
CA LEU M 173 38.71 -7.84 63.27
C LEU M 173 37.85 -8.32 64.43
N LYS M 174 37.01 -9.33 64.17
CA LYS M 174 36.17 -9.94 65.20
C LYS M 174 35.35 -8.88 65.92
N MET M 175 35.02 -7.80 65.22
CA MET M 175 34.09 -6.81 65.74
C MET M 175 32.63 -7.27 65.78
N THR M 176 31.89 -6.71 66.73
CA THR M 176 30.44 -6.85 66.76
C THR M 176 29.79 -5.91 65.75
N PRO M 177 28.56 -6.24 65.32
CA PRO M 177 27.81 -5.38 64.41
C PRO M 177 27.76 -3.92 64.88
N GLN M 178 27.57 -3.69 66.18
CA GLN M 178 27.45 -2.33 66.69
C GLN M 178 28.73 -1.54 66.53
N GLN M 179 29.87 -2.18 66.77
CA GLN M 179 31.13 -1.47 66.66
C GLN M 179 31.58 -1.31 65.21
N ALA M 180 31.16 -2.25 64.37
CA ALA M 180 31.40 -2.15 62.93
C ALA M 180 30.65 -0.95 62.39
N GLU M 181 29.41 -0.80 62.87
CA GLU M 181 28.56 0.30 62.46
C GLU M 181 29.13 1.64 62.89
N GLN M 182 29.56 1.70 64.15
CA GLN M 182 30.15 2.93 64.67
C GLN M 182 31.45 3.28 63.97
N ARG M 183 32.21 2.24 63.61
CA ARG M 183 33.47 2.44 62.91
C ARG M 183 33.24 3.06 61.54
N LEU M 184 32.10 2.76 60.92
CA LEU M 184 31.87 3.25 59.57
C LEU M 184 31.11 4.56 59.50
N MET M 185 30.42 4.94 60.57
CA MET M 185 29.68 6.20 60.56
C MET M 185 30.63 7.36 60.30
N GLY M 186 30.35 8.19 59.31
CA GLY M 186 31.21 9.33 59.04
C GLY M 186 32.28 9.06 58.00
N THR M 187 32.17 7.94 57.29
CA THR M 187 33.21 7.57 56.34
C THR M 187 32.78 7.70 54.90
N VAL M 188 33.70 8.17 54.07
CA VAL M 188 33.47 8.21 52.64
C VAL M 188 34.23 7.07 51.96
N ALA M 189 34.09 6.98 50.64
CA ALA M 189 34.60 5.85 49.88
C ALA M 189 36.09 5.67 50.08
N SER M 190 36.84 6.77 50.09
CA SER M 190 38.28 6.64 50.28
C SER M 190 38.60 6.12 51.68
N ASP M 191 37.82 6.52 52.68
CA ASP M 191 38.03 6.02 54.05
C ASP M 191 37.78 4.52 54.15
N LYS M 192 36.66 4.07 53.57
CA LYS M 192 36.27 2.67 53.61
C LYS M 192 37.26 1.79 52.87
N ASN M 193 37.73 2.29 51.74
CA ASN M 193 38.75 1.59 50.96
C ASN M 193 40.03 1.40 51.74
N GLU M 194 40.43 2.44 52.46
CA GLU M 194 41.63 2.42 53.26
C GLU M 194 41.47 1.43 54.41
N ILE M 195 40.31 1.46 55.07
CA ILE M 195 40.00 0.54 56.15
C ILE M 195 40.08 -0.90 55.64
N LEU M 196 39.53 -1.11 54.45
CA LEU M 196 39.57 -2.43 53.83
C LEU M 196 41.00 -2.86 53.50
N PHE M 197 41.78 -1.95 52.93
CA PHE M 197 43.14 -2.28 52.51
C PHE M 197 44.11 -2.41 53.69
N LYS M 198 44.22 -1.33 54.47
CA LYS M 198 45.22 -1.25 55.53
C LYS M 198 44.95 -2.15 56.73
N GLU M 199 43.68 -2.29 57.12
CA GLU M 199 43.31 -3.03 58.31
C GLU M 199 42.84 -4.46 58.05
N CYS M 200 42.29 -4.72 56.86
CA CYS M 200 41.71 -6.04 56.60
C CYS M 200 42.49 -6.82 55.55
N GLY M 201 43.45 -6.17 54.90
CA GLY M 201 44.22 -6.83 53.86
C GLY M 201 43.40 -7.20 52.64
N VAL M 202 42.39 -6.40 52.33
CA VAL M 202 41.55 -6.68 51.17
C VAL M 202 41.67 -5.57 50.15
N ASN M 203 42.01 -5.93 48.93
CA ASN M 203 42.02 -4.97 47.84
C ASN M 203 40.65 -4.93 47.19
N TYR M 204 39.92 -3.85 47.42
CA TYR M 204 38.53 -3.74 46.96
C TYR M 204 38.45 -3.80 45.44
N ASN M 205 39.44 -3.20 44.78
CA ASN M 205 39.49 -3.18 43.33
C ASN M 205 39.54 -4.58 42.70
N ASN M 206 40.00 -5.56 43.47
CA ASN M 206 40.08 -6.94 42.97
C ASN M 206 38.81 -7.75 43.18
N GLU M 207 37.82 -7.17 43.85
CA GLU M 207 36.50 -7.81 43.97
C GLU M 207 35.82 -8.06 42.64
N SER M 208 34.97 -9.09 42.61
CA SER M 208 34.19 -9.40 41.42
C SER M 208 33.49 -8.18 40.86
N GLU M 209 33.49 -8.05 39.55
CA GLU M 209 32.80 -6.96 38.87
C GLU M 209 31.30 -6.97 39.15
N MET M 210 30.74 -8.18 39.26
CA MET M 210 29.34 -8.34 39.58
C MET M 210 28.99 -7.75 40.92
N TYR M 211 29.84 -7.95 41.93
CA TYR M 211 29.56 -7.37 43.24
C TYR M 211 29.61 -5.86 43.18
N LYS M 212 30.59 -5.35 42.44
CA LYS M 212 30.87 -3.91 42.39
C LYS M 212 29.93 -3.13 41.47
N LYS M 213 29.56 -3.72 40.34
CA LYS M 213 28.83 -3.03 39.28
C LYS M 213 27.37 -3.48 39.14
N GLY M 214 27.07 -4.67 39.64
CA GLY M 214 25.76 -5.27 39.45
C GLY M 214 25.69 -6.00 38.13
N THR M 215 24.49 -6.29 37.66
CA THR M 215 24.34 -7.08 36.45
C THR M 215 23.44 -6.41 35.43
N ILE M 216 23.96 -6.22 34.21
CA ILE M 216 23.15 -5.68 33.12
C ILE M 216 22.82 -6.78 32.12
N ILE M 217 21.53 -6.98 31.87
CA ILE M 217 21.09 -7.89 30.81
C ILE M 217 20.46 -7.06 29.72
N VAL M 218 21.04 -7.08 28.53
CA VAL M 218 20.54 -6.25 27.44
C VAL M 218 20.25 -7.06 26.19
N ARG M 219 19.18 -6.71 25.49
CA ARG M 219 18.84 -7.31 24.20
C ARG M 219 19.72 -6.77 23.08
N GLU M 220 20.41 -7.66 22.39
CA GLU M 220 21.33 -7.26 21.31
C GLU M 220 20.79 -7.55 19.91
N PHE M 221 20.84 -6.52 19.06
CA PHE M 221 20.45 -6.60 17.67
C PHE M 221 21.66 -6.38 16.78
N GLU M 222 21.73 -7.08 15.64
CA GLU M 222 22.91 -6.93 14.80
C GLU M 222 22.69 -5.87 13.71
N ASN M 223 21.66 -6.03 12.88
CA ASN M 223 21.44 -5.07 11.80
C ASN M 223 20.29 -4.09 12.09
N TYR M 224 20.42 -3.31 13.15
CA TYR M 224 19.33 -2.43 13.56
C TYR M 224 19.34 -1.10 12.81
N GLU M 225 18.19 -0.72 12.29
CA GLU M 225 17.98 0.63 11.76
C GLU M 225 16.74 1.21 12.44
N THR M 226 16.74 2.52 12.68
CA THR M 226 15.65 3.16 13.42
C THR M 226 14.38 3.18 12.58
N GLU M 227 14.03 2.00 12.06
CA GLU M 227 12.88 1.83 11.18
C GLU M 227 11.59 1.98 11.95
N ASP M 228 11.68 1.90 13.28
CA ASP M 228 10.49 1.95 14.11
C ASP M 228 9.88 3.34 14.06
N GLU M 229 8.71 3.42 13.45
CA GLU M 229 7.98 4.68 13.27
C GLU M 229 6.49 4.33 13.25
N ALA M 230 5.66 5.33 13.45
CA ALA M 230 4.21 5.13 13.44
C ALA M 230 3.69 4.74 12.06
N GLU M 231 4.40 5.18 11.02
CA GLU M 231 3.95 5.03 9.64
C GLU M 231 3.74 3.60 9.15
N LEU M 232 4.76 2.75 9.24
CA LEU M 232 4.67 1.36 8.79
C LEU M 232 3.83 0.49 9.73
N SER M 233 3.04 -0.42 9.16
CA SER M 233 2.16 -1.27 9.97
C SER M 233 1.82 -2.61 9.31
N LYS M 234 0.95 -3.37 9.98
CA LYS M 234 0.47 -4.69 9.55
C LYS M 234 1.60 -5.73 9.56
N ARG M 235 1.99 -6.19 8.37
CA ARG M 235 3.03 -7.21 8.25
C ARG M 235 4.38 -6.66 8.69
N GLN M 236 4.55 -5.35 8.57
CA GLN M 236 5.76 -4.67 9.01
C GLN M 236 5.99 -4.81 10.52
N VAL M 237 4.93 -4.57 11.29
CA VAL M 237 4.98 -4.65 12.76
C VAL M 237 5.21 -6.08 13.28
N GLN M 238 4.48 -7.04 12.73
CA GLN M 238 4.58 -8.43 13.19
C GLN M 238 5.94 -9.05 12.86
N ARG M 239 6.56 -8.56 11.78
CA ARG M 239 7.90 -9.03 11.42
C ARG M 239 8.93 -8.47 12.41
N LEU M 240 8.74 -7.22 12.81
CA LEU M 240 9.63 -6.59 13.80
C LEU M 240 9.46 -7.25 15.17
N GLU M 241 8.25 -7.70 15.47
CA GLU M 241 7.96 -8.38 16.73
C GLU M 241 8.71 -9.70 16.81
N LYS M 242 8.79 -10.41 15.69
CA LYS M 242 9.55 -11.68 15.62
C LYS M 242 11.05 -11.41 15.60
N LYS M 243 11.46 -10.36 14.90
CA LYS M 243 12.84 -9.95 14.79
C LYS M 243 13.40 -9.60 16.17
N ARG M 244 12.55 -8.98 16.99
CA ARG M 244 12.84 -8.61 18.37
C ARG M 244 12.94 -9.81 19.30
N LYS M 245 12.05 -10.79 19.12
CA LYS M 245 12.07 -12.04 19.89
C LYS M 245 13.31 -12.88 19.55
N LYS M 246 13.73 -12.81 18.29
CA LYS M 246 14.86 -13.59 17.80
C LYS M 246 16.10 -12.71 17.88
N ALA M 247 16.29 -12.15 19.07
CA ALA M 247 17.42 -11.30 19.42
C ALA M 247 18.19 -12.01 20.51
N GLU M 248 19.42 -11.59 20.78
CA GLU M 248 20.22 -12.37 21.70
C GLU M 248 20.48 -11.57 22.98
N LEU M 249 20.43 -12.28 24.11
CA LEU M 249 20.59 -11.70 25.43
C LEU M 249 22.04 -11.79 25.90
N LYS M 250 22.64 -10.63 26.17
CA LYS M 250 24.01 -10.62 26.65
C LYS M 250 24.12 -10.01 28.04
N ILE M 251 25.02 -10.57 28.85
CA ILE M 251 25.20 -10.14 30.23
C ILE M 251 26.51 -9.38 30.37
N TYR M 252 26.47 -8.23 31.04
CA TYR M 252 27.65 -7.41 31.23
C TYR M 252 27.75 -7.03 32.69
N HIS M 253 28.97 -6.73 33.13
CA HIS M 253 29.18 -6.20 34.46
C HIS M 253 30.07 -4.97 34.35
N VAL M 254 29.53 -3.90 33.75
CA VAL M 254 30.33 -2.73 33.42
C VAL M 254 29.67 -1.45 33.91
N ASP M 255 30.44 -0.36 33.95
CA ASP M 255 29.87 0.95 34.23
C ASP M 255 28.96 1.36 33.08
N ILE M 256 27.73 1.78 33.39
CA ILE M 256 26.84 2.35 32.38
C ILE M 256 26.47 3.77 32.76
N ILE M 257 27.01 4.23 33.88
CA ILE M 257 26.76 5.57 34.39
C ILE M 257 27.45 6.60 33.52
N ASN M 258 28.74 6.42 33.26
CA ASN M 258 29.51 7.44 32.57
C ASN M 258 29.90 7.06 31.14
N ASP M 259 29.65 5.82 30.75
CA ASP M 259 30.00 5.36 29.40
C ASP M 259 28.87 5.66 28.42
N ASP M 260 28.87 6.89 27.92
CA ASP M 260 27.85 7.36 26.98
C ASP M 260 27.81 6.56 25.67
N SER M 261 28.97 6.12 25.20
CA SER M 261 29.05 5.37 23.94
C SER M 261 28.33 4.03 24.03
N TRP M 262 28.28 3.47 25.23
CA TRP M 262 27.56 2.22 25.49
C TRP M 262 26.08 2.32 25.14
N TRP M 263 25.47 3.45 25.48
CA TRP M 263 24.06 3.67 25.17
C TRP M 263 23.83 4.06 23.73
N LYS M 264 24.66 4.97 23.23
CA LYS M 264 24.54 5.47 21.88
C LYS M 264 24.66 4.37 20.81
N SER M 265 25.48 3.37 21.08
CA SER M 265 25.63 2.28 20.12
C SER M 265 24.51 1.25 20.25
N ARG M 266 23.54 1.57 21.11
CA ARG M 266 22.37 0.71 21.31
C ARG M 266 21.06 1.51 21.20
N PRO M 267 20.80 2.10 20.03
CA PRO M 267 19.66 3.00 19.86
C PRO M 267 18.30 2.34 20.04
N TRP M 268 18.21 1.02 19.92
CA TRP M 268 16.92 0.37 20.05
C TRP M 268 16.44 0.45 21.50
N LEU M 269 17.34 0.80 22.40
CA LEU M 269 16.98 1.00 23.79
C LEU M 269 16.07 2.22 23.91
N LYS M 270 16.29 3.21 23.04
CA LYS M 270 15.54 4.46 23.06
C LYS M 270 14.23 4.37 22.30
N ASP M 271 14.09 3.36 21.45
CA ASP M 271 12.96 3.29 20.52
C ASP M 271 11.95 2.23 20.93
N SER N 7 22.79 13.25 45.77
CA SER N 7 22.83 12.48 44.53
C SER N 7 22.14 13.23 43.38
N LYS N 8 22.76 13.18 42.21
CA LYS N 8 22.24 13.82 41.01
C LYS N 8 21.27 12.93 40.21
N TYR N 9 21.12 11.67 40.62
CA TYR N 9 20.26 10.75 39.87
C TYR N 9 18.99 10.34 40.62
N GLU N 10 18.93 10.61 41.91
CA GLU N 10 17.85 10.10 42.75
C GLU N 10 16.48 10.78 42.52
N TYR N 11 16.48 11.87 41.76
CA TYR N 11 15.23 12.55 41.41
C TYR N 11 14.23 11.63 40.70
N VAL N 12 14.73 10.59 40.05
CA VAL N 12 13.90 9.68 39.28
C VAL N 12 12.86 8.94 40.13
N LYS N 13 13.07 8.93 41.44
CA LYS N 13 12.12 8.35 42.38
C LYS N 13 10.78 9.10 42.37
N LEU N 14 10.79 10.38 42.00
CA LEU N 14 9.58 11.23 42.02
C LEU N 14 8.53 10.91 40.96
N PHE N 15 8.87 10.03 40.03
CA PHE N 15 7.96 9.62 38.98
C PHE N 15 7.04 8.49 39.44
N GLU N 16 7.31 7.92 40.61
CA GLU N 16 6.47 6.84 41.14
C GLU N 16 5.13 7.36 41.62
N LYS N 17 4.07 6.58 41.41
CA LYS N 17 2.73 6.96 41.88
C LYS N 17 2.10 5.86 42.73
N GLU N 18 1.84 6.15 44.00
CA GLU N 18 1.14 5.18 44.83
C GLU N 18 -0.36 5.39 44.74
N ASN N 19 -1.10 4.30 44.85
CA ASN N 19 -2.55 4.36 44.88
C ASN N 19 -3.02 3.81 46.21
N TYR N 20 -3.40 4.70 47.10
CA TYR N 20 -3.93 4.30 48.40
C TYR N 20 -5.43 4.06 48.29
N LEU N 21 -5.83 2.81 48.49
CA LEU N 21 -7.22 2.42 48.33
C LEU N 21 -8.09 3.08 49.41
N LEU N 22 -9.24 3.60 48.97
CA LEU N 22 -10.22 4.29 49.82
C LEU N 22 -10.44 3.64 51.18
N PRO N 23 -10.25 4.42 52.25
CA PRO N 23 -10.42 3.92 53.62
C PRO N 23 -11.82 3.38 53.88
N ASP N 24 -11.95 2.50 54.87
CA ASP N 24 -13.22 2.00 55.39
C ASP N 24 -14.07 1.33 54.33
N THR N 25 -13.43 0.73 53.33
CA THR N 25 -14.14 0.02 52.28
C THR N 25 -13.62 -1.41 52.23
N TYR N 26 -14.53 -2.34 51.95
CA TYR N 26 -14.15 -3.73 51.81
C TYR N 26 -13.25 -3.88 50.60
N ILE N 27 -12.19 -4.66 50.73
CA ILE N 27 -11.34 -4.94 49.60
C ILE N 27 -11.48 -6.39 49.25
N ILE N 28 -11.77 -6.65 47.98
CA ILE N 28 -11.70 -7.98 47.44
C ILE N 28 -10.46 -8.08 46.60
N ILE N 29 -9.63 -9.09 46.88
CA ILE N 29 -8.52 -9.38 45.99
C ILE N 29 -8.80 -10.70 45.30
N ARG N 30 -8.85 -10.64 43.97
CA ARG N 30 -9.10 -11.86 43.21
C ARG N 30 -7.83 -12.19 42.48
N VAL N 31 -7.41 -13.44 42.64
CA VAL N 31 -6.27 -13.94 41.91
C VAL N 31 -6.77 -15.00 40.93
N ASP N 32 -6.19 -15.02 39.73
CA ASP N 32 -6.59 -15.99 38.70
C ASP N 32 -5.40 -16.49 37.89
N GLY N 33 -5.31 -17.81 37.71
CA GLY N 33 -4.19 -18.42 37.04
C GLY N 33 -3.97 -17.95 35.61
N LYS N 34 -2.72 -17.63 35.29
CA LYS N 34 -2.36 -17.19 33.95
C LYS N 34 -2.20 -18.37 33.00
N GLY N 35 -2.99 -18.41 31.95
CA GLY N 35 -2.89 -19.48 30.97
C GLY N 35 -3.09 -20.86 31.58
N PHE N 36 -4.08 -21.01 32.45
CA PHE N 36 -4.29 -22.30 33.07
C PHE N 36 -5.00 -23.34 32.23
N HIS N 37 -5.55 -22.93 31.10
CA HIS N 37 -6.04 -23.89 30.13
C HIS N 37 -4.86 -24.70 29.59
N LYS N 38 -3.85 -24.00 29.11
CA LYS N 38 -2.63 -24.64 28.63
C LYS N 38 -1.95 -25.40 29.76
N PHE N 39 -1.95 -24.80 30.95
CA PHE N 39 -1.30 -25.40 32.11
C PHE N 39 -1.96 -26.75 32.42
N SER N 40 -3.28 -26.80 32.37
CA SER N 40 -3.99 -28.03 32.67
C SER N 40 -3.79 -29.08 31.57
N GLN N 41 -3.53 -28.63 30.34
CA GLN N 41 -3.21 -29.56 29.28
C GLN N 41 -1.80 -30.11 29.44
N PHE N 42 -0.84 -29.23 29.65
CA PHE N 42 0.56 -29.66 29.77
C PHE N 42 0.79 -30.68 30.87
N TYR N 43 0.15 -30.46 32.02
CA TYR N 43 0.32 -31.33 33.18
C TYR N 43 -0.80 -32.35 33.29
N GLU N 44 -1.57 -32.50 32.22
CA GLU N 44 -2.57 -33.54 32.09
C GLU N 44 -3.57 -33.60 33.24
N PHE N 45 -4.20 -32.48 33.57
CA PHE N 45 -5.27 -32.46 34.55
C PHE N 45 -6.38 -33.44 34.15
N GLU N 46 -6.96 -34.11 35.14
CA GLU N 46 -8.19 -34.86 34.93
C GLU N 46 -9.33 -33.92 34.53
N LYS N 47 -10.24 -34.42 33.72
CA LYS N 47 -11.38 -33.62 33.30
C LYS N 47 -12.68 -34.29 33.72
N PRO N 48 -13.69 -33.48 34.10
CA PRO N 48 -13.68 -32.02 34.13
C PRO N 48 -12.84 -31.45 35.28
N ASN N 49 -12.77 -32.17 36.40
CA ASN N 49 -12.03 -31.70 37.57
C ASN N 49 -10.91 -32.63 38.04
N ASP N 50 -9.73 -32.06 38.27
CA ASP N 50 -8.59 -32.77 38.86
C ASP N 50 -8.55 -32.45 40.35
N LEU N 51 -8.83 -33.45 41.18
CA LEU N 51 -8.97 -33.25 42.62
C LEU N 51 -7.71 -32.71 43.27
N LYS N 52 -6.57 -33.32 42.98
CA LYS N 52 -5.33 -32.90 43.62
C LYS N 52 -4.89 -31.51 43.14
N ALA N 53 -5.21 -31.19 41.91
CA ALA N 53 -4.90 -29.87 41.37
C ALA N 53 -5.66 -28.79 42.12
N LEU N 54 -6.91 -29.09 42.45
CA LEU N 54 -7.72 -28.19 43.26
C LEU N 54 -7.19 -28.13 44.69
N GLN N 55 -6.64 -29.25 45.16
CA GLN N 55 -6.10 -29.32 46.51
C GLN N 55 -4.81 -28.51 46.62
N VAL N 56 -4.07 -28.42 45.52
CA VAL N 56 -2.93 -27.52 45.49
C VAL N 56 -3.42 -26.08 45.66
N MET N 57 -4.46 -25.68 44.94
CA MET N 57 -5.01 -24.32 45.06
C MET N 57 -5.50 -24.02 46.47
N ASN N 58 -6.25 -24.96 47.04
CA ASN N 58 -6.87 -24.76 48.35
C ASN N 58 -5.83 -24.65 49.45
N SER N 59 -4.78 -25.46 49.33
CA SER N 59 -3.68 -25.43 50.29
C SER N 59 -2.98 -24.10 50.16
N ALA N 60 -2.77 -23.66 48.92
CA ALA N 60 -2.16 -22.36 48.68
C ALA N 60 -2.97 -21.25 49.33
N ALA N 61 -4.27 -21.23 49.08
CA ALA N 61 -5.15 -20.19 49.60
C ALA N 61 -5.23 -20.18 51.11
N GLU N 62 -5.34 -21.37 51.71
CA GLU N 62 -5.40 -21.47 53.17
C GLU N 62 -4.09 -21.01 53.81
N LYS N 63 -2.97 -21.34 53.16
CA LYS N 63 -1.67 -20.94 53.66
C LYS N 63 -1.54 -19.44 53.62
N LEU N 64 -1.94 -18.84 52.51
CA LEU N 64 -1.93 -17.39 52.39
C LEU N 64 -2.80 -16.76 53.48
N MET N 65 -4.00 -17.31 53.62
CA MET N 65 -4.99 -16.78 54.54
C MET N 65 -4.53 -16.92 56.00
N SER N 66 -3.76 -17.96 56.30
CA SER N 66 -3.26 -18.12 57.67
C SER N 66 -2.10 -17.19 57.99
N LYS N 67 -1.47 -16.64 56.95
CA LYS N 67 -0.34 -15.72 57.10
C LYS N 67 -0.82 -14.29 57.35
N TYR N 68 -2.00 -13.99 56.81
CA TYR N 68 -2.56 -12.64 56.88
C TYR N 68 -3.91 -12.62 57.55
N SER N 69 -3.91 -12.23 58.82
CA SER N 69 -5.11 -12.24 59.64
C SER N 69 -6.20 -11.29 59.17
N ASP N 70 -5.86 -10.37 58.28
CA ASP N 70 -6.88 -9.48 57.73
C ASP N 70 -7.78 -10.16 56.72
N VAL N 71 -7.32 -11.27 56.16
CA VAL N 71 -8.17 -12.02 55.25
C VAL N 71 -9.23 -12.73 56.06
N MET N 72 -10.49 -12.35 55.82
CA MET N 72 -11.59 -12.84 56.63
C MET N 72 -12.26 -13.99 55.94
N LEU N 73 -12.16 -14.02 54.61
CA LEU N 73 -12.92 -14.98 53.84
C LEU N 73 -12.23 -15.20 52.50
N ALA N 74 -12.20 -16.45 52.06
CA ALA N 74 -11.62 -16.75 50.77
C ALA N 74 -12.56 -17.69 50.04
N TYR N 75 -12.72 -17.45 48.75
CA TYR N 75 -13.56 -18.30 47.92
C TYR N 75 -12.78 -18.65 46.67
N GLY N 76 -12.73 -19.93 46.34
CA GLY N 76 -11.98 -20.33 45.18
C GLY N 76 -12.76 -21.31 44.36
N ASP N 77 -12.53 -21.27 43.06
CA ASP N 77 -12.99 -22.28 42.14
C ASP N 77 -12.18 -22.14 40.87
N SER N 78 -12.09 -23.23 40.11
CA SER N 78 -11.32 -23.25 38.88
C SER N 78 -9.89 -22.80 39.16
N ASP N 79 -9.41 -21.82 38.40
CA ASP N 79 -8.05 -21.33 38.62
C ASP N 79 -8.06 -19.99 39.34
N GLU N 80 -9.12 -19.72 40.09
CA GLU N 80 -9.24 -18.42 40.73
C GLU N 80 -9.49 -18.55 42.21
N TYR N 81 -9.07 -17.52 42.95
CA TYR N 81 -9.42 -17.39 44.35
C TYR N 81 -9.68 -15.92 44.65
N SER N 82 -10.70 -15.68 45.47
CA SER N 82 -11.00 -14.33 45.89
C SER N 82 -10.80 -14.24 47.39
N PHE N 83 -10.10 -13.20 47.84
CA PHE N 83 -9.86 -13.02 49.26
C PHE N 83 -10.52 -11.74 49.69
N LEU N 84 -11.35 -11.84 50.73
CA LEU N 84 -12.00 -10.68 51.34
C LEU N 84 -11.18 -10.10 52.48
N LEU N 85 -10.81 -8.84 52.35
CA LEU N 85 -10.11 -8.15 53.42
C LEU N 85 -11.12 -7.34 54.20
N ARG N 86 -11.05 -7.39 55.52
CA ARG N 86 -11.97 -6.63 56.36
C ARG N 86 -11.81 -5.13 56.03
N LYS N 87 -12.89 -4.35 56.17
CA LYS N 87 -12.86 -2.98 55.65
C LYS N 87 -11.88 -2.04 56.34
N ASN N 88 -11.49 -2.36 57.56
CA ASN N 88 -10.55 -1.49 58.28
C ASN N 88 -9.10 -1.96 58.19
N CYS N 89 -8.85 -2.84 57.23
CA CYS N 89 -7.52 -3.34 56.93
C CYS N 89 -6.54 -2.20 56.63
N GLN N 90 -5.39 -2.23 57.29
CA GLN N 90 -4.32 -1.25 57.10
C GLN N 90 -3.03 -1.93 56.59
N LEU N 91 -3.19 -3.14 56.08
CA LEU N 91 -2.09 -3.87 55.45
C LEU N 91 -1.38 -3.12 54.33
N TYR N 92 -0.07 -2.91 54.50
CA TYR N 92 0.77 -2.15 53.57
C TYR N 92 0.19 -0.77 53.32
N GLU N 93 -0.45 -0.21 54.35
CA GLU N 93 -1.10 1.09 54.26
C GLU N 93 -2.09 1.16 53.10
N ARG N 94 -2.72 0.02 52.81
CA ARG N 94 -3.71 -0.09 51.75
C ARG N 94 -3.18 0.30 50.39
N ARG N 95 -1.87 0.18 50.18
CA ARG N 95 -1.28 0.46 48.86
C ARG N 95 -1.63 -0.67 47.89
N GLU N 96 -2.29 -0.31 46.79
CA GLU N 96 -2.81 -1.29 45.84
C GLU N 96 -1.69 -2.11 45.20
N MET N 97 -0.60 -1.42 44.87
CA MET N 97 0.57 -2.07 44.30
C MET N 97 1.14 -3.17 45.21
N LYS N 98 1.27 -2.88 46.50
CA LYS N 98 1.81 -3.85 47.46
C LYS N 98 0.85 -5.03 47.63
N LEU N 99 -0.42 -4.72 47.83
CA LEU N 99 -1.43 -5.75 48.08
C LEU N 99 -1.53 -6.73 46.91
N THR N 100 -1.58 -6.20 45.70
CA THR N 100 -1.81 -7.04 44.54
C THR N 100 -0.60 -7.84 44.15
N THR N 101 0.57 -7.22 44.13
CA THR N 101 1.73 -7.95 43.64
C THR N 101 2.19 -8.96 44.69
N LEU N 102 1.93 -8.67 45.96
CA LEU N 102 2.23 -9.66 46.99
C LEU N 102 1.26 -10.82 46.97
N PHE N 103 -0.03 -10.56 46.73
CA PHE N 103 -0.97 -11.67 46.64
C PHE N 103 -0.62 -12.53 45.44
N SER N 104 -0.31 -11.92 44.30
CA SER N 104 0.02 -12.73 43.12
C SER N 104 1.36 -13.47 43.27
N SER N 105 2.32 -12.85 43.96
CA SER N 105 3.61 -13.47 44.25
C SER N 105 3.43 -14.66 45.23
N LEU N 106 2.71 -14.44 46.31
CA LEU N 106 2.45 -15.48 47.30
C LEU N 106 1.70 -16.67 46.71
N MET N 107 0.63 -16.45 45.95
CA MET N 107 -0.11 -17.58 45.39
C MET N 107 0.75 -18.39 44.47
N SER N 108 1.58 -17.70 43.70
CA SER N 108 2.43 -18.41 42.78
C SER N 108 3.40 -19.33 43.50
N THR N 109 4.05 -18.80 44.53
CA THR N 109 5.07 -19.57 45.22
C THR N 109 4.45 -20.62 46.13
N TYR N 110 3.34 -20.30 46.79
CA TYR N 110 2.64 -21.32 47.56
C TYR N 110 2.12 -22.44 46.66
N TYR N 111 1.63 -22.09 45.47
CA TYR N 111 1.14 -23.09 44.53
C TYR N 111 2.26 -24.01 44.09
N MET N 112 3.38 -23.40 43.71
CA MET N 112 4.55 -24.15 43.31
C MET N 112 5.06 -25.09 44.41
N TYR N 113 5.09 -24.59 45.65
CA TYR N 113 5.54 -25.43 46.76
C TYR N 113 4.62 -26.63 46.88
N PHE N 114 3.32 -26.38 46.98
CA PHE N 114 2.39 -27.48 47.20
C PHE N 114 2.22 -28.38 46.00
N TRP N 115 2.46 -27.85 44.81
CA TRP N 115 2.42 -28.70 43.62
C TRP N 115 3.52 -29.75 43.67
N SER N 116 4.70 -29.34 44.09
CA SER N 116 5.85 -30.25 44.16
C SER N 116 5.68 -31.34 45.23
N GLN N 117 4.83 -31.08 46.22
CA GLN N 117 4.53 -32.08 47.24
C GLN N 117 3.53 -33.12 46.73
N TYR N 118 2.48 -32.64 46.07
CA TYR N 118 1.38 -33.48 45.58
C TYR N 118 1.66 -34.17 44.26
N PHE N 119 2.54 -33.61 43.43
CA PHE N 119 2.86 -34.23 42.15
C PHE N 119 4.36 -34.44 41.96
N PRO N 120 4.94 -35.35 42.77
CA PRO N 120 6.37 -35.65 42.69
C PRO N 120 6.72 -36.24 41.34
N ASP N 121 5.72 -36.87 40.73
CA ASP N 121 5.87 -37.47 39.42
C ASP N 121 5.55 -36.55 38.24
N LYS N 122 5.09 -35.33 38.53
CA LYS N 122 4.90 -34.33 37.48
C LYS N 122 5.78 -33.12 37.81
N PRO N 123 7.10 -33.27 37.67
CA PRO N 123 7.93 -32.09 37.98
C PRO N 123 7.61 -30.91 37.08
N LEU N 124 7.65 -29.69 37.62
CA LEU N 124 7.26 -28.53 36.84
C LEU N 124 8.31 -28.21 35.80
N HIS N 125 7.84 -27.89 34.60
CA HIS N 125 8.71 -27.47 33.51
C HIS N 125 8.87 -25.96 33.54
N ILE N 126 10.06 -25.47 33.24
CA ILE N 126 10.33 -24.05 33.37
C ILE N 126 9.45 -23.19 32.46
N ASP N 127 8.90 -23.77 31.40
CA ASP N 127 8.05 -23.01 30.49
C ASP N 127 6.58 -23.12 30.83
N HIS N 128 6.29 -23.81 31.92
CA HIS N 128 4.91 -23.94 32.37
C HIS N 128 4.83 -23.84 33.87
N LEU N 129 5.33 -22.75 34.43
CA LEU N 129 5.21 -22.55 35.86
C LEU N 129 3.88 -21.89 36.17
N PRO N 130 3.34 -22.14 37.37
CA PRO N 130 2.04 -21.54 37.70
C PRO N 130 2.15 -20.07 38.10
N ASN N 131 1.66 -19.20 37.23
CA ASN N 131 1.66 -17.76 37.49
C ASN N 131 0.24 -17.29 37.69
N PHE N 132 0.07 -16.23 38.46
CA PHE N 132 -1.25 -15.70 38.77
C PHE N 132 -1.27 -14.18 38.60
N ASP N 133 -2.39 -13.61 38.12
CA ASP N 133 -2.59 -12.16 38.22
C ASP N 133 -3.29 -11.85 39.55
N ALA N 134 -3.48 -10.57 39.84
CA ALA N 134 -4.25 -10.17 41.01
C ALA N 134 -4.80 -8.76 40.82
N ARG N 135 -6.05 -8.56 41.21
CA ARG N 135 -6.65 -7.24 41.16
C ARG N 135 -7.34 -6.95 42.49
N ALA N 136 -7.36 -5.67 42.86
CA ALA N 136 -8.08 -5.24 44.04
C ALA N 136 -9.34 -4.55 43.59
N VAL N 137 -10.46 -4.86 44.22
CA VAL N 137 -11.70 -4.19 43.91
C VAL N 137 -12.32 -3.68 45.20
N LEU N 138 -12.79 -2.43 45.19
CA LEU N 138 -13.41 -1.83 46.37
C LEU N 138 -14.92 -1.94 46.33
N TYR N 139 -15.50 -2.31 47.45
CA TYR N 139 -16.94 -2.34 47.60
C TYR N 139 -17.34 -1.58 48.86
N PRO N 140 -18.18 -0.55 48.71
CA PRO N 140 -18.47 0.36 49.83
C PRO N 140 -19.52 -0.18 50.79
N ASP N 141 -20.17 -1.28 50.43
CA ASP N 141 -21.25 -1.83 51.24
C ASP N 141 -21.21 -3.34 51.19
N PHE N 142 -21.52 -3.97 52.33
CA PHE N 142 -21.42 -5.41 52.45
C PHE N 142 -22.41 -6.16 51.55
N LYS N 143 -23.50 -5.52 51.16
CA LYS N 143 -24.43 -6.17 50.26
C LYS N 143 -23.74 -6.46 48.94
N HIS N 144 -22.75 -5.65 48.60
CA HIS N 144 -22.00 -5.87 47.38
C HIS N 144 -21.04 -7.03 47.59
N ILE N 145 -20.61 -7.21 48.84
CA ILE N 145 -19.75 -8.33 49.19
C ILE N 145 -20.50 -9.65 49.08
N ARG N 146 -21.70 -9.68 49.64
CA ARG N 146 -22.60 -10.83 49.51
C ARG N 146 -22.87 -11.13 48.04
N ASN N 147 -23.18 -10.08 47.29
CA ASN N 147 -23.49 -10.26 45.89
C ASN N 147 -22.25 -10.70 45.12
N TYR N 148 -21.08 -10.26 45.58
CA TYR N 148 -19.85 -10.65 44.89
C TYR N 148 -19.57 -12.14 44.97
N PHE N 149 -19.64 -12.73 46.16
CA PHE N 149 -19.36 -14.14 46.32
C PHE N 149 -20.46 -14.99 45.71
N SER N 150 -21.68 -14.49 45.78
CA SER N 150 -22.82 -15.11 45.10
C SER N 150 -22.56 -15.15 43.61
N TRP N 151 -22.03 -14.06 43.08
CA TRP N 151 -21.65 -14.00 41.69
C TRP N 151 -20.66 -15.08 41.31
N ARG N 152 -19.64 -15.29 42.15
CA ARG N 152 -18.58 -16.24 41.81
C ARG N 152 -19.05 -17.70 41.95
N GLN N 153 -19.93 -17.96 42.90
CA GLN N 153 -20.43 -19.31 43.10
C GLN N 153 -21.41 -19.70 42.00
N VAL N 154 -22.20 -18.74 41.53
CA VAL N 154 -23.10 -19.00 40.43
C VAL N 154 -22.30 -19.42 39.20
N ASP N 155 -21.17 -18.75 39.01
CA ASP N 155 -20.29 -19.07 37.90
C ASP N 155 -19.68 -20.46 38.09
N CYS N 156 -19.41 -20.83 39.34
CA CYS N 156 -18.90 -22.15 39.63
C CYS N 156 -19.95 -23.20 39.27
N HIS N 157 -21.20 -22.92 39.63
CA HIS N 157 -22.28 -23.82 39.27
C HIS N 157 -22.44 -24.00 37.76
N ILE N 158 -22.54 -22.88 37.05
CA ILE N 158 -22.74 -22.87 35.60
C ILE N 158 -21.62 -23.54 34.82
N ASN N 159 -20.39 -23.21 35.18
CA ASN N 159 -19.22 -23.74 34.48
C ASN N 159 -18.97 -25.21 34.78
N ASN N 160 -19.23 -25.64 36.00
CA ASN N 160 -18.98 -27.02 36.35
C ASN N 160 -20.02 -27.89 35.65
N LEU N 161 -21.27 -27.43 35.66
CA LEU N 161 -22.36 -28.12 34.99
C LEU N 161 -22.11 -28.26 33.50
N TYR N 162 -21.64 -27.19 32.89
CA TYR N 162 -21.32 -27.19 31.48
C TYR N 162 -20.18 -28.16 31.19
N ASN N 163 -19.09 -28.02 31.93
CA ASN N 163 -17.91 -28.84 31.68
C ASN N 163 -18.13 -30.33 31.95
N THR N 164 -18.93 -30.64 32.96
CA THR N 164 -19.19 -32.03 33.27
C THR N 164 -19.99 -32.67 32.14
N THR N 165 -20.96 -31.93 31.63
CA THR N 165 -21.76 -32.37 30.50
C THR N 165 -20.90 -32.45 29.24
N PHE N 166 -20.14 -31.38 29.00
CA PHE N 166 -19.28 -31.26 27.83
C PHE N 166 -18.32 -32.44 27.77
N TRP N 167 -17.62 -32.69 28.86
CA TRP N 167 -16.56 -33.70 28.86
C TRP N 167 -17.15 -35.10 28.89
N ASN N 168 -18.37 -35.24 29.41
CA ASN N 168 -19.07 -36.52 29.34
C ASN N 168 -19.55 -36.81 27.93
N LEU N 169 -19.95 -35.76 27.22
CA LEU N 169 -20.32 -35.90 25.82
C LEU N 169 -19.13 -36.39 25.01
N VAL N 170 -17.95 -35.87 25.32
CA VAL N 170 -16.74 -36.24 24.58
C VAL N 170 -16.27 -37.64 24.93
N LEU N 171 -16.25 -37.98 26.23
CA LEU N 171 -15.67 -39.26 26.62
C LEU N 171 -16.69 -40.39 26.53
N LYS N 172 -17.93 -40.14 26.97
CA LYS N 172 -18.96 -41.18 26.91
C LYS N 172 -19.68 -41.30 25.56
N LEU N 173 -20.14 -40.18 24.99
CA LEU N 173 -20.82 -40.24 23.71
C LEU N 173 -19.86 -40.13 22.54
N LYS N 174 -18.56 -40.08 22.86
CA LYS N 174 -17.49 -40.04 21.88
C LYS N 174 -17.68 -38.89 20.87
N MET N 175 -18.33 -37.81 21.32
CA MET N 175 -18.42 -36.58 20.55
C MET N 175 -17.11 -35.78 20.50
N THR N 176 -16.91 -35.03 19.42
CA THR N 176 -15.85 -34.05 19.38
C THR N 176 -16.29 -32.83 20.17
N PRO N 177 -15.34 -32.03 20.68
CA PRO N 177 -15.66 -30.79 21.38
C PRO N 177 -16.64 -29.91 20.62
N GLN N 178 -16.42 -29.80 19.32
CA GLN N 178 -17.22 -28.95 18.45
C GLN N 178 -18.65 -29.44 18.36
N GLN N 179 -18.83 -30.76 18.28
CA GLN N 179 -20.18 -31.28 18.18
C GLN N 179 -20.78 -31.24 19.56
N ALA N 180 -19.92 -31.36 20.57
CA ALA N 180 -20.34 -31.20 21.95
C ALA N 180 -20.85 -29.78 22.24
N GLU N 181 -20.12 -28.80 21.72
CA GLU N 181 -20.50 -27.40 21.91
C GLU N 181 -21.82 -27.06 21.23
N GLN N 182 -21.97 -27.53 20.00
CA GLN N 182 -23.20 -27.30 19.25
C GLN N 182 -24.37 -27.98 19.92
N ARG N 183 -24.11 -29.15 20.50
CA ARG N 183 -25.14 -29.90 21.21
C ARG N 183 -25.64 -29.15 22.43
N LEU N 184 -24.76 -28.36 23.04
CA LEU N 184 -25.13 -27.67 24.27
C LEU N 184 -25.67 -26.28 24.02
N MET N 185 -25.41 -25.73 22.84
CA MET N 185 -25.92 -24.40 22.51
C MET N 185 -27.44 -24.37 22.60
N GLY N 186 -28.00 -23.44 23.38
CA GLY N 186 -29.46 -23.39 23.48
C GLY N 186 -30.01 -24.14 24.67
N THR N 187 -29.16 -24.43 25.64
CA THR N 187 -29.57 -25.23 26.79
C THR N 187 -29.66 -24.51 28.14
N VAL N 188 -30.69 -24.88 28.91
CA VAL N 188 -30.82 -24.39 30.27
C VAL N 188 -30.37 -25.50 31.24
N ALA N 189 -30.39 -25.21 32.53
CA ALA N 189 -29.82 -26.12 33.54
C ALA N 189 -30.45 -27.51 33.58
N SER N 190 -31.77 -27.59 33.46
CA SER N 190 -32.46 -28.88 33.49
C SER N 190 -32.13 -29.77 32.29
N ASP N 191 -31.92 -29.15 31.14
CA ASP N 191 -31.56 -29.88 29.94
C ASP N 191 -30.21 -30.57 30.10
N LYS N 192 -29.22 -29.83 30.62
CA LYS N 192 -27.88 -30.39 30.79
C LYS N 192 -27.90 -31.55 31.78
N ASN N 193 -28.69 -31.38 32.83
CA ASN N 193 -28.88 -32.42 33.84
C ASN N 193 -29.49 -33.67 33.24
N GLU N 194 -30.48 -33.49 32.37
CA GLU N 194 -31.16 -34.59 31.71
C GLU N 194 -30.21 -35.33 30.78
N ILE N 195 -29.43 -34.56 30.01
CA ILE N 195 -28.43 -35.12 29.10
C ILE N 195 -27.41 -35.98 29.86
N LEU N 196 -26.98 -35.50 31.02
CA LEU N 196 -26.04 -36.25 31.85
C LEU N 196 -26.66 -37.55 32.35
N PHE N 197 -27.89 -37.48 32.84
CA PHE N 197 -28.55 -38.64 33.42
C PHE N 197 -29.00 -39.67 32.39
N LYS N 198 -29.82 -39.25 31.44
CA LYS N 198 -30.45 -40.18 30.52
C LYS N 198 -29.45 -40.78 29.51
N GLU N 199 -28.50 -39.96 29.05
CA GLU N 199 -27.58 -40.41 28.00
C GLU N 199 -26.21 -40.84 28.50
N CYS N 200 -25.76 -40.31 29.63
CA CYS N 200 -24.42 -40.62 30.10
C CYS N 200 -24.46 -41.43 31.38
N GLY N 201 -25.66 -41.57 31.94
CA GLY N 201 -25.83 -42.27 33.20
C GLY N 201 -25.18 -41.57 34.37
N VAL N 202 -25.13 -40.25 34.33
CA VAL N 202 -24.50 -39.51 35.41
C VAL N 202 -25.51 -38.61 36.13
N ASN N 203 -25.59 -38.78 37.44
CA ASN N 203 -26.39 -37.93 38.32
C ASN N 203 -25.55 -36.77 38.80
N TYR N 204 -25.87 -35.57 38.32
CA TYR N 204 -25.05 -34.41 38.61
C TYR N 204 -25.05 -34.17 40.12
N ASN N 205 -26.19 -34.41 40.77
CA ASN N 205 -26.28 -34.21 42.22
C ASN N 205 -25.31 -35.07 43.01
N ASN N 206 -24.84 -36.17 42.42
CA ASN N 206 -23.90 -37.04 43.11
C ASN N 206 -22.44 -36.66 42.93
N GLU N 207 -22.20 -35.65 42.11
CA GLU N 207 -20.86 -35.08 41.98
C GLU N 207 -20.42 -34.54 43.34
N SER N 208 -19.12 -34.52 43.57
CA SER N 208 -18.54 -33.97 44.79
C SER N 208 -19.11 -32.60 45.10
N GLU N 209 -19.38 -32.33 46.37
CA GLU N 209 -19.86 -31.03 46.81
C GLU N 209 -18.88 -29.92 46.46
N MET N 210 -17.58 -30.20 46.52
CA MET N 210 -16.55 -29.24 46.15
C MET N 210 -16.64 -28.82 44.68
N TYR N 211 -16.90 -29.76 43.78
CA TYR N 211 -17.01 -29.43 42.35
C TYR N 211 -18.23 -28.55 42.09
N LYS N 212 -19.33 -28.82 42.79
CA LYS N 212 -20.59 -28.15 42.54
C LYS N 212 -20.62 -26.76 43.17
N LYS N 213 -20.01 -26.63 44.35
CA LYS N 213 -20.14 -25.42 45.15
C LYS N 213 -18.87 -24.57 45.19
N GLY N 214 -17.73 -25.18 44.91
CA GLY N 214 -16.45 -24.50 45.07
C GLY N 214 -15.97 -24.62 46.51
N THR N 215 -15.01 -23.78 46.89
CA THR N 215 -14.42 -23.89 48.22
C THR N 215 -14.46 -22.58 48.98
N ILE N 216 -15.03 -22.62 50.18
CA ILE N 216 -15.04 -21.47 51.06
C ILE N 216 -14.08 -21.68 52.21
N ILE N 217 -13.13 -20.76 52.37
CA ILE N 217 -12.26 -20.78 53.54
C ILE N 217 -12.59 -19.57 54.40
N VAL N 218 -13.04 -19.81 55.62
CA VAL N 218 -13.46 -18.70 56.47
C VAL N 218 -12.76 -18.74 57.82
N ARG N 219 -12.40 -17.56 58.31
CA ARG N 219 -11.82 -17.39 59.65
C ARG N 219 -12.93 -17.48 60.69
N GLU N 220 -12.79 -18.38 61.65
CA GLU N 220 -13.81 -18.59 62.67
C GLU N 220 -13.44 -18.00 64.04
N PHE N 221 -14.36 -17.22 64.61
CA PHE N 221 -14.21 -16.67 65.94
C PHE N 221 -15.28 -17.31 66.83
N GLU N 222 -14.96 -17.58 68.08
CA GLU N 222 -15.94 -18.24 68.95
C GLU N 222 -16.72 -17.22 69.77
N ASN N 223 -16.00 -16.40 70.53
CA ASN N 223 -16.68 -15.44 71.39
C ASN N 223 -16.59 -14.04 70.79
N TYR N 224 -17.13 -13.87 69.60
CA TYR N 224 -16.99 -12.60 68.92
C TYR N 224 -18.07 -11.63 69.37
N GLU N 225 -17.67 -10.42 69.72
CA GLU N 225 -18.62 -9.35 69.88
C GLU N 225 -18.13 -8.15 69.08
N THR N 226 -19.05 -7.40 68.47
CA THR N 226 -18.66 -6.26 67.65
C THR N 226 -18.24 -5.12 68.58
N GLU N 227 -17.41 -5.44 69.57
CA GLU N 227 -16.97 -4.49 70.58
C GLU N 227 -15.98 -3.54 69.94
N ASP N 228 -15.52 -3.92 68.75
CA ASP N 228 -14.51 -3.18 68.02
C ASP N 228 -15.08 -1.83 67.56
N GLU N 229 -14.41 -0.77 67.98
CA GLU N 229 -14.85 0.57 67.67
C GLU N 229 -13.60 1.40 67.46
N ALA N 230 -13.74 2.54 66.79
CA ALA N 230 -12.60 3.42 66.53
C ALA N 230 -12.09 3.99 67.85
N GLU N 231 -13.02 4.12 68.80
CA GLU N 231 -12.77 4.78 70.08
C GLU N 231 -11.67 4.13 70.94
N LEU N 232 -11.78 2.84 71.23
CA LEU N 232 -10.76 2.16 72.03
C LEU N 232 -9.47 2.00 71.24
N SER N 233 -8.33 2.16 71.91
CA SER N 233 -7.03 2.13 71.24
C SER N 233 -5.89 1.68 72.15
N LYS N 234 -4.67 1.78 71.60
CA LYS N 234 -3.42 1.40 72.28
C LYS N 234 -3.34 -0.11 72.46
N ARG N 235 -3.36 -0.58 73.71
CA ARG N 235 -3.25 -2.01 73.98
C ARG N 235 -4.48 -2.78 73.47
N GLN N 236 -5.61 -2.08 73.38
CA GLN N 236 -6.86 -2.69 72.94
C GLN N 236 -6.80 -3.32 71.54
N VAL N 237 -6.29 -2.58 70.57
CA VAL N 237 -6.22 -3.06 69.19
C VAL N 237 -5.24 -4.23 69.04
N GLN N 238 -4.07 -4.10 69.66
CA GLN N 238 -3.02 -5.13 69.59
C GLN N 238 -3.46 -6.42 70.28
N ARG N 239 -4.33 -6.28 71.27
CA ARG N 239 -4.87 -7.45 71.95
C ARG N 239 -5.87 -8.21 71.06
N LEU N 240 -6.72 -7.46 70.35
CA LEU N 240 -7.66 -8.06 69.39
C LEU N 240 -6.97 -8.61 68.14
N GLU N 241 -5.90 -7.93 67.71
CA GLU N 241 -5.13 -8.37 66.53
C GLU N 241 -4.45 -9.71 66.78
N LYS N 242 -4.03 -9.93 68.03
CA LYS N 242 -3.37 -11.17 68.41
C LYS N 242 -4.39 -12.31 68.35
N LYS N 243 -5.62 -12.01 68.77
CA LYS N 243 -6.73 -12.95 68.70
C LYS N 243 -7.15 -13.30 67.27
N ARG N 244 -7.05 -12.34 66.36
CA ARG N 244 -7.39 -12.56 64.95
C ARG N 244 -6.44 -13.55 64.27
N LYS N 245 -5.16 -13.43 64.60
CA LYS N 245 -4.14 -14.36 64.12
C LYS N 245 -4.39 -15.75 64.71
N LYS N 246 -4.87 -15.79 65.96
CA LYS N 246 -5.13 -17.04 66.67
C LYS N 246 -6.61 -17.44 66.62
N ALA N 247 -7.13 -17.45 65.40
CA ALA N 247 -8.48 -17.86 65.06
C ALA N 247 -8.34 -19.05 64.12
N GLU N 248 -9.38 -19.82 63.90
CA GLU N 248 -9.14 -21.02 63.11
C GLU N 248 -9.84 -20.97 61.76
N LEU N 249 -9.15 -21.45 60.74
CA LEU N 249 -9.62 -21.44 59.37
C LEU N 249 -10.31 -22.76 59.01
N LYS N 250 -11.58 -22.68 58.64
CA LYS N 250 -12.34 -23.85 58.26
C LYS N 250 -12.80 -23.78 56.82
N ILE N 251 -12.82 -24.95 56.18
CA ILE N 251 -13.16 -25.09 54.77
C ILE N 251 -14.55 -25.70 54.64
N TYR N 252 -15.35 -25.12 53.76
CA TYR N 252 -16.72 -25.55 53.52
C TYR N 252 -16.96 -25.69 52.02
N HIS N 253 -17.91 -26.54 51.66
CA HIS N 253 -18.33 -26.65 50.27
C HIS N 253 -19.84 -26.55 50.25
N VAL N 254 -20.35 -25.37 50.58
CA VAL N 254 -21.77 -25.17 50.79
C VAL N 254 -22.30 -23.96 50.01
N ASP N 255 -23.62 -23.88 49.87
CA ASP N 255 -24.28 -22.71 49.31
C ASP N 255 -24.10 -21.48 50.21
N ILE N 256 -23.67 -20.36 49.61
CA ILE N 256 -23.60 -19.09 50.32
C ILE N 256 -24.47 -18.02 49.64
N ILE N 257 -25.13 -18.40 48.55
CA ILE N 257 -26.00 -17.50 47.80
C ILE N 257 -27.30 -17.18 48.55
N ASN N 258 -28.00 -18.22 48.99
CA ASN N 258 -29.34 -18.04 49.56
C ASN N 258 -29.42 -18.29 51.07
N ASP N 259 -28.33 -18.79 51.64
CA ASP N 259 -28.30 -19.07 53.07
C ASP N 259 -27.86 -17.83 53.83
N ASP N 260 -28.81 -16.94 54.09
CA ASP N 260 -28.55 -15.69 54.80
C ASP N 260 -28.05 -15.91 56.23
N SER N 261 -28.53 -16.97 56.87
CA SER N 261 -28.14 -17.26 58.25
C SER N 261 -26.65 -17.59 58.33
N TRP N 262 -26.11 -18.16 57.26
CA TRP N 262 -24.69 -18.47 57.17
C TRP N 262 -23.83 -17.23 57.37
N TRP N 263 -24.27 -16.13 56.74
CA TRP N 263 -23.59 -14.85 56.84
C TRP N 263 -23.89 -14.12 58.16
N LYS N 264 -25.17 -14.13 58.53
CA LYS N 264 -25.64 -13.45 59.74
C LYS N 264 -24.95 -13.96 61.01
N SER N 265 -24.63 -15.25 61.05
CA SER N 265 -23.96 -15.84 62.20
C SER N 265 -22.45 -15.58 62.17
N ARG N 266 -22.01 -14.79 61.19
CA ARG N 266 -20.61 -14.42 61.07
C ARG N 266 -20.44 -12.91 60.91
N PRO N 267 -20.86 -12.14 61.93
CA PRO N 267 -20.88 -10.68 61.83
C PRO N 267 -19.50 -10.06 61.69
N TRP N 268 -18.46 -10.79 62.06
CA TRP N 268 -17.10 -10.27 61.97
C TRP N 268 -16.67 -10.14 60.51
N LEU N 269 -17.41 -10.77 59.60
CA LEU N 269 -17.10 -10.61 58.19
C LEU N 269 -17.40 -9.18 57.77
N LYS N 270 -18.43 -8.59 58.38
CA LYS N 270 -18.86 -7.25 58.04
C LYS N 270 -18.08 -6.18 58.79
N ASP N 271 -17.41 -6.59 59.85
CA ASP N 271 -16.80 -5.64 60.77
C ASP N 271 -15.27 -5.61 60.67
N SER O 7 -9.82 17.58 66.82
CA SER O 7 -11.15 17.27 66.29
C SER O 7 -11.31 15.77 66.05
N LYS O 8 -12.50 15.26 66.37
CA LYS O 8 -12.83 13.85 66.20
C LYS O 8 -13.39 13.61 64.80
N TYR O 9 -13.56 14.68 64.05
CA TYR O 9 -14.15 14.60 62.71
C TYR O 9 -13.17 14.90 61.58
N GLU O 10 -12.00 15.46 61.90
CA GLU O 10 -11.10 15.95 60.85
C GLU O 10 -10.44 14.77 60.11
N TYR O 11 -10.62 13.56 60.63
CA TYR O 11 -10.12 12.35 59.98
C TYR O 11 -10.67 12.20 58.56
N VAL O 12 -11.82 12.82 58.30
CA VAL O 12 -12.48 12.71 57.00
C VAL O 12 -11.62 13.32 55.87
N LYS O 13 -10.63 14.12 56.25
CA LYS O 13 -9.67 14.69 55.30
C LYS O 13 -8.81 13.61 54.64
N LEU O 14 -8.66 12.48 55.32
CA LEU O 14 -7.82 11.40 54.84
C LEU O 14 -8.44 10.67 53.65
N PHE O 15 -9.69 10.97 53.32
CA PHE O 15 -10.36 10.34 52.19
C PHE O 15 -10.06 11.06 50.87
N GLU O 16 -9.42 12.22 50.93
CA GLU O 16 -9.09 12.94 49.71
C GLU O 16 -7.96 12.25 48.98
N LYS O 17 -8.03 12.27 47.65
CA LYS O 17 -6.96 11.70 46.83
C LYS O 17 -6.50 12.77 45.84
N GLU O 18 -5.26 13.20 45.97
CA GLU O 18 -4.68 14.14 45.02
C GLU O 18 -4.05 13.37 43.86
N ASN O 19 -4.06 13.96 42.67
CA ASN O 19 -3.39 13.35 41.52
C ASN O 19 -2.29 14.27 41.01
N TYR O 20 -1.04 13.95 41.31
CA TYR O 20 0.06 14.77 40.81
C TYR O 20 0.47 14.28 39.43
N LEU O 21 0.29 15.12 38.42
CA LEU O 21 0.56 14.73 37.04
C LEU O 21 2.05 14.50 36.78
N LEU O 22 2.36 13.40 36.09
CA LEU O 22 3.71 12.99 35.74
C LEU O 22 4.65 14.13 35.32
N PRO O 23 5.79 14.28 36.02
CA PRO O 23 6.78 15.32 35.76
C PRO O 23 7.37 15.29 34.35
N ASP O 24 7.86 16.44 33.89
CA ASP O 24 8.62 16.57 32.64
C ASP O 24 7.79 16.11 31.45
N THR O 25 6.49 16.30 31.57
CA THR O 25 5.58 15.94 30.52
C THR O 25 4.79 17.18 30.13
N TYR O 26 4.52 17.31 28.84
CA TYR O 26 3.72 18.41 28.33
C TYR O 26 2.30 18.27 28.84
N ILE O 27 1.71 19.38 29.28
CA ILE O 27 0.33 19.38 29.68
C ILE O 27 -0.52 20.22 28.74
N ILE O 28 -1.59 19.61 28.24
CA ILE O 28 -2.64 20.35 27.53
C ILE O 28 -3.84 20.49 28.43
N ILE O 29 -4.32 21.71 28.62
CA ILE O 29 -5.59 21.85 29.30
C ILE O 29 -6.62 22.33 28.29
N ARG O 30 -7.67 21.54 28.10
CA ARG O 30 -8.69 21.94 27.15
C ARG O 30 -9.99 22.28 27.85
N VAL O 31 -10.53 23.46 27.56
CA VAL O 31 -11.82 23.86 28.06
C VAL O 31 -12.79 23.96 26.90
N ASP O 32 -14.03 23.57 27.14
CA ASP O 32 -15.04 23.62 26.11
C ASP O 32 -16.35 24.05 26.73
N GLY O 33 -17.01 25.00 26.09
CA GLY O 33 -18.24 25.57 26.61
C GLY O 33 -19.36 24.57 26.82
N LYS O 34 -19.97 24.66 27.99
CA LYS O 34 -21.07 23.80 28.34
C LYS O 34 -22.40 24.28 27.75
N GLY O 35 -23.03 23.45 26.92
CA GLY O 35 -24.31 23.80 26.33
C GLY O 35 -24.28 25.08 25.52
N PHE O 36 -23.25 25.27 24.71
CA PHE O 36 -23.15 26.51 23.94
C PHE O 36 -24.07 26.53 22.72
N HIS O 37 -24.66 25.39 22.41
CA HIS O 37 -25.73 25.38 21.42
C HIS O 37 -26.87 26.21 21.97
N LYS O 38 -27.30 25.89 23.19
CA LYS O 38 -28.33 26.63 23.86
C LYS O 38 -27.89 28.07 24.09
N PHE O 39 -26.63 28.22 24.47
CA PHE O 39 -26.10 29.54 24.75
C PHE O 39 -26.14 30.46 23.53
N SER O 40 -25.73 29.92 22.38
CA SER O 40 -25.69 30.66 21.13
C SER O 40 -27.07 30.96 20.53
N GLN O 41 -28.03 30.10 20.87
CA GLN O 41 -29.40 30.33 20.46
C GLN O 41 -30.02 31.43 21.28
N PHE O 42 -29.86 31.35 22.60
CA PHE O 42 -30.46 32.35 23.48
C PHE O 42 -30.02 33.78 23.20
N TYR O 43 -28.73 33.98 22.94
CA TYR O 43 -28.20 35.33 22.73
C TYR O 43 -28.06 35.67 21.24
N GLU O 44 -28.68 34.85 20.41
CA GLU O 44 -28.79 35.11 18.97
C GLU O 44 -27.43 35.36 18.32
N PHE O 45 -26.48 34.45 18.53
CA PHE O 45 -25.20 34.51 17.83
C PHE O 45 -25.47 34.52 16.33
N GLU O 46 -24.70 35.28 15.58
CA GLU O 46 -24.71 35.14 14.13
C GLU O 46 -24.24 33.77 13.67
N LYS O 47 -24.79 33.30 12.56
CA LYS O 47 -24.39 31.99 12.02
C LYS O 47 -23.84 32.17 10.63
N PRO O 48 -22.82 31.37 10.27
CA PRO O 48 -22.21 30.33 11.11
C PRO O 48 -21.32 30.88 12.24
N ASN O 49 -20.68 32.02 12.02
CA ASN O 49 -19.78 32.60 13.02
C ASN O 49 -20.15 34.00 13.51
N ASP O 50 -20.15 34.16 14.82
CA ASP O 50 -20.36 35.47 15.45
C ASP O 50 -18.99 36.06 15.83
N LEU O 51 -18.58 37.12 15.14
CA LEU O 51 -17.23 37.68 15.33
C LEU O 51 -16.94 38.16 16.75
N LYS O 52 -17.86 38.92 17.36
CA LYS O 52 -17.59 39.48 18.69
C LYS O 52 -17.55 38.38 19.75
N ALA O 53 -18.34 37.33 19.54
CA ALA O 53 -18.36 36.19 20.43
C ALA O 53 -17.03 35.46 20.45
N LEU O 54 -16.39 35.33 19.29
CA LEU O 54 -15.06 34.73 19.24
C LEU O 54 -14.04 35.66 19.88
N GLN O 55 -14.29 36.95 19.76
CA GLN O 55 -13.40 37.94 20.34
C GLN O 55 -13.56 37.95 21.87
N VAL O 56 -14.75 37.64 22.35
CA VAL O 56 -14.94 37.45 23.78
C VAL O 56 -14.13 36.26 24.26
N MET O 57 -14.18 35.14 23.52
CA MET O 57 -13.40 33.94 23.86
C MET O 57 -11.92 34.26 23.85
N ASN O 58 -11.48 34.96 22.79
CA ASN O 58 -10.07 35.26 22.59
C ASN O 58 -9.55 36.21 23.67
N SER O 59 -10.37 37.17 24.06
CA SER O 59 -10.00 38.09 25.12
C SER O 59 -9.87 37.35 26.44
N ALA O 60 -10.82 36.45 26.70
CA ALA O 60 -10.80 35.63 27.90
C ALA O 60 -9.52 34.81 27.93
N ALA O 61 -9.24 34.14 26.81
CA ALA O 61 -8.08 33.28 26.71
C ALA O 61 -6.77 34.05 26.81
N GLU O 62 -6.66 35.19 26.15
CA GLU O 62 -5.41 35.95 26.25
C GLU O 62 -5.17 36.45 27.66
N LYS O 63 -6.24 36.88 28.34
CA LYS O 63 -6.13 37.36 29.71
C LYS O 63 -5.69 36.25 30.63
N LEU O 64 -6.29 35.07 30.48
CA LEU O 64 -5.90 33.91 31.27
C LEU O 64 -4.42 33.63 30.99
N MET O 65 -4.06 33.63 29.72
CA MET O 65 -2.70 33.30 29.29
C MET O 65 -1.67 34.30 29.81
N SER O 66 -2.08 35.55 29.98
CA SER O 66 -1.16 36.57 30.49
C SER O 66 -0.96 36.45 32.00
N LYS O 67 -1.86 35.75 32.67
CA LYS O 67 -1.80 35.55 34.10
C LYS O 67 -0.85 34.39 34.47
N TYR O 68 -0.75 33.42 33.56
CA TYR O 68 0.03 32.22 33.82
C TYR O 68 1.14 31.96 32.83
N SER O 69 2.35 32.31 33.25
CA SER O 69 3.53 32.23 32.39
C SER O 69 3.90 30.82 31.95
N ASP O 70 3.31 29.81 32.58
CA ASP O 70 3.54 28.44 32.16
C ASP O 70 2.81 28.10 30.87
N VAL O 71 1.79 28.87 30.55
CA VAL O 71 1.10 28.69 29.28
C VAL O 71 1.94 29.24 28.12
N MET O 72 2.36 28.37 27.22
CA MET O 72 3.29 28.76 26.17
C MET O 72 2.55 29.04 24.87
N LEU O 73 1.41 28.39 24.69
CA LEU O 73 0.69 28.41 23.43
C LEU O 73 -0.77 28.11 23.69
N ALA O 74 -1.64 28.83 22.99
CA ALA O 74 -3.07 28.59 23.11
C ALA O 74 -3.73 28.55 21.75
N TYR O 75 -4.68 27.63 21.62
CA TYR O 75 -5.42 27.50 20.38
C TYR O 75 -6.89 27.41 20.70
N GLY O 76 -7.68 28.24 20.02
CA GLY O 76 -9.09 28.24 20.28
C GLY O 76 -9.83 28.26 18.97
N ASP O 77 -11.00 27.66 18.99
CA ASP O 77 -11.97 27.80 17.92
C ASP O 77 -13.30 27.35 18.50
N SER O 78 -14.39 27.81 17.92
CA SER O 78 -15.73 27.49 18.39
C SER O 78 -15.89 27.84 19.87
N ASP O 79 -16.37 26.89 20.68
CA ASP O 79 -16.54 27.14 22.09
C ASP O 79 -15.46 26.50 22.93
N GLU O 80 -14.29 26.26 22.32
CA GLU O 80 -13.21 25.56 22.99
C GLU O 80 -11.86 26.31 22.95
N TYR O 81 -11.04 26.05 23.96
CA TYR O 81 -9.65 26.51 23.96
C TYR O 81 -8.72 25.45 24.54
N SER O 82 -7.56 25.30 23.92
CA SER O 82 -6.53 24.39 24.41
C SER O 82 -5.31 25.19 24.81
N PHE O 83 -4.78 24.89 25.98
CA PHE O 83 -3.62 25.60 26.51
C PHE O 83 -2.44 24.65 26.68
N LEU O 84 -1.30 25.02 26.11
CA LEU O 84 -0.09 24.25 26.31
C LEU O 84 0.69 24.78 27.51
N LEU O 85 0.90 23.93 28.50
CA LEU O 85 1.70 24.28 29.65
C LEU O 85 3.08 23.74 29.39
N ARG O 86 4.11 24.54 29.67
CA ARG O 86 5.48 24.10 29.44
C ARG O 86 5.75 22.86 30.24
N LYS O 87 6.65 22.05 29.71
CA LYS O 87 6.87 20.71 30.18
C LYS O 87 7.43 20.64 31.60
N ASN O 88 8.08 21.72 32.02
CA ASN O 88 8.66 21.81 33.36
C ASN O 88 7.79 22.61 34.32
N CYS O 89 6.52 22.78 33.94
CA CYS O 89 5.53 23.44 34.78
C CYS O 89 5.35 22.84 36.17
N GLN O 90 5.43 23.72 37.17
CA GLN O 90 5.25 23.33 38.57
C GLN O 90 4.05 24.07 39.18
N LEU O 91 3.21 24.64 38.32
CA LEU O 91 1.97 25.28 38.75
C LEU O 91 1.11 24.34 39.61
N TYR O 92 0.83 24.74 40.84
CA TYR O 92 0.08 23.93 41.81
C TYR O 92 0.66 22.54 42.04
N GLU O 93 1.99 22.46 41.95
CA GLU O 93 2.70 21.20 42.11
C GLU O 93 2.14 20.14 41.16
N ARG O 94 1.71 20.61 39.99
CA ARG O 94 1.14 19.78 38.93
C ARG O 94 -0.09 18.99 39.37
N ARG O 95 -0.82 19.49 40.37
CA ARG O 95 -2.05 18.84 40.79
C ARG O 95 -3.20 19.01 39.82
N GLU O 96 -3.72 17.89 39.34
CA GLU O 96 -4.72 17.86 38.29
C GLU O 96 -6.03 18.56 38.69
N MET O 97 -6.46 18.33 39.92
CA MET O 97 -7.67 18.97 40.44
C MET O 97 -7.57 20.48 40.41
N LYS O 98 -6.43 21.00 40.86
CA LYS O 98 -6.20 22.44 40.89
C LYS O 98 -6.13 23.02 39.49
N LEU O 99 -5.36 22.39 38.62
CA LEU O 99 -5.17 22.90 37.26
C LEU O 99 -6.49 22.98 36.49
N THR O 100 -7.29 21.93 36.55
CA THR O 100 -8.50 21.90 35.73
C THR O 100 -9.58 22.81 36.30
N THR O 101 -9.81 22.80 37.61
CA THR O 101 -10.93 23.58 38.15
C THR O 101 -10.58 25.07 38.12
N LEU O 102 -9.30 25.39 38.17
CA LEU O 102 -8.90 26.79 38.02
C LEU O 102 -9.08 27.30 36.60
N PHE O 103 -8.76 26.48 35.61
CA PHE O 103 -8.95 26.90 34.23
C PHE O 103 -10.41 27.10 33.90
N SER O 104 -11.26 26.18 34.33
CA SER O 104 -12.68 26.31 34.05
C SER O 104 -13.30 27.46 34.82
N SER O 105 -12.81 27.71 36.02
CA SER O 105 -13.30 28.83 36.80
C SER O 105 -12.91 30.17 36.14
N LEU O 106 -11.64 30.30 35.79
CA LEU O 106 -11.13 31.50 35.15
C LEU O 106 -11.76 31.79 33.81
N MET O 107 -11.85 30.78 32.96
CA MET O 107 -12.43 31.01 31.64
C MET O 107 -13.89 31.45 31.76
N SER O 108 -14.62 30.86 32.69
CA SER O 108 -16.01 31.23 32.88
C SER O 108 -16.15 32.70 33.27
N THR O 109 -15.35 33.13 34.25
CA THR O 109 -15.48 34.49 34.75
C THR O 109 -14.87 35.53 33.81
N TYR O 110 -13.74 35.23 33.18
CA TYR O 110 -13.20 36.15 32.18
C TYR O 110 -14.16 36.33 31.02
N TYR O 111 -14.79 35.23 30.61
CA TYR O 111 -15.75 35.27 29.53
C TYR O 111 -16.92 36.16 29.93
N MET O 112 -17.42 35.94 31.13
CA MET O 112 -18.50 36.75 31.66
C MET O 112 -18.12 38.23 31.73
N TYR O 113 -16.91 38.51 32.17
CA TYR O 113 -16.40 39.87 32.25
C TYR O 113 -16.36 40.53 30.87
N PHE O 114 -15.68 39.87 29.94
CA PHE O 114 -15.41 40.37 28.59
C PHE O 114 -16.67 40.44 27.74
N TRP O 115 -17.67 39.63 28.09
CA TRP O 115 -18.97 39.65 27.43
C TRP O 115 -19.65 41.00 27.63
N SER O 116 -19.56 41.55 28.83
CA SER O 116 -20.20 42.84 29.11
C SER O 116 -19.55 43.98 28.32
N GLN O 117 -18.31 43.80 27.89
CA GLN O 117 -17.63 44.79 27.06
C GLN O 117 -18.09 44.72 25.60
N TYR O 118 -18.15 43.50 25.05
CA TYR O 118 -18.50 43.34 23.64
C TYR O 118 -20.01 43.34 23.39
N PHE O 119 -20.79 42.93 24.39
CA PHE O 119 -22.24 42.92 24.24
C PHE O 119 -22.96 43.66 25.38
N PRO O 120 -22.76 44.99 25.45
CA PRO O 120 -23.40 45.82 26.48
C PRO O 120 -24.92 45.78 26.41
N ASP O 121 -25.43 45.51 25.21
CA ASP O 121 -26.86 45.43 24.96
C ASP O 121 -27.49 44.04 25.15
N LYS O 122 -26.69 43.05 25.46
CA LYS O 122 -27.18 41.71 25.79
C LYS O 122 -26.78 41.31 27.20
N PRO O 123 -27.40 41.90 28.21
CA PRO O 123 -26.99 41.49 29.56
C PRO O 123 -27.26 40.01 29.74
N LEU O 124 -26.37 39.33 30.47
CA LEU O 124 -26.49 37.88 30.61
C LEU O 124 -27.65 37.50 31.52
N HIS O 125 -28.38 36.47 31.10
CA HIS O 125 -29.47 35.93 31.89
C HIS O 125 -28.95 34.82 32.81
N ILE O 126 -29.45 34.76 34.04
CA ILE O 126 -28.94 33.83 35.03
C ILE O 126 -29.07 32.36 34.64
N ASP O 127 -30.00 32.08 33.74
CA ASP O 127 -30.22 30.69 33.33
C ASP O 127 -29.41 30.39 32.08
N HIS O 128 -28.64 31.38 31.65
CA HIS O 128 -27.77 31.23 30.49
C HIS O 128 -26.42 31.90 30.70
N LEU O 129 -25.73 31.49 31.76
CA LEU O 129 -24.38 31.98 32.03
C LEU O 129 -23.36 31.12 31.29
N PRO O 130 -22.21 31.70 30.92
CA PRO O 130 -21.21 30.92 30.18
C PRO O 130 -20.37 29.98 31.05
N ASN O 131 -20.59 28.67 30.91
CA ASN O 131 -19.83 27.71 31.67
C ASN O 131 -18.90 26.84 30.82
N PHE O 132 -17.83 26.37 31.44
CA PHE O 132 -16.83 25.56 30.76
C PHE O 132 -16.48 24.34 31.59
N ASP O 133 -16.22 23.21 30.92
CA ASP O 133 -15.59 22.10 31.58
C ASP O 133 -14.08 22.30 31.38
N ALA O 134 -13.26 21.43 31.96
CA ALA O 134 -11.82 21.48 31.71
C ALA O 134 -11.20 20.13 31.98
N ARG O 135 -10.30 19.71 31.11
CA ARG O 135 -9.57 18.47 31.31
C ARG O 135 -8.09 18.69 31.06
N ALA O 136 -7.26 17.92 31.77
CA ALA O 136 -5.83 17.96 31.56
C ALA O 136 -5.41 16.70 30.80
N VAL O 137 -4.57 16.85 29.78
CA VAL O 137 -4.05 15.68 29.07
C VAL O 137 -2.52 15.70 28.97
N LEU O 138 -1.91 14.54 29.22
CA LEU O 138 -0.46 14.42 29.16
C LEU O 138 0.07 13.89 27.83
N TYR O 139 1.10 14.55 27.32
CA TYR O 139 1.79 14.09 26.12
C TYR O 139 3.26 14.07 26.45
N PRO O 140 3.89 12.89 26.32
CA PRO O 140 5.27 12.67 26.77
C PRO O 140 6.31 13.18 25.79
N ASP O 141 5.86 13.57 24.59
CA ASP O 141 6.76 14.00 23.52
C ASP O 141 6.12 15.12 22.75
N PHE O 142 6.93 16.09 22.32
CA PHE O 142 6.40 17.25 21.64
C PHE O 142 5.75 16.94 20.30
N LYS O 143 6.10 15.81 19.69
CA LYS O 143 5.45 15.43 18.45
C LYS O 143 3.96 15.16 18.67
N HIS O 144 3.60 14.76 19.89
CA HIS O 144 2.20 14.52 20.20
C HIS O 144 1.51 15.87 20.42
N ILE O 145 2.31 16.84 20.87
CA ILE O 145 1.81 18.20 21.04
C ILE O 145 1.50 18.80 19.68
N ARG O 146 2.42 18.65 18.73
CA ARG O 146 2.17 19.07 17.36
C ARG O 146 0.93 18.39 16.79
N ASN O 147 0.83 17.09 16.96
CA ASN O 147 -0.30 16.35 16.42
C ASN O 147 -1.58 16.76 17.12
N TYR O 148 -1.50 17.12 18.39
CA TYR O 148 -2.70 17.53 19.11
C TYR O 148 -3.26 18.82 18.50
N PHE O 149 -2.41 19.82 18.28
CA PHE O 149 -2.91 21.09 17.72
C PHE O 149 -3.30 20.94 16.27
N SER O 150 -2.60 20.07 15.54
CA SER O 150 -3.00 19.72 14.18
C SER O 150 -4.39 19.11 14.15
N TRP O 151 -4.66 18.22 15.10
CA TRP O 151 -5.96 17.60 15.27
C TRP O 151 -7.06 18.64 15.47
N ARG O 152 -6.80 19.64 16.30
CA ARG O 152 -7.84 20.62 16.61
C ARG O 152 -8.06 21.55 15.43
N GLN O 153 -7.01 21.85 14.68
CA GLN O 153 -7.19 22.74 13.54
C GLN O 153 -7.88 22.00 12.40
N VAL O 154 -7.60 20.71 12.22
CA VAL O 154 -8.31 19.95 11.20
C VAL O 154 -9.80 19.92 11.54
N ASP O 155 -10.13 19.77 12.82
CA ASP O 155 -11.53 19.76 13.27
C ASP O 155 -12.16 21.13 13.07
N CYS O 156 -11.36 22.17 13.25
CA CYS O 156 -11.84 23.51 13.01
C CYS O 156 -12.18 23.66 11.54
N HIS O 157 -11.31 23.13 10.68
CA HIS O 157 -11.56 23.13 9.24
C HIS O 157 -12.84 22.38 8.89
N ILE O 158 -12.95 21.16 9.38
CA ILE O 158 -14.08 20.28 9.11
C ILE O 158 -15.42 20.87 9.56
N ASN O 159 -15.44 21.40 10.78
CA ASN O 159 -16.67 21.95 11.35
C ASN O 159 -17.09 23.26 10.71
N ASN O 160 -16.11 24.09 10.35
CA ASN O 160 -16.42 25.38 9.76
C ASN O 160 -16.94 25.17 8.35
N LEU O 161 -16.31 24.25 7.63
CA LEU O 161 -16.72 23.91 6.28
C LEU O 161 -18.16 23.39 6.31
N TYR O 162 -18.46 22.54 7.28
CA TYR O 162 -19.80 22.02 7.44
C TYR O 162 -20.80 23.14 7.76
N ASN O 163 -20.49 23.94 8.76
CA ASN O 163 -21.39 24.99 9.23
C ASN O 163 -21.63 26.08 8.22
N THR O 164 -20.61 26.43 7.44
CA THR O 164 -20.79 27.48 6.45
C THR O 164 -21.74 26.95 5.38
N THR O 165 -21.56 25.68 5.03
CA THR O 165 -22.45 25.04 4.07
C THR O 165 -23.87 24.88 4.62
N PHE O 166 -23.98 24.37 5.84
CA PHE O 166 -25.28 24.14 6.50
C PHE O 166 -26.12 25.40 6.55
N TRP O 167 -25.52 26.48 7.06
CA TRP O 167 -26.27 27.70 7.32
C TRP O 167 -26.57 28.46 6.03
N ASN O 168 -25.76 28.26 5.00
CA ASN O 168 -26.09 28.83 3.71
C ASN O 168 -27.25 28.08 3.05
N LEU O 169 -27.33 26.76 3.23
CA LEU O 169 -28.50 26.04 2.74
C LEU O 169 -29.79 26.52 3.41
N VAL O 170 -29.73 26.77 4.71
CA VAL O 170 -30.90 27.21 5.45
C VAL O 170 -31.25 28.66 5.17
N LEU O 171 -30.23 29.52 5.22
CA LEU O 171 -30.47 30.96 5.12
C LEU O 171 -30.56 31.46 3.68
N LYS O 172 -29.68 30.98 2.79
CA LYS O 172 -29.70 31.38 1.38
C LYS O 172 -30.71 30.60 0.53
N LEU O 173 -30.71 29.28 0.64
CA LEU O 173 -31.64 28.45 -0.14
C LEU O 173 -33.00 28.19 0.52
N LYS O 174 -33.24 28.81 1.68
CA LYS O 174 -34.52 28.68 2.39
C LYS O 174 -34.87 27.21 2.65
N MET O 175 -33.85 26.37 2.80
CA MET O 175 -34.03 24.99 3.23
C MET O 175 -34.39 24.97 4.71
N THR O 176 -35.13 23.96 5.15
CA THR O 176 -35.30 23.76 6.58
C THR O 176 -34.07 23.08 7.17
N PRO O 177 -33.83 23.26 8.47
CA PRO O 177 -32.71 22.59 9.16
C PRO O 177 -32.65 21.08 8.86
N GLN O 178 -33.80 20.41 8.84
CA GLN O 178 -33.86 18.96 8.64
C GLN O 178 -33.38 18.61 7.24
N GLN O 179 -33.78 19.43 6.26
CA GLN O 179 -33.41 19.17 4.88
C GLN O 179 -31.99 19.58 4.60
N ALA O 180 -31.52 20.57 5.35
CA ALA O 180 -30.11 20.96 5.28
C ALA O 180 -29.25 19.81 5.73
N GLU O 181 -29.70 19.17 6.81
CA GLU O 181 -29.00 18.04 7.39
C GLU O 181 -28.95 16.87 6.43
N GLN O 182 -30.09 16.57 5.82
CA GLN O 182 -30.16 15.47 4.85
C GLN O 182 -29.33 15.71 3.61
N ARG O 183 -29.26 16.97 3.17
CA ARG O 183 -28.48 17.32 2.01
C ARG O 183 -26.98 17.10 2.21
N LEU O 184 -26.51 17.27 3.45
CA LEU O 184 -25.08 17.18 3.65
C LEU O 184 -24.64 15.80 4.05
N MET O 185 -25.58 14.98 4.50
CA MET O 185 -25.25 13.63 4.89
C MET O 185 -24.66 12.88 3.70
N GLY O 186 -23.48 12.28 3.85
CA GLY O 186 -22.90 11.54 2.74
C GLY O 186 -21.95 12.37 1.90
N THR O 187 -21.50 13.50 2.43
CA THR O 187 -20.65 14.43 1.70
C THR O 187 -19.21 14.54 2.18
N VAL O 188 -18.29 14.67 1.22
CA VAL O 188 -16.89 14.94 1.56
C VAL O 188 -16.60 16.41 1.30
N ALA O 189 -15.38 16.83 1.60
CA ALA O 189 -15.03 18.27 1.55
C ALA O 189 -15.24 18.96 0.20
N SER O 190 -14.85 18.31 -0.89
CA SER O 190 -15.00 18.91 -2.23
C SER O 190 -16.47 19.09 -2.60
N ASP O 191 -17.30 18.16 -2.16
CA ASP O 191 -18.74 18.23 -2.39
C ASP O 191 -19.33 19.44 -1.69
N LYS O 192 -18.95 19.67 -0.44
CA LYS O 192 -19.48 20.79 0.33
C LYS O 192 -19.08 22.08 -0.37
N ASN O 193 -17.83 22.11 -0.84
CA ASN O 193 -17.31 23.25 -1.60
C ASN O 193 -18.11 23.52 -2.87
N GLU O 194 -18.45 22.45 -3.59
CA GLU O 194 -19.20 22.57 -4.83
C GLU O 194 -20.60 23.11 -4.53
N ILE O 195 -21.22 22.58 -3.48
CA ILE O 195 -22.54 23.04 -3.04
C ILE O 195 -22.51 24.53 -2.71
N LEU O 196 -21.44 24.96 -2.03
CA LEU O 196 -21.24 26.37 -1.68
C LEU O 196 -21.10 27.24 -2.93
N PHE O 197 -20.33 26.80 -3.92
CA PHE O 197 -20.09 27.63 -5.10
C PHE O 197 -21.34 27.68 -5.98
N LYS O 198 -21.79 26.51 -6.42
CA LYS O 198 -22.85 26.42 -7.42
C LYS O 198 -24.24 26.82 -6.92
N GLU O 199 -24.57 26.49 -5.69
CA GLU O 199 -25.93 26.73 -5.22
C GLU O 199 -26.08 28.01 -4.38
N CYS O 200 -25.02 28.42 -3.69
CA CYS O 200 -25.12 29.57 -2.79
C CYS O 200 -24.31 30.78 -3.22
N GLY O 201 -23.48 30.64 -4.25
CA GLY O 201 -22.64 31.73 -4.68
C GLY O 201 -21.58 32.11 -3.65
N VAL O 202 -21.10 31.13 -2.89
CA VAL O 202 -20.12 31.40 -1.86
C VAL O 202 -18.76 30.74 -2.08
N ASN O 203 -17.72 31.55 -2.08
CA ASN O 203 -16.36 31.04 -2.14
C ASN O 203 -15.84 30.81 -0.73
N TYR O 204 -15.73 29.54 -0.34
CA TYR O 204 -15.35 29.24 1.05
C TYR O 204 -13.96 29.74 1.38
N ASN O 205 -13.06 29.65 0.41
CA ASN O 205 -11.69 30.07 0.62
C ASN O 205 -11.58 31.55 0.98
N ASN O 206 -12.59 32.34 0.64
CA ASN O 206 -12.64 33.77 0.94
C ASN O 206 -13.24 34.04 2.31
N GLU O 207 -13.70 32.99 3.00
CA GLU O 207 -14.16 33.15 4.37
C GLU O 207 -13.00 33.65 5.20
N SER O 208 -13.30 34.38 6.28
CA SER O 208 -12.27 34.90 7.18
C SER O 208 -11.27 33.83 7.59
N GLU O 209 -10.01 34.25 7.64
CA GLU O 209 -8.94 33.35 8.05
C GLU O 209 -9.15 32.81 9.45
N MET O 210 -9.69 33.65 10.34
CA MET O 210 -10.00 33.23 11.69
C MET O 210 -11.04 32.12 11.74
N TYR O 211 -12.06 32.26 10.90
CA TYR O 211 -13.12 31.27 10.83
C TYR O 211 -12.56 29.97 10.28
N LYS O 212 -11.67 30.07 9.31
CA LYS O 212 -11.16 28.90 8.61
C LYS O 212 -10.09 28.16 9.40
N LYS O 213 -9.23 28.91 10.09
CA LYS O 213 -8.03 28.39 10.73
C LYS O 213 -8.11 28.35 12.25
N GLY O 214 -9.00 29.14 12.83
CA GLY O 214 -9.07 29.29 14.27
C GLY O 214 -8.11 30.33 14.79
N THR O 215 -7.84 30.31 16.09
CA THR O 215 -7.03 31.36 16.66
C THR O 215 -5.86 30.81 17.46
N ILE O 216 -4.67 31.24 17.10
CA ILE O 216 -3.45 30.89 17.82
C ILE O 216 -2.90 32.05 18.66
N ILE O 217 -2.73 31.82 19.96
CA ILE O 217 -2.07 32.78 20.84
C ILE O 217 -0.72 32.25 21.31
N VAL O 218 0.37 32.95 20.99
CA VAL O 218 1.69 32.44 21.34
C VAL O 218 2.54 33.42 22.13
N ARG O 219 3.26 32.90 23.10
CA ARG O 219 4.23 33.67 23.85
C ARG O 219 5.47 33.82 22.97
N GLU O 220 5.87 35.05 22.71
CA GLU O 220 7.03 35.31 21.85
C GLU O 220 8.27 35.77 22.60
N PHE O 221 9.40 35.12 22.32
CA PHE O 221 10.69 35.51 22.90
C PHE O 221 11.58 36.03 21.78
N GLU O 222 12.39 37.06 22.04
CA GLU O 222 13.21 37.59 20.96
C GLU O 222 14.63 37.03 20.92
N ASN O 223 15.36 37.19 22.02
CA ASN O 223 16.74 36.76 22.07
C ASN O 223 16.82 35.48 22.88
N TYR O 224 16.14 34.44 22.39
CA TYR O 224 16.04 33.19 23.14
C TYR O 224 17.21 32.24 22.92
N GLU O 225 17.75 31.74 24.03
CA GLU O 225 18.68 30.63 23.98
C GLU O 225 18.19 29.58 24.96
N THR O 226 18.34 28.32 24.58
CA THR O 226 17.78 27.21 25.36
C THR O 226 18.55 27.00 26.66
N GLU O 227 18.67 28.07 27.45
CA GLU O 227 19.46 28.04 28.68
C GLU O 227 18.78 27.20 29.77
N ASP O 228 17.49 26.92 29.57
CA ASP O 228 16.70 26.21 30.58
C ASP O 228 17.11 24.75 30.72
N GLU O 229 17.61 24.40 31.89
CA GLU O 229 18.06 23.04 32.19
C GLU O 229 17.84 22.78 33.67
N ALA O 230 17.79 21.51 34.04
CA ALA O 230 17.59 21.12 35.44
C ALA O 230 18.77 21.51 36.32
N GLU O 231 19.96 21.56 35.73
CA GLU O 231 21.19 21.82 36.46
C GLU O 231 21.15 23.19 37.13
N LEU O 232 20.86 24.22 36.35
CA LEU O 232 20.79 25.58 36.86
C LEU O 232 19.56 25.78 37.73
N SER O 233 19.72 26.54 38.81
CA SER O 233 18.64 26.74 39.77
C SER O 233 18.77 28.03 40.57
N LYS O 234 17.87 28.18 41.55
CA LYS O 234 17.82 29.32 42.48
C LYS O 234 17.45 30.63 41.76
N ARG O 235 18.38 31.59 41.74
CA ARG O 235 18.11 32.89 41.14
C ARG O 235 17.91 32.77 39.64
N GLN O 236 18.57 31.79 39.04
CA GLN O 236 18.44 31.53 37.61
C GLN O 236 17.00 31.19 37.20
N VAL O 237 16.39 30.29 37.95
CA VAL O 237 15.02 29.86 37.67
C VAL O 237 14.00 30.98 37.88
N GLN O 238 14.11 31.68 39.00
CA GLN O 238 13.17 32.76 39.33
C GLN O 238 13.28 33.93 38.37
N ARG O 239 14.50 34.15 37.86
CA ARG O 239 14.75 35.20 36.87
C ARG O 239 14.15 34.80 35.52
N LEU O 240 14.33 33.54 35.15
CA LEU O 240 13.77 33.02 33.92
C LEU O 240 12.26 32.94 33.97
N GLU O 241 11.71 32.69 35.16
CA GLU O 241 10.27 32.63 35.32
C GLU O 241 9.65 33.98 35.03
N LYS O 242 10.29 35.05 35.47
CA LYS O 242 9.75 36.39 35.20
C LYS O 242 9.96 36.80 33.75
N LYS O 243 11.05 36.37 33.13
CA LYS O 243 11.28 36.65 31.71
C LYS O 243 10.19 36.09 30.83
N ARG O 244 9.67 34.92 31.20
CA ARG O 244 8.54 34.31 30.52
C ARG O 244 7.27 35.15 30.77
N LYS O 245 7.14 35.66 31.98
CA LYS O 245 6.02 36.52 32.36
C LYS O 245 6.00 37.81 31.57
N LYS O 246 7.19 38.38 31.33
CA LYS O 246 7.32 39.64 30.61
C LYS O 246 7.70 39.34 29.15
N ALA O 247 6.89 38.48 28.55
CA ALA O 247 7.01 38.05 27.17
C ALA O 247 5.79 38.53 26.44
N GLU O 248 5.82 38.50 25.11
CA GLU O 248 4.71 39.12 24.41
C GLU O 248 3.88 38.10 23.67
N LEU O 249 2.58 38.33 23.75
CA LEU O 249 1.57 37.47 23.16
C LEU O 249 1.16 37.96 21.77
N LYS O 250 1.35 37.13 20.75
CA LYS O 250 0.96 37.52 19.42
C LYS O 250 -0.12 36.56 18.94
N ILE O 251 -1.08 37.08 18.21
CA ILE O 251 -2.22 36.29 17.73
C ILE O 251 -2.09 36.03 16.25
N TYR O 252 -2.30 34.80 15.84
CA TYR O 252 -2.20 34.42 14.44
C TYR O 252 -3.42 33.63 14.03
N HIS O 253 -3.73 33.66 12.73
CA HIS O 253 -4.78 32.82 12.19
C HIS O 253 -4.18 32.12 10.98
N VAL O 254 -3.23 31.23 11.24
CA VAL O 254 -2.45 30.62 10.18
C VAL O 254 -2.41 29.11 10.30
N ASP O 255 -1.99 28.44 9.23
CA ASP O 255 -1.75 27.01 9.30
C ASP O 255 -0.57 26.64 10.21
N ILE O 256 -0.81 25.69 11.12
CA ILE O 256 0.25 25.12 11.95
C ILE O 256 0.35 23.61 11.70
N ILE O 257 -0.52 23.11 10.83
CA ILE O 257 -0.52 21.69 10.49
C ILE O 257 0.68 21.29 9.64
N ASN O 258 0.90 22.01 8.54
CA ASN O 258 1.93 21.61 7.58
C ASN O 258 3.15 22.53 7.54
N ASP O 259 3.07 23.65 8.25
CA ASP O 259 4.16 24.61 8.29
C ASP O 259 5.16 24.32 9.42
N ASP O 260 6.10 23.41 9.15
CA ASP O 260 7.12 23.02 10.13
C ASP O 260 8.02 24.15 10.62
N SER O 261 8.34 25.08 9.74
CA SER O 261 9.22 26.19 10.09
C SER O 261 8.61 27.08 11.17
N TRP O 262 7.27 27.13 11.20
CA TRP O 262 6.55 27.90 12.20
C TRP O 262 6.89 27.44 13.62
N TRP O 263 6.98 26.12 13.79
CA TRP O 263 7.33 25.52 15.06
C TRP O 263 8.82 25.61 15.33
N LYS O 264 9.62 25.33 14.31
CA LYS O 264 11.07 25.35 14.45
C LYS O 264 11.57 26.73 14.87
N SER O 265 10.89 27.78 14.42
CA SER O 265 11.29 29.13 14.78
C SER O 265 10.77 29.53 16.16
N ARG O 266 10.13 28.58 16.85
CA ARG O 266 9.63 28.83 18.20
C ARG O 266 10.08 27.73 19.15
N PRO O 267 11.40 27.57 19.33
CA PRO O 267 11.96 26.46 20.10
C PRO O 267 11.60 26.49 21.58
N TRP O 268 11.20 27.65 22.11
CA TRP O 268 10.83 27.77 23.52
C TRP O 268 9.53 27.03 23.82
N LEU O 269 8.83 26.66 22.74
CA LEU O 269 7.62 25.87 22.86
C LEU O 269 7.88 24.45 23.38
N LYS O 270 9.03 23.86 23.06
CA LYS O 270 9.26 22.48 23.50
C LYS O 270 9.79 22.31 24.92
N ASP O 271 10.35 23.36 25.52
CA ASP O 271 11.02 23.13 26.80
C ASP O 271 10.21 23.74 27.96
N SER P 7 -7.96 9.60 10.05
CA SER P 7 -7.18 10.79 10.38
C SER P 7 -5.87 10.37 11.05
N LYS P 8 -4.78 11.05 10.69
CA LYS P 8 -3.46 10.74 11.27
C LYS P 8 -3.17 11.50 12.57
N TYR P 9 -4.04 12.42 12.98
CA TYR P 9 -3.75 13.19 14.18
C TYR P 9 -4.71 12.84 15.30
N GLU P 10 -5.80 12.16 14.96
CA GLU P 10 -6.83 11.93 15.94
C GLU P 10 -6.45 10.89 17.00
N TYR P 11 -5.33 10.18 16.78
CA TYR P 11 -4.83 9.22 17.77
C TYR P 11 -4.55 9.89 19.13
N VAL P 12 -4.29 11.19 19.11
CA VAL P 12 -3.94 11.92 20.33
C VAL P 12 -5.03 11.89 21.37
N LYS P 13 -6.25 11.55 20.96
CA LYS P 13 -7.35 11.44 21.92
C LYS P 13 -7.13 10.30 22.93
N LEU P 14 -6.33 9.30 22.54
CA LEU P 14 -6.09 8.12 23.37
C LEU P 14 -5.22 8.40 24.60
N PHE P 15 -4.65 9.59 24.69
CA PHE P 15 -3.81 9.95 25.83
C PHE P 15 -4.63 10.45 27.01
N GLU P 16 -5.92 10.70 26.77
CA GLU P 16 -6.78 11.18 27.85
C GLU P 16 -7.08 10.06 28.85
N LYS P 17 -7.17 10.41 30.13
CA LYS P 17 -7.51 9.48 31.18
C LYS P 17 -8.68 9.99 32.02
N GLU P 18 -9.79 9.27 31.96
CA GLU P 18 -10.96 9.57 32.78
C GLU P 18 -10.88 8.86 34.13
N ASN P 19 -11.46 9.48 35.14
CA ASN P 19 -11.56 8.88 36.45
C ASN P 19 -13.03 8.73 36.81
N TYR P 20 -13.54 7.50 36.69
CA TYR P 20 -14.92 7.22 37.07
C TYR P 20 -14.99 6.88 38.55
N LEU P 21 -15.67 7.73 39.32
CA LEU P 21 -15.73 7.58 40.76
C LEU P 21 -16.51 6.33 41.15
N LEU P 22 -15.96 5.58 42.11
CA LEU P 22 -16.54 4.33 42.63
C LEU P 22 -18.05 4.40 42.82
N PRO P 23 -18.77 3.47 42.18
CA PRO P 23 -20.24 3.41 42.25
C PRO P 23 -20.75 3.26 43.68
N ASP P 24 -21.99 3.68 43.92
CA ASP P 24 -22.68 3.44 45.18
C ASP P 24 -21.93 4.04 46.37
N THR P 25 -21.22 5.14 46.11
CA THR P 25 -20.47 5.82 47.14
C THR P 25 -20.91 7.27 47.21
N TYR P 26 -20.96 7.83 48.40
CA TYR P 26 -21.31 9.24 48.54
C TYR P 26 -20.22 10.10 47.94
N ILE P 27 -20.60 11.12 47.20
CA ILE P 27 -19.62 12.05 46.69
C ILE P 27 -19.83 13.41 47.35
N ILE P 28 -18.75 13.95 47.91
CA ILE P 28 -18.77 15.33 48.35
C ILE P 28 -17.98 16.18 47.38
N ILE P 29 -18.60 17.25 46.89
CA ILE P 29 -17.86 18.22 46.12
C ILE P 29 -17.75 19.48 46.94
N ARG P 30 -16.51 19.87 47.23
CA ARG P 30 -16.25 21.07 48.00
C ARG P 30 -15.63 22.13 47.12
N VAL P 31 -16.21 23.30 47.17
CA VAL P 31 -15.65 24.43 46.47
C VAL P 31 -15.15 25.45 47.49
N ASP P 32 -14.02 26.09 47.16
CA ASP P 32 -13.41 27.10 48.03
C ASP P 32 -12.84 28.24 47.20
N GLY P 33 -13.13 29.48 47.60
CA GLY P 33 -12.70 30.65 46.86
C GLY P 33 -11.20 30.80 46.70
N LYS P 34 -10.77 31.06 45.46
CA LYS P 34 -9.36 31.24 45.17
C LYS P 34 -8.89 32.66 45.49
N GLY P 35 -7.93 32.77 46.41
CA GLY P 35 -7.38 34.05 46.80
C GLY P 35 -8.44 34.99 47.34
N PHE P 36 -9.33 34.48 48.17
CA PHE P 36 -10.40 35.31 48.71
C PHE P 36 -9.97 36.22 49.87
N HIS P 37 -8.76 36.02 50.38
CA HIS P 37 -8.20 37.01 51.31
C HIS P 37 -7.96 38.35 50.62
N LYS P 38 -7.25 38.33 49.49
CA LYS P 38 -7.03 39.51 48.69
C LYS P 38 -8.37 40.05 48.21
N PHE P 39 -9.24 39.13 47.83
CA PHE P 39 -10.56 39.45 47.31
C PHE P 39 -11.39 40.22 48.34
N SER P 40 -11.34 39.77 49.58
CA SER P 40 -12.12 40.43 50.63
C SER P 40 -11.57 41.81 51.00
N GLN P 41 -10.27 42.01 50.79
CA GLN P 41 -9.66 43.32 50.98
C GLN P 41 -10.00 44.30 49.85
N PHE P 42 -9.83 43.82 48.63
CA PHE P 42 -10.04 44.62 47.44
C PHE P 42 -11.46 45.18 47.39
N TYR P 43 -12.44 44.37 47.76
CA TYR P 43 -13.83 44.80 47.71
C TYR P 43 -14.31 45.24 49.08
N GLU P 44 -13.36 45.42 49.99
CA GLU P 44 -13.64 46.02 51.29
C GLU P 44 -14.78 45.33 52.05
N PHE P 45 -14.66 44.02 52.20
CA PHE P 45 -15.60 43.26 53.04
C PHE P 45 -15.63 43.82 54.46
N GLU P 46 -16.82 43.82 55.05
CA GLU P 46 -16.94 44.07 56.47
C GLU P 46 -16.23 42.98 57.26
N LYS P 47 -15.70 43.35 58.43
CA LYS P 47 -15.01 42.39 59.28
C LYS P 47 -15.71 42.35 60.63
N PRO P 48 -15.79 41.17 61.25
CA PRO P 48 -15.25 39.87 60.82
C PRO P 48 -16.08 39.27 59.68
N ASN P 49 -17.38 39.57 59.67
CA ASN P 49 -18.26 39.02 58.64
C ASN P 49 -18.95 40.11 57.83
N ASP P 50 -18.89 39.94 56.50
CA ASP P 50 -19.60 40.82 55.58
C ASP P 50 -20.89 40.08 55.20
N LEU P 51 -22.03 40.59 55.65
CA LEU P 51 -23.31 39.92 55.47
C LEU P 51 -23.71 39.68 54.01
N LYS P 52 -23.59 40.71 53.18
CA LYS P 52 -24.02 40.64 51.79
C LYS P 52 -23.17 39.72 50.91
N ALA P 53 -21.89 39.60 51.20
CA ALA P 53 -20.99 38.70 50.49
C ALA P 53 -21.36 37.23 50.64
N LEU P 54 -21.76 36.86 51.85
CA LEU P 54 -22.26 35.52 52.16
C LEU P 54 -23.61 35.24 51.51
N GLN P 55 -24.41 36.28 51.36
CA GLN P 55 -25.71 36.16 50.75
C GLN P 55 -25.57 35.92 49.25
N VAL P 56 -24.50 36.46 48.67
CA VAL P 56 -24.11 36.15 47.29
C VAL P 56 -23.76 34.67 47.16
N MET P 57 -22.95 34.17 48.09
CA MET P 57 -22.55 32.77 48.12
C MET P 57 -23.74 31.83 48.24
N ASN P 58 -24.65 32.17 49.14
CA ASN P 58 -25.80 31.33 49.44
C ASN P 58 -26.70 31.26 48.22
N SER P 59 -26.82 32.41 47.54
CA SER P 59 -27.60 32.51 46.31
C SER P 59 -26.99 31.66 45.20
N ALA P 60 -25.67 31.73 45.07
CA ALA P 60 -24.94 30.93 44.09
C ALA P 60 -25.20 29.43 44.30
N ALA P 61 -25.05 28.98 45.54
CA ALA P 61 -25.22 27.58 45.88
C ALA P 61 -26.64 27.06 45.66
N GLU P 62 -27.64 27.83 46.06
CA GLU P 62 -29.03 27.42 45.88
C GLU P 62 -29.38 27.30 44.41
N LYS P 63 -28.84 28.20 43.61
CA LYS P 63 -29.10 28.18 42.18
C LYS P 63 -28.48 26.91 41.58
N LEU P 64 -27.24 26.60 41.96
CA LEU P 64 -26.55 25.39 41.52
C LEU P 64 -27.32 24.14 41.91
N MET P 65 -27.74 24.10 43.16
CA MET P 65 -28.42 22.96 43.76
C MET P 65 -29.77 22.68 43.10
N SER P 66 -30.42 23.74 42.62
CA SER P 66 -31.72 23.60 41.95
C SER P 66 -31.57 23.08 40.52
N LYS P 67 -30.36 23.16 39.99
CA LYS P 67 -30.05 22.70 38.64
C LYS P 67 -29.80 21.20 38.62
N TYR P 68 -29.31 20.67 39.75
CA TYR P 68 -28.92 19.27 39.81
C TYR P 68 -29.65 18.48 40.90
N SER P 69 -30.66 17.73 40.47
CA SER P 69 -31.52 17.00 41.40
C SER P 69 -30.78 15.90 42.16
N ASP P 70 -29.58 15.53 41.72
CA ASP P 70 -28.78 14.56 42.46
C ASP P 70 -28.15 15.19 43.70
N VAL P 71 -28.04 16.51 43.74
CA VAL P 71 -27.56 17.19 44.94
C VAL P 71 -28.62 17.21 46.03
N MET P 72 -28.34 16.54 47.15
CA MET P 72 -29.36 16.38 48.19
C MET P 72 -29.22 17.40 49.33
N LEU P 73 -28.00 17.89 49.54
CA LEU P 73 -27.69 18.71 50.71
C LEU P 73 -26.48 19.59 50.47
N ALA P 74 -26.53 20.84 50.93
CA ALA P 74 -25.40 21.75 50.79
C ALA P 74 -25.08 22.51 52.06
N TYR P 75 -23.80 22.69 52.33
CA TYR P 75 -23.32 23.44 53.49
C TYR P 75 -22.26 24.43 53.08
N GLY P 76 -22.42 25.68 53.47
CA GLY P 76 -21.48 26.72 53.10
C GLY P 76 -21.14 27.58 54.29
N ASP P 77 -19.92 28.10 54.28
CA ASP P 77 -19.49 29.16 55.19
C ASP P 77 -18.22 29.77 54.61
N SER P 78 -17.92 31.01 54.97
CA SER P 78 -16.73 31.70 54.46
C SER P 78 -16.75 31.68 52.95
N ASP P 79 -15.65 31.22 52.35
CA ASP P 79 -15.54 31.15 50.90
C ASP P 79 -15.74 29.73 50.38
N GLU P 80 -16.44 28.90 51.15
CA GLU P 80 -16.59 27.50 50.77
C GLU P 80 -18.04 27.03 50.73
N TYR P 81 -18.27 26.02 49.91
CA TYR P 81 -19.54 25.30 49.91
C TYR P 81 -19.29 23.83 49.70
N SER P 82 -20.04 23.00 50.41
CA SER P 82 -19.93 21.57 50.21
C SER P 82 -21.24 21.00 49.70
N PHE P 83 -21.17 20.18 48.66
CA PHE P 83 -22.38 19.60 48.08
C PHE P 83 -22.37 18.09 48.19
N LEU P 84 -23.44 17.56 48.76
CA LEU P 84 -23.67 16.13 48.87
C LEU P 84 -24.45 15.60 47.69
N LEU P 85 -23.85 14.67 46.95
CA LEU P 85 -24.55 14.01 45.86
C LEU P 85 -25.08 12.69 46.38
N ARG P 86 -26.32 12.36 46.05
CA ARG P 86 -26.92 11.11 46.49
C ARG P 86 -26.08 9.95 45.99
N LYS P 87 -26.08 8.87 46.76
CA LYS P 87 -25.14 7.79 46.54
C LYS P 87 -25.30 7.03 45.23
N ASN P 88 -26.49 7.06 44.65
CA ASN P 88 -26.75 6.35 43.39
C ASN P 88 -26.72 7.29 42.19
N CYS P 89 -26.12 8.46 42.41
CA CYS P 89 -25.90 9.47 41.39
C CYS P 89 -25.13 9.02 40.16
N GLN P 90 -25.70 9.31 38.99
CA GLN P 90 -25.09 9.00 37.70
C GLN P 90 -24.82 10.27 36.89
N LEU P 91 -24.84 11.42 37.57
CA LEU P 91 -24.49 12.68 36.96
C LEU P 91 -23.13 12.63 36.29
N TYR P 92 -23.12 12.88 34.98
CA TYR P 92 -21.92 12.83 34.13
C TYR P 92 -21.17 11.51 34.25
N GLU P 93 -21.93 10.45 34.46
CA GLU P 93 -21.41 9.09 34.64
C GLU P 93 -20.35 9.05 35.74
N ARG P 94 -20.54 9.91 36.74
CA ARG P 94 -19.64 10.01 37.88
C ARG P 94 -18.20 10.35 37.46
N ARG P 95 -18.04 11.02 36.32
CA ARG P 95 -16.69 11.44 35.90
C ARG P 95 -16.20 12.59 36.75
N GLU P 96 -15.07 12.38 37.40
CA GLU P 96 -14.58 13.37 38.34
C GLU P 96 -14.26 14.70 37.68
N MET P 97 -13.65 14.65 36.50
CA MET P 97 -13.33 15.85 35.75
C MET P 97 -14.55 16.68 35.45
N LYS P 98 -15.62 16.03 34.99
CA LYS P 98 -16.84 16.74 34.65
C LYS P 98 -17.47 17.33 35.91
N LEU P 99 -17.59 16.51 36.95
CA LEU P 99 -18.24 16.97 38.17
C LEU P 99 -17.51 18.15 38.79
N THR P 100 -16.19 18.08 38.90
CA THR P 100 -15.46 19.11 39.61
C THR P 100 -15.31 20.41 38.83
N THR P 101 -14.98 20.32 37.55
CA THR P 101 -14.70 21.55 36.79
C THR P 101 -15.99 22.29 36.47
N LEU P 102 -17.09 21.54 36.40
CA LEU P 102 -18.39 22.17 36.22
C LEU P 102 -18.92 22.89 37.45
N PHE P 103 -18.71 22.30 38.62
CA PHE P 103 -19.14 22.92 39.86
C PHE P 103 -18.35 24.20 40.07
N SER P 104 -17.05 24.16 39.82
CA SER P 104 -16.23 25.34 39.99
C SER P 104 -16.58 26.40 38.97
N SER P 105 -16.93 25.97 37.77
CA SER P 105 -17.38 26.88 36.71
C SER P 105 -18.71 27.57 37.06
N LEU P 106 -19.69 26.76 37.48
CA LEU P 106 -21.01 27.25 37.86
C LEU P 106 -20.92 28.20 39.05
N MET P 107 -20.16 27.82 40.07
CA MET P 107 -20.04 28.66 41.25
C MET P 107 -19.42 29.99 40.90
N SER P 108 -18.44 29.96 40.01
CA SER P 108 -17.78 31.16 39.60
C SER P 108 -18.77 32.11 38.93
N THR P 109 -19.56 31.58 38.00
CA THR P 109 -20.47 32.44 37.26
C THR P 109 -21.69 32.86 38.06
N TYR P 110 -22.23 31.94 38.86
CA TYR P 110 -23.32 32.30 39.76
C TYR P 110 -22.92 33.34 40.79
N TYR P 111 -21.70 33.23 41.31
CA TYR P 111 -21.21 34.21 42.28
C TYR P 111 -21.15 35.59 41.65
N MET P 112 -20.57 35.62 40.45
CA MET P 112 -20.44 36.84 39.66
C MET P 112 -21.78 37.50 39.33
N TYR P 113 -22.78 36.70 38.96
CA TYR P 113 -24.11 37.21 38.64
C TYR P 113 -24.69 37.91 39.85
N PHE P 114 -24.73 37.20 40.96
CA PHE P 114 -25.35 37.67 42.20
C PHE P 114 -24.58 38.81 42.84
N TRP P 115 -23.29 38.91 42.55
CA TRP P 115 -22.49 40.03 43.03
C TRP P 115 -23.01 41.31 42.42
N SER P 116 -23.34 41.30 41.13
CA SER P 116 -23.84 42.50 40.46
C SER P 116 -25.20 42.91 41.00
N GLN P 117 -25.94 41.97 41.57
CA GLN P 117 -27.23 42.27 42.19
C GLN P 117 -27.06 42.89 43.57
N TYR P 118 -26.20 42.27 44.38
CA TYR P 118 -26.00 42.70 45.77
C TYR P 118 -25.01 43.85 45.94
N PHE P 119 -24.05 43.98 45.04
CA PHE P 119 -23.07 45.07 45.13
C PHE P 119 -23.01 45.87 43.84
N PRO P 120 -24.10 46.57 43.51
CA PRO P 120 -24.12 47.36 42.29
C PRO P 120 -23.08 48.46 42.28
N ASP P 121 -22.68 48.92 43.46
CA ASP P 121 -21.68 49.96 43.58
C ASP P 121 -20.24 49.47 43.65
N LYS P 122 -20.06 48.17 43.62
CA LYS P 122 -18.71 47.59 43.54
C LYS P 122 -18.54 46.76 42.28
N PRO P 123 -18.47 47.40 41.11
CA PRO P 123 -18.30 46.59 39.91
C PRO P 123 -17.00 45.79 39.98
N LEU P 124 -17.01 44.57 39.47
CA LEU P 124 -15.87 43.68 39.58
C LEU P 124 -14.70 44.09 38.69
N HIS P 125 -13.49 44.01 39.23
CA HIS P 125 -12.29 44.30 38.46
C HIS P 125 -11.73 43.02 37.83
N ILE P 126 -11.24 43.12 36.61
CA ILE P 126 -10.81 41.94 35.87
C ILE P 126 -9.67 41.18 36.55
N ASP P 127 -8.91 41.86 37.41
CA ASP P 127 -7.79 41.20 38.07
C ASP P 127 -8.19 40.67 39.43
N HIS P 128 -9.45 40.82 39.77
CA HIS P 128 -9.97 40.32 41.03
C HIS P 128 -11.36 39.75 40.84
N LEU P 129 -11.49 38.77 39.93
CA LEU P 129 -12.75 38.08 39.73
C LEU P 129 -12.87 36.91 40.71
N PRO P 130 -14.11 36.57 41.06
CA PRO P 130 -14.28 35.48 42.02
C PRO P 130 -14.13 34.11 41.39
N ASN P 131 -13.03 33.46 41.75
CA ASN P 131 -12.73 32.14 41.27
C ASN P 131 -12.80 31.12 42.38
N PHE P 132 -13.12 29.89 42.01
CA PHE P 132 -13.26 28.81 42.96
C PHE P 132 -12.50 27.60 42.49
N ASP P 133 -11.91 26.85 43.41
CA ASP P 133 -11.43 25.51 43.08
C ASP P 133 -12.57 24.54 43.35
N ALA P 134 -12.36 23.27 43.03
CA ALA P 134 -13.33 22.26 43.38
C ALA P 134 -12.66 20.90 43.45
N ARG P 135 -13.00 20.13 44.47
CA ARG P 135 -12.50 18.77 44.59
C ARG P 135 -13.63 17.82 44.91
N ALA P 136 -13.49 16.60 44.44
CA ALA P 136 -14.46 15.56 44.76
C ALA P 136 -13.86 14.61 45.77
N VAL P 137 -14.64 14.25 46.78
CA VAL P 137 -14.20 13.27 47.77
C VAL P 137 -15.26 12.16 47.95
N LEU P 138 -14.80 10.91 47.99
CA LEU P 138 -15.69 9.76 48.16
C LEU P 138 -15.79 9.31 49.59
N TYR P 139 -17.00 9.05 50.06
CA TYR P 139 -17.20 8.48 51.40
C TYR P 139 -18.11 7.25 51.31
N PRO P 140 -17.61 6.10 51.78
CA PRO P 140 -18.29 4.81 51.59
C PRO P 140 -19.43 4.50 52.57
N ASP P 141 -19.61 5.33 53.59
CA ASP P 141 -20.62 5.04 54.62
C ASP P 141 -21.22 6.36 55.04
N PHE P 142 -22.52 6.36 55.30
CA PHE P 142 -23.22 7.59 55.62
C PHE P 142 -22.74 8.21 56.92
N LYS P 143 -22.15 7.41 57.80
CA LYS P 143 -21.60 7.95 59.04
C LYS P 143 -20.47 8.92 58.72
N HIS P 144 -19.82 8.73 57.58
CA HIS P 144 -18.75 9.63 57.18
C HIS P 144 -19.28 10.95 56.62
N ILE P 145 -20.47 10.91 56.03
CA ILE P 145 -21.11 12.12 55.53
C ILE P 145 -21.50 13.03 56.67
N ARG P 146 -22.12 12.45 57.68
CA ARG P 146 -22.45 13.15 58.91
C ARG P 146 -21.21 13.76 59.54
N ASN P 147 -20.15 12.98 59.63
CA ASN P 147 -18.93 13.46 60.25
C ASN P 147 -18.27 14.57 59.44
N TYR P 148 -18.44 14.53 58.12
CA TYR P 148 -17.86 15.56 57.26
C TYR P 148 -18.47 16.93 57.47
N PHE P 149 -19.80 16.98 57.49
CA PHE P 149 -20.50 18.25 57.64
C PHE P 149 -20.35 18.77 59.06
N SER P 150 -20.28 17.87 60.01
CA SER P 150 -19.96 18.22 61.41
C SER P 150 -18.58 18.88 61.50
N TRP P 151 -17.62 18.33 60.78
CA TRP P 151 -16.27 18.88 60.68
C TRP P 151 -16.29 20.32 60.18
N ARG P 152 -17.08 20.59 59.16
CA ARG P 152 -17.10 21.90 58.55
C ARG P 152 -17.80 22.91 59.45
N GLN P 153 -18.81 22.46 60.19
CA GLN P 153 -19.50 23.39 61.08
C GLN P 153 -18.64 23.69 62.31
N VAL P 154 -17.93 22.68 62.83
CA VAL P 154 -17.01 22.89 63.95
C VAL P 154 -15.90 23.88 63.59
N ASP P 155 -15.39 23.74 62.38
CA ASP P 155 -14.34 24.61 61.87
C ASP P 155 -14.83 26.04 61.68
N CYS P 156 -16.09 26.18 61.30
CA CYS P 156 -16.71 27.48 61.15
C CYS P 156 -16.77 28.16 62.50
N HIS P 157 -17.12 27.41 63.53
CA HIS P 157 -17.15 27.91 64.90
C HIS P 157 -15.77 28.42 65.32
N ILE P 158 -14.75 27.59 65.13
CA ILE P 158 -13.37 27.89 65.52
C ILE P 158 -12.86 29.14 64.81
N ASN P 159 -13.09 29.21 63.51
CA ASN P 159 -12.61 30.33 62.71
C ASN P 159 -13.37 31.62 62.99
N ASN P 160 -14.67 31.52 63.24
CA ASN P 160 -15.49 32.70 63.49
C ASN P 160 -15.16 33.30 64.86
N LEU P 161 -14.99 32.44 65.86
CA LEU P 161 -14.64 32.88 67.21
C LEU P 161 -13.31 33.62 67.20
N TYR P 162 -12.34 33.06 66.47
CA TYR P 162 -11.03 33.68 66.34
C TYR P 162 -11.15 35.02 65.64
N ASN P 163 -11.80 35.04 64.48
CA ASN P 163 -11.90 36.25 63.69
C ASN P 163 -12.72 37.32 64.42
N THR P 164 -13.75 36.92 65.15
CA THR P 164 -14.56 37.91 65.85
C THR P 164 -13.71 38.54 66.97
N THR P 165 -12.94 37.72 67.67
CA THR P 165 -12.03 38.21 68.70
C THR P 165 -10.89 39.04 68.11
N PHE P 166 -10.25 38.49 67.09
CA PHE P 166 -9.12 39.11 66.39
C PHE P 166 -9.49 40.49 65.87
N TRP P 167 -10.60 40.57 65.14
CA TRP P 167 -11.00 41.80 64.46
C TRP P 167 -11.54 42.83 65.45
N ASN P 168 -12.04 42.36 66.58
CA ASN P 168 -12.44 43.28 67.64
C ASN P 168 -11.23 43.90 68.37
N LEU P 169 -10.14 43.15 68.53
CA LEU P 169 -8.93 43.74 69.09
C LEU P 169 -8.35 44.86 68.23
N VAL P 170 -8.35 44.69 66.91
CA VAL P 170 -7.79 45.71 66.02
C VAL P 170 -8.72 46.94 65.90
N LEU P 171 -10.02 46.70 65.72
CA LEU P 171 -10.95 47.79 65.45
C LEU P 171 -11.48 48.47 66.72
N LYS P 172 -11.82 47.68 67.74
CA LYS P 172 -12.32 48.26 68.99
C LYS P 172 -11.21 48.73 69.93
N LEU P 173 -10.22 47.88 70.16
CA LEU P 173 -9.11 48.25 71.03
C LEU P 173 -7.96 48.95 70.32
N LYS P 174 -8.13 49.22 69.02
CA LYS P 174 -7.14 49.95 68.21
C LYS P 174 -5.72 49.35 68.26
N MET P 175 -5.64 48.04 68.44
CA MET P 175 -4.37 47.30 68.30
C MET P 175 -3.93 47.19 66.84
N THR P 176 -2.63 47.09 66.61
CA THR P 176 -2.14 46.74 65.28
C THR P 176 -2.29 45.25 65.02
N PRO P 177 -2.36 44.83 63.74
CA PRO P 177 -2.44 43.41 63.39
C PRO P 177 -1.40 42.50 64.04
N GLN P 178 -0.14 42.94 64.10
CA GLN P 178 0.90 42.08 64.65
C GLN P 178 0.71 41.84 66.14
N GLN P 179 0.32 42.90 66.86
CA GLN P 179 0.12 42.79 68.29
C GLN P 179 -1.22 42.13 68.64
N ALA P 180 -2.19 42.28 67.76
CA ALA P 180 -3.47 41.58 67.93
C ALA P 180 -3.27 40.08 67.85
N GLU P 181 -2.44 39.66 66.89
CA GLU P 181 -2.12 38.26 66.67
C GLU P 181 -1.37 37.65 67.83
N GLN P 182 -0.39 38.39 68.33
CA GLN P 182 0.42 37.95 69.46
C GLN P 182 -0.38 37.80 70.74
N ARG P 183 -1.38 38.66 70.93
CA ARG P 183 -2.25 38.59 72.11
C ARG P 183 -3.07 37.30 72.18
N LEU P 184 -3.42 36.74 71.03
CA LEU P 184 -4.29 35.58 71.05
C LEU P 184 -3.51 34.26 71.05
N MET P 185 -2.23 34.31 70.67
CA MET P 185 -1.43 33.09 70.69
C MET P 185 -1.43 32.54 72.12
N GLY P 186 -1.79 31.28 72.29
CA GLY P 186 -1.80 30.70 73.63
C GLY P 186 -3.16 30.74 74.31
N THR P 187 -4.21 30.99 73.53
CA THR P 187 -5.57 31.12 74.05
C THR P 187 -6.49 29.97 73.63
N VAL P 188 -7.34 29.53 74.55
CA VAL P 188 -8.37 28.54 74.25
C VAL P 188 -9.72 29.25 74.10
N ALA P 189 -10.77 28.48 73.79
CA ALA P 189 -12.07 29.04 73.46
C ALA P 189 -12.61 29.92 74.58
N SER P 190 -12.44 29.48 75.82
CA SER P 190 -12.92 30.24 76.97
C SER P 190 -12.15 31.56 77.08
N ASP P 191 -10.87 31.53 76.71
CA ASP P 191 -10.04 32.74 76.73
C ASP P 191 -10.54 33.80 75.76
N LYS P 192 -10.86 33.39 74.53
CA LYS P 192 -11.31 34.32 73.50
C LYS P 192 -12.63 34.96 73.92
N ASN P 193 -13.52 34.17 74.53
CA ASN P 193 -14.79 34.66 75.04
C ASN P 193 -14.62 35.74 76.11
N GLU P 194 -13.67 35.51 77.02
CA GLU P 194 -13.40 36.46 78.09
C GLU P 194 -12.86 37.76 77.51
N ILE P 195 -11.92 37.61 76.57
CA ILE P 195 -11.33 38.75 75.87
C ILE P 195 -12.42 39.55 75.14
N LEU P 196 -13.34 38.85 74.48
CA LEU P 196 -14.44 39.52 73.79
C LEU P 196 -15.40 40.30 74.70
N PHE P 197 -15.82 39.69 75.80
CA PHE P 197 -16.79 40.34 76.69
C PHE P 197 -16.14 41.46 77.50
N LYS P 198 -15.09 41.10 78.25
CA LYS P 198 -14.47 42.00 79.22
C LYS P 198 -13.69 43.16 78.58
N GLU P 199 -13.02 42.91 77.47
CA GLU P 199 -12.16 43.93 76.89
C GLU P 199 -12.80 44.69 75.72
N CYS P 200 -13.73 44.06 75.00
CA CYS P 200 -14.29 44.71 73.81
C CYS P 200 -15.77 45.04 73.97
N GLY P 201 -16.36 44.55 75.05
CA GLY P 201 -17.78 44.75 75.32
C GLY P 201 -18.66 44.06 74.31
N VAL P 202 -18.21 42.92 73.79
CA VAL P 202 -18.99 42.18 72.79
C VAL P 202 -19.38 40.80 73.31
N ASN P 203 -20.68 40.52 73.28
CA ASN P 203 -21.21 39.21 73.62
C ASN P 203 -21.28 38.33 72.36
N TYR P 204 -20.40 37.33 72.28
CA TYR P 204 -20.27 36.50 71.08
C TYR P 204 -21.58 35.75 70.82
N ASN P 205 -22.25 35.33 71.88
CA ASN P 205 -23.52 34.60 71.79
C ASN P 205 -24.64 35.36 71.09
N ASN P 206 -24.55 36.69 71.06
CA ASN P 206 -25.56 37.53 70.42
C ASN P 206 -25.33 37.77 68.92
N GLU P 207 -24.21 37.26 68.40
CA GLU P 207 -23.92 37.29 66.96
C GLU P 207 -24.96 36.54 66.13
N SER P 208 -25.12 36.97 64.88
CA SER P 208 -26.03 36.32 63.94
C SER P 208 -25.81 34.80 63.92
N GLU P 209 -26.92 34.05 63.86
CA GLU P 209 -26.86 32.59 63.78
C GLU P 209 -26.12 32.04 62.56
N MET P 210 -26.27 32.73 61.44
CA MET P 210 -25.59 32.37 60.21
C MET P 210 -24.05 32.42 60.31
N TYR P 211 -23.51 33.43 60.97
CA TYR P 211 -22.06 33.54 61.12
C TYR P 211 -21.46 32.42 61.98
N LYS P 212 -22.18 32.06 63.04
CA LYS P 212 -21.69 31.11 64.03
C LYS P 212 -21.83 29.65 63.55
N LYS P 213 -22.91 29.37 62.83
CA LYS P 213 -23.29 28.00 62.48
C LYS P 213 -23.09 27.71 60.98
N GLY P 214 -23.04 28.76 60.17
CA GLY P 214 -22.99 28.61 58.73
C GLY P 214 -24.35 28.47 58.06
N THR P 215 -24.36 28.00 56.82
CA THR P 215 -25.61 27.93 56.06
C THR P 215 -25.87 26.54 55.49
N ILE P 216 -27.04 25.98 55.80
CA ILE P 216 -27.48 24.70 55.25
C ILE P 216 -28.59 24.84 54.21
N ILE P 217 -28.36 24.34 53.00
CA ILE P 217 -29.42 24.27 52.00
C ILE P 217 -29.79 22.81 51.76
N VAL P 218 -31.03 22.44 52.04
CA VAL P 218 -31.42 21.03 51.91
C VAL P 218 -32.67 20.82 51.03
N ARG P 219 -32.67 19.75 50.26
CA ARG P 219 -33.85 19.36 49.47
C ARG P 219 -34.91 18.70 50.35
N GLU P 220 -36.12 19.25 50.36
CA GLU P 220 -37.19 18.69 51.19
C GLU P 220 -38.26 17.91 50.41
N PHE P 221 -38.53 16.70 50.88
CA PHE P 221 -39.59 15.85 50.33
C PHE P 221 -40.68 15.67 51.38
N GLU P 222 -41.93 15.60 50.94
CA GLU P 222 -43.04 15.46 51.87
C GLU P 222 -43.37 13.98 51.98
N ASN P 223 -43.65 13.34 50.85
CA ASN P 223 -44.02 11.94 50.83
C ASN P 223 -42.87 11.06 50.36
N ALA P 247 -39.71 18.85 44.41
CA ALA P 247 -39.36 19.13 45.80
C ALA P 247 -38.86 20.55 45.99
N GLU P 248 -38.82 21.01 47.23
CA GLU P 248 -38.51 22.40 47.54
C GLU P 248 -37.20 22.52 48.32
N LEU P 249 -36.43 23.54 47.99
CA LEU P 249 -35.13 23.77 48.62
C LEU P 249 -35.32 24.70 49.80
N LYS P 250 -34.97 24.25 51.00
CA LYS P 250 -35.11 25.10 52.17
C LYS P 250 -33.76 25.39 52.84
N ILE P 251 -33.62 26.62 53.34
CA ILE P 251 -32.38 27.08 53.95
C ILE P 251 -32.53 27.21 55.47
N TYR P 252 -31.55 26.69 56.20
CA TYR P 252 -31.56 26.72 57.66
C TYR P 252 -30.22 27.23 58.18
N HIS P 253 -30.21 27.77 59.39
CA HIS P 253 -28.95 28.16 60.02
C HIS P 253 -28.95 27.55 61.40
N VAL P 254 -28.88 26.22 61.43
CA VAL P 254 -29.05 25.45 62.65
C VAL P 254 -27.93 24.43 62.84
N ASP P 255 -27.82 23.90 64.05
CA ASP P 255 -26.92 22.79 64.34
C ASP P 255 -27.34 21.50 63.62
N ILE P 256 -26.38 20.88 62.94
CA ILE P 256 -26.59 19.57 62.36
C ILE P 256 -25.62 18.52 62.93
N ILE P 257 -24.76 18.95 63.86
CA ILE P 257 -23.79 18.04 64.49
C ILE P 257 -24.36 17.00 65.46
N ASN P 258 -25.15 17.45 66.43
CA ASN P 258 -25.62 16.56 67.50
C ASN P 258 -27.10 16.24 67.40
N ASP P 259 -27.79 16.92 66.50
CA ASP P 259 -29.23 16.73 66.33
C ASP P 259 -29.44 15.60 65.34
N ASP P 260 -29.39 14.37 65.86
CA ASP P 260 -29.57 13.16 65.07
C ASP P 260 -30.92 13.10 64.38
N SER P 261 -31.95 13.62 65.03
CA SER P 261 -33.30 13.58 64.47
C SER P 261 -33.42 14.39 63.18
N TRP P 262 -32.60 15.42 63.04
CA TRP P 262 -32.58 16.24 61.83
C TRP P 262 -32.26 15.40 60.60
N TRP P 263 -31.29 14.51 60.75
CA TRP P 263 -30.88 13.61 59.68
C TRP P 263 -31.83 12.43 59.48
N LYS P 264 -32.23 11.81 60.59
CA LYS P 264 -33.11 10.64 60.57
C LYS P 264 -34.45 10.92 59.91
N SER P 265 -34.92 12.15 60.08
CA SER P 265 -36.18 12.60 59.50
C SER P 265 -36.05 12.98 58.04
N ARG P 266 -34.86 12.75 57.50
CA ARG P 266 -34.56 13.02 56.10
C ARG P 266 -33.94 11.81 55.41
N PRO P 267 -34.70 10.70 55.35
CA PRO P 267 -34.18 9.42 54.85
C PRO P 267 -33.76 9.48 53.39
N TRP P 268 -34.26 10.45 52.64
CA TRP P 268 -33.89 10.54 51.23
C TRP P 268 -32.42 10.96 51.09
N LEU P 269 -31.82 11.46 52.18
CA LEU P 269 -30.41 11.81 52.22
C LEU P 269 -29.50 10.57 52.14
N LYS P 270 -29.95 9.46 52.69
CA LYS P 270 -29.15 8.24 52.73
C LYS P 270 -29.29 7.46 51.45
N ASP P 271 -30.32 7.77 50.68
CA ASP P 271 -30.67 6.96 49.52
C ASP P 271 -30.34 7.65 48.19
PG GTP Q . 34.75 26.56 -25.07
O1G GTP Q . 36.03 27.36 -25.19
O2G GTP Q . 34.08 26.88 -23.76
O3G GTP Q . 35.11 25.09 -25.07
O3B GTP Q . 33.69 26.91 -26.24
PB GTP Q . 34.02 27.59 -27.68
O1B GTP Q . 32.69 27.88 -28.34
O2B GTP Q . 34.80 28.87 -27.51
O3A GTP Q . 34.82 26.49 -28.55
PA GTP Q . 36.27 26.72 -29.26
O1A GTP Q . 36.99 27.89 -28.65
O2A GTP Q . 37.13 25.48 -29.19
O5' GTP Q . 35.94 27.05 -30.80
C5' GTP Q . 36.09 28.37 -31.30
C4' GTP Q . 34.71 28.95 -31.57
O4' GTP Q . 34.78 30.36 -31.40
C3' GTP Q . 34.27 28.71 -32.99
O3' GTP Q . 33.41 27.59 -33.07
C2' GTP Q . 33.51 29.97 -33.36
O2' GTP Q . 32.13 29.76 -33.19
C1' GTP Q . 34.01 31.03 -32.38
N9 GTP Q . 34.88 31.98 -33.11
C8 GTP Q . 36.19 32.27 -32.83
N7 GTP Q . 36.63 33.20 -33.71
C5 GTP Q . 35.61 33.51 -34.55
C6 GTP Q . 35.52 34.38 -35.63
O6 GTP Q . 36.50 35.06 -35.98
N1 GTP Q . 34.32 34.50 -36.31
C2 GTP Q . 33.24 33.74 -35.93
N2 GTP Q . 32.08 33.85 -36.58
N3 GTP Q . 33.34 32.88 -34.86
C4 GTP Q . 34.51 32.76 -34.18
PG GTP R . 38.77 21.98 -21.82
O1G GTP R . 37.64 21.76 -20.83
O2G GTP R . 40.12 21.66 -21.20
O3G GTP R . 38.70 23.41 -22.33
O3B GTP R . 38.53 20.93 -23.02
PB GTP R . 38.59 21.42 -24.54
O1B GTP R . 37.96 20.35 -25.41
O2B GTP R . 37.92 22.77 -24.72
O3A GTP R . 40.18 21.47 -24.80
PA GTP R . 41.04 22.85 -24.91
O1A GTP R . 40.28 24.05 -24.36
O2A GTP R . 42.37 22.65 -24.20
O5' GTP R . 41.25 23.01 -26.49
C5' GTP R . 42.54 23.05 -27.09
C4' GTP R . 42.46 22.23 -28.38
O4' GTP R . 42.95 20.93 -28.10
C3' GTP R . 41.03 22.05 -28.82
O3' GTP R . 40.69 22.93 -29.88
C2' GTP R . 40.93 20.61 -29.29
O2' GTP R . 40.89 20.58 -30.70
C1' GTP R . 42.19 19.94 -28.77
N9 GTP R . 41.87 18.82 -27.85
C8 GTP R . 40.86 18.78 -26.92
N7 GTP R . 40.91 17.59 -26.29
C5 GTP R . 41.93 16.87 -26.80
C6 GTP R . 42.41 15.60 -26.51
O6 GTP R . 41.84 14.93 -25.64
N1 GTP R . 43.49 15.11 -27.20
C2 GTP R . 44.10 15.87 -28.17
N2 GTP R . 45.14 15.40 -28.84
N3 GTP R . 43.62 17.14 -28.45
C4 GTP R . 42.55 17.62 -27.78
MG MG S . 39.42 28.19 -29.11
MG MG T . 36.85 28.70 -26.72
MG MG U . 38.31 24.57 -23.92
PG GTP V . 47.28 43.29 -3.83
O1G GTP V . 45.82 42.94 -3.98
O2G GTP V . 48.02 42.98 -5.12
O3G GTP V . 47.88 42.48 -2.70
O3B GTP V . 47.41 44.86 -3.54
PB GTP V . 46.11 45.73 -3.11
O1B GTP V . 46.36 47.17 -3.49
O2B GTP V . 44.88 45.21 -3.80
O3A GTP V . 46.00 45.59 -1.51
PA GTP V . 44.74 44.89 -0.78
O1A GTP V . 43.72 44.39 -1.78
O2A GTP V . 45.23 43.75 0.07
O5' GTP V . 44.11 46.05 0.15
C5' GTP V . 42.95 46.77 -0.22
C4' GTP V . 43.26 48.19 -0.66
O4' GTP V . 42.25 48.62 -1.56
C3' GTP V . 43.25 49.21 0.48
O3' GTP V . 44.56 49.54 0.87
C2' GTP V . 42.58 50.44 -0.09
O2' GTP V . 43.52 51.45 -0.33
C1' GTP V . 41.97 49.99 -1.41
N9 GTP V . 40.50 50.17 -1.34
C8 GTP V . 39.57 49.20 -1.57
N7 GTP V . 38.34 49.73 -1.43
C5 GTP V . 38.48 51.04 -1.12
C6 GTP V . 37.53 52.04 -0.88
O6 GTP V . 36.33 51.80 -0.91
N1 GTP V . 37.97 53.32 -0.57
C2 GTP V . 39.33 53.59 -0.54
N2 GTP V . 39.75 54.81 -0.26
N3 GTP V . 40.25 52.59 -0.78
C4 GTP V . 39.83 51.32 -1.07
PG GTP W . 49.09 36.61 -1.97
O1G GTP W . 50.38 36.98 -2.67
O2G GTP W . 48.79 35.16 -2.29
O3G GTP W . 47.97 37.52 -2.42
O3B GTP W . 49.35 36.78 -0.39
PB GTP W . 48.72 38.04 0.38
O1B GTP W . 49.71 38.57 1.39
O2B GTP W . 48.28 39.12 -0.58
O3A GTP W . 47.43 37.43 1.14
PA GTP W . 45.96 37.48 0.49
O1A GTP W . 45.98 38.14 -0.87
O2A GTP W . 45.38 36.08 0.43
O5' GTP W . 45.15 38.38 1.57
C5' GTP W . 44.23 37.82 2.48
C4' GTP W . 44.59 38.20 3.91
O4' GTP W . 45.41 37.18 4.46
C3' GTP W . 45.38 39.50 3.95
O3' GTP W . 44.69 40.49 4.68
C2' GTP W . 46.68 39.16 4.67
O2' GTP W . 46.91 40.06 5.71
C1' GTP W . 46.48 37.75 5.19
N9 GTP W . 47.70 36.92 5.02
C8 GTP W . 48.58 36.94 3.98
N7 GTP W . 49.56 36.04 4.22
C5 GTP W . 49.31 35.43 5.40
C6 GTP W . 49.99 34.45 6.10
O6 GTP W . 51.02 33.98 5.61
N1 GTP W . 49.50 34.00 7.30
C2 GTP W . 48.34 34.55 7.82
N2 GTP W . 47.87 34.10 8.98
N3 GTP W . 47.67 35.53 7.12
C4 GTP W . 48.14 35.97 5.93
MG MG X . 42.17 43.01 -0.37
MG MG Y . 43.69 43.37 -3.63
MG MG Z . 47.10 39.31 -2.18
PG GTP AA . 67.18 10.62 9.10
O1G GTP AA . 67.32 9.86 7.81
O2G GTP AA . 65.76 10.51 9.59
O3G GTP AA . 67.51 12.07 8.88
O3B GTP AA . 68.18 9.95 10.19
PB GTP AA . 69.70 9.50 9.85
O1B GTP AA . 70.33 8.94 11.10
O2B GTP AA . 69.72 8.47 8.74
O3A GTP AA . 70.44 10.87 9.44
PA GTP AA . 71.46 11.08 8.20
O1A GTP AA . 71.13 10.13 7.06
O2A GTP AA . 71.38 12.50 7.72
O5' GTP AA . 72.94 10.76 8.74
C5' GTP AA . 73.63 9.60 8.36
C4' GTP AA . 74.17 8.88 9.60
O4' GTP AA . 74.36 7.51 9.32
C3' GTP AA . 75.52 9.41 10.03
O3' GTP AA . 75.40 10.41 11.02
C2' GTP AA . 76.22 8.19 10.60
O2' GTP AA . 76.15 8.20 12.01
C1' GTP AA . 75.46 6.99 10.04
N9 GTP AA . 76.36 6.26 9.13
C8 GTP AA . 76.22 6.12 7.78
N7 GTP AA . 77.24 5.37 7.30
C5 GTP AA . 78.04 5.03 8.34
C6 GTP AA . 79.21 4.27 8.41
O6 GTP AA . 79.71 3.78 7.40
N1 GTP AA . 79.82 4.08 9.64
C2 GTP AA . 79.26 4.64 10.79
N2 GTP AA . 79.84 4.46 11.97
N3 GTP AA . 78.09 5.38 10.69
C4 GTP AA . 77.49 5.57 9.49
MG MG BA . 71.76 10.79 4.72
MG MG CA . 69.21 9.36 6.80
MG MG DA . 66.03 13.10 5.28
PG GTP EA . 47.36 0.34 -9.53
O1G GTP EA . 47.90 0.19 -10.95
O2G GTP EA . 47.54 1.77 -9.08
O3G GTP EA . 48.09 -0.63 -8.64
O3B GTP EA . 45.78 0.02 -9.54
PB GTP EA . 45.28 -1.49 -9.39
O1B GTP EA . 44.66 -1.92 -10.70
O2B GTP EA . 46.45 -2.35 -8.94
O3A GTP EA . 44.13 -1.48 -8.26
PA GTP EA . 44.50 -1.25 -6.70
O1A GTP EA . 45.98 -1.54 -6.50
O2A GTP EA . 44.14 0.13 -6.24
O5' GTP EA . 43.59 -2.33 -5.94
C5' GTP EA . 42.28 -2.00 -5.51
C4' GTP EA . 41.29 -2.96 -6.17
O4' GTP EA . 40.25 -2.19 -6.74
C3' GTP EA . 41.95 -3.74 -7.31
O3' GTP EA . 42.05 -5.11 -6.99
C2' GTP EA . 41.05 -3.55 -8.52
O2' GTP EA . 40.43 -4.77 -8.85
C1' GTP EA . 40.02 -2.52 -8.09
N9 GTP EA . 40.17 -1.29 -8.90
C8 GTP EA . 41.31 -0.86 -9.52
N7 GTP EA . 41.04 0.29 -10.17
C5 GTP EA . 39.74 0.59 -9.98
C6 GTP EA . 38.95 1.65 -10.41
O6 GTP EA . 39.46 2.53 -11.12
N1 GTP EA . 37.63 1.71 -10.05
C2 GTP EA . 37.08 0.72 -9.26
N2 GTP EA . 35.80 0.76 -8.92
N3 GTP EA . 37.87 -0.33 -8.83
C4 GTP EA . 39.17 -0.39 -9.18
PG GTP FA . 63.82 15.52 4.98
O1G GTP FA . 62.98 15.11 6.18
O2G GTP FA . 62.90 16.02 3.88
O3G GTP FA . 64.61 14.31 4.54
O3B GTP FA . 64.84 16.69 5.42
PB GTP FA . 66.42 16.37 5.37
O1B GTP FA . 67.22 17.37 6.17
O2B GTP FA . 66.69 14.93 5.81
O3A GTP FA . 66.75 16.56 3.82
PA GTP FA . 67.40 15.33 3.00
O1A GTP FA . 67.06 14.03 3.71
O2A GTP FA . 66.89 15.31 1.59
O5' GTP FA . 68.98 15.65 3.07
C5' GTP FA . 69.68 16.00 1.90
C4' GTP FA . 70.62 17.16 2.21
O4' GTP FA . 70.02 18.38 1.81
C3' GTP FA . 70.86 17.26 3.71
O3' GTP FA . 72.22 17.00 3.99
C2' GTP FA . 70.49 18.68 4.10
O2' GTP FA . 71.53 19.31 4.81
C1' GTP FA . 70.25 19.39 2.78
N9 GTP FA . 69.08 20.29 2.88
C8 GTP FA . 67.92 20.05 3.58
N7 GTP FA . 67.10 21.13 3.43
C5 GTP FA . 67.72 22.03 2.66
C6 GTP FA . 67.34 23.29 2.20
O6 GTP FA . 66.23 23.73 2.51
N1 GTP FA . 68.20 24.02 1.41
C2 GTP FA . 69.44 23.51 1.07
N2 GTP FA . 70.27 24.21 0.30
N3 GTP FA . 69.81 22.26 1.52
C4 GTP FA . 68.97 21.53 2.31
PG GTP GA . 50.16 -6.39 -8.37
O1G GTP GA . 49.70 -5.84 -7.04
O2G GTP GA . 51.35 -5.62 -8.89
O3G GTP GA . 49.02 -6.28 -9.35
O3B GTP GA . 50.61 -7.93 -8.19
PB GTP GA . 49.70 -9.04 -7.43
O1B GTP GA . 50.02 -10.38 -8.04
O2B GTP GA . 50.01 -9.04 -5.96
O3A GTP GA . 48.14 -8.69 -7.72
PA GTP GA . 47.00 -8.70 -6.56
O1A GTP GA . 47.57 -8.04 -5.32
O2A GTP GA . 45.74 -7.99 -6.98
O5' GTP GA . 46.65 -10.25 -6.26
C5' GTP GA . 47.11 -10.93 -5.11
C4' GTP GA . 47.61 -12.32 -5.49
O4' GTP GA . 48.55 -12.77 -4.52
C3' GTP GA . 46.51 -13.37 -5.48
O3' GTP GA . 45.92 -13.53 -6.74
C2' GTP GA . 47.26 -14.64 -5.15
O2' GTP GA . 47.73 -15.23 -6.33
C1' GTP GA . 48.44 -14.17 -4.31
N9 GTP GA . 48.08 -14.45 -2.90
C8 GTP GA . 47.79 -13.54 -1.92
N7 GTP GA . 47.51 -14.21 -0.79
C5 GTP GA . 47.62 -15.54 -1.02
C6 GTP GA . 47.45 -16.65 -0.20
O6 GTP GA . 47.13 -16.51 0.97
N1 GTP GA . 47.65 -17.90 -0.74
C2 GTP GA . 48.00 -18.06 -2.06
N2 GTP GA . 48.19 -19.27 -2.57
N3 GTP GA . 48.16 -16.94 -2.85
C4 GTP GA . 47.98 -15.70 -2.35
MG MG HA . 45.93 -7.16 -3.66
MG MG IA . 49.42 -7.05 -5.23
MG MG JA . 47.75 -2.18 -7.42
PG GTP KA . -30.50 -35.44 14.40
O1G GTP KA . -30.85 -36.26 13.19
O2G GTP KA . -31.37 -35.81 15.58
O3G GTP KA . -30.66 -33.98 14.02
O3B GTP KA . -28.97 -35.70 14.84
PB GTP KA . -28.00 -36.82 14.21
O1B GTP KA . -27.15 -37.30 15.37
O2B GTP KA . -28.77 -37.96 13.60
O3A GTP KA . -27.09 -36.07 13.10
PA GTP KA . -27.27 -36.15 11.48
O1A GTP KA . -28.18 -37.29 11.07
O2A GTP KA . -27.80 -34.84 10.93
O5' GTP KA . -25.77 -36.38 10.93
C5' GTP KA . -25.33 -37.64 10.48
C4' GTP KA . -24.82 -38.51 11.63
O4' GTP KA . -25.28 -39.84 11.44
C3' GTP KA . -23.30 -38.60 11.69
O3' GTP KA . -22.75 -37.70 12.63
C2' GTP KA . -23.04 -40.04 12.12
O2' GTP KA . -22.67 -40.10 13.48
C1' GTP KA . -24.34 -40.80 11.90
N9 GTP KA . -24.18 -41.84 10.85
C8 GTP KA . -25.07 -42.07 9.84
N7 GTP KA . -24.60 -43.09 9.08
C5 GTP KA . -23.43 -43.52 9.61
C6 GTP KA . -22.54 -44.53 9.23
O6 GTP KA . -22.77 -45.24 8.25
N1 GTP KA . -21.40 -44.76 9.97
C2 GTP KA . -21.15 -43.97 11.08
N2 GTP KA . -20.05 -44.17 11.81
N3 GTP KA . -22.03 -42.97 11.45
C4 GTP KA . -23.15 -42.75 10.73
MG MG LA . -28.66 -36.88 8.65
MG MG MA . -30.08 -37.77 11.82
PG GTP NA . -58.73 -40.03 9.22
O1G GTP NA . -58.23 -40.35 7.84
O2G GTP NA . -58.47 -38.57 9.49
O3G GTP NA . -57.98 -40.88 10.22
O3B GTP NA . -60.32 -40.34 9.29
PB GTP NA . -60.88 -41.38 10.39
O1B GTP NA . -62.32 -41.77 10.13
O2B GTP NA . -59.97 -42.58 10.46
O3A GTP NA . -60.85 -40.48 11.74
PA GTP NA . -59.90 -40.84 12.98
O1A GTP NA . -58.79 -41.80 12.56
O2A GTP NA . -59.30 -39.59 13.59
O5' GTP NA . -60.93 -41.48 14.03
C5' GTP NA . -61.86 -40.59 14.59
C4' GTP NA . -62.93 -41.31 15.39
O4' GTP NA . -63.97 -40.38 15.51
C3' GTP NA . -63.47 -42.52 14.63
O3' GTP NA . -63.57 -43.63 15.49
C2' GTP NA . -64.85 -42.12 14.16
O2' GTP NA . -65.82 -42.98 14.72
C1' GTP NA . -65.06 -40.71 14.67
N9 GTP NA . -65.07 -39.70 13.59
C8 GTP NA . -64.41 -39.77 12.38
N7 GTP NA . -64.67 -38.64 11.69
C5 GTP NA . -65.47 -37.86 12.43
C6 GTP NA . -66.03 -36.60 12.21
O6 GTP NA . -65.81 -36.04 11.14
N1 GTP NA . -66.83 -36.03 13.17
C2 GTP NA . -67.07 -36.69 14.36
N2 GTP NA . -67.84 -36.14 15.30
N3 GTP NA . -66.52 -37.93 14.58
C4 GTP NA . -65.73 -38.50 13.63
PG GTP OA . -34.13 -29.74 11.84
O1G GTP OA . -33.95 -29.75 13.34
O2G GTP OA . -35.30 -28.87 11.44
O3G GTP OA . -34.32 -31.14 11.30
O3B GTP OA . -32.80 -29.09 11.23
PB GTP OA . -31.53 -30.03 10.96
O1B GTP OA . -30.31 -29.36 11.56
O2B GTP OA . -31.76 -31.42 11.52
O3A GTP OA . -31.44 -30.14 9.35
PA GTP OA . -32.11 -31.31 8.44
O1A GTP OA . -32.59 -32.54 9.16
O2A GTP OA . -33.20 -30.74 7.56
O5' GTP OA . -30.86 -31.65 7.49
C5' GTP OA . -30.88 -31.21 6.15
C4' GTP OA . -29.65 -30.37 5.81
O4' GTP OA . -30.08 -29.07 5.47
C3' GTP OA . -28.67 -30.18 6.96
O3' GTP OA . -27.60 -31.09 6.90
C2' GTP OA . -28.14 -28.76 6.79
O2' GTP OA . -26.83 -28.78 6.25
C1' GTP OA . -29.09 -28.12 5.78
N9 GTP OA . -29.73 -26.91 6.35
C8 GTP OA . -30.62 -26.89 7.39
N7 GTP OA . -30.99 -25.60 7.61
C5 GTP OA . -30.35 -24.82 6.73
C6 GTP OA . -30.37 -23.44 6.53
O6 GTP OA . -31.08 -22.74 7.25
N1 GTP OA . -29.60 -22.89 5.54
C2 GTP OA . -28.81 -23.71 4.74
N2 GTP OA . -28.07 -23.16 3.78
N3 GTP OA . -28.79 -25.07 4.94
C4 GTP OA . -29.55 -25.62 5.92
MG MG PA . -33.18 -32.79 11.14
PG GTP QA . -57.41 -47.21 9.37
O1G GTP QA . -56.62 -46.84 10.61
O2G GTP QA . -56.55 -46.96 8.17
O3G GTP QA . -58.67 -46.37 9.27
O3B GTP QA . -57.84 -48.78 9.45
PB GTP QA . -58.37 -49.44 10.83
O1B GTP QA . -59.15 -50.69 10.53
O2B GTP QA . -57.20 -49.72 11.74
O3A GTP QA . -59.37 -48.35 11.44
PA GTP QA . -59.79 -48.32 13.00
O1A GTP QA . -58.51 -48.22 13.80
O2A GTP QA . -60.70 -47.17 13.30
O5' GTP QA . -60.51 -49.71 13.33
C5' GTP QA . -59.98 -50.52 14.35
C4' GTP QA . -59.95 -51.97 13.90
O4' GTP QA . -58.78 -52.59 14.42
C3' GTP QA . -61.12 -52.77 14.45
O3' GTP QA . -62.17 -52.87 13.52
C2' GTP QA . -60.54 -54.14 14.66
O2' GTP QA . -60.87 -54.92 13.55
C1' GTP QA . -59.03 -53.94 14.74
N9 GTP QA . -58.58 -54.23 16.12
C8 GTP QA . -57.83 -53.39 16.92
N7 GTP QA . -57.62 -54.00 18.11
C5 GTP QA . -58.20 -55.23 18.07
C6 GTP QA . -58.29 -56.26 19.00
O6 GTP QA . -57.76 -56.15 20.11
N1 GTP QA . -58.98 -57.41 18.67
C2 GTP QA . -59.58 -57.54 17.43
N2 GTP QA . -60.23 -58.64 17.11
N3 GTP QA . -59.48 -56.51 16.51
C4 GTP QA . -58.81 -55.38 16.82
MG MG RA . -58.97 -46.85 15.85
MG MG SA . -56.86 -47.73 12.60
MG MG TA . -58.01 -42.79 10.87
PG GTP UA . -70.55 -10.38 -1.11
O1G GTP UA . -69.39 -9.93 -1.96
O2G GTP UA . -70.29 -10.11 0.36
O3G GTP UA . -70.76 -11.85 -1.35
O3B GTP UA . -71.85 -9.52 -1.51
PB GTP UA . -72.09 -8.96 -3.00
O1B GTP UA . -73.34 -8.12 -2.95
O2B GTP UA . -70.92 -8.13 -3.48
O3A GTP UA . -72.34 -10.27 -3.91
PA GTP UA . -71.66 -10.50 -5.36
O1A GTP UA . -70.32 -9.80 -5.40
O2A GTP UA . -71.50 -11.97 -5.67
O5' GTP UA . -72.61 -9.79 -6.44
C5' GTP UA . -72.30 -8.50 -6.93
C4' GTP UA . -73.52 -7.60 -6.81
O4' GTP UA . -73.16 -6.25 -7.03
C3' GTP UA . -74.56 -7.94 -7.85
O3' GTP UA . -75.52 -8.82 -7.31
C2' GTP UA . -75.19 -6.61 -8.17
O2' GTP UA . -76.34 -6.45 -7.38
C1' GTP UA . -74.15 -5.57 -7.78
N9 GTP UA . -73.56 -5.06 -9.01
C8 GTP UA . -72.33 -5.41 -9.52
N7 GTP UA . -72.12 -4.74 -10.67
C5 GTP UA . -73.19 -3.95 -10.91
C6 GTP UA . -73.47 -3.07 -11.95
O6 GTP UA . -72.66 -2.91 -12.86
N1 GTP UA . -74.67 -2.39 -11.94
C2 GTP UA . -75.57 -2.59 -10.91
N2 GTP UA . -76.73 -1.93 -10.92
N3 GTP UA . -75.27 -3.47 -9.89
C4 GTP UA . -74.10 -4.14 -9.88
PG GTP VA . -66.66 -16.52 -0.06
O1G GTP VA . -67.38 -16.54 1.27
O2G GTP VA . -65.31 -17.20 0.12
O3G GTP VA . -66.51 -15.08 -0.50
O3B GTP VA . -67.51 -17.36 -1.14
PB GTP VA . -68.56 -16.62 -2.11
O1B GTP VA . -69.90 -17.33 -2.09
O2B GTP VA . -68.73 -15.19 -1.66
O3A GTP VA . -67.87 -16.61 -3.56
PA GTP VA . -66.63 -15.62 -3.91
O1A GTP VA . -66.77 -14.26 -3.27
O2A GTP VA . -65.31 -16.27 -3.55
O5' GTP VA . -66.74 -15.50 -5.51
C5' GTP VA . -65.83 -16.13 -6.36
C4' GTP VA . -66.62 -16.81 -7.47
O4' GTP VA . -66.43 -18.20 -7.35
C3' GTP VA . -68.10 -16.56 -7.30
O3' GTP VA . -68.57 -15.55 -8.18
C2' GTP VA . -68.76 -17.89 -7.61
O2' GTP VA . -69.30 -17.86 -8.91
C1' GTP VA . -67.64 -18.92 -7.53
N9 GTP VA . -67.80 -19.85 -6.39
C8 GTP VA . -67.77 -19.50 -5.07
N7 GTP VA . -67.93 -20.61 -4.32
C5 GTP VA . -68.03 -21.66 -5.15
C6 GTP VA . -68.21 -23.02 -4.90
O6 GTP VA . -68.28 -23.41 -3.74
N1 GTP VA . -68.29 -23.91 -5.95
C2 GTP VA . -68.21 -23.44 -7.24
N2 GTP VA . -68.29 -24.30 -8.25
N3 GTP VA . -68.03 -22.09 -7.49
C4 GTP VA . -67.95 -21.21 -6.46
MG MG WA . -68.76 -10.40 -7.25
MG MG XA . -69.01 -9.10 -3.94
MG MG YA . -67.50 -13.60 -1.44
PG GTP ZA . -44.79 0.85 8.39
O1G GTP ZA . -46.15 0.63 8.96
O2G GTP ZA . -44.76 0.26 7.00
O3G GTP ZA . -43.81 0.14 9.29
O3B GTP ZA . -44.42 2.41 8.24
PB GTP ZA . -44.63 3.48 9.42
O1B GTP ZA . -43.82 4.71 9.14
O2B GTP ZA . -46.09 3.83 9.56
O3A GTP ZA . -44.04 2.73 10.71
PA GTP ZA . -44.67 2.95 12.18
O1A GTP ZA . -46.10 2.46 12.13
O2A GTP ZA . -43.88 2.20 13.21
O5' GTP ZA . -44.58 4.52 12.47
C5' GTP ZA . -45.71 5.36 12.57
C4' GTP ZA . -45.35 6.75 12.09
O4' GTP ZA . -46.51 7.52 11.87
C3' GTP ZA . -44.52 7.55 13.08
O3' GTP ZA . -43.15 7.39 12.82
C2' GTP ZA . -44.90 8.97 12.80
O2' GTP ZA . -43.94 9.53 11.94
C1' GTP ZA . -46.25 8.90 12.09
N9 GTP ZA . -47.29 9.47 12.98
C8 GTP ZA . -48.34 8.80 13.54
N7 GTP ZA . -49.05 9.68 14.28
C5 GTP ZA . -48.47 10.90 14.19
C6 GTP ZA . -48.79 12.15 14.75
O6 GTP ZA . -49.77 12.28 15.48
N1 GTP ZA . -47.96 13.22 14.46
C2 GTP ZA . -46.87 13.06 13.65
N2 GTP ZA . -46.07 14.09 13.36
N3 GTP ZA . -46.57 11.83 13.11
C4 GTP ZA . -47.36 10.77 13.38
PG GTP AB . -44.00 -6.32 10.12
O1G GTP AB . -42.96 -6.35 9.03
O2G GTP AB . -44.74 -7.63 10.07
O3G GTP AB . -44.94 -5.14 9.94
O3B GTP AB . -43.24 -6.14 11.54
PB GTP AB . -42.86 -4.68 12.09
O1B GTP AB . -41.36 -4.53 12.26
O2B GTP AB . -43.46 -3.62 11.21
O3A GTP AB . -43.48 -4.55 13.56
PA GTP AB . -45.07 -4.56 13.73
O1A GTP AB . -45.66 -3.78 12.57
O2A GTP AB . -45.56 -5.98 13.78
O5' GTP AB . -45.29 -3.83 15.15
C5' GTP AB . -45.31 -4.56 16.36
C4' GTP AB . -44.40 -3.90 17.38
O4' GTP AB . -43.56 -4.89 17.94
C3' GTP AB . -43.51 -2.85 16.75
O3' GTP AB . -43.64 -1.63 17.44
C2' GTP AB . -42.09 -3.37 16.88
O2' GTP AB . -41.26 -2.39 17.46
C1' GTP AB . -42.19 -4.58 17.79
N9 GTP AB . -41.54 -5.77 17.20
C8 GTP AB . -41.38 -6.06 15.87
N7 GTP AB . -40.73 -7.25 15.77
C5 GTP AB . -40.48 -7.71 17.01
C6 GTP AB . -39.86 -8.87 17.47
O6 GTP AB . -39.42 -9.68 16.66
N1 GTP AB . -39.75 -9.09 18.82
C2 GTP AB . -40.25 -8.16 19.72
N2 GTP AB . -40.14 -8.38 21.03
N3 GTP AB . -40.88 -7.03 19.26
C4 GTP AB . -40.99 -6.80 17.93
MG MG BB . -47.29 1.87 14.26
MG MG CB . -47.10 2.03 10.33
MG MG DB . -45.32 -3.25 10.57
PG GTP EB . 23.01 -15.20 -29.45
O1G GTP EB . 22.78 -16.04 -30.68
O2G GTP EB . 22.01 -15.57 -28.37
O3G GTP EB . 22.85 -13.75 -29.81
O3B GTP EB . 24.51 -15.45 -28.93
PB GTP EB . 25.27 -16.84 -29.23
O1B GTP EB . 25.64 -17.46 -27.90
O2B GTP EB . 24.36 -17.78 -29.96
O3A GTP EB . 26.63 -16.54 -30.08
PA GTP EB . 26.82 -15.95 -31.56
O1A GTP EB . 26.09 -16.78 -32.59
O2A GTP EB . 26.41 -14.50 -31.62
O5' GTP EB . 28.40 -16.11 -31.85
C5' GTP EB . 28.95 -17.36 -32.23
C4' GTP EB . 29.38 -18.19 -31.01
O4' GTP EB . 29.01 -19.55 -31.17
C3' GTP EB . 30.88 -18.24 -30.78
O3' GTP EB . 31.34 -17.16 -29.99
C2' GTP EB . 31.06 -19.53 -30.03
O2' GTP EB . 30.93 -19.29 -28.65
C1' GTP EB . 29.90 -20.41 -30.49
N9 GTP EB . 30.42 -21.43 -31.44
C8 GTP EB . 30.03 -21.58 -32.74
N7 GTP EB . 30.73 -22.60 -33.30
C5 GTP EB . 31.56 -23.11 -32.37
C6 GTP EB . 32.48 -24.16 -32.41
O6 GTP EB . 32.64 -24.80 -33.45
N1 GTP EB . 33.20 -24.48 -31.28
C2 GTP EB . 33.02 -23.74 -30.12
N2 GTP EB . 33.72 -24.04 -29.03
N3 GTP EB . 32.11 -22.71 -30.09
C4 GTP EB . 31.38 -22.38 -31.19
PG GTP FB . 19.39 -10.01 -33.11
O1G GTP FB . 18.82 -9.64 -31.75
O2G GTP FB . 18.34 -9.73 -34.16
O3G GTP FB . 19.78 -11.48 -33.06
O3B GTP FB . 20.67 -9.07 -33.41
PB GTP FB . 22.10 -9.71 -33.80
O1B GTP FB . 23.22 -8.74 -33.50
O2B GTP FB . 22.26 -11.06 -33.12
O3A GTP FB . 22.01 -9.90 -35.39
PA GTP FB . 22.11 -11.37 -36.01
O1A GTP FB . 21.91 -12.39 -34.91
O2A GTP FB . 21.08 -11.56 -37.11
O5' GTP FB . 23.59 -11.36 -36.62
C5' GTP FB . 23.80 -11.06 -37.98
C4' GTP FB . 25.16 -10.40 -38.17
O4' GTP FB . 24.96 -9.06 -38.56
C3' GTP FB . 25.95 -10.36 -36.87
O3' GTP FB . 26.96 -11.35 -36.88
C2' GTP FB . 26.60 -8.98 -36.85
O2' GTP FB . 27.96 -9.08 -37.19
C1' GTP FB . 25.86 -8.18 -37.91
N9 GTP FB . 25.07 -7.11 -37.30
C8 GTP FB . 24.39 -7.18 -36.12
N7 GTP FB . 23.79 -5.99 -35.90
C5 GTP FB . 24.07 -5.17 -36.93
C6 GTP FB . 23.72 -3.85 -37.21
O6 GTP FB . 23.00 -3.24 -36.42
N1 GTP FB . 24.17 -3.24 -38.36
C2 GTP FB . 24.97 -3.94 -39.24
N2 GTP FB . 25.41 -3.35 -40.35
N3 GTP FB . 25.33 -5.25 -38.96
C4 GTP FB . 24.89 -5.85 -37.83
MG MG GB . 25.98 -16.66 -35.10
MG MG HB . 24.11 -17.12 -32.05
MG MG IB . 21.27 -12.82 -32.95
PG GTP JB . -1.55 -28.94 -38.43
O1G GTP JB . -1.61 -28.42 -37.02
O2G GTP JB . -0.11 -28.96 -38.91
O3G GTP JB . -2.36 -28.02 -39.30
O3B GTP JB . -2.13 -30.44 -38.47
PB GTP JB . -2.72 -31.12 -37.14
O1B GTP JB . -3.15 -32.52 -37.47
O2B GTP JB . -1.67 -31.09 -36.05
O3A GTP JB . -3.97 -30.20 -36.73
PA GTP JB . -4.67 -30.23 -35.28
O1A GTP JB . -3.60 -30.07 -34.23
O2A GTP JB . -5.70 -29.13 -35.13
O5' GTP JB . -5.33 -31.68 -35.10
C5' GTP JB . -5.12 -32.35 -33.88
C4' GTP JB . -4.77 -33.80 -34.16
O4' GTP JB . -3.78 -34.23 -33.25
C3' GTP JB . -5.96 -34.71 -33.93
O3' GTP JB . -6.63 -34.98 -35.13
C2' GTP JB . -5.36 -35.97 -33.35
O2' GTP JB . -5.31 -36.99 -34.32
C1' GTP JB . -3.95 -35.59 -32.89
N9 GTP JB . -3.88 -35.70 -31.42
C8 GTP JB . -3.54 -34.70 -30.55
N7 GTP JB . -3.58 -35.18 -29.29
C5 GTP JB . -3.94 -36.49 -29.34
C6 GTP JB . -4.12 -37.45 -28.35
O6 GTP JB . -3.96 -37.15 -27.17
N1 GTP JB . -4.50 -38.73 -28.70
C2 GTP JB . -4.68 -39.05 -30.02
N2 GTP JB . -5.04 -40.28 -30.37
N3 GTP JB . -4.49 -38.09 -31.01
C4 GTP JB . -4.12 -36.82 -30.68
PG GTP KB . -3.43 -21.74 -39.52
O1G GTP KB . -3.46 -22.11 -40.98
O2G GTP KB . -2.87 -20.36 -39.31
O3G GTP KB . -2.63 -22.78 -38.73
O3B GTP KB . -4.96 -21.73 -39.06
PB GTP KB . -5.62 -23.14 -38.72
O1B GTP KB . -6.63 -23.49 -39.78
O2B GTP KB . -4.53 -24.21 -38.61
O3A GTP KB . -6.23 -22.89 -37.25
PA GTP KB . -5.28 -22.51 -35.99
O1A GTP KB . -3.94 -23.19 -36.12
O2A GTP KB . -5.09 -21.01 -35.82
O5' GTP KB . -6.16 -23.10 -34.77
C5' GTP KB . -6.95 -22.31 -33.90
C4' GTP KB . -8.40 -22.77 -33.88
O4' GTP KB . -9.23 -21.72 -34.34
C3' GTP KB . -8.64 -23.96 -34.80
O3' GTP KB . -8.97 -25.11 -34.05
C2' GTP KB . -9.80 -23.59 -35.68
O2' GTP KB . -10.89 -24.46 -35.48
C1' GTP KB . -10.20 -22.18 -35.27
N9 GTP KB . -10.22 -21.31 -36.46
C8 GTP KB . -9.42 -21.43 -37.56
N7 GTP KB . -9.74 -20.46 -38.44
C5 GTP KB . -10.74 -19.74 -37.92
C6 GTP KB . -11.43 -18.64 -38.41
O6 GTP KB . -11.14 -18.19 -39.52
N1 GTP KB . -12.44 -18.07 -37.65
C2 GTP KB . -12.75 -18.60 -36.40
N2 GTP KB . -13.71 -18.05 -35.68
N3 GTP KB . -12.05 -19.69 -35.93
C4 GTP KB . -11.06 -20.25 -36.67
MG MG LB . -4.45 -28.40 -32.57
MG MG MB . -1.86 -29.19 -34.98
MG MG NB . -2.85 -24.36 -37.49
PG GTP OB . -14.57 6.24 -53.99
O1G GTP OB . -13.18 6.34 -54.58
O2G GTP OB . -14.52 6.52 -52.50
O3G GTP OB . -15.07 4.83 -54.21
O3B GTP OB . -15.55 7.30 -54.72
PB GTP OB . -15.58 7.55 -56.31
O1B GTP OB . -16.95 8.04 -56.68
O2B GTP OB . -14.53 8.56 -56.73
O3A GTP OB . -15.31 6.10 -56.98
PA GTP OB . -14.65 5.87 -58.45
O1A GTP OB . -13.28 6.49 -58.46
O2A GTP OB . -14.56 4.39 -58.75
O5' GTP OB . -15.59 6.60 -59.55
C5' GTP OB . -15.17 7.78 -60.21
C4' GTP OB . -16.33 8.76 -60.34
O4' GTP OB . -15.82 10.07 -60.59
C3' GTP OB . -17.26 8.45 -61.50
O3' GTP OB . -18.37 7.69 -61.08
C2' GTP OB . -17.70 9.81 -62.00
O2' GTP OB . -18.97 10.10 -61.50
C1' GTP OB . -16.68 10.80 -61.45
N9 GTP OB . -15.87 11.33 -62.57
C8 GTP OB . -14.50 11.36 -62.63
N7 GTP OB . -14.12 11.93 -63.79
C5 GTP OB . -15.23 12.28 -64.48
C6 GTP OB . -15.41 12.90 -65.72
O6 GTP OB . -14.43 13.21 -66.39
N1 GTP OB . -16.68 13.13 -66.18
C2 GTP OB . -17.77 12.77 -65.42
N2 GTP OB . -19.01 13.00 -65.86
N3 GTP OB . -17.59 12.17 -64.20
C4 GTP OB . -16.34 11.92 -63.72
MG MG PB . -11.12 5.84 -59.57
MG MG QB . -12.81 7.20 -56.56
PG GTP RB . -10.76 1.22 -51.39
O1G GTP RB . -11.96 1.94 -50.82
O2G GTP RB . -9.93 0.61 -50.29
O3G GTP RB . -9.90 2.17 -52.17
O3B GTP RB . -11.31 0.06 -52.37
PB GTP RB . -11.55 0.44 -53.91
O1B GTP RB . -12.70 -0.38 -54.45
O2B GTP RB . -11.77 1.92 -54.06
O3A GTP RB . -10.16 -0.01 -54.61
PA GTP RB . -9.13 1.06 -55.23
O1A GTP RB . -9.45 2.45 -54.70
O2A GTP RB . -7.70 0.69 -54.94
O5' GTP RB . -9.42 0.97 -56.81
C5' GTP RB . -8.38 0.84 -57.76
C4' GTP RB . -8.86 -0.12 -58.85
O4' GTP RB . -8.66 -1.45 -58.41
C3' GTP RB . -10.34 0.03 -59.12
O3' GTP RB . -10.59 0.78 -60.29
C2' GTP RB . -10.86 -1.40 -59.26
O2' GTP RB . -11.20 -1.67 -60.60
C1' GTP RB . -9.71 -2.30 -58.81
N9 GTP RB . -10.12 -3.17 -57.69
C8 GTP RB . -10.76 -2.78 -56.54
N7 GTP RB . -10.96 -3.89 -55.76
C5 GTP RB . -10.46 -4.96 -56.39
C6 GTP RB . -10.41 -6.30 -56.04
O6 GTP RB . -10.87 -6.67 -54.97
N1 GTP RB . -9.82 -7.22 -56.90
C2 GTP RB . -9.29 -6.78 -58.11
N2 GTP RB . -8.73 -7.65 -58.94
N3 GTP RB . -9.36 -5.44 -58.45
C4 GTP RB . -9.92 -4.54 -57.61
MG MG SB . -10.71 3.51 -53.41
PG GTP TB . 7.70 20.20 -40.77
O1G GTP TB . 6.34 19.99 -40.14
O2G GTP TB . 7.67 19.67 -42.19
O3G GTP TB . 8.77 19.48 -39.98
O3B GTP TB . 8.03 21.78 -40.83
PB GTP TB . 7.32 22.90 -39.93
O1B GTP TB . 7.71 24.22 -40.56
O2B GTP TB . 5.82 22.71 -39.90
O3A GTP TB . 7.94 22.83 -38.45
PA GTP TB . 7.09 22.60 -37.09
O1A GTP TB . 5.76 21.92 -37.38
O2A GTP TB . 7.88 21.74 -36.13
O5' GTP TB . 6.86 24.05 -36.44
C5' GTP TB . 5.73 24.84 -36.74
C4' GTP TB . 6.16 26.19 -37.32
O4' GTP TB . 5.05 26.79 -37.96
C3' GTP TB . 6.61 27.19 -36.27
O3' GTP TB . 8.01 27.22 -36.12
C2' GTP TB . 6.15 28.52 -36.82
O2' GTP TB . 7.25 29.17 -37.44
C1' GTP TB . 5.06 28.19 -37.83
N9 GTP TB . 3.80 28.69 -37.25
C8 GTP TB . 2.73 27.95 -36.84
N7 GTP TB . 1.78 28.79 -36.36
C5 GTP TB . 2.24 30.06 -36.47
C6 GTP TB . 1.69 31.30 -36.14
O6 GTP TB . 0.56 31.37 -35.64
N1 GTP TB . 2.42 32.46 -36.38
C2 GTP TB . 3.68 32.38 -36.94
N2 GTP TB . 4.41 33.46 -37.17
N3 GTP TB . 4.21 31.14 -37.25
C4 GTP TB . 3.50 30.01 -37.03
PG GTP UB . 8.72 13.23 -38.34
O1G GTP UB . 9.74 13.23 -39.44
O2G GTP UB . 8.15 11.85 -38.20
O3G GTP UB . 7.66 14.28 -38.64
O3B GTP UB . 9.50 13.66 -36.99
PB GTP UB . 9.21 15.10 -36.37
O1B GTP UB . 10.44 15.69 -35.73
O2B GTP UB . 8.64 16.02 -37.45
O3A GTP UB . 8.13 14.73 -35.22
PA GTP UB . 6.54 14.96 -35.36
O1A GTP UB . 6.19 15.52 -36.72
O2A GTP UB . 5.79 13.68 -35.09
O5' GTP UB . 6.27 16.02 -34.18
C5' GTP UB . 5.93 15.57 -32.89
C4' GTP UB . 6.88 16.17 -31.86
O4' GTP UB . 7.53 15.12 -31.15
C3' GTP UB . 8.00 16.98 -32.52
O3' GTP UB . 7.68 18.35 -32.55
C2' GTP UB . 9.20 16.73 -31.64
O2' GTP UB . 9.40 17.82 -30.78
C1' GTP UB . 8.85 15.49 -30.83
N9 GTP UB . 9.77 14.37 -31.16
C8 GTP UB . 10.35 14.14 -32.37
N7 GTP UB . 11.13 13.04 -32.27
C5 GTP UB . 11.05 12.57 -31.01
C6 GTP UB . 11.65 11.48 -30.38
O6 GTP UB . 12.40 10.76 -31.03
N1 GTP UB . 11.38 11.25 -29.05
C2 GTP UB . 10.53 12.08 -28.35
N2 GTP UB . 10.29 11.84 -27.05
N3 GTP UB . 9.95 13.15 -28.98
C4 GTP UB . 10.20 13.40 -30.29
MG MG VB . 4.12 21.32 -35.59
MG MG WB . 4.78 21.00 -38.98
MG MG XB . 6.97 16.17 -38.55
PG GTP YB . 11.87 -5.46 52.03
O1G GTP YB . 12.19 -5.61 50.57
O2G GTP YB . 10.49 -5.98 52.36
O3G GTP YB . 11.91 -3.99 52.37
O3B GTP YB . 12.94 -6.32 52.88
PB GTP YB . 14.48 -6.51 52.41
O1B GTP YB . 15.27 -7.10 53.55
O2B GTP YB . 14.57 -7.37 51.17
O3A GTP YB . 14.96 -5.01 52.12
PA GTP YB . 16.15 -4.66 51.10
O1A GTP YB . 15.69 -5.03 49.70
O2A GTP YB . 16.50 -3.20 51.22
O5' GTP YB . 17.43 -5.51 51.50
C5' GTP YB . 17.85 -6.61 50.75
C4' GTP YB . 18.56 -7.52 51.72
O4' GTP YB . 18.80 -8.77 51.13
C3' GTP YB . 19.92 -6.99 52.12
O3' GTP YB . 19.82 -6.19 53.28
C2' GTP YB . 20.69 -8.24 52.42
O2' GTP YB . 20.63 -8.47 53.81
C1' GTP YB . 19.96 -9.36 51.69
N9 GTP YB . 20.80 -9.86 50.60
C8 GTP YB . 20.58 -9.70 49.26
N7 GTP YB . 21.58 -10.32 48.58
C5 GTP YB . 22.42 -10.87 49.47
C6 GTP YB . 23.60 -11.62 49.33
O6 GTP YB . 24.03 -11.87 48.21
N1 GTP YB . 24.26 -12.06 50.46
C2 GTP YB . 23.76 -11.77 51.72
N2 GTP YB . 24.40 -12.20 52.81
N3 GTP YB . 22.60 -11.03 51.86
C4 GTP YB . 21.94 -10.60 50.75
PG GTP ZB . 8.61 0.67 49.44
O1G GTP ZB . 7.61 0.66 50.57
O2G GTP ZB . 7.88 1.14 48.20
O3G GTP ZB . 9.23 -0.71 49.19
O3B GTP ZB . 9.78 1.69 49.79
PB GTP ZB . 11.27 1.16 50.15
O1B GTP ZB . 11.75 1.86 51.37
O2B GTP ZB . 11.26 -0.35 50.29
O3A GTP ZB . 12.23 1.55 48.90
PA GTP ZB . 12.19 0.87 47.44
O1A GTP ZB . 11.65 -0.55 47.52
O2A GTP ZB . 11.39 1.69 46.46
O5' GTP ZB . 13.76 0.88 47.05
C5' GTP ZB . 14.29 1.76 46.09
C4' GTP ZB . 15.45 2.56 46.68
O4' GTP ZB . 15.04 3.91 46.82
C3' GTP ZB . 15.87 2.07 48.06
O3' GTP ZB . 17.24 1.75 48.05
C2' GTP ZB . 15.61 3.24 49.01
O2' GTP ZB . 16.72 3.48 49.84
C1' GTP ZB . 15.37 4.43 48.09
N9 GTP ZB . 14.27 5.30 48.55
C8 GTP ZB . 13.17 4.96 49.29
N7 GTP ZB . 12.42 6.07 49.48
C5 GTP ZB . 13.03 7.11 48.87
C6 GTP ZB . 12.71 8.46 48.75
O6 GTP ZB . 11.68 8.88 49.27
N1 GTP ZB . 13.55 9.30 48.05
C2 GTP ZB . 14.70 8.81 47.47
N2 GTP ZB . 15.52 9.63 46.79
N3 GTP ZB . 15.02 7.48 47.60
C4 GTP ZB . 14.20 6.64 48.28
MG MG AC . 16.56 -4.40 47.46
MG MG BC . 13.97 -6.20 49.41
MG MG CC . 10.90 -1.84 48.99
PG GTP DC . -6.31 -16.49 31.59
O1G GTP DC . -6.31 -16.45 33.08
O2G GTP DC . -5.02 -15.90 31.08
O3G GTP DC . -7.49 -15.67 31.10
O3B GTP DC . -6.35 -18.02 31.02
PB GTP DC . -7.12 -19.30 31.62
O1B GTP DC . -6.83 -20.37 30.61
O2B GTP DC . -6.61 -19.67 33.00
O3A GTP DC . -8.71 -19.01 31.63
PA GTP DC . -9.76 -19.25 32.83
O1A GTP DC . -9.21 -18.80 34.16
O2A GTP DC . -11.05 -18.53 32.56
O5' GTP DC . -10.06 -20.82 32.91
C5' GTP DC . -9.28 -21.71 33.66
C4' GTP DC . -8.97 -22.92 32.78
O4' GTP DC . -8.09 -23.79 33.48
C3' GTP DC . -10.21 -23.72 32.47
O3' GTP DC . -10.73 -23.39 31.20
C2' GTP DC . -9.73 -25.15 32.47
O2' GTP DC . -9.47 -25.56 31.15
C1' GTP DC . -8.46 -25.13 33.31
N9 GTP DC . -8.86 -25.72 34.60
C8 GTP DC . -9.15 -25.07 35.76
N7 GTP DC . -9.49 -25.99 36.69
C5 GTP DC . -9.43 -27.21 36.13
C6 GTP DC . -9.68 -28.50 36.62
O6 GTP DC . -10.03 -28.68 37.79
N1 GTP DC . -9.52 -29.58 35.76
C2 GTP DC . -9.14 -29.39 34.46
N2 GTP DC . -8.98 -30.42 33.63
N3 GTP DC . -8.89 -28.13 33.98
C4 GTP DC . -9.04 -27.06 34.81
PG GTP EC . -8.93 -9.66 32.37
O1G GTP EC . -7.98 -9.17 31.30
O2G GTP EC . -9.11 -8.53 33.36
O3G GTP EC . -8.39 -10.93 33.00
O3B GTP EC . -10.36 -9.98 31.68
PB GTP EC . -11.11 -11.37 31.99
O1B GTP EC . -12.14 -11.69 30.93
O2B GTP EC . -10.08 -12.47 32.22
O3A GTP EC . -11.92 -11.00 33.34
PA GTP EC . -11.71 -11.83 34.69
O1A GTP EC . -10.33 -12.46 34.69
O2A GTP EC . -11.87 -10.93 35.90
O5' GTP EC . -12.88 -12.93 34.65
C5' GTP EC . -13.61 -13.26 35.81
C4' GTP EC . -15.08 -13.46 35.45
O4' GTP EC . -15.63 -12.22 35.05
C3' GTP EC . -15.27 -14.43 34.29
O3' GTP EC . -15.91 -15.60 34.74
C2' GTP EC . -16.16 -13.71 33.29
O2' GTP EC . -17.34 -14.46 33.07
C1' GTP EC . -16.49 -12.38 33.94
N9 GTP EC . -16.27 -11.26 32.99
C8 GTP EC . -15.13 -11.02 32.26
N7 GTP EC . -15.34 -9.89 31.54
C5 GTP EC . -16.57 -9.42 31.80
C6 GTP EC . -17.27 -8.32 31.33
O6 GTP EC . -16.74 -7.56 30.52
N1 GTP EC . -18.55 -8.07 31.79
C2 GTP EC . -19.13 -8.93 32.71
N2 GTP EC . -20.36 -8.70 33.15
N3 GTP EC . -18.43 -10.02 33.16
C4 GTP EC . -17.17 -10.26 32.72
MG MG FC . -10.66 -18.44 36.16
MG MG GC . -7.29 -18.01 34.27
MG MG HC . -8.61 -12.86 33.55
PG GTP IC . -21.38 20.33 25.20
O1G GTP IC . -20.24 21.27 25.42
O2G GTP IC . -21.96 19.88 26.51
O3G GTP IC . -20.91 19.12 24.42
O3B GTP IC . -22.50 21.13 24.39
PB GTP IC . -22.18 22.11 23.14
O1B GTP IC . -23.52 22.56 22.63
O2B GTP IC . -21.37 23.30 23.55
O3A GTP IC . -21.46 21.17 22.04
PA GTP IC . -20.17 21.57 21.14
O1A GTP IC . -19.11 22.20 22.00
O2A GTP IC . -19.62 20.37 20.42
O5' GTP IC . -20.65 22.62 20.03
C5' GTP IC . -20.35 23.98 20.14
C4' GTP IC . -21.63 24.74 19.80
O4' GTP IC . -21.51 26.08 20.19
C3' GTP IC . -21.89 24.76 18.30
O3' GTP IC . -22.68 23.66 17.90
C2' GTP IC . -22.65 26.05 18.13
O2' GTP IC . -24.04 25.79 18.18
C1' GTP IC . -22.24 26.91 19.32
N9 GTP IC . -21.36 27.94 18.76
C8 GTP IC . -20.02 28.09 18.95
N7 GTP IC . -19.61 29.17 18.24
C5 GTP IC . -20.69 29.71 17.62
C6 GTP IC . -20.86 30.81 16.79
O6 GTP IC . -19.89 31.51 16.48
N1 GTP IC . -22.11 31.11 16.30
C2 GTP IC . -23.20 30.33 16.64
N2 GTP IC . -24.42 30.60 16.18
N3 GTP IC . -23.02 29.25 17.46
C4 GTP IC . -21.79 28.95 17.94
PG GTP JC . -16.90 14.70 26.60
O1G GTP JC . -18.06 14.13 27.40
O2G GTP JC . -15.59 14.27 27.19
O3G GTP JC . -17.01 16.21 26.54
O3B GTP JC . -16.99 14.06 25.13
PB GTP JC . -17.09 15.01 23.84
O1B GTP JC . -17.83 14.29 22.74
O2B GTP JC . -17.71 16.34 24.22
O3A GTP JC . -15.54 15.18 23.45
PA GTP JC . -14.77 16.56 23.74
O1A GTP JC . -15.65 17.45 24.60
O2A GTP JC . -13.44 16.31 24.41
O5' GTP JC . -14.55 17.16 22.27
C5' GTP JC . -13.37 16.93 21.53
C4' GTP JC . -13.74 16.51 20.12
O4' GTP JC . -13.33 15.17 19.94
C3' GTP JC . -15.26 16.55 19.93
O3' GTP JC . -15.61 17.51 18.95
C2' GTP JC . -15.65 15.15 19.50
O2' GTP JC . -16.36 15.17 18.28
C1' GTP JC . -14.35 14.37 19.36
N9 GTP JC . -14.43 13.07 20.06
C8 GTP JC . -15.25 12.77 21.11
N7 GTP JC . -15.04 11.49 21.48
C5 GTP JC . -14.09 10.96 20.66
C6 GTP JC . -13.53 9.69 20.60
O6 GTP JC . -13.89 8.84 21.40
N1 GTP JC . -12.57 9.42 19.65
C2 GTP JC . -12.18 10.40 18.77
N2 GTP JC . -11.26 10.13 17.85
N3 GTP JC . -12.76 11.66 18.83
C4 GTP JC . -13.70 11.95 19.76
PG GTP KC . -5.35 22.84 49.21
O1G GTP KC . -3.93 23.31 49.04
O2G GTP KC . -5.61 21.63 48.33
O3G GTP KC . -6.32 23.95 48.88
O3B GTP KC . -5.54 22.43 50.75
PB GTP KC . -5.73 23.66 51.77
O1B GTP KC . -4.51 23.75 52.67
O2B GTP KC . -5.95 24.93 50.97
O3A GTP KC . -7.07 23.32 52.60
PA GTP KC . -8.48 23.11 51.87
O1A GTP KC . -8.60 24.13 50.75
O2A GTP KC . -8.64 21.71 51.35
O5' GTP KC . -9.52 23.34 53.09
C5' GTP KC . -9.75 22.35 54.07
C4' GTP KC . -9.25 22.75 55.46
O4' GTP KC . -8.42 21.72 55.98
C3' GTP KC . -8.42 24.02 55.44
O3' GTP KC . -9.02 25.00 56.26
C2' GTP KC . -7.06 23.65 55.99
O2' GTP KC . -6.64 24.55 56.98
C1' GTP KC . -7.24 22.24 56.55
N9 GTP KC . -6.07 21.37 56.25
C8 GTP KC . -5.08 21.61 55.34
N7 GTP KC . -4.20 20.59 55.38
C5 GTP KC . -4.60 19.70 56.32
C6 GTP KC . -4.07 18.49 56.74
O6 GTP KC . -3.02 18.10 56.23
N1 GTP KC . -4.70 17.78 57.73
C2 GTP KC . -5.88 18.25 58.28
N2 GTP KC . -6.51 17.57 59.24
N3 GTP KC . -6.41 19.45 57.85
C4 GTP KC . -5.78 20.17 56.88
MG MG LC . -16.82 22.55 21.09
MG MG MC . -19.33 22.69 24.02
MG MG NC . -17.49 17.88 25.51
PG GTP OC . -6.87 30.13 49.08
O1G GTP OC . -8.29 29.62 49.01
O2G GTP OC . -6.27 30.22 47.69
O3G GTP OC . -6.03 29.18 49.91
O3B GTP OC . -6.90 31.57 49.77
PB GTP OC . -8.12 31.98 50.74
O1B GTP OC . -7.82 33.39 51.21
O2B GTP OC . -9.43 31.90 50.02
O3A GTP OC . -8.07 30.97 52.00
PA GTP OC . -9.35 30.67 52.94
O1A GTP OC . -10.57 30.49 52.06
O2A GTP OC . -9.10 29.44 53.78
O5' GTP OC . -9.56 31.93 53.90
C5' GTP OC . -10.72 32.73 53.80
C4' GTP OC . -10.35 34.22 53.69
O4' GTP OC . -11.37 34.89 52.98
C3' GTP OC . -10.25 34.90 55.04
O3' GTP OC . -8.91 34.98 55.47
C2' GTP OC . -10.82 36.28 54.80
O2' GTP OC . -9.77 37.17 54.48
C1' GTP OC . -11.72 36.11 53.59
N9 GTP OC . -13.14 36.01 54.01
C8 GTP OC . -13.95 34.93 53.86
N7 GTP OC . -15.18 35.21 54.34
C5 GTP OC . -15.18 36.49 54.77
C6 GTP OC . -16.16 37.29 55.33
O6 GTP OC . -17.30 36.84 55.52
N1 GTP OC . -15.86 38.59 55.68
C2 GTP OC . -14.59 39.09 55.46
N2 GTP OC . -14.28 40.33 55.80
N3 GTP OC . -13.61 38.29 54.90
C4 GTP OC . -13.89 37.01 54.56
MG MG PC . -12.06 28.66 52.91
MG MG QC . -10.17 29.84 50.10
MG MG RC . -7.39 25.46 49.66
#